data_8E8M
#
_entry.id   8E8M
#
_cell.length_a   1.00
_cell.length_b   1.00
_cell.length_c   1.00
_cell.angle_alpha   90.00
_cell.angle_beta   90.00
_cell.angle_gamma   90.00
#
_symmetry.space_group_name_H-M   'P 1'
#
loop_
_entity.id
_entity.type
_entity.pdbx_description
1 polymer 'DNA (54-MER)'
2 polymer 'DNA (54-MER)'
3 polymer 'RNA (42-MER)'
4 polymer 'DNA-directed RNA polymerase subunit alpha'
5 polymer 'DNA-directed RNA polymerase subunit beta'
6 polymer "DNA-directed RNA polymerase subunit beta'"
7 polymer 'DNA-directed RNA polymerase subunit omega'
8 non-polymer 'ZINC ION'
9 non-polymer 'MAGNESIUM ION'
#
loop_
_entity_poly.entity_id
_entity_poly.type
_entity_poly.pdbx_seq_one_letter_code
_entity_poly.pdbx_strand_id
1 'polydeoxyribonucleotide'
;(DC)(DG)(DT)(DC)(DA)(DG)(DA)(DA)(DA)(DG)(DA)(DA)(DA)(DA)(DC)(DC)(DC)(DT)(DT)(DT)
(DA)(DT)(DT)(DT)(DG)(DT)(DT)(DA)(DT)(DA)(DT)(DA)(DG)(DT)(DA)(DT)(DT)(DT)(DT)(DA)
(DT)(DC)(DC)(DT)(DC)(DT)(DC)(DA)(DT)(DG)(DC)(DC)(DG)(DG)
;
O
2 'polydeoxyribonucleotide'
;(DC)(DC)(DG)(DG)(DC)(DA)(DT)(DG)(DA)(DG)(DA)(DG)(DG)(DA)(DT)(DA)(DA)(DA)(DA)(DT)
(DA)(DC)(DT)(DA)(DT)(DA)(DT)(DC)(DC)(DT)(DG)(DG)(DT)(DT)(DA)(DA)(DA)(DG)(DG)(DG)
(DT)(DT)(DT)(DT)(DC)(DT)(DT)(DT)(DC)(DT)(DG)(DA)(DC)(DG)
;
P
3 'polyribonucleotide' AUUCUACCCAAAAGAAGUCUUUCUUUUGGGUUUAACCAGGAU R
4 'polypeptide(L)'
;MLISQRPTLSEDVLTDNRSQFVIEPLEPGFGYTLGNSLRRTLLSSIPGAAVTSIRIDGVLHEFTTVPGVKEDVTEIILNL
KSLVVSSEEDEPVTMYLRKQGPGEVTAGDIVPPAGVTVHNPGMHIATLNDKGKLEVELVVERGRGYVPAVQNRASGAEIG
RIPVDSIYSPVLKVTYKVDATRVEQRTDFDKLILDVETKNSISPRDALASAGKTLVELFGLARELNVEAEGIEIGPSPAE
ADHIASFALPIDDLDLTVRSYNCLKREGVHTVGELVARTESDLLDIRNFGQKSIDEVKIKLHQLGLSLKDSPPSFDPSEV
AGYDVATGTWSTEGAYDEQDYAETEQL
;
A,B
5 'polypeptide(L)'
;LADSRQSKTAASPSPSRPQSSSNNSVPGAPNRVSFAKLREPLEVPGLLDVQTDSFEWLIGSPRWRESAAERGDVNPVGGL
EEVLYELSPIEDFSGSMSLSFSDPRFDDVKAPVDECKDKDMTYAAPLFVTAEFINNNTGEIKSQTVFMGDFPMMTEKGTF
IINGTERVVVSQLVRSPGVYFDETIDKSTDKTLHSVKVIPSRGAWLEFDVDKRDTVGVRIDRKRRQPVTVLLKALGWTSE
QIVERFGFSEIMRSTLEKDNTVGTDEALLDIYRKLRPGEPPTKESAQTLLENLFFKEKRYDLARVGRYKVNKKLGLHVGE
PITSSTLTEEDVVATIEYLVRLHEGQTTMTVPGGVEVPVETDDIDHFGNRRLRTVGELIQNQIRVGMSRMERVVRERMTT
QDVEAITPQTLINIRPVVAAIKEFFGTSQLSQFMDQNNPLSGLTHKRRLSALGPGGLSRERAGLEVRDVHPSHYGRMCPI
ETPEGPNIGLIGSLSVYARVNPFGFIETPYRKVVDGVVSDEIVYLTADEEDRHVVAQANSPIDADGRFVEPRVLVRRKAG
EVEYVPSSEVDYMDVSPRQMVSVATAMIPFLEHDDANRALMGANMQRQAVPLVRSEAPLVGTGMELRAAIDAGDVVVAEE
SGVIEEVSADYITVMHDNGTRRTYRMRKFARSNHGTCANQCPIVDAGDRVEAGQVIADGPCTDDGEMALGKNLLVAIMPW
EGHNYEDAIILSNRLVEEDVLTSIHIEEHEIDARDTKLGAEEITRDIPNISDEVLADLDERGIVRIGAEVRDGDILVGKV
TPKGETELTPEERLLRAIFGEKAREVRDTSLKVPHGESGKVIGIRVFSREDEDELPAGVNELVRVYVAQKRKISDGDKLA
GRHGNKGVIGKILPVEDMPFLADGTPVDIILNTHGVPRRMNIGQILETHLGWCAHSGWKVDAAKGVPDWAARLPDELLEA
QPNAIVSTPVFDGAQEAELQGLLSCTLPNRDGDVLVDADGKAMLFDGRSGEPFPYPVTVGYMYIMKLHHLVDDKIHARST
GPYSMITQQPLGGKAQFGGQRFGEMECWAMQAYGAAYTLQELLTIKSDDTVGRVKVYEAIVKGENIPEPGIPESFKVLLK
ELQSLCLNVEVLSSDGAAIELREGEDEDLERAAANLGINLSRNESASVEDLA
;
C
6 'polypeptide(L)'
;GAMLDVNFFDELRIGLATAEDIRQWSYGEVKKPETINYRTLKPEKDGLFCEKIFGPTRDWECYCGKYKRVRFKGIICERC
GVEVTRAKVRRERMGHIELAAPVTHIWYFKGVPSRLGYLLDLAPKDLEKIIYFAAYVITSVDEEMRHNELSTLEAEMAVE
RKAVEDQRDGELEARAQKLEADLAELEAEGAKADARRKVRDGGEREMRQIRDRAQRELDRLEDIWSTFTKLAPKQLIVDE
NLYRELVDRYGEYFTGAMGAESIQKLIENFDIDAEAESLRDVIRNGKGQKKLRALKRLKVVAAFQQSGNSPMGMVLDAVP
VIPPELRPMVQLDGGRFATSDLNDLYRRVINRNNRLKRLIDLGAPEIIVNNEKRMLQESVDALFDNGRRGRPVTGPGNRP
LKSLSDLLKGKQGRFRQNLLGKRVDYSGRSVIVVGPQLKLHQCGLPKLMALELFKPFVMKRLVDLNHAQNIKSAKRMVER
QRPQVWDVLEEVIAEHPVLLNRAPTLHRLGIQAFEPMLVEGKAIQLHPLVCEAFNADFDGDQMAVHLPLSAEAQAEARIL
MLSSNNILSPASGRPLAMPRLDMVTGLYYLTTEVPGDTGEYQPASGDHPETGVYSSPAEAIMAADRGVLSVRAKIKVRLT
QLRPPVEIEAELFGHSGWQPGDAWMAETTLGRVMFNELLPLGYPFVNKQMHKKVQAAIINDLAERYPMIVVAQTVDKLKD
AGFYWATRSGVTVSMADVLVPPRKKEILDHYEERADKVEKQFQRGALNHDERNEALVEIWKEATDEVGQALREHYPDDNP
IITIVDSGATGNFTQTRTLAGMKGLVTNPKGEFIPRPVKSSFREGLTVLEYFINTHGARKGLADTALRTADSGYLTRRLV
DVSQDVIVREHDCQTERGIVVELAERAPDGTLIRDPYIETSAYARTLGTDAVDEAGNVIVERGQDLGDPEIDALLAAGIT
QVKVRSVLTCATSTGVCATCYGRSMATGKLVDIGEAVGIVAAQSIGEPGTQLTMRTFHQGGVGEDITGGLPRVQELFEAR
VPRGKAPIADVTGRVRLEDGERFYKITIVPDDGGEEVVYDKISKRQRLRVFKHEDGSERVLSDGDHVEVGQQLMEGSADP
HEVLRVQGPREVQIHLVREVQEVYRAQGVSIHDKHIEVIVRQMLRRVTIIDSGSTEFLPGSLIDRAEFEAENRRVVAEGG
EPAAGRPVLMGITKASLATDSWLSAASFQETTRVLTDAAINCRSDKLNGLKENVIIGKLIPAGTGINRYRNIAVQPTEEA
RAAAYTIPSYEDQYYSPDFGAATGAAVPLDDYGYSDYR
;
D
7 'polypeptide(L)'
;VSISQSDASLAAVPAVDQFDPSSGASGGYDTPLGITNPPIDELLDRVSSKYALVIYAAKRARQINDYYNQLGEGILEYVG
PLVEPGLQEKPLSIALREIHADLLEHTEGE
;
E
#
# COMPACT_ATOMS: atom_id res chain seq x y z
N MET D 1 35.30 59.17 -3.83
CA MET D 1 34.30 58.47 -4.69
C MET D 1 32.95 58.43 -4.01
N LEU D 2 32.71 59.36 -3.09
CA LEU D 2 31.48 59.39 -2.33
C LEU D 2 30.43 60.18 -3.11
N ILE D 3 29.43 59.48 -3.63
CA ILE D 3 28.34 60.11 -4.36
C ILE D 3 27.29 60.57 -3.36
N SER D 4 27.01 61.86 -3.35
CA SER D 4 26.09 62.46 -2.39
C SER D 4 24.86 63.03 -3.09
N GLN D 5 24.34 62.30 -4.07
CA GLN D 5 23.13 62.68 -4.79
C GLN D 5 22.00 61.80 -4.31
N ARG D 6 21.12 62.36 -3.49
CA ARG D 6 20.07 61.57 -2.87
C ARG D 6 19.09 61.05 -3.94
N PRO D 7 18.52 59.87 -3.73
CA PRO D 7 17.54 59.35 -4.69
C PRO D 7 16.31 60.23 -4.78
N THR D 8 15.69 60.22 -5.95
CA THR D 8 14.44 60.93 -6.18
C THR D 8 13.49 60.02 -6.94
N LEU D 9 12.19 60.25 -6.72
CA LEU D 9 11.12 59.44 -7.28
C LEU D 9 10.24 60.30 -8.16
N SER D 10 9.94 59.81 -9.36
CA SER D 10 9.08 60.52 -10.31
C SER D 10 8.03 59.57 -10.85
N GLU D 11 6.87 60.11 -11.15
CA GLU D 11 5.72 59.30 -11.59
C GLU D 11 5.50 59.48 -13.09
N ASP D 12 4.94 58.45 -13.72
CA ASP D 12 4.58 58.46 -15.12
C ASP D 12 3.27 57.68 -15.27
N VAL D 13 2.20 58.37 -15.61
CA VAL D 13 0.85 57.81 -15.57
C VAL D 13 0.56 57.17 -16.92
N LEU D 14 0.51 55.83 -16.94
CA LEU D 14 0.12 55.12 -18.16
C LEU D 14 -1.39 55.18 -18.36
N THR D 15 -2.17 55.12 -17.28
CA THR D 15 -3.62 55.20 -17.36
C THR D 15 -4.16 55.46 -15.96
N ASP D 16 -5.49 55.40 -15.83
CA ASP D 16 -6.11 55.72 -14.55
C ASP D 16 -5.76 54.69 -13.48
N ASN D 17 -5.76 53.41 -13.84
CA ASN D 17 -5.53 52.33 -12.89
C ASN D 17 -4.14 51.74 -12.96
N ARG D 18 -3.19 52.42 -13.61
CA ARG D 18 -1.83 51.91 -13.74
C ARG D 18 -0.87 53.08 -13.80
N SER D 19 0.36 52.85 -13.36
CA SER D 19 1.38 53.89 -13.42
C SER D 19 2.76 53.27 -13.20
N GLN D 20 3.79 54.06 -13.49
CA GLN D 20 5.17 53.64 -13.30
C GLN D 20 5.93 54.71 -12.53
N PHE D 21 6.58 54.31 -11.44
CA PHE D 21 7.39 55.21 -10.63
C PHE D 21 8.86 54.87 -10.85
N VAL D 22 9.66 55.88 -11.17
CA VAL D 22 11.09 55.72 -11.41
C VAL D 22 11.84 56.34 -10.25
N ILE D 23 12.68 55.54 -9.60
CA ILE D 23 13.49 55.97 -8.48
C ILE D 23 14.94 55.88 -8.91
N GLU D 24 15.67 56.99 -8.79
CA GLU D 24 17.07 57.01 -9.18
C GLU D 24 17.73 58.23 -8.54
N PRO D 25 19.04 58.19 -8.32
CA PRO D 25 19.98 57.08 -8.54
C PRO D 25 20.15 56.21 -7.31
N LEU D 26 20.16 54.89 -7.48
CA LEU D 26 20.35 53.97 -6.36
C LEU D 26 21.77 53.41 -6.40
N GLU D 27 22.20 52.89 -5.25
CA GLU D 27 23.51 52.28 -5.17
C GLU D 27 23.55 51.00 -6.00
N PRO D 28 24.72 50.64 -6.54
CA PRO D 28 24.79 49.44 -7.39
C PRO D 28 24.41 48.17 -6.64
N GLY D 29 23.34 47.51 -7.10
CA GLY D 29 22.86 46.29 -6.49
C GLY D 29 21.65 46.48 -5.60
N PHE D 30 21.31 47.72 -5.25
CA PHE D 30 20.19 48.00 -4.36
C PHE D 30 18.91 48.34 -5.13
N GLY D 31 18.78 47.90 -6.36
CA GLY D 31 17.57 48.13 -7.13
C GLY D 31 16.57 47.00 -6.97
N TYR D 32 17.03 45.76 -7.20
CA TYR D 32 16.14 44.61 -7.05
C TYR D 32 15.62 44.49 -5.64
N THR D 33 16.48 44.73 -4.64
CA THR D 33 16.05 44.59 -3.25
C THR D 33 14.95 45.58 -2.90
N LEU D 34 15.16 46.85 -3.23
CA LEU D 34 14.15 47.87 -2.95
C LEU D 34 12.87 47.60 -3.72
N GLY D 35 12.99 47.23 -4.99
CA GLY D 35 11.81 46.93 -5.77
C GLY D 35 11.01 45.77 -5.18
N ASN D 36 11.70 44.72 -4.75
CA ASN D 36 11.00 43.57 -4.19
C ASN D 36 10.38 43.91 -2.85
N SER D 37 11.06 44.73 -2.03
CA SER D 37 10.46 45.16 -0.77
C SER D 37 9.15 45.90 -1.02
N LEU D 38 9.16 46.85 -1.96
CA LEU D 38 7.94 47.57 -2.27
C LEU D 38 6.87 46.65 -2.84
N ARG D 39 7.26 45.70 -3.69
CA ARG D 39 6.27 44.78 -4.27
C ARG D 39 5.63 43.91 -3.20
N ARG D 40 6.44 43.42 -2.25
CA ARG D 40 5.89 42.58 -1.18
C ARG D 40 4.96 43.39 -0.29
N THR D 41 5.30 44.65 0.00
CA THR D 41 4.40 45.47 0.81
C THR D 41 3.10 45.77 0.08
N LEU D 42 3.18 46.10 -1.22
CA LEU D 42 1.99 46.46 -1.96
C LEU D 42 1.02 45.30 -2.09
N LEU D 43 1.53 44.10 -2.33
CA LEU D 43 0.69 42.96 -2.65
C LEU D 43 0.03 42.33 -1.42
N SER D 44 0.36 42.78 -0.22
CA SER D 44 -0.09 42.08 0.98
C SER D 44 -0.71 42.98 2.03
N SER D 45 -0.26 44.22 2.18
CA SER D 45 -0.55 45.04 3.35
C SER D 45 -1.12 46.39 2.96
N ILE D 46 -2.07 46.40 2.02
CA ILE D 46 -2.79 47.61 1.63
C ILE D 46 -4.24 47.44 2.09
N PRO D 47 -4.76 48.31 2.96
CA PRO D 47 -6.13 48.14 3.43
C PRO D 47 -7.17 48.55 2.40
N GLY D 48 -8.28 47.83 2.41
CA GLY D 48 -9.40 48.11 1.52
C GLY D 48 -10.70 47.69 2.18
N ALA D 49 -11.74 47.54 1.37
CA ALA D 49 -13.06 47.15 1.85
C ALA D 49 -13.62 46.06 0.97
N ALA D 50 -14.43 45.19 1.57
CA ALA D 50 -14.99 44.06 0.83
C ALA D 50 -16.27 43.60 1.51
N VAL D 51 -17.06 42.83 0.77
CA VAL D 51 -18.32 42.31 1.29
C VAL D 51 -18.04 41.13 2.22
N THR D 52 -18.61 41.18 3.41
CA THR D 52 -18.36 40.17 4.44
C THR D 52 -19.44 39.09 4.50
N SER D 53 -20.67 39.41 4.14
CA SER D 53 -21.74 38.41 4.13
C SER D 53 -22.92 38.99 3.36
N ILE D 54 -23.82 38.10 2.94
CA ILE D 54 -25.02 38.48 2.22
C ILE D 54 -26.20 37.76 2.83
N ARG D 55 -27.39 38.33 2.63
CA ARG D 55 -28.64 37.72 3.08
C ARG D 55 -29.65 37.85 1.94
N ILE D 56 -30.22 36.72 1.53
CA ILE D 56 -31.26 36.70 0.50
C ILE D 56 -32.57 36.26 1.16
N ASP D 57 -33.66 36.95 0.82
CA ASP D 57 -34.92 36.75 1.54
C ASP D 57 -35.40 35.30 1.45
N GLY D 58 -35.37 34.74 0.24
CA GLY D 58 -35.97 33.43 0.03
C GLY D 58 -35.12 32.23 0.34
N VAL D 59 -33.84 32.42 0.66
CA VAL D 59 -32.92 31.30 0.82
C VAL D 59 -32.54 31.16 2.28
N LEU D 60 -32.23 29.91 2.67
CA LEU D 60 -31.77 29.61 4.02
C LEU D 60 -30.30 29.25 4.09
N HIS D 61 -29.72 28.71 3.03
CA HIS D 61 -28.31 28.35 3.00
C HIS D 61 -27.77 28.63 1.62
N GLU D 62 -26.48 28.34 1.43
CA GLU D 62 -25.80 28.62 0.17
C GLU D 62 -26.06 27.56 -0.89
N PHE D 63 -26.64 26.42 -0.53
CA PHE D 63 -26.80 25.27 -1.42
C PHE D 63 -28.23 25.14 -1.92
N THR D 64 -28.90 26.26 -2.19
CA THR D 64 -30.28 26.23 -2.65
C THR D 64 -30.44 27.06 -3.90
N THR D 65 -31.68 27.25 -4.34
CA THR D 65 -31.97 27.95 -5.58
C THR D 65 -33.04 29.01 -5.32
N VAL D 66 -32.97 30.09 -6.10
CA VAL D 66 -33.94 31.18 -6.03
C VAL D 66 -34.91 31.00 -7.21
N PRO D 67 -36.21 30.90 -6.96
CA PRO D 67 -37.15 30.75 -8.09
C PRO D 67 -37.06 31.93 -9.05
N GLY D 68 -36.88 31.62 -10.33
CA GLY D 68 -36.83 32.62 -11.37
C GLY D 68 -35.44 33.07 -11.75
N VAL D 69 -34.44 32.80 -10.92
CA VAL D 69 -33.07 33.22 -11.17
C VAL D 69 -32.32 32.07 -11.82
N LYS D 70 -31.72 32.33 -12.98
CA LYS D 70 -31.05 31.27 -13.73
C LYS D 70 -29.87 30.70 -12.94
N GLU D 71 -29.13 31.55 -12.24
CA GLU D 71 -28.02 31.08 -11.43
C GLU D 71 -28.53 30.56 -10.08
N ASP D 72 -27.75 29.67 -9.49
CA ASP D 72 -27.99 29.23 -8.12
C ASP D 72 -27.18 30.10 -7.17
N VAL D 73 -27.50 29.98 -5.87
CA VAL D 73 -26.92 30.89 -4.90
C VAL D 73 -25.40 30.78 -4.89
N THR D 74 -24.87 29.59 -5.19
CA THR D 74 -23.41 29.44 -5.26
C THR D 74 -22.83 30.26 -6.40
N GLU D 75 -23.45 30.19 -7.58
CA GLU D 75 -22.97 30.98 -8.71
C GLU D 75 -23.13 32.47 -8.45
N ILE D 76 -24.23 32.87 -7.82
CA ILE D 76 -24.44 34.28 -7.49
C ILE D 76 -23.37 34.76 -6.51
N ILE D 77 -23.05 33.94 -5.50
CA ILE D 77 -22.02 34.32 -4.55
C ILE D 77 -20.67 34.45 -5.24
N LEU D 78 -20.35 33.49 -6.12
CA LEU D 78 -19.10 33.58 -6.86
C LEU D 78 -19.05 34.81 -7.76
N ASN D 79 -20.21 35.23 -8.28
CA ASN D 79 -20.26 36.44 -9.09
C ASN D 79 -20.03 37.68 -8.23
N LEU D 80 -20.65 37.74 -7.05
CA LEU D 80 -20.48 38.90 -6.17
C LEU D 80 -19.06 39.02 -5.65
N LYS D 81 -18.26 37.95 -5.74
CA LYS D 81 -16.89 38.00 -5.24
C LYS D 81 -16.00 38.88 -6.10
N SER D 82 -16.48 39.33 -7.27
CA SER D 82 -15.72 40.20 -8.16
C SER D 82 -16.05 41.67 -7.97
N LEU D 83 -16.90 42.01 -7.00
CA LEU D 83 -17.21 43.41 -6.73
C LEU D 83 -15.97 44.14 -6.23
N VAL D 84 -15.84 45.40 -6.61
CA VAL D 84 -14.83 46.29 -6.08
C VAL D 84 -15.55 47.48 -5.47
N VAL D 85 -15.50 47.58 -4.14
CA VAL D 85 -16.23 48.61 -3.40
C VAL D 85 -15.28 49.23 -2.39
N SER D 86 -15.36 50.56 -2.27
CA SER D 86 -14.52 51.32 -1.33
C SER D 86 -15.43 51.93 -0.28
N SER D 87 -15.07 51.75 0.99
CA SER D 87 -15.79 52.32 2.11
C SER D 87 -14.92 53.36 2.81
N GLU D 88 -15.57 54.21 3.60
CA GLU D 88 -14.89 55.29 4.31
C GLU D 88 -15.07 55.26 5.82
N GLU D 89 -15.88 54.35 6.35
CA GLU D 89 -16.16 54.31 7.78
C GLU D 89 -15.89 52.92 8.32
N ASP D 90 -15.40 52.87 9.57
CA ASP D 90 -14.90 51.62 10.13
C ASP D 90 -16.03 50.60 10.31
N GLU D 91 -17.12 51.02 10.93
CA GLU D 91 -18.15 50.06 11.31
C GLU D 91 -18.77 49.42 10.06
N PRO D 92 -19.26 48.18 10.18
CA PRO D 92 -19.93 47.56 9.03
C PRO D 92 -21.14 48.37 8.60
N VAL D 93 -21.40 48.36 7.29
CA VAL D 93 -22.57 49.00 6.71
C VAL D 93 -23.25 48.00 5.78
N THR D 94 -24.52 48.25 5.50
CA THR D 94 -25.32 47.36 4.67
C THR D 94 -25.85 48.11 3.47
N MET D 95 -25.80 47.44 2.31
CA MET D 95 -26.37 47.95 1.07
C MET D 95 -27.41 46.97 0.56
N TYR D 96 -28.39 47.46 -0.18
CA TYR D 96 -29.51 46.66 -0.62
C TYR D 96 -29.56 46.57 -2.14
N LEU D 97 -30.04 45.43 -2.63
CA LEU D 97 -30.22 45.21 -4.06
C LEU D 97 -31.58 44.57 -4.27
N ARG D 98 -32.45 45.25 -4.99
CA ARG D 98 -33.81 44.81 -5.21
C ARG D 98 -34.11 44.86 -6.70
N LYS D 99 -34.61 43.75 -7.25
CA LYS D 99 -34.86 43.65 -8.68
C LYS D 99 -36.09 42.78 -8.92
N GLN D 100 -36.94 43.22 -9.84
CA GLN D 100 -38.18 42.52 -10.18
C GLN D 100 -38.28 42.42 -11.69
N GLY D 101 -38.89 41.34 -12.16
CA GLY D 101 -39.19 41.19 -13.57
C GLY D 101 -37.99 40.71 -14.36
N PRO D 102 -38.20 40.45 -15.65
CA PRO D 102 -37.12 39.93 -16.48
C PRO D 102 -36.02 40.95 -16.71
N GLY D 103 -34.81 40.44 -16.90
CA GLY D 103 -33.66 41.29 -17.18
C GLY D 103 -32.39 40.84 -16.48
N GLU D 104 -31.28 41.48 -16.87
CA GLU D 104 -30.01 41.23 -16.21
C GLU D 104 -29.90 42.05 -14.93
N VAL D 105 -29.16 41.52 -13.96
CA VAL D 105 -28.89 42.22 -12.70
C VAL D 105 -27.40 42.54 -12.68
N THR D 106 -27.08 43.83 -12.65
CA THR D 106 -25.70 44.29 -12.65
C THR D 106 -25.38 44.96 -11.33
N ALA D 107 -24.09 45.21 -11.11
CA ALA D 107 -23.65 45.87 -9.89
C ALA D 107 -24.18 47.28 -9.75
N GLY D 108 -24.67 47.88 -10.84
CA GLY D 108 -25.26 49.21 -10.75
C GLY D 108 -26.61 49.25 -10.09
N ASP D 109 -27.23 48.09 -9.86
CA ASP D 109 -28.51 48.02 -9.18
C ASP D 109 -28.40 48.11 -7.67
N ILE D 110 -27.20 47.96 -7.12
CA ILE D 110 -26.99 48.07 -5.68
C ILE D 110 -27.09 49.54 -5.29
N VAL D 111 -27.85 49.83 -4.24
CA VAL D 111 -28.06 51.20 -3.78
C VAL D 111 -27.18 51.43 -2.55
N PRO D 112 -25.95 51.92 -2.72
CA PRO D 112 -25.04 52.06 -1.59
C PRO D 112 -25.53 53.14 -0.63
N PRO D 113 -25.29 52.97 0.68
CA PRO D 113 -25.53 54.09 1.61
C PRO D 113 -24.43 55.13 1.48
N ALA D 114 -24.48 56.16 2.32
CA ALA D 114 -23.48 57.21 2.27
C ALA D 114 -22.10 56.64 2.60
N GLY D 115 -21.08 57.14 1.90
CA GLY D 115 -19.72 56.71 2.13
C GLY D 115 -19.23 55.64 1.18
N VAL D 116 -19.97 54.55 1.03
CA VAL D 116 -19.54 53.43 0.19
C VAL D 116 -19.94 53.69 -1.25
N THR D 117 -19.16 53.14 -2.17
CA THR D 117 -19.40 53.34 -3.59
C THR D 117 -18.90 52.13 -4.36
N VAL D 118 -19.63 51.76 -5.41
CA VAL D 118 -19.28 50.63 -6.27
C VAL D 118 -18.65 51.19 -7.53
N HIS D 119 -17.45 50.69 -7.86
CA HIS D 119 -16.64 51.24 -8.93
C HIS D 119 -16.82 50.55 -10.27
N ASN D 120 -17.53 49.44 -10.32
CA ASN D 120 -17.79 48.72 -11.58
C ASN D 120 -19.27 48.41 -11.68
N PRO D 121 -20.09 49.40 -12.06
CA PRO D 121 -21.53 49.15 -12.20
C PRO D 121 -21.88 48.13 -13.27
N GLY D 122 -20.98 47.84 -14.21
CA GLY D 122 -21.27 46.97 -15.30
C GLY D 122 -21.10 45.49 -15.05
N MET D 123 -20.68 45.10 -13.84
CA MET D 123 -20.48 43.69 -13.54
C MET D 123 -21.80 42.93 -13.60
N HIS D 124 -21.73 41.68 -14.03
CA HIS D 124 -22.91 40.83 -14.08
C HIS D 124 -23.05 40.03 -12.79
N ILE D 125 -24.29 39.83 -12.35
CA ILE D 125 -24.56 39.08 -11.13
C ILE D 125 -25.49 37.91 -11.43
N ALA D 126 -26.63 38.18 -12.05
CA ALA D 126 -27.59 37.14 -12.37
C ALA D 126 -28.48 37.61 -13.52
N THR D 127 -29.34 36.70 -13.96
CA THR D 127 -30.32 36.99 -15.01
C THR D 127 -31.66 36.39 -14.59
N LEU D 128 -32.71 37.20 -14.68
CA LEU D 128 -34.04 36.81 -14.21
C LEU D 128 -34.98 36.62 -15.40
N ASN D 129 -36.18 36.12 -15.10
CA ASN D 129 -37.23 35.97 -16.09
C ASN D 129 -38.53 36.47 -15.48
N ASP D 130 -39.64 36.21 -16.17
CA ASP D 130 -40.91 36.80 -15.75
C ASP D 130 -41.29 36.42 -14.33
N LYS D 131 -40.84 35.27 -13.86
CA LYS D 131 -41.13 34.82 -12.50
C LYS D 131 -40.08 35.26 -11.50
N GLY D 132 -39.03 35.96 -11.95
CA GLY D 132 -37.91 36.25 -11.07
C GLY D 132 -38.17 37.43 -10.15
N LYS D 133 -37.56 37.34 -8.97
CA LYS D 133 -37.62 38.41 -7.98
C LYS D 133 -36.42 38.23 -7.06
N LEU D 134 -35.47 39.16 -7.12
CA LEU D 134 -34.23 39.06 -6.35
C LEU D 134 -34.19 40.18 -5.33
N GLU D 135 -33.80 39.86 -4.11
CA GLU D 135 -33.76 40.84 -3.03
C GLU D 135 -32.68 40.40 -2.05
N VAL D 136 -31.52 41.06 -2.10
CA VAL D 136 -30.35 40.64 -1.35
C VAL D 136 -29.70 41.85 -0.69
N GLU D 137 -29.30 41.69 0.57
CA GLU D 137 -28.62 42.75 1.32
C GLU D 137 -27.21 42.29 1.65
N LEU D 138 -26.24 43.16 1.41
CA LEU D 138 -24.82 42.87 1.53
C LEU D 138 -24.20 43.71 2.63
N VAL D 139 -23.20 43.15 3.32
CA VAL D 139 -22.50 43.84 4.40
C VAL D 139 -21.07 44.10 3.96
N VAL D 140 -20.67 45.37 4.00
CA VAL D 140 -19.35 45.80 3.55
C VAL D 140 -18.52 46.21 4.76
N GLU D 141 -17.28 45.74 4.83
CA GLU D 141 -16.43 46.00 5.98
C GLU D 141 -15.01 46.23 5.49
N ARG D 142 -14.24 46.95 6.31
CA ARG D 142 -12.87 47.32 5.99
C ARG D 142 -11.89 46.37 6.65
N GLY D 143 -10.72 46.25 6.04
CA GLY D 143 -9.68 45.38 6.56
C GLY D 143 -8.50 45.35 5.63
N ARG D 144 -7.70 44.27 5.75
CA ARG D 144 -6.58 44.05 4.85
C ARG D 144 -6.35 42.56 4.70
N GLY D 145 -5.73 42.19 3.58
CA GLY D 145 -5.40 40.80 3.34
C GLY D 145 -6.61 39.97 2.93
N TYR D 146 -6.52 38.69 3.24
CA TYR D 146 -7.57 37.72 2.94
C TYR D 146 -8.07 37.12 4.24
N VAL D 147 -9.40 37.14 4.43
CA VAL D 147 -10.02 36.65 5.64
C VAL D 147 -11.06 35.60 5.25
N PRO D 148 -10.92 34.35 5.66
CA PRO D 148 -11.92 33.33 5.29
C PRO D 148 -13.27 33.61 5.93
N ALA D 149 -14.27 32.90 5.43
CA ALA D 149 -15.64 33.11 5.89
C ALA D 149 -15.75 32.85 7.38
N VAL D 150 -16.40 33.77 8.09
CA VAL D 150 -16.61 33.63 9.53
C VAL D 150 -17.78 32.70 9.77
N GLN D 151 -17.59 31.72 10.65
CA GLN D 151 -18.64 30.75 10.92
C GLN D 151 -19.90 31.44 11.42
N ASN D 152 -21.06 30.91 11.00
CA ASN D 152 -22.32 31.52 11.39
C ASN D 152 -22.55 31.43 12.89
N ARG D 153 -22.04 30.38 13.54
CA ARG D 153 -22.22 30.21 14.97
C ARG D 153 -21.33 31.15 15.77
N ALA D 154 -20.15 31.50 15.26
CA ALA D 154 -19.24 32.37 15.99
C ALA D 154 -19.94 33.68 16.36
N SER D 155 -20.62 34.29 15.39
CA SER D 155 -21.46 35.45 15.67
C SER D 155 -22.86 35.00 16.04
N GLY D 156 -23.66 35.96 16.51
CA GLY D 156 -25.07 35.71 16.72
C GLY D 156 -25.86 36.07 15.49
N ALA D 157 -26.19 35.07 14.68
CA ALA D 157 -26.84 35.29 13.40
C ALA D 157 -27.93 34.24 13.20
N GLU D 158 -28.88 34.57 12.33
CA GLU D 158 -30.01 33.68 12.05
C GLU D 158 -29.57 32.62 11.05
N ILE D 159 -30.52 31.82 10.56
CA ILE D 159 -30.20 30.79 9.59
C ILE D 159 -30.09 31.39 8.19
N GLY D 160 -30.63 32.59 7.99
CA GLY D 160 -30.57 33.23 6.69
C GLY D 160 -29.27 33.92 6.35
N ARG D 161 -28.32 33.96 7.28
CA ARG D 161 -27.07 34.67 7.03
C ARG D 161 -26.10 33.78 6.25
N ILE D 162 -25.50 34.35 5.22
CA ILE D 162 -24.55 33.62 4.37
C ILE D 162 -23.18 34.27 4.50
N PRO D 163 -22.27 33.72 5.30
CA PRO D 163 -20.91 34.27 5.34
C PRO D 163 -20.21 34.14 3.99
N VAL D 164 -19.32 35.07 3.70
CA VAL D 164 -18.63 35.15 2.43
C VAL D 164 -17.16 35.46 2.68
N ASP D 165 -16.27 34.85 1.90
CA ASP D 165 -14.85 35.13 2.02
C ASP D 165 -14.56 36.56 1.59
N SER D 166 -13.70 37.24 2.34
CA SER D 166 -13.41 38.65 2.12
C SER D 166 -11.97 38.81 1.65
N ILE D 167 -11.78 39.66 0.65
CA ILE D 167 -10.45 39.95 0.09
C ILE D 167 -10.34 41.47 0.03
N TYR D 168 -9.65 42.06 1.01
CA TYR D 168 -9.46 43.51 1.07
C TYR D 168 -8.11 43.91 0.49
N SER D 169 -7.94 43.68 -0.82
CA SER D 169 -6.68 43.98 -1.49
C SER D 169 -6.96 44.89 -2.69
N PRO D 170 -6.63 46.19 -2.62
CA PRO D 170 -6.88 47.06 -3.78
C PRO D 170 -5.89 46.87 -4.92
N VAL D 171 -4.72 46.31 -4.65
CA VAL D 171 -3.70 46.21 -5.68
C VAL D 171 -3.92 44.96 -6.52
N LEU D 172 -3.67 45.08 -7.82
CA LEU D 172 -3.91 44.01 -8.79
C LEU D 172 -2.63 43.37 -9.29
N LYS D 173 -1.67 44.16 -9.76
CA LYS D 173 -0.45 43.58 -10.32
C LYS D 173 0.70 44.58 -10.20
N VAL D 174 1.81 44.11 -9.63
CA VAL D 174 2.99 44.94 -9.42
C VAL D 174 4.20 44.24 -10.03
N THR D 175 5.01 44.99 -10.76
CA THR D 175 6.25 44.46 -11.29
C THR D 175 7.31 45.56 -11.26
N TYR D 176 8.51 45.23 -11.72
CA TYR D 176 9.58 46.22 -11.74
C TYR D 176 10.69 45.77 -12.67
N LYS D 177 11.57 46.71 -12.99
CA LYS D 177 12.78 46.44 -13.73
C LYS D 177 13.88 47.36 -13.24
N VAL D 178 15.12 46.98 -13.53
CA VAL D 178 16.30 47.74 -13.12
C VAL D 178 17.19 47.95 -14.33
N ASP D 179 17.69 49.16 -14.49
CA ASP D 179 18.60 49.52 -15.58
C ASP D 179 19.95 49.89 -14.96
N ALA D 180 20.84 48.90 -14.87
CA ALA D 180 22.14 49.09 -14.25
C ALA D 180 23.11 49.72 -15.25
N THR D 181 23.87 50.70 -14.78
CA THR D 181 24.88 51.38 -15.59
C THR D 181 26.25 51.06 -15.00
N ARG D 182 26.93 50.08 -15.60
CA ARG D 182 28.26 49.64 -15.15
C ARG D 182 29.27 50.20 -16.15
N VAL D 183 29.92 51.30 -15.77
CA VAL D 183 30.90 51.96 -16.63
C VAL D 183 32.30 51.52 -16.20
N GLU D 184 33.26 51.64 -17.12
CA GLU D 184 34.62 51.17 -16.86
C GLU D 184 35.33 51.97 -15.77
N GLN D 185 34.81 53.14 -15.41
CA GLN D 185 35.44 54.00 -14.43
C GLN D 185 34.93 53.77 -13.01
N ARG D 186 34.03 52.80 -12.81
CA ARG D 186 33.54 52.43 -11.48
C ARG D 186 32.71 53.54 -10.85
N THR D 187 31.96 54.28 -11.65
CA THR D 187 30.94 55.21 -11.17
C THR D 187 29.61 54.64 -11.62
N ASP D 188 29.04 53.76 -10.79
CA ASP D 188 27.87 52.97 -11.14
C ASP D 188 26.69 53.38 -10.29
N PHE D 189 25.50 52.94 -10.72
CA PHE D 189 24.27 53.14 -9.98
C PHE D 189 23.17 52.36 -10.69
N ASP D 190 22.03 52.26 -10.03
CA ASP D 190 20.86 51.57 -10.56
C ASP D 190 19.77 52.59 -10.90
N LYS D 191 18.66 52.08 -11.42
CA LYS D 191 17.51 52.92 -11.76
C LYS D 191 16.27 52.03 -11.72
N LEU D 192 15.49 52.15 -10.65
CA LEU D 192 14.36 51.25 -10.46
C LEU D 192 13.12 51.81 -11.12
N ILE D 193 12.48 51.00 -11.97
CA ILE D 193 11.23 51.38 -12.62
C ILE D 193 10.18 50.40 -12.10
N LEU D 194 9.29 50.87 -11.26
CA LEU D 194 8.29 50.02 -10.60
C LEU D 194 6.92 50.32 -11.17
N ASP D 195 6.26 49.31 -11.73
CA ASP D 195 4.96 49.44 -12.37
C ASP D 195 3.90 48.89 -11.44
N VAL D 196 2.87 49.69 -11.17
CA VAL D 196 1.80 49.33 -10.26
C VAL D 196 0.48 49.42 -11.01
N GLU D 197 -0.42 48.47 -10.75
CA GLU D 197 -1.76 48.47 -11.33
C GLU D 197 -2.74 48.03 -10.26
N THR D 198 -3.73 48.88 -9.98
CA THR D 198 -4.75 48.63 -8.97
C THR D 198 -6.08 48.34 -9.64
N LYS D 199 -7.01 47.80 -8.87
CA LYS D 199 -8.34 47.45 -9.40
C LYS D 199 -9.34 48.58 -9.21
N ASN D 200 -8.98 49.78 -9.64
CA ASN D 200 -9.87 50.93 -9.73
C ASN D 200 -10.46 51.34 -8.38
N SER D 201 -10.03 50.74 -7.29
CA SER D 201 -10.53 51.12 -5.97
C SER D 201 -9.74 52.30 -5.40
N ILE D 202 -8.42 52.27 -5.54
CA ILE D 202 -7.57 53.41 -5.18
C ILE D 202 -6.50 53.56 -6.25
N SER D 203 -6.05 54.79 -6.43
CA SER D 203 -5.02 55.07 -7.42
C SER D 203 -3.68 54.50 -6.97
N PRO D 204 -2.80 54.17 -7.92
CA PRO D 204 -1.50 53.60 -7.52
C PRO D 204 -0.69 54.52 -6.63
N ARG D 205 -0.88 55.84 -6.76
CA ARG D 205 -0.20 56.77 -5.87
C ARG D 205 -0.57 56.49 -4.41
N ASP D 206 -1.86 56.28 -4.14
CA ASP D 206 -2.33 56.00 -2.80
C ASP D 206 -1.84 54.66 -2.27
N ALA D 207 -1.63 53.67 -3.14
CA ALA D 207 -1.09 52.40 -2.71
C ALA D 207 0.40 52.48 -2.40
N LEU D 208 1.18 53.18 -3.21
CA LEU D 208 2.57 53.39 -2.90
C LEU D 208 2.77 54.23 -1.64
N ALA D 209 1.89 55.19 -1.38
CA ALA D 209 1.98 55.93 -0.13
C ALA D 209 1.78 55.02 1.07
N SER D 210 0.80 54.11 1.01
CA SER D 210 0.58 53.18 2.12
C SER D 210 1.76 52.24 2.30
N ALA D 211 2.32 51.74 1.20
CA ALA D 211 3.51 50.89 1.31
C ALA D 211 4.66 51.64 1.97
N GLY D 212 4.91 52.88 1.55
CA GLY D 212 5.95 53.66 2.18
C GLY D 212 5.72 53.95 3.63
N LYS D 213 4.47 54.23 4.01
CA LYS D 213 4.14 54.48 5.41
C LYS D 213 4.32 53.25 6.28
N THR D 214 4.00 52.06 5.75
CA THR D 214 4.27 50.84 6.52
C THR D 214 5.77 50.60 6.68
N LEU D 215 6.52 50.71 5.59
CA LEU D 215 7.94 50.41 5.66
C LEU D 215 8.71 51.42 6.51
N VAL D 216 8.31 52.69 6.49
CA VAL D 216 9.00 53.68 7.31
C VAL D 216 8.87 53.32 8.79
N GLU D 217 7.67 52.94 9.22
CA GLU D 217 7.50 52.51 10.61
C GLU D 217 8.35 51.29 10.90
N LEU D 218 8.27 50.28 10.04
CA LEU D 218 8.97 49.02 10.32
C LEU D 218 10.48 49.18 10.35
N PHE D 219 11.03 50.18 9.66
CA PHE D 219 12.48 50.39 9.69
C PHE D 219 12.91 51.42 10.73
N GLY D 220 12.08 52.42 11.03
CA GLY D 220 12.35 53.24 12.18
C GLY D 220 12.35 52.44 13.45
N LEU D 221 11.65 51.31 13.46
CA LEU D 221 11.78 50.36 14.56
C LEU D 221 13.24 50.08 14.87
N ALA D 222 14.02 49.78 13.82
CA ALA D 222 15.43 49.46 14.01
C ALA D 222 16.29 50.71 14.10
N ARG D 223 15.86 51.83 13.52
CA ARG D 223 16.67 53.05 13.59
C ARG D 223 16.88 53.49 15.03
N GLU D 224 15.84 53.43 15.86
CA GLU D 224 15.90 53.92 17.23
C GLU D 224 16.56 52.87 18.15
N LEU D 225 17.74 52.43 17.74
CA LEU D 225 18.52 51.52 18.56
C LEU D 225 19.21 52.24 19.72
N ASN D 226 19.68 53.45 19.48
CA ASN D 226 20.40 54.22 20.49
C ASN D 226 19.49 55.27 21.13
N MET E 1 -4.10 51.87 10.80
CA MET E 1 -4.53 50.52 11.29
C MET E 1 -3.44 49.92 12.18
N LEU E 2 -3.84 49.47 13.36
CA LEU E 2 -2.88 48.94 14.32
C LEU E 2 -2.34 47.59 13.84
N ILE E 3 -1.21 47.20 14.42
CA ILE E 3 -0.49 45.99 14.02
C ILE E 3 -0.83 44.86 14.99
N SER E 4 -1.27 45.22 16.20
CA SER E 4 -1.69 44.28 17.24
C SER E 4 -0.54 43.97 18.18
N GLN E 5 0.44 43.20 17.71
CA GLN E 5 1.61 42.84 18.49
C GLN E 5 2.82 43.57 17.95
N ARG E 6 3.39 44.46 18.76
CA ARG E 6 4.53 45.28 18.33
C ARG E 6 5.81 44.45 18.33
N PRO E 7 6.65 44.56 17.31
CA PRO E 7 7.95 43.88 17.33
C PRO E 7 8.95 44.60 18.22
N THR E 8 10.01 43.88 18.55
CA THR E 8 11.09 44.39 19.40
C THR E 8 12.43 44.21 18.69
N LEU E 9 13.51 44.45 19.42
CA LEU E 9 14.86 44.33 18.86
C LEU E 9 15.84 44.16 20.02
N SER E 10 16.56 43.05 20.02
CA SER E 10 17.52 42.74 21.07
C SER E 10 18.82 42.25 20.46
N GLU E 11 19.91 42.46 21.18
CA GLU E 11 21.25 42.11 20.71
C GLU E 11 21.87 41.04 21.59
N ASP E 12 22.71 40.21 20.97
CA ASP E 12 23.44 39.14 21.67
C ASP E 12 24.91 39.28 21.29
N VAL E 13 25.65 40.07 22.08
CA VAL E 13 27.04 40.36 21.77
C VAL E 13 27.84 39.06 21.85
N LEU E 14 28.52 38.72 20.76
CA LEU E 14 29.34 37.51 20.69
C LEU E 14 30.83 37.82 20.81
N THR E 15 31.33 38.81 20.09
CA THR E 15 32.73 39.21 20.12
C THR E 15 32.81 40.74 20.24
N ASP E 16 34.04 41.25 20.31
CA ASP E 16 34.24 42.69 20.43
C ASP E 16 33.49 43.43 19.32
N ASN E 17 33.63 42.96 18.09
CA ASN E 17 32.87 43.50 16.94
C ASN E 17 32.20 42.32 16.24
N ARG E 18 31.07 41.90 16.80
CA ARG E 18 30.21 40.90 16.18
C ARG E 18 28.93 40.79 17.01
N SER E 19 27.78 40.86 16.37
CA SER E 19 26.52 40.85 17.10
C SER E 19 25.53 39.94 16.39
N GLN E 20 24.40 39.71 17.03
CA GLN E 20 23.34 38.88 16.47
C GLN E 20 22.02 39.43 16.95
N PHE E 21 21.41 40.31 16.14
CA PHE E 21 20.17 40.97 16.51
C PHE E 21 18.98 40.08 16.16
N VAL E 22 17.95 40.12 16.99
CA VAL E 22 16.73 39.35 16.79
C VAL E 22 15.55 40.30 16.83
N ILE E 23 14.69 40.22 15.82
CA ILE E 23 13.51 41.06 15.70
C ILE E 23 12.30 40.15 15.69
N GLU E 24 11.36 40.36 16.61
CA GLU E 24 10.21 39.49 16.72
C GLU E 24 9.15 40.18 17.56
N PRO E 25 7.87 39.79 17.42
CA PRO E 25 7.32 38.88 16.41
C PRO E 25 6.81 39.64 15.19
N LEU E 26 7.43 39.43 14.03
CA LEU E 26 7.02 40.13 12.82
C LEU E 26 5.79 39.49 12.19
N GLU E 27 4.99 40.30 11.53
CA GLU E 27 3.81 39.84 10.81
C GLU E 27 4.19 38.66 9.93
N PRO E 28 3.26 37.77 9.60
CA PRO E 28 3.62 36.57 8.84
C PRO E 28 3.94 36.90 7.38
N GLY E 29 5.18 37.28 7.12
CA GLY E 29 5.62 37.57 5.77
C GLY E 29 6.59 38.74 5.70
N PHE E 30 6.73 39.47 6.80
CA PHE E 30 7.63 40.60 6.88
C PHE E 30 9.03 40.20 7.33
N GLY E 31 9.27 38.91 7.56
CA GLY E 31 10.62 38.47 7.84
C GLY E 31 11.55 38.67 6.65
N TYR E 32 11.09 38.29 5.46
CA TYR E 32 11.89 38.44 4.25
C TYR E 32 11.80 39.83 3.64
N THR E 33 10.73 40.57 3.92
CA THR E 33 10.57 41.89 3.31
C THR E 33 11.70 42.83 3.73
N LEU E 34 12.09 42.80 5.01
CA LEU E 34 13.09 43.71 5.53
C LEU E 34 14.41 43.04 5.88
N GLY E 35 14.49 41.72 5.83
CA GLY E 35 15.78 41.08 6.04
C GLY E 35 16.77 41.39 4.94
N ASN E 36 16.35 41.21 3.69
CA ASN E 36 17.27 41.40 2.57
C ASN E 36 17.59 42.88 2.37
N SER E 37 16.59 43.75 2.52
CA SER E 37 16.85 45.17 2.41
C SER E 37 17.83 45.64 3.47
N LEU E 38 17.66 45.16 4.70
CA LEU E 38 18.57 45.55 5.78
C LEU E 38 19.98 45.02 5.51
N ARG E 39 20.10 43.78 5.04
CA ARG E 39 21.41 43.24 4.71
C ARG E 39 22.10 44.06 3.64
N ARG E 40 21.38 44.38 2.56
CA ARG E 40 21.96 45.17 1.48
C ARG E 40 22.38 46.55 1.96
N THR E 41 21.53 47.20 2.76
CA THR E 41 21.87 48.52 3.25
C THR E 41 23.10 48.47 4.15
N LEU E 42 23.20 47.46 5.00
CA LEU E 42 24.39 47.33 5.84
C LEU E 42 25.63 47.16 4.99
N LEU E 43 25.55 46.34 3.94
CA LEU E 43 26.74 46.02 3.17
C LEU E 43 27.12 47.10 2.17
N SER E 44 26.20 48.01 1.80
CA SER E 44 26.49 48.90 0.69
C SER E 44 25.96 50.32 0.89
N SER E 45 25.76 50.75 2.14
CA SER E 45 25.25 52.10 2.38
C SER E 45 25.90 52.81 3.56
N ILE E 46 27.05 52.35 4.03
CA ILE E 46 27.75 52.97 5.15
C ILE E 46 29.05 53.55 4.60
N PRO E 47 29.23 54.88 4.60
CA PRO E 47 30.48 55.45 4.08
C PRO E 47 31.69 54.96 4.85
N GLY E 48 32.79 54.77 4.13
CA GLY E 48 34.01 54.31 4.74
C GLY E 48 35.23 54.74 3.94
N ALA E 49 36.42 54.33 4.38
CA ALA E 49 37.66 54.67 3.70
C ALA E 49 38.48 53.41 3.50
N ALA E 50 39.24 53.39 2.41
CA ALA E 50 40.07 52.24 2.08
C ALA E 50 41.15 52.68 1.10
N VAL E 51 42.22 51.87 1.04
CA VAL E 51 43.34 52.16 0.16
C VAL E 51 42.92 51.89 -1.28
N THR E 52 43.05 52.90 -2.14
CA THR E 52 42.61 52.79 -3.52
C THR E 52 43.72 52.29 -4.44
N SER E 53 44.95 52.77 -4.24
CA SER E 53 46.06 52.34 -5.07
C SER E 53 47.35 52.50 -4.26
N ILE E 54 48.41 51.86 -4.74
CA ILE E 54 49.70 51.94 -4.11
C ILE E 54 50.78 51.95 -5.18
N ARG E 55 51.89 52.64 -4.88
CA ARG E 55 53.08 52.58 -5.72
C ARG E 55 54.26 52.22 -4.85
N ILE E 56 55.05 51.24 -5.30
CA ILE E 56 56.19 50.74 -4.53
C ILE E 56 57.43 50.89 -5.40
N ASP E 57 58.46 51.54 -4.85
CA ASP E 57 59.68 51.78 -5.61
C ASP E 57 60.37 50.48 -5.95
N GLY E 58 61.00 50.44 -7.13
CA GLY E 58 61.67 49.25 -7.61
C GLY E 58 60.77 48.26 -8.32
N VAL E 59 59.49 48.57 -8.46
CA VAL E 59 58.51 47.68 -9.09
C VAL E 59 57.80 48.50 -10.15
N LEU E 60 58.29 48.42 -11.39
CA LEU E 60 57.69 49.11 -12.53
C LEU E 60 57.14 48.15 -13.57
N HIS E 61 57.95 47.21 -14.04
CA HIS E 61 57.54 46.24 -15.05
C HIS E 61 57.29 44.86 -14.47
N GLU E 62 58.24 44.33 -13.72
CA GLU E 62 58.12 43.00 -13.13
C GLU E 62 57.42 43.12 -11.78
N PHE E 63 56.33 42.37 -11.60
CA PHE E 63 55.56 42.38 -10.38
C PHE E 63 55.69 41.09 -9.59
N THR E 64 56.80 40.36 -9.77
CA THR E 64 56.96 39.07 -9.12
C THR E 64 57.49 39.23 -7.70
N THR E 65 58.59 39.96 -7.52
CA THR E 65 59.21 40.10 -6.22
C THR E 65 59.74 41.51 -6.04
N VAL E 66 59.91 41.89 -4.78
CA VAL E 66 60.43 43.19 -4.40
C VAL E 66 61.86 43.01 -3.89
N PRO E 67 62.85 43.71 -4.44
CA PRO E 67 64.21 43.56 -3.92
C PRO E 67 64.27 43.98 -2.46
N GLY E 68 64.99 43.21 -1.66
CA GLY E 68 65.16 43.51 -0.26
C GLY E 68 63.97 43.19 0.62
N VAL E 69 62.98 42.47 0.10
CA VAL E 69 61.80 42.11 0.87
C VAL E 69 61.50 40.63 0.67
N LYS E 70 61.10 39.98 1.75
CA LYS E 70 60.85 38.54 1.73
C LYS E 70 59.56 38.20 0.97
N GLU E 71 58.52 39.00 1.17
CA GLU E 71 57.21 38.70 0.62
C GLU E 71 57.08 39.24 -0.80
N ASP E 72 56.44 38.45 -1.66
CA ASP E 72 56.23 38.87 -3.04
C ASP E 72 55.20 39.99 -3.10
N VAL E 73 55.01 40.53 -4.32
CA VAL E 73 54.21 41.74 -4.48
C VAL E 73 52.77 41.49 -4.05
N THR E 74 52.19 40.37 -4.50
CA THR E 74 50.78 40.13 -4.24
C THR E 74 50.50 40.06 -2.74
N GLU E 75 51.42 39.44 -1.98
CA GLU E 75 51.23 39.37 -0.54
C GLU E 75 51.22 40.76 0.09
N ILE E 76 52.10 41.65 -0.37
CA ILE E 76 52.09 43.02 0.12
C ILE E 76 50.77 43.69 -0.22
N ILE E 77 50.30 43.51 -1.45
CA ILE E 77 49.06 44.17 -1.87
C ILE E 77 47.90 43.73 -0.99
N LEU E 78 47.76 42.43 -0.76
CA LEU E 78 46.62 41.95 0.01
C LEU E 78 46.84 42.10 1.51
N ASN E 79 48.05 42.41 1.96
CA ASN E 79 48.23 42.85 3.33
C ASN E 79 47.76 44.30 3.50
N LEU E 80 48.09 45.16 2.54
CA LEU E 80 47.62 46.54 2.60
C LEU E 80 46.13 46.64 2.33
N LYS E 81 45.56 45.68 1.61
CA LYS E 81 44.14 45.72 1.30
C LYS E 81 43.30 45.59 2.55
N SER E 82 43.72 44.74 3.50
CA SER E 82 42.96 44.52 4.73
C SER E 82 43.49 45.44 5.83
N LEU E 83 43.47 46.73 5.54
CA LEU E 83 43.95 47.76 6.46
C LEU E 83 42.77 48.64 6.84
N VAL E 84 42.52 48.77 8.14
CA VAL E 84 41.41 49.56 8.64
C VAL E 84 41.88 51.00 8.80
N VAL E 85 41.37 51.89 7.95
CA VAL E 85 41.75 53.29 7.95
C VAL E 85 40.49 54.13 7.87
N SER E 86 40.47 55.25 8.59
CA SER E 86 39.35 56.17 8.60
C SER E 86 39.83 57.55 8.17
N SER E 87 39.05 58.22 7.32
CA SER E 87 39.42 59.50 6.75
C SER E 87 38.22 60.43 6.76
N GLU E 88 38.50 61.73 6.64
CA GLU E 88 37.46 62.75 6.60
C GLU E 88 37.50 63.62 5.36
N GLU E 89 38.68 63.81 4.76
CA GLU E 89 38.77 64.61 3.54
C GLU E 89 38.21 63.82 2.36
N ASP E 90 37.33 64.45 1.59
CA ASP E 90 36.77 63.79 0.41
C ASP E 90 37.84 63.48 -0.62
N GLU E 91 38.76 64.41 -0.84
CA GLU E 91 39.77 64.24 -1.87
C GLU E 91 40.71 63.09 -1.52
N PRO E 92 41.22 62.38 -2.52
CA PRO E 92 42.14 61.27 -2.24
C PRO E 92 43.47 61.82 -1.70
N VAL E 93 43.81 61.40 -0.48
CA VAL E 93 45.05 61.82 0.16
C VAL E 93 46.11 60.75 -0.09
N THR E 94 47.37 61.13 0.13
CA THR E 94 48.50 60.24 -0.08
C THR E 94 49.27 60.07 1.22
N MET E 95 49.61 58.82 1.55
CA MET E 95 50.41 58.49 2.71
C MET E 95 51.67 57.77 2.25
N TYR E 96 52.73 57.87 3.06
CA TYR E 96 53.99 57.21 2.76
C TYR E 96 54.35 56.30 3.93
N LEU E 97 54.72 55.06 3.63
CA LEU E 97 55.30 54.15 4.62
C LEU E 97 56.70 53.79 4.15
N ARG E 98 57.69 54.06 4.99
CA ARG E 98 59.08 53.92 4.60
C ARG E 98 59.89 53.43 5.78
N LYS E 99 60.75 52.44 5.53
CA LYS E 99 61.57 51.87 6.59
C LYS E 99 62.78 51.19 5.97
N GLN E 100 63.95 51.42 6.56
CA GLN E 100 65.21 50.84 6.11
C GLN E 100 65.80 49.96 7.20
N GLY E 101 66.64 49.01 6.77
CA GLY E 101 67.29 48.11 7.68
C GLY E 101 66.44 46.88 7.97
N PRO E 102 67.07 45.81 8.41
CA PRO E 102 66.33 44.57 8.66
C PRO E 102 65.34 44.72 9.79
N GLY E 103 64.24 43.98 9.71
CA GLY E 103 63.22 44.03 10.73
C GLY E 103 61.86 43.67 10.15
N GLU E 104 60.82 44.11 10.86
CA GLU E 104 59.44 43.88 10.45
C GLU E 104 58.75 45.22 10.29
N VAL E 105 58.08 45.41 9.16
CA VAL E 105 57.27 46.59 8.92
C VAL E 105 55.87 46.37 9.50
N THR E 106 55.35 47.37 10.18
CA THR E 106 54.05 47.28 10.82
C THR E 106 53.23 48.51 10.46
N ALA E 107 51.91 48.34 10.46
CA ALA E 107 51.03 49.43 10.06
C ALA E 107 51.25 50.68 10.92
N GLY E 108 51.72 50.49 12.16
CA GLY E 108 52.04 51.64 12.99
C GLY E 108 53.21 52.45 12.48
N ASP E 109 53.96 51.92 11.52
CA ASP E 109 55.05 52.67 10.90
C ASP E 109 54.55 53.72 9.92
N ILE E 110 53.31 53.61 9.45
CA ILE E 110 52.76 54.59 8.53
C ILE E 110 52.61 55.92 9.25
N VAL E 111 52.91 57.01 8.55
CA VAL E 111 52.75 58.35 9.09
C VAL E 111 51.56 58.99 8.39
N PRO E 112 50.39 59.03 9.01
CA PRO E 112 49.20 59.52 8.32
C PRO E 112 49.13 61.03 8.35
N PRO E 113 48.62 61.66 7.28
CA PRO E 113 48.43 63.11 7.32
C PRO E 113 47.30 63.50 8.26
N ALA E 114 46.99 64.79 8.33
CA ALA E 114 45.90 65.24 9.20
C ALA E 114 44.57 64.64 8.73
N GLY E 115 43.82 64.09 9.66
CA GLY E 115 42.52 63.52 9.35
C GLY E 115 42.51 62.02 9.20
N VAL E 116 43.53 61.47 8.56
CA VAL E 116 43.62 60.03 8.35
C VAL E 116 44.12 59.36 9.61
N THR E 117 43.49 58.24 9.98
CA THR E 117 43.88 57.49 11.17
C THR E 117 43.84 56.01 10.86
N VAL E 118 44.68 55.26 11.57
CA VAL E 118 44.78 53.81 11.41
C VAL E 118 44.32 53.16 12.71
N HIS E 119 43.35 52.26 12.61
CA HIS E 119 42.71 51.67 13.77
C HIS E 119 43.31 50.33 14.18
N ASN E 120 44.23 49.77 13.39
CA ASN E 120 44.93 48.54 13.73
C ASN E 120 46.42 48.75 13.53
N PRO E 121 47.05 49.55 14.40
CA PRO E 121 48.49 49.82 14.21
C PRO E 121 49.34 48.57 14.16
N GLY E 122 49.01 47.56 14.96
CA GLY E 122 49.80 46.35 15.00
C GLY E 122 49.38 45.29 14.01
N MET E 123 49.56 45.57 12.72
CA MET E 123 49.30 44.60 11.66
C MET E 123 50.58 44.38 10.88
N HIS E 124 50.97 43.11 10.74
CA HIS E 124 52.17 42.77 9.98
C HIS E 124 51.96 43.08 8.50
N ILE E 125 53.00 43.62 7.87
CA ILE E 125 52.92 43.97 6.45
C ILE E 125 54.04 43.28 5.67
N ALA E 126 55.28 43.40 6.14
CA ALA E 126 56.41 42.87 5.40
C ALA E 126 57.58 42.65 6.35
N THR E 127 58.60 41.96 5.82
CA THR E 127 59.85 41.73 6.54
C THR E 127 61.01 42.15 5.65
N LEU E 128 62.00 42.81 6.24
CA LEU E 128 63.17 43.29 5.54
C LEU E 128 64.41 42.59 6.06
N ASN E 129 65.30 42.24 5.13
CA ASN E 129 66.51 41.50 5.46
C ASN E 129 67.70 42.14 4.76
N ASP E 130 68.87 42.04 5.41
CA ASP E 130 70.14 42.43 4.81
C ASP E 130 70.10 43.87 4.30
N LYS E 131 69.90 44.80 5.22
CA LYS E 131 69.94 46.22 4.91
C LYS E 131 68.94 46.59 3.81
N GLY E 132 67.82 45.89 3.79
CA GLY E 132 66.79 46.19 2.82
C GLY E 132 66.03 47.46 3.16
N LYS E 133 65.43 48.06 2.13
CA LYS E 133 64.65 49.28 2.29
C LYS E 133 63.31 49.10 1.58
N LEU E 134 62.25 49.57 2.24
CA LEU E 134 60.91 49.58 1.66
C LEU E 134 60.37 51.00 1.74
N GLU E 135 59.71 51.44 0.67
CA GLU E 135 59.11 52.77 0.62
C GLU E 135 57.94 52.71 -0.36
N VAL E 136 56.72 52.75 0.17
CA VAL E 136 55.51 52.58 -0.61
C VAL E 136 54.55 53.73 -0.30
N GLU E 137 53.94 54.27 -1.34
CA GLU E 137 52.96 55.35 -1.21
C GLU E 137 51.56 54.79 -1.44
N LEU E 138 50.68 55.03 -0.47
CA LEU E 138 49.29 54.61 -0.53
C LEU E 138 48.41 55.81 -0.87
N VAL E 139 47.33 55.57 -1.61
CA VAL E 139 46.35 56.59 -1.93
C VAL E 139 45.04 56.18 -1.26
N VAL E 140 44.55 57.02 -0.35
CA VAL E 140 43.40 56.70 0.48
C VAL E 140 42.29 57.70 0.18
N GLU E 141 41.12 57.19 -0.17
CA GLU E 141 39.93 58.00 -0.35
C GLU E 141 38.74 57.25 0.21
N ARG E 142 37.70 58.00 0.59
CA ARG E 142 36.53 57.44 1.22
C ARG E 142 35.44 57.19 0.18
N GLY E 143 34.78 56.06 0.30
CA GLY E 143 33.76 55.65 -0.65
C GLY E 143 32.63 54.93 0.05
N ARG E 144 32.03 53.97 -0.64
CA ARG E 144 30.87 53.26 -0.13
C ARG E 144 30.77 51.91 -0.80
N GLY E 145 30.59 50.86 -0.01
CA GLY E 145 30.42 49.52 -0.55
C GLY E 145 31.75 48.87 -0.90
N TYR E 146 31.71 48.03 -1.94
CA TYR E 146 32.89 47.34 -2.45
C TYR E 146 33.06 47.72 -3.91
N VAL E 147 34.20 48.30 -4.25
CA VAL E 147 34.48 48.78 -5.59
C VAL E 147 35.68 48.01 -6.13
N PRO E 148 35.53 47.19 -7.17
CA PRO E 148 36.68 46.49 -7.72
C PRO E 148 37.76 47.46 -8.18
N ALA E 149 38.90 46.89 -8.57
CA ALA E 149 40.02 47.71 -9.00
C ALA E 149 39.62 48.54 -10.21
N VAL E 150 39.97 49.83 -10.17
CA VAL E 150 39.70 50.76 -11.26
C VAL E 150 40.96 50.86 -12.12
N GLN E 151 40.85 50.47 -13.39
CA GLN E 151 42.02 50.44 -14.25
C GLN E 151 42.46 51.85 -14.60
N ASN E 152 43.75 51.96 -14.95
CA ASN E 152 44.34 53.27 -15.20
C ASN E 152 43.62 54.00 -16.31
N ARG E 153 42.92 55.08 -15.93
CA ARG E 153 42.32 55.95 -16.94
C ARG E 153 43.38 56.68 -17.75
N ALA E 154 44.45 57.13 -17.11
CA ALA E 154 45.56 57.81 -17.78
C ALA E 154 46.84 57.08 -17.42
N SER E 155 47.25 56.15 -18.29
CA SER E 155 48.46 55.38 -18.03
C SER E 155 49.69 56.29 -18.00
N GLY E 156 49.74 57.28 -18.89
CA GLY E 156 50.90 58.15 -18.94
C GLY E 156 51.09 58.96 -17.67
N ALA E 157 49.99 59.24 -16.95
CA ALA E 157 50.09 60.04 -15.73
C ALA E 157 50.98 59.37 -14.70
N GLU E 158 50.79 58.06 -14.49
CA GLU E 158 51.57 57.31 -13.52
C GLU E 158 51.89 55.94 -14.10
N ILE E 159 53.13 55.49 -13.88
CA ILE E 159 53.57 54.19 -14.37
C ILE E 159 53.69 53.16 -13.25
N GLY E 160 54.19 53.55 -12.08
CA GLY E 160 54.34 52.60 -10.98
C GLY E 160 53.06 52.33 -10.21
N ARG E 161 52.11 53.26 -10.24
CA ARG E 161 50.87 53.07 -9.50
C ARG E 161 50.13 51.85 -10.01
N ILE E 162 49.68 51.00 -9.09
CA ILE E 162 48.90 49.82 -9.45
C ILE E 162 47.60 49.86 -8.65
N PRO E 163 46.45 49.82 -9.30
CA PRO E 163 45.18 49.85 -8.56
C PRO E 163 44.94 48.58 -7.78
N VAL E 164 44.19 48.71 -6.68
CA VAL E 164 43.80 47.58 -5.86
C VAL E 164 42.32 47.71 -5.53
N ASP E 165 41.70 46.58 -5.21
CA ASP E 165 40.30 46.58 -4.84
C ASP E 165 40.08 47.40 -3.58
N SER E 166 38.91 48.01 -3.48
CA SER E 166 38.58 48.91 -2.38
C SER E 166 37.42 48.32 -1.60
N ILE E 167 37.66 48.05 -0.32
CA ILE E 167 36.61 47.62 0.60
C ILE E 167 36.26 48.84 1.44
N TYR E 168 35.29 49.64 0.97
CA TYR E 168 34.90 50.83 1.71
C TYR E 168 34.01 50.51 2.90
N SER E 169 33.12 49.55 2.78
CA SER E 169 32.14 49.31 3.84
C SER E 169 32.82 48.83 5.10
N PRO E 170 32.57 49.45 6.26
CA PRO E 170 33.12 48.90 7.51
C PRO E 170 32.53 47.56 7.90
N VAL E 171 31.39 47.18 7.33
CA VAL E 171 30.76 45.90 7.61
C VAL E 171 31.33 44.86 6.65
N LEU E 172 31.83 43.75 7.20
CA LEU E 172 32.53 42.74 6.40
C LEU E 172 31.62 41.59 5.97
N LYS E 173 30.78 41.09 6.87
CA LYS E 173 29.96 39.94 6.56
C LYS E 173 28.64 40.03 7.31
N VAL E 174 27.53 39.83 6.59
CA VAL E 174 26.21 39.89 7.16
C VAL E 174 25.40 38.72 6.62
N THR E 175 24.61 38.09 7.49
CA THR E 175 23.71 37.01 7.11
C THR E 175 22.44 37.13 7.92
N TYR E 176 21.36 36.54 7.41
CA TYR E 176 20.07 36.61 8.09
C TYR E 176 19.34 35.30 7.93
N LYS E 177 18.44 35.03 8.87
CA LYS E 177 17.61 33.83 8.85
C LYS E 177 16.22 34.21 9.34
N VAL E 178 15.24 33.38 9.01
CA VAL E 178 13.86 33.61 9.41
C VAL E 178 13.29 32.33 10.00
N ASP E 179 12.57 32.47 11.11
CA ASP E 179 12.03 31.33 11.83
C ASP E 179 10.54 31.56 12.05
N ALA E 180 9.92 30.69 12.84
CA ALA E 180 8.51 30.79 13.19
C ALA E 180 8.38 30.84 14.70
N THR E 181 7.32 31.48 15.17
CA THR E 181 7.15 31.71 16.60
C THR E 181 5.66 31.81 16.93
N ARG E 182 5.38 31.90 18.23
CA ARG E 182 4.09 32.29 18.80
C ARG E 182 3.26 31.09 19.23
N VAL E 183 2.64 31.23 20.40
CA VAL E 183 1.71 30.25 20.94
C VAL E 183 0.28 30.81 20.96
N GLU E 184 0.00 31.79 20.09
CA GLU E 184 -1.27 32.50 20.08
C GLU E 184 -2.23 31.97 19.03
N GLN E 185 -2.33 30.65 18.88
CA GLN E 185 -3.25 30.02 17.94
C GLN E 185 -2.73 30.10 16.51
N ARG E 186 -1.60 30.76 16.30
CA ARG E 186 -1.08 30.99 14.96
C ARG E 186 0.15 30.15 14.66
N THR E 187 1.20 30.25 15.46
CA THR E 187 2.42 29.48 15.25
C THR E 187 3.01 29.70 13.87
N ASP E 188 2.79 30.89 13.29
CA ASP E 188 3.19 31.13 11.90
C ASP E 188 3.82 32.50 11.71
N PHE E 189 4.18 33.21 12.77
CA PHE E 189 4.80 34.52 12.64
C PHE E 189 6.26 34.36 12.22
N ASP E 190 7.00 35.45 12.20
CA ASP E 190 8.39 35.46 11.77
C ASP E 190 9.30 35.96 12.87
N LYS E 191 10.56 35.53 12.80
CA LYS E 191 11.61 35.99 13.69
C LYS E 191 12.85 36.19 12.85
N LEU E 192 13.28 37.44 12.70
CA LEU E 192 14.45 37.76 11.88
C LEU E 192 15.69 37.77 12.77
N ILE E 193 16.73 37.05 12.34
CA ILE E 193 17.95 36.88 13.11
C ILE E 193 19.11 37.38 12.25
N LEU E 194 19.50 38.63 12.42
CA LEU E 194 20.66 39.16 11.73
C LEU E 194 21.94 38.68 12.40
N ASP E 195 23.04 38.80 11.65
CA ASP E 195 24.38 38.46 12.16
C ASP E 195 25.36 39.41 11.49
N VAL E 196 25.71 40.48 12.18
CA VAL E 196 26.51 41.56 11.63
C VAL E 196 27.92 41.45 12.18
N GLU E 197 28.91 41.54 11.29
CA GLU E 197 30.31 41.61 11.68
C GLU E 197 30.95 42.82 11.01
N THR E 198 31.68 43.61 11.79
CA THR E 198 32.26 44.85 11.32
C THR E 198 33.78 44.85 11.54
N LYS E 199 34.43 45.89 11.04
CA LYS E 199 35.82 46.15 11.38
C LYS E 199 35.86 46.78 12.77
N ASN E 200 37.03 47.22 13.21
CA ASN E 200 37.16 47.89 14.50
C ASN E 200 37.10 49.40 14.36
N SER E 201 36.70 49.91 13.19
CA SER E 201 36.43 51.33 13.01
C SER E 201 34.98 51.69 13.29
N ILE E 202 34.11 50.70 13.52
CA ILE E 202 32.70 50.91 13.83
C ILE E 202 32.22 49.71 14.62
N SER E 203 31.09 49.88 15.32
CA SER E 203 30.48 48.78 16.07
C SER E 203 29.19 48.35 15.38
N PRO E 204 28.81 47.07 15.50
CA PRO E 204 27.62 46.59 14.76
C PRO E 204 26.35 47.37 15.08
N ARG E 205 26.17 47.83 16.31
CA ARG E 205 24.98 48.60 16.65
C ARG E 205 24.92 49.92 15.89
N ASP E 206 26.05 50.62 15.80
CA ASP E 206 26.08 51.86 15.03
C ASP E 206 25.80 51.59 13.55
N ALA E 207 26.35 50.51 13.00
CA ALA E 207 26.09 50.17 11.61
C ALA E 207 24.62 49.90 11.38
N LEU E 208 23.99 49.16 12.29
CA LEU E 208 22.57 48.88 12.14
C LEU E 208 21.74 50.15 12.25
N ALA E 209 22.09 51.04 13.17
CA ALA E 209 21.37 52.30 13.29
C ALA E 209 21.49 53.13 12.01
N SER E 210 22.69 53.20 11.45
CA SER E 210 22.87 53.96 10.21
C SER E 210 22.09 53.33 9.06
N ALA E 211 22.08 52.00 8.98
CA ALA E 211 21.30 51.35 7.93
C ALA E 211 19.82 51.64 8.09
N GLY E 212 19.31 51.59 9.32
CA GLY E 212 17.92 51.91 9.55
C GLY E 212 17.59 53.34 9.14
N LYS E 213 18.47 54.27 9.49
CA LYS E 213 18.25 55.66 9.09
C LYS E 213 18.20 55.80 7.57
N THR E 214 19.14 55.13 6.88
CA THR E 214 19.15 55.21 5.42
C THR E 214 17.86 54.65 4.83
N LEU E 215 17.39 53.52 5.34
CA LEU E 215 16.16 52.93 4.81
C LEU E 215 14.95 53.81 5.08
N VAL E 216 14.90 54.42 6.27
CA VAL E 216 13.80 55.35 6.57
C VAL E 216 13.83 56.52 5.59
N GLU E 217 15.01 57.07 5.33
CA GLU E 217 15.12 58.18 4.38
C GLU E 217 14.68 57.74 2.99
N LEU E 218 15.04 56.52 2.59
CA LEU E 218 14.66 56.04 1.26
C LEU E 218 13.14 55.91 1.15
N PHE E 219 12.51 55.22 2.08
CA PHE E 219 11.06 55.00 1.98
C PHE E 219 10.27 56.26 2.31
N GLY E 220 10.90 57.30 2.84
CA GLY E 220 10.22 58.58 2.93
C GLY E 220 9.82 59.11 1.57
N LEU E 221 10.58 58.78 0.52
CA LEU E 221 10.21 59.21 -0.82
C LEU E 221 8.86 58.63 -1.23
N ALA E 222 8.64 57.34 -0.95
CA ALA E 222 7.35 56.74 -1.24
C ALA E 222 6.27 57.29 -0.31
N ARG E 223 6.61 57.54 0.95
CA ARG E 223 5.61 58.04 1.88
C ARG E 223 5.09 59.41 1.49
N GLU E 224 5.98 60.31 1.06
CA GLU E 224 5.60 61.71 0.88
C GLU E 224 4.63 61.93 -0.27
N LEU E 225 4.38 60.95 -1.13
CA LEU E 225 3.44 61.16 -2.23
C LEU E 225 2.08 61.59 -1.70
N ASN E 226 1.55 60.84 -0.74
CA ASN E 226 0.25 61.14 -0.12
C ASN E 226 0.42 61.00 1.39
N VAL E 227 0.52 62.13 2.08
CA VAL E 227 0.83 62.11 3.51
C VAL E 227 -0.30 61.47 4.30
N GLU E 228 -1.55 61.79 3.96
CA GLU E 228 -2.71 61.29 4.70
C GLU E 228 -3.24 59.98 4.12
N ALA E 229 -2.36 59.00 3.97
CA ALA E 229 -2.72 57.69 3.46
C ALA E 229 -2.71 56.68 4.60
N GLU E 230 -3.67 55.77 4.59
CA GLU E 230 -3.81 54.79 5.66
C GLU E 230 -2.81 53.65 5.46
N GLY E 231 -2.06 53.34 6.51
CA GLY E 231 -1.13 52.22 6.49
C GLY E 231 -1.20 51.44 7.79
N ILE E 232 -0.16 50.66 8.07
CA ILE E 232 -0.06 49.90 9.31
C ILE E 232 0.95 50.61 10.20
N GLU E 233 0.52 50.95 11.41
CA GLU E 233 1.33 51.68 12.38
C GLU E 233 1.50 50.84 13.63
N ILE E 234 2.74 50.76 14.12
CA ILE E 234 3.03 49.92 15.29
C ILE E 234 2.76 50.63 16.61
N GLY E 235 2.75 51.97 16.63
CA GLY E 235 2.48 52.71 17.83
C GLY E 235 3.73 53.17 18.53
N PRO E 236 3.58 53.93 19.62
CA PRO E 236 4.76 54.44 20.33
C PRO E 236 5.58 53.30 20.91
N SER E 237 6.89 53.54 20.98
CA SER E 237 7.81 52.55 21.55
C SER E 237 7.47 52.25 23.00
N ASN F 24 -17.71 16.76 -33.63
CA ASN F 24 -17.80 17.08 -35.05
C ASN F 24 -19.21 16.81 -35.58
N SER F 25 -19.87 15.81 -35.02
CA SER F 25 -21.23 15.46 -35.39
C SER F 25 -22.28 15.96 -34.42
N VAL F 26 -21.90 16.30 -33.19
CA VAL F 26 -22.88 16.81 -32.23
C VAL F 26 -23.39 18.16 -32.71
N PRO F 27 -24.69 18.43 -32.67
CA PRO F 27 -25.18 19.72 -33.16
C PRO F 27 -24.49 20.92 -32.54
N GLY F 28 -24.57 21.07 -31.21
CA GLY F 28 -23.91 22.17 -30.55
C GLY F 28 -22.71 21.72 -29.77
N ALA F 29 -21.52 22.01 -30.29
CA ALA F 29 -20.28 21.58 -29.66
C ALA F 29 -19.26 22.70 -29.75
N PRO F 30 -18.30 22.78 -28.83
CA PRO F 30 -17.24 23.77 -28.98
C PRO F 30 -16.31 23.43 -30.13
N ASN F 31 -15.79 24.48 -30.78
CA ASN F 31 -14.85 24.29 -31.88
C ASN F 31 -13.46 24.06 -31.32
N ARG F 32 -13.02 22.80 -31.35
CA ARG F 32 -11.72 22.39 -30.81
C ARG F 32 -10.88 21.87 -31.97
N VAL F 33 -9.94 22.69 -32.42
CA VAL F 33 -9.12 22.36 -33.58
C VAL F 33 -8.21 21.19 -33.26
N SER F 34 -7.95 20.35 -34.26
CA SER F 34 -7.21 19.11 -34.07
C SER F 34 -5.96 19.07 -34.93
N PHE F 35 -4.91 18.46 -34.39
CA PHE F 35 -3.67 18.24 -35.11
C PHE F 35 -3.68 16.96 -35.93
N ALA F 36 -4.79 16.22 -35.93
CA ALA F 36 -4.83 14.91 -36.57
C ALA F 36 -4.52 15.03 -38.06
N LYS F 37 -3.73 14.08 -38.56
CA LYS F 37 -3.42 13.98 -39.99
C LYS F 37 -4.31 12.99 -40.72
N LEU F 38 -4.53 11.81 -40.15
CA LEU F 38 -5.28 10.76 -40.80
C LEU F 38 -6.78 11.06 -40.74
N ARG F 39 -7.54 10.30 -41.51
CA ARG F 39 -9.00 10.35 -41.48
C ARG F 39 -9.55 9.04 -40.93
N GLU F 40 -10.63 9.13 -40.16
CA GLU F 40 -11.18 7.96 -39.50
C GLU F 40 -12.39 7.46 -40.26
N PRO F 41 -12.32 6.30 -40.94
CA PRO F 41 -13.49 5.81 -41.66
C PRO F 41 -14.69 5.55 -40.78
N LEU F 42 -14.47 5.09 -39.55
CA LEU F 42 -15.55 4.64 -38.68
C LEU F 42 -15.64 5.54 -37.46
N GLU F 43 -16.86 5.97 -37.16
CA GLU F 43 -17.15 6.79 -35.99
C GLU F 43 -17.31 5.88 -34.78
N VAL F 44 -16.84 6.35 -33.63
CA VAL F 44 -16.83 5.53 -32.41
C VAL F 44 -18.25 5.08 -32.11
N PRO F 45 -18.49 3.80 -31.78
CA PRO F 45 -19.86 3.35 -31.51
C PRO F 45 -20.41 3.92 -30.20
N GLY F 46 -21.63 3.54 -29.85
CA GLY F 46 -22.16 3.91 -28.55
C GLY F 46 -21.36 3.21 -27.46
N LEU F 47 -20.82 4.00 -26.53
CA LEU F 47 -19.94 3.45 -25.51
C LEU F 47 -20.66 2.61 -24.48
N LEU F 48 -21.99 2.67 -24.42
CA LEU F 48 -22.77 1.85 -23.51
C LEU F 48 -23.57 0.80 -24.26
N ASP F 49 -23.19 0.51 -25.50
CA ASP F 49 -23.93 -0.46 -26.30
C ASP F 49 -23.83 -1.86 -25.71
N VAL F 50 -22.73 -2.19 -25.04
CA VAL F 50 -22.58 -3.54 -24.51
C VAL F 50 -23.71 -3.86 -23.55
N GLN F 51 -23.94 -2.99 -22.57
CA GLN F 51 -24.94 -3.28 -21.55
C GLN F 51 -26.34 -3.31 -22.13
N THR F 52 -26.72 -2.27 -22.87
CA THR F 52 -28.07 -2.18 -23.38
C THR F 52 -28.37 -3.29 -24.39
N ASP F 53 -27.43 -3.58 -25.29
CA ASP F 53 -27.68 -4.62 -26.29
C ASP F 53 -27.56 -6.02 -25.73
N SER F 54 -26.92 -6.19 -24.57
CA SER F 54 -26.93 -7.50 -23.93
C SER F 54 -28.12 -7.67 -23.01
N PHE F 55 -28.80 -6.59 -22.64
CA PHE F 55 -30.01 -6.74 -21.84
C PHE F 55 -31.25 -6.86 -22.71
N GLU F 56 -31.41 -5.98 -23.70
CA GLU F 56 -32.61 -6.04 -24.53
C GLU F 56 -32.67 -7.32 -25.36
N TRP F 57 -31.57 -8.08 -25.43
CA TRP F 57 -31.65 -9.44 -25.92
C TRP F 57 -32.34 -10.35 -24.91
N LEU F 58 -32.08 -10.14 -23.62
CA LEU F 58 -32.66 -10.99 -22.59
C LEU F 58 -34.17 -10.90 -22.60
N ILE F 59 -34.71 -9.70 -22.74
CA ILE F 59 -36.17 -9.53 -22.74
C ILE F 59 -36.76 -9.67 -24.13
N GLY F 60 -35.97 -9.55 -25.18
CA GLY F 60 -36.47 -9.74 -26.53
C GLY F 60 -37.21 -8.56 -27.09
N SER F 61 -36.66 -7.35 -26.96
CA SER F 61 -37.34 -6.16 -27.45
C SER F 61 -37.40 -6.16 -28.97
N PRO F 62 -38.35 -5.41 -29.55
CA PRO F 62 -38.38 -5.31 -31.02
C PRO F 62 -37.11 -4.76 -31.62
N ARG F 63 -36.43 -3.85 -30.92
CA ARG F 63 -35.19 -3.29 -31.45
C ARG F 63 -34.13 -4.36 -31.67
N TRP F 64 -33.97 -5.24 -30.67
CA TRP F 64 -33.04 -6.35 -30.85
C TRP F 64 -33.50 -7.28 -31.96
N ARG F 65 -34.80 -7.48 -32.11
CA ARG F 65 -35.29 -8.34 -33.18
C ARG F 65 -34.91 -7.78 -34.54
N GLU F 66 -35.08 -6.47 -34.73
CA GLU F 66 -34.66 -5.84 -35.97
C GLU F 66 -33.15 -5.96 -36.17
N SER F 67 -32.38 -5.73 -35.11
CA SER F 67 -30.92 -5.82 -35.23
C SER F 67 -30.50 -7.23 -35.64
N ALA F 68 -31.16 -8.25 -35.09
CA ALA F 68 -30.84 -9.63 -35.44
C ALA F 68 -31.34 -9.98 -36.83
N ALA F 69 -32.40 -9.31 -37.29
CA ALA F 69 -32.92 -9.61 -38.62
C ALA F 69 -31.87 -9.36 -39.69
N GLU F 70 -31.13 -8.26 -39.60
CA GLU F 70 -30.08 -7.96 -40.55
C GLU F 70 -28.77 -8.60 -40.11
N ARG F 71 -28.80 -9.89 -39.84
CA ARG F 71 -27.63 -10.61 -39.35
C ARG F 71 -27.98 -12.07 -39.07
N GLY F 72 -28.71 -12.31 -37.97
CA GLY F 72 -29.04 -13.66 -37.54
C GLY F 72 -30.52 -13.97 -37.58
N ASP F 73 -31.19 -13.63 -38.68
CA ASP F 73 -32.64 -13.84 -38.77
C ASP F 73 -33.02 -15.32 -38.73
N VAL F 74 -32.06 -16.23 -38.89
CA VAL F 74 -32.38 -17.65 -38.95
C VAL F 74 -33.09 -18.10 -37.67
N ASN F 75 -32.64 -17.61 -36.51
CA ASN F 75 -33.18 -18.05 -35.23
C ASN F 75 -33.08 -16.93 -34.21
N PRO F 76 -34.01 -15.97 -34.27
CA PRO F 76 -34.09 -14.95 -33.22
C PRO F 76 -34.92 -15.44 -32.04
N VAL F 77 -34.29 -15.57 -30.88
CA VAL F 77 -34.97 -15.99 -29.66
C VAL F 77 -34.27 -15.36 -28.46
N GLY F 78 -35.04 -14.70 -27.61
CA GLY F 78 -34.49 -14.04 -26.45
C GLY F 78 -34.10 -15.02 -25.36
N GLY F 79 -33.49 -14.49 -24.30
CA GLY F 79 -33.03 -15.34 -23.22
C GLY F 79 -34.18 -15.99 -22.48
N LEU F 80 -35.22 -15.22 -22.16
CA LEU F 80 -36.37 -15.78 -21.46
C LEU F 80 -37.06 -16.84 -22.30
N GLU F 81 -37.20 -16.60 -23.60
CA GLU F 81 -37.79 -17.61 -24.48
C GLU F 81 -36.96 -18.88 -24.46
N GLU F 82 -35.63 -18.73 -24.53
CA GLU F 82 -34.76 -19.92 -24.50
C GLU F 82 -34.94 -20.68 -23.20
N VAL F 83 -34.96 -19.98 -22.07
CA VAL F 83 -35.08 -20.67 -20.78
C VAL F 83 -36.42 -21.39 -20.69
N LEU F 84 -37.50 -20.71 -21.08
CA LEU F 84 -38.82 -21.32 -20.98
C LEU F 84 -38.95 -22.52 -21.91
N TYR F 85 -38.44 -22.42 -23.13
CA TYR F 85 -38.57 -23.52 -24.09
C TYR F 85 -37.61 -24.65 -23.81
N GLU F 86 -36.55 -24.40 -23.04
CA GLU F 86 -35.75 -25.49 -22.48
C GLU F 86 -36.44 -26.13 -21.28
N LEU F 87 -37.21 -25.36 -20.52
CA LEU F 87 -37.94 -25.90 -19.38
C LEU F 87 -39.09 -26.79 -19.82
N SER F 88 -40.03 -26.25 -20.59
CA SER F 88 -41.20 -26.99 -20.98
C SER F 88 -40.83 -28.08 -21.99
N PRO F 89 -41.66 -29.13 -22.10
CA PRO F 89 -42.85 -29.43 -21.29
C PRO F 89 -42.49 -30.11 -19.99
N ILE F 90 -43.27 -29.92 -18.94
CA ILE F 90 -43.06 -30.57 -17.65
C ILE F 90 -44.09 -31.69 -17.55
N GLU F 91 -43.61 -32.93 -17.52
CA GLU F 91 -44.48 -34.10 -17.52
C GLU F 91 -44.12 -35.01 -16.36
N ASP F 92 -45.12 -35.73 -15.87
CA ASP F 92 -44.92 -36.72 -14.83
C ASP F 92 -44.33 -38.00 -15.43
N PHE F 93 -44.00 -38.94 -14.55
CA PHE F 93 -43.42 -40.20 -15.02
C PHE F 93 -44.40 -40.95 -15.91
N SER F 94 -45.68 -40.99 -15.53
CA SER F 94 -46.67 -41.70 -16.32
C SER F 94 -46.90 -41.04 -17.68
N GLY F 95 -46.58 -39.76 -17.80
CA GLY F 95 -46.83 -39.06 -19.04
C GLY F 95 -48.28 -38.76 -19.31
N SER F 96 -49.11 -38.71 -18.26
CA SER F 96 -50.54 -38.48 -18.40
C SER F 96 -50.93 -37.02 -18.30
N MET F 97 -49.97 -36.12 -18.10
CA MET F 97 -50.27 -34.71 -17.96
C MET F 97 -49.01 -33.90 -18.22
N SER F 98 -49.18 -32.73 -18.82
CA SER F 98 -48.04 -31.89 -19.20
C SER F 98 -48.36 -30.43 -18.91
N LEU F 99 -47.31 -29.67 -18.61
CA LEU F 99 -47.39 -28.24 -18.37
C LEU F 99 -46.34 -27.55 -19.22
N SER F 100 -46.74 -26.48 -19.90
CA SER F 100 -45.86 -25.78 -20.82
C SER F 100 -45.97 -24.27 -20.61
N PHE F 101 -44.90 -23.57 -20.95
CA PHE F 101 -44.83 -22.12 -20.86
C PHE F 101 -44.53 -21.54 -22.23
N SER F 102 -44.92 -20.28 -22.44
CA SER F 102 -44.67 -19.62 -23.71
C SER F 102 -45.07 -18.16 -23.61
N ASP F 103 -44.55 -17.36 -24.54
CA ASP F 103 -44.94 -15.97 -24.72
C ASP F 103 -44.73 -15.14 -23.46
N PRO F 104 -43.49 -14.92 -23.04
CA PRO F 104 -43.25 -13.96 -21.96
C PRO F 104 -43.65 -12.56 -22.39
N ARG F 105 -44.17 -11.79 -21.45
CA ARG F 105 -44.73 -10.48 -21.74
C ARG F 105 -44.43 -9.53 -20.59
N PHE F 106 -44.18 -8.28 -20.92
CA PHE F 106 -43.86 -7.24 -19.94
C PHE F 106 -44.88 -6.11 -20.01
N ASP F 107 -45.28 -5.61 -18.85
CA ASP F 107 -46.13 -4.44 -18.77
C ASP F 107 -45.26 -3.20 -18.55
N ASP F 108 -45.90 -2.04 -18.45
CA ASP F 108 -45.17 -0.81 -18.23
C ASP F 108 -44.56 -0.80 -16.83
N VAL F 109 -43.43 -0.11 -16.70
CA VAL F 109 -42.77 -0.01 -15.40
C VAL F 109 -43.72 0.60 -14.39
N LYS F 110 -43.59 0.18 -13.13
CA LYS F 110 -44.51 0.65 -12.09
C LYS F 110 -44.41 2.17 -11.89
N ALA F 111 -43.20 2.70 -11.82
CA ALA F 111 -43.00 4.12 -11.61
C ALA F 111 -41.77 4.56 -12.39
N PRO F 112 -41.68 5.83 -12.76
CA PRO F 112 -40.51 6.31 -13.51
C PRO F 112 -39.24 6.23 -12.68
N VAL F 113 -38.12 6.59 -13.32
CA VAL F 113 -36.81 6.42 -12.68
C VAL F 113 -36.66 7.34 -11.48
N ASP F 114 -37.04 8.61 -11.62
CA ASP F 114 -36.84 9.55 -10.53
C ASP F 114 -37.62 9.14 -9.29
N GLU F 115 -38.88 8.75 -9.46
CA GLU F 115 -39.69 8.34 -8.32
C GLU F 115 -39.14 7.05 -7.70
N CYS F 116 -38.66 6.13 -8.54
CA CYS F 116 -38.07 4.91 -8.02
C CYS F 116 -36.84 5.21 -7.17
N LYS F 117 -36.00 6.14 -7.62
CA LYS F 117 -34.78 6.46 -6.89
C LYS F 117 -35.08 7.25 -5.63
N ASP F 118 -36.10 8.10 -5.66
CA ASP F 118 -36.40 8.96 -4.52
C ASP F 118 -37.00 8.16 -3.36
N LYS F 119 -37.92 7.25 -3.65
CA LYS F 119 -38.73 6.60 -2.63
C LYS F 119 -38.20 5.21 -2.25
N ASP F 120 -36.95 4.90 -2.58
CA ASP F 120 -36.38 3.58 -2.27
C ASP F 120 -37.20 2.46 -2.90
N MET F 121 -37.59 2.64 -4.16
CA MET F 121 -38.34 1.65 -4.91
C MET F 121 -37.47 1.08 -6.02
N THR F 122 -37.39 -0.25 -6.09
CA THR F 122 -36.66 -0.90 -7.15
C THR F 122 -37.37 -0.69 -8.48
N TYR F 123 -36.59 -0.42 -9.53
CA TYR F 123 -37.13 -0.17 -10.86
C TYR F 123 -37.36 -1.51 -11.55
N ALA F 124 -38.63 -1.85 -11.80
CA ALA F 124 -38.96 -3.16 -12.33
C ALA F 124 -40.29 -3.09 -13.06
N ALA F 125 -40.56 -4.14 -13.84
CA ALA F 125 -41.78 -4.25 -14.63
C ALA F 125 -42.43 -5.60 -14.38
N PRO F 126 -43.76 -5.69 -14.47
CA PRO F 126 -44.42 -6.99 -14.31
C PRO F 126 -44.06 -7.94 -15.43
N LEU F 127 -44.03 -9.23 -15.10
CA LEU F 127 -43.76 -10.28 -16.06
C LEU F 127 -44.91 -11.28 -16.04
N PHE F 128 -45.49 -11.54 -17.20
CA PHE F 128 -46.58 -12.49 -17.36
C PHE F 128 -46.19 -13.53 -18.39
N VAL F 129 -46.51 -14.80 -18.13
CA VAL F 129 -46.27 -15.86 -19.09
C VAL F 129 -47.55 -16.66 -19.26
N THR F 130 -47.59 -17.46 -20.32
CA THR F 130 -48.76 -18.26 -20.66
C THR F 130 -48.51 -19.71 -20.25
N ALA F 131 -49.12 -20.13 -19.16
CA ALA F 131 -48.98 -21.49 -18.67
C ALA F 131 -50.16 -22.33 -19.15
N GLU F 132 -49.87 -23.40 -19.86
CA GLU F 132 -50.88 -24.27 -20.45
C GLU F 132 -50.72 -25.68 -19.90
N PHE F 133 -51.81 -26.23 -19.38
CA PHE F 133 -51.84 -27.58 -18.83
C PHE F 133 -52.72 -28.46 -19.70
N ILE F 134 -52.20 -29.64 -20.05
CA ILE F 134 -52.90 -30.58 -20.92
C ILE F 134 -52.94 -31.93 -20.23
N ASN F 135 -54.11 -32.56 -20.24
CA ASN F 135 -54.30 -33.90 -19.70
C ASN F 135 -54.28 -34.88 -20.87
N ASN F 136 -53.38 -35.86 -20.80
CA ASN F 136 -53.16 -36.79 -21.90
C ASN F 136 -54.17 -37.93 -21.93
N ASN F 137 -55.15 -37.94 -21.02
CA ASN F 137 -56.20 -38.94 -21.04
C ASN F 137 -57.60 -38.35 -21.17
N THR F 138 -57.73 -37.02 -21.22
CA THR F 138 -59.03 -36.38 -21.38
C THR F 138 -59.05 -35.30 -22.44
N GLY F 139 -57.91 -34.72 -22.81
CA GLY F 139 -57.89 -33.69 -23.83
C GLY F 139 -58.36 -32.33 -23.36
N GLU F 140 -58.61 -32.17 -22.07
CA GLU F 140 -59.09 -30.89 -21.53
C GLU F 140 -57.89 -29.97 -21.33
N ILE F 141 -57.81 -28.92 -22.12
CA ILE F 141 -56.72 -27.95 -22.06
C ILE F 141 -57.12 -26.81 -21.14
N LYS F 142 -56.17 -26.34 -20.34
CA LYS F 142 -56.39 -25.21 -19.44
C LYS F 142 -55.24 -24.23 -19.60
N SER F 143 -55.50 -23.09 -20.22
CA SER F 143 -54.48 -22.07 -20.43
C SER F 143 -54.76 -20.87 -19.54
N GLN F 144 -53.69 -20.28 -19.01
CA GLN F 144 -53.82 -19.14 -18.12
C GLN F 144 -52.63 -18.21 -18.30
N THR F 145 -52.83 -16.95 -17.92
CA THR F 145 -51.77 -15.95 -17.88
C THR F 145 -51.31 -15.82 -16.44
N VAL F 146 -50.14 -16.36 -16.14
CA VAL F 146 -49.61 -16.43 -14.79
C VAL F 146 -48.60 -15.32 -14.59
N PHE F 147 -48.73 -14.61 -13.47
CA PHE F 147 -47.80 -13.56 -13.09
C PHE F 147 -46.52 -14.18 -12.53
N MET F 148 -45.38 -13.77 -13.06
CA MET F 148 -44.10 -14.40 -12.77
C MET F 148 -43.18 -13.53 -11.91
N GLY F 149 -43.69 -12.45 -11.34
CA GLY F 149 -42.91 -11.59 -10.47
C GLY F 149 -42.58 -10.27 -11.14
N ASP F 150 -41.92 -9.41 -10.37
CA ASP F 150 -41.48 -8.11 -10.83
C ASP F 150 -40.03 -8.19 -11.27
N PHE F 151 -39.80 -8.08 -12.57
CA PHE F 151 -38.48 -8.25 -13.15
C PHE F 151 -37.77 -6.90 -13.17
N PRO F 152 -36.61 -6.76 -12.54
CA PRO F 152 -35.89 -5.48 -12.62
C PRO F 152 -35.56 -5.13 -14.06
N MET F 153 -35.63 -3.85 -14.39
CA MET F 153 -35.38 -3.36 -15.72
C MET F 153 -34.17 -2.43 -15.72
N MET F 154 -33.47 -2.40 -16.86
CA MET F 154 -32.30 -1.56 -17.02
C MET F 154 -32.72 -0.18 -17.51
N THR F 155 -32.13 0.85 -16.94
CA THR F 155 -32.40 2.22 -17.38
C THR F 155 -31.75 2.46 -18.73
N GLU F 156 -31.94 3.67 -19.27
CA GLU F 156 -31.33 4.03 -20.54
C GLU F 156 -29.84 4.28 -20.43
N LYS F 157 -29.30 4.32 -19.21
CA LYS F 157 -27.89 4.58 -18.99
C LYS F 157 -27.12 3.33 -18.58
N GLY F 158 -27.71 2.15 -18.74
CA GLY F 158 -27.00 0.92 -18.46
C GLY F 158 -26.91 0.54 -17.00
N THR F 159 -27.68 1.17 -16.12
CA THR F 159 -27.66 0.86 -14.70
C THR F 159 -29.02 0.33 -14.26
N PHE F 160 -28.99 -0.50 -13.22
CA PHE F 160 -30.19 -0.96 -12.54
C PHE F 160 -30.42 -0.10 -11.31
N ILE F 161 -31.67 0.01 -10.88
CA ILE F 161 -32.02 0.74 -9.67
C ILE F 161 -32.63 -0.26 -8.71
N ILE F 162 -31.86 -0.65 -7.70
CA ILE F 162 -32.26 -1.65 -6.73
C ILE F 162 -32.31 -0.98 -5.36
N ASN F 163 -33.46 -1.03 -4.71
CA ASN F 163 -33.66 -0.41 -3.41
C ASN F 163 -33.14 1.03 -3.39
N GLY F 164 -33.37 1.76 -4.47
CA GLY F 164 -32.97 3.15 -4.57
C GLY F 164 -31.56 3.37 -5.08
N THR F 165 -30.65 2.45 -4.80
CA THR F 165 -29.27 2.62 -5.22
C THR F 165 -29.11 2.21 -6.69
N GLU F 166 -28.15 2.85 -7.35
CA GLU F 166 -27.88 2.61 -8.76
C GLU F 166 -26.71 1.64 -8.87
N ARG F 167 -27.00 0.42 -9.31
CA ARG F 167 -26.05 -0.68 -9.38
C ARG F 167 -25.71 -1.01 -10.82
N VAL F 168 -24.56 -1.66 -10.99
CA VAL F 168 -24.02 -2.01 -12.30
C VAL F 168 -23.61 -3.47 -12.27
N VAL F 169 -23.94 -4.20 -13.34
CA VAL F 169 -23.58 -5.60 -13.47
C VAL F 169 -22.37 -5.70 -14.39
N VAL F 170 -21.28 -6.26 -13.88
CA VAL F 170 -20.03 -6.30 -14.63
C VAL F 170 -20.00 -7.54 -15.53
N SER F 171 -19.33 -7.39 -16.67
CA SER F 171 -19.14 -8.48 -17.62
C SER F 171 -18.01 -9.37 -17.13
N GLN F 172 -18.16 -10.67 -17.32
CA GLN F 172 -17.23 -11.65 -16.77
C GLN F 172 -16.48 -12.35 -17.90
N LEU F 173 -15.17 -12.47 -17.74
CA LEU F 173 -14.33 -13.21 -18.68
C LEU F 173 -14.21 -14.64 -18.19
N VAL F 174 -14.78 -15.58 -18.93
CA VAL F 174 -14.74 -16.98 -18.56
C VAL F 174 -14.07 -17.77 -19.67
N ARG F 175 -13.69 -19.00 -19.37
CA ARG F 175 -13.14 -19.90 -20.36
C ARG F 175 -14.27 -20.58 -21.13
N SER F 176 -14.13 -20.61 -22.45
CA SER F 176 -15.17 -21.17 -23.28
C SER F 176 -15.26 -22.69 -23.08
N PRO F 177 -16.47 -23.26 -23.14
CA PRO F 177 -16.59 -24.71 -23.03
C PRO F 177 -16.30 -25.42 -24.34
N GLY F 178 -15.60 -26.55 -24.27
CA GLY F 178 -15.21 -27.26 -25.48
C GLY F 178 -14.08 -28.22 -25.22
N VAL F 179 -13.34 -28.61 -26.27
CA VAL F 179 -12.24 -29.55 -26.17
C VAL F 179 -10.94 -28.76 -26.18
N TYR F 180 -10.03 -29.09 -25.26
CA TYR F 180 -8.75 -28.38 -25.12
C TYR F 180 -7.63 -29.40 -25.05
N PHE F 181 -6.78 -29.42 -26.06
CA PHE F 181 -5.60 -30.28 -26.08
C PHE F 181 -4.40 -29.54 -25.52
N ASP F 182 -3.47 -30.29 -24.94
CA ASP F 182 -2.31 -29.69 -24.30
C ASP F 182 -1.18 -30.72 -24.26
N GLU F 183 0.02 -30.22 -23.99
CA GLU F 183 1.25 -31.01 -24.01
C GLU F 183 2.05 -30.72 -22.75
N THR F 184 2.74 -31.74 -22.24
CA THR F 184 3.58 -31.61 -21.05
C THR F 184 4.82 -32.47 -21.24
N ILE F 185 5.75 -32.35 -20.31
CA ILE F 185 7.00 -33.11 -20.34
C ILE F 185 7.13 -33.88 -19.04
N ASP F 186 7.52 -35.15 -19.13
CA ASP F 186 7.61 -36.02 -17.97
C ASP F 186 9.02 -36.03 -17.41
N LYS F 187 9.13 -36.17 -16.08
CA LYS F 187 10.42 -36.13 -15.43
C LYS F 187 11.24 -37.37 -15.74
N SER F 188 10.60 -38.54 -15.74
CA SER F 188 11.34 -39.78 -15.95
C SER F 188 11.58 -40.04 -17.44
N THR F 189 10.51 -40.12 -18.22
CA THR F 189 10.65 -40.47 -19.63
C THR F 189 11.37 -39.38 -20.40
N ASP F 190 11.26 -38.13 -19.97
CA ASP F 190 11.80 -36.99 -20.71
C ASP F 190 11.18 -36.92 -22.10
N LYS F 191 9.93 -37.33 -22.23
CA LYS F 191 9.23 -37.39 -23.49
C LYS F 191 7.91 -36.63 -23.38
N THR F 192 7.40 -36.19 -24.53
CA THR F 192 6.18 -35.42 -24.55
C THR F 192 4.98 -36.29 -24.17
N LEU F 193 4.05 -35.72 -23.43
CA LEU F 193 2.81 -36.37 -23.04
C LEU F 193 1.66 -35.44 -23.43
N HIS F 194 0.72 -35.94 -24.22
CA HIS F 194 -0.40 -35.14 -24.68
C HIS F 194 -1.66 -35.50 -23.92
N SER F 195 -2.54 -34.51 -23.77
CA SER F 195 -3.77 -34.68 -23.00
C SER F 195 -4.87 -33.87 -23.66
N VAL F 196 -6.11 -34.27 -23.41
CA VAL F 196 -7.29 -33.56 -23.89
C VAL F 196 -8.27 -33.45 -22.73
N LYS F 197 -9.17 -32.49 -22.83
CA LYS F 197 -10.22 -32.32 -21.83
C LYS F 197 -11.44 -31.74 -22.51
N VAL F 198 -12.60 -32.38 -22.33
CA VAL F 198 -13.86 -31.86 -22.82
C VAL F 198 -14.58 -31.20 -21.67
N ILE F 199 -14.46 -29.88 -21.55
CA ILE F 199 -15.08 -29.18 -20.43
C ILE F 199 -16.45 -28.67 -20.89
N PRO F 200 -17.56 -29.19 -20.34
CA PRO F 200 -18.88 -28.74 -20.77
C PRO F 200 -19.39 -27.57 -19.93
N SER F 201 -20.58 -27.08 -20.27
CA SER F 201 -21.31 -26.15 -19.41
C SER F 201 -22.34 -26.97 -18.64
N ARG F 202 -22.13 -27.07 -17.33
CA ARG F 202 -23.00 -27.88 -16.48
C ARG F 202 -22.98 -29.34 -16.92
N GLY F 203 -21.83 -29.99 -16.77
CA GLY F 203 -21.73 -31.40 -17.08
C GLY F 203 -20.49 -32.00 -16.45
N ALA F 204 -20.33 -33.30 -16.69
CA ALA F 204 -19.18 -34.04 -16.19
C ALA F 204 -18.02 -33.91 -17.18
N TRP F 205 -16.82 -34.32 -16.75
CA TRP F 205 -15.61 -34.19 -17.55
C TRP F 205 -15.11 -35.56 -17.94
N LEU F 206 -14.60 -35.68 -19.15
CA LEU F 206 -13.90 -36.89 -19.61
C LEU F 206 -12.55 -36.45 -20.16
N GLU F 207 -11.47 -36.89 -19.52
CA GLU F 207 -10.12 -36.45 -19.85
C GLU F 207 -9.33 -37.64 -20.38
N PHE F 208 -9.01 -37.62 -21.67
CA PHE F 208 -8.08 -38.59 -22.23
C PHE F 208 -6.65 -38.11 -22.02
N ASP F 209 -5.69 -38.99 -22.23
CA ASP F 209 -4.28 -38.63 -22.08
C ASP F 209 -3.35 -39.74 -22.55
N VAL F 210 -2.04 -39.49 -22.47
CA VAL F 210 -1.02 -40.47 -22.82
C VAL F 210 0.13 -40.33 -21.85
N ASP F 211 0.52 -41.43 -21.20
CA ASP F 211 1.47 -41.42 -20.10
C ASP F 211 2.70 -42.26 -20.47
N LYS F 212 3.55 -42.50 -19.47
CA LYS F 212 4.85 -43.14 -19.66
C LYS F 212 4.77 -44.32 -20.61
N ARG F 213 4.02 -45.35 -20.26
CA ARG F 213 3.79 -46.46 -21.17
C ARG F 213 2.55 -46.18 -22.00
N ASP F 214 2.67 -46.33 -23.32
CA ASP F 214 1.62 -45.87 -24.21
C ASP F 214 0.30 -46.52 -23.83
N THR F 215 -0.60 -45.74 -23.21
CA THR F 215 -1.91 -46.20 -22.78
C THR F 215 -2.86 -45.00 -22.79
N VAL F 216 -3.63 -44.86 -23.87
CA VAL F 216 -4.69 -43.86 -23.92
C VAL F 216 -5.67 -44.17 -22.81
N GLY F 217 -5.79 -43.26 -21.85
CA GLY F 217 -6.59 -43.53 -20.67
C GLY F 217 -7.62 -42.47 -20.34
N VAL F 218 -8.86 -42.89 -20.13
CA VAL F 218 -9.93 -41.98 -19.77
C VAL F 218 -9.96 -41.81 -18.25
N ARG F 219 -10.48 -40.68 -17.81
CA ARG F 219 -10.61 -40.34 -16.40
C ARG F 219 -12.03 -39.84 -16.14
N ILE F 220 -13.00 -40.61 -16.63
CA ILE F 220 -14.40 -40.19 -16.61
C ILE F 220 -14.74 -39.62 -15.25
N ASP F 221 -15.20 -38.37 -15.25
CA ASP F 221 -15.71 -37.72 -14.04
C ASP F 221 -14.66 -37.68 -12.94
N ARG F 222 -13.39 -37.55 -13.34
CA ARG F 222 -12.28 -37.37 -12.42
C ARG F 222 -12.35 -38.37 -11.26
N LYS F 223 -12.35 -39.65 -11.62
CA LYS F 223 -12.40 -40.70 -10.60
C LYS F 223 -11.09 -41.50 -10.58
N ARG F 224 -10.69 -42.06 -11.71
CA ARG F 224 -9.49 -42.87 -11.76
C ARG F 224 -9.22 -43.27 -13.20
N ARG F 225 -7.93 -43.47 -13.50
CA ARG F 225 -7.51 -43.80 -14.86
C ARG F 225 -8.00 -45.20 -15.24
N GLN F 226 -8.23 -45.37 -16.54
CA GLN F 226 -8.56 -46.66 -17.12
C GLN F 226 -8.07 -46.68 -18.55
N PRO F 227 -7.94 -47.85 -19.17
CA PRO F 227 -7.66 -47.88 -20.61
C PRO F 227 -8.82 -47.32 -21.40
N VAL F 228 -8.49 -46.68 -22.53
CA VAL F 228 -9.53 -46.12 -23.38
C VAL F 228 -10.39 -47.22 -23.98
N THR F 229 -9.84 -48.43 -24.14
CA THR F 229 -10.58 -49.51 -24.77
C THR F 229 -11.84 -49.84 -23.99
N VAL F 230 -11.82 -49.71 -22.67
CA VAL F 230 -13.00 -50.04 -21.88
C VAL F 230 -14.17 -49.15 -22.28
N LEU F 231 -13.94 -47.84 -22.29
CA LEU F 231 -14.99 -46.91 -22.69
C LEU F 231 -15.38 -47.12 -24.15
N LEU F 232 -14.38 -47.31 -25.02
CA LEU F 232 -14.69 -47.46 -26.44
C LEU F 232 -15.57 -48.67 -26.69
N LYS F 233 -15.28 -49.80 -26.03
CA LYS F 233 -16.11 -50.99 -26.17
C LYS F 233 -17.48 -50.78 -25.55
N ALA F 234 -17.53 -50.11 -24.39
CA ALA F 234 -18.83 -49.90 -23.74
C ALA F 234 -19.81 -49.21 -24.67
N LEU F 235 -19.32 -48.38 -25.59
CA LEU F 235 -20.20 -47.75 -26.57
C LEU F 235 -20.68 -48.74 -27.62
N GLY F 236 -20.06 -49.91 -27.69
CA GLY F 236 -20.51 -50.96 -28.60
C GLY F 236 -19.64 -51.13 -29.82
N TRP F 237 -18.33 -51.03 -29.65
CA TRP F 237 -17.37 -51.21 -30.72
C TRP F 237 -16.67 -52.55 -30.56
N THR F 238 -16.63 -53.33 -31.65
CA THR F 238 -15.89 -54.58 -31.65
C THR F 238 -14.39 -54.30 -31.71
N SER F 239 -13.61 -55.16 -31.07
CA SER F 239 -12.16 -55.00 -31.11
C SER F 239 -11.66 -54.97 -32.54
N GLU F 240 -12.25 -55.79 -33.42
CA GLU F 240 -11.89 -55.74 -34.83
C GLU F 240 -12.15 -54.35 -35.40
N GLN F 241 -13.29 -53.75 -35.06
CA GLN F 241 -13.57 -52.38 -35.51
C GLN F 241 -12.59 -51.39 -34.90
N ILE F 242 -12.23 -51.60 -33.63
CA ILE F 242 -11.29 -50.68 -32.97
C ILE F 242 -9.97 -50.66 -33.72
N VAL F 243 -9.46 -51.84 -34.09
CA VAL F 243 -8.21 -51.89 -34.87
C VAL F 243 -8.45 -51.58 -36.34
N GLU F 244 -9.71 -51.58 -36.80
CA GLU F 244 -9.99 -51.17 -38.17
C GLU F 244 -9.88 -49.67 -38.34
N ARG F 245 -10.41 -48.89 -37.39
CA ARG F 245 -10.34 -47.44 -37.47
C ARG F 245 -9.10 -46.87 -36.79
N PHE F 246 -8.93 -47.09 -35.49
CA PHE F 246 -7.77 -46.58 -34.77
C PHE F 246 -6.55 -47.46 -34.89
N GLY F 247 -6.52 -48.38 -35.85
CA GLY F 247 -5.38 -49.27 -36.01
C GLY F 247 -4.25 -48.64 -36.82
N PHE F 248 -3.83 -47.43 -36.42
CA PHE F 248 -2.72 -46.76 -37.08
C PHE F 248 -1.71 -46.20 -36.10
N SER F 249 -1.99 -46.23 -34.79
CA SER F 249 -1.09 -45.69 -33.77
C SER F 249 -0.62 -46.84 -32.89
N GLU F 250 0.69 -46.92 -32.68
CA GLU F 250 1.24 -47.97 -31.83
C GLU F 250 0.63 -47.91 -30.44
N ILE F 251 0.28 -46.70 -29.99
CA ILE F 251 -0.33 -46.54 -28.67
C ILE F 251 -1.63 -47.32 -28.61
N MET F 252 -2.49 -47.12 -29.60
CA MET F 252 -3.81 -47.76 -29.60
C MET F 252 -3.68 -49.27 -29.79
N ARG F 253 -2.79 -49.70 -30.68
CA ARG F 253 -2.59 -51.14 -30.88
C ARG F 253 -2.10 -51.79 -29.60
N SER F 254 -1.16 -51.15 -28.91
CA SER F 254 -0.65 -51.70 -27.66
C SER F 254 -1.75 -51.77 -26.61
N THR F 255 -2.56 -50.72 -26.49
CA THR F 255 -3.64 -50.73 -25.50
C THR F 255 -4.64 -51.83 -25.81
N LEU F 256 -5.01 -51.99 -27.08
CA LEU F 256 -6.00 -53.00 -27.45
C LEU F 256 -5.47 -54.41 -27.27
N GLU F 257 -4.22 -54.66 -27.69
CA GLU F 257 -3.67 -56.01 -27.62
C GLU F 257 -3.39 -56.44 -26.19
N LYS F 258 -3.43 -55.51 -25.24
CA LYS F 258 -3.18 -55.82 -23.84
C LYS F 258 -4.25 -55.20 -22.95
N ASP F 259 -5.45 -55.00 -23.49
CA ASP F 259 -6.50 -54.35 -22.74
C ASP F 259 -6.83 -55.15 -21.48
N ASN F 260 -7.42 -56.33 -21.68
CA ASN F 260 -7.71 -57.31 -20.63
C ASN F 260 -9.01 -58.02 -20.94
N THR F 261 -10.12 -57.29 -20.86
CA THR F 261 -11.46 -57.85 -20.95
C THR F 261 -12.04 -57.64 -22.34
N VAL F 262 -13.22 -58.20 -22.58
CA VAL F 262 -13.95 -58.01 -23.83
C VAL F 262 -15.43 -58.18 -23.53
N GLY F 263 -16.27 -57.52 -24.33
CA GLY F 263 -17.70 -57.62 -24.17
C GLY F 263 -18.33 -56.36 -23.65
N THR F 264 -19.46 -55.96 -24.24
CA THR F 264 -20.12 -54.72 -23.83
C THR F 264 -20.46 -54.75 -22.35
N ASP F 265 -21.03 -55.87 -21.89
CA ASP F 265 -21.40 -55.98 -20.48
C ASP F 265 -20.18 -55.99 -19.58
N GLU F 266 -19.08 -56.61 -20.02
CA GLU F 266 -17.88 -56.67 -19.18
C GLU F 266 -17.24 -55.30 -19.03
N ALA F 267 -17.04 -54.60 -20.14
CA ALA F 267 -16.48 -53.26 -20.07
C ALA F 267 -17.42 -52.31 -19.34
N LEU F 268 -18.73 -52.45 -19.58
CA LEU F 268 -19.70 -51.64 -18.86
C LEU F 268 -19.59 -51.88 -17.37
N LEU F 269 -19.42 -53.14 -16.95
CA LEU F 269 -19.29 -53.44 -15.54
C LEU F 269 -18.01 -52.85 -14.96
N ASP F 270 -16.92 -52.91 -15.72
CA ASP F 270 -15.67 -52.30 -15.25
C ASP F 270 -15.84 -50.80 -15.04
N ILE F 271 -16.44 -50.11 -16.02
CA ILE F 271 -16.68 -48.68 -15.87
C ILE F 271 -17.62 -48.42 -14.71
N TYR F 272 -18.62 -49.28 -14.51
CA TYR F 272 -19.56 -49.11 -13.42
C TYR F 272 -18.85 -49.21 -12.07
N ARG F 273 -17.97 -50.19 -11.93
CA ARG F 273 -17.19 -50.32 -10.70
C ARG F 273 -16.32 -49.08 -10.49
N LYS F 274 -15.69 -48.59 -11.56
CA LYS F 274 -14.86 -47.40 -11.43
C LYS F 274 -15.69 -46.20 -10.98
N LEU F 275 -16.91 -46.08 -11.50
CA LEU F 275 -17.75 -44.93 -11.18
C LEU F 275 -18.42 -45.10 -9.82
N ARG F 276 -19.23 -46.14 -9.67
CA ARG F 276 -20.00 -46.32 -8.44
C ARG F 276 -19.07 -46.77 -7.31
N PRO F 277 -19.21 -46.20 -6.10
CA PRO F 277 -18.35 -46.61 -4.98
C PRO F 277 -18.78 -47.94 -4.37
N GLY F 278 -18.43 -49.05 -5.01
CA GLY F 278 -18.78 -50.36 -4.46
C GLY F 278 -20.27 -50.57 -4.35
N GLU F 279 -21.03 -50.04 -5.29
CA GLU F 279 -22.49 -50.20 -5.30
C GLU F 279 -22.82 -51.51 -6.02
N PRO F 280 -24.04 -52.01 -5.88
CA PRO F 280 -24.39 -53.30 -6.48
C PRO F 280 -24.04 -53.33 -7.96
N PRO F 281 -23.30 -54.35 -8.41
CA PRO F 281 -22.87 -54.42 -9.83
C PRO F 281 -24.00 -54.85 -10.76
N THR F 282 -25.02 -53.99 -10.87
CA THR F 282 -26.11 -54.25 -11.80
C THR F 282 -25.68 -53.88 -13.22
N LYS F 283 -25.93 -54.79 -14.16
CA LYS F 283 -25.47 -54.56 -15.54
C LYS F 283 -26.19 -53.37 -16.18
N GLU F 284 -27.52 -53.35 -16.10
CA GLU F 284 -28.27 -52.26 -16.71
C GLU F 284 -28.00 -50.92 -16.02
N SER F 285 -27.62 -50.95 -14.74
CA SER F 285 -27.21 -49.71 -14.09
C SER F 285 -26.01 -49.10 -14.79
N ALA F 286 -25.18 -49.93 -15.41
CA ALA F 286 -24.05 -49.40 -16.18
C ALA F 286 -24.55 -48.49 -17.29
N GLN F 287 -25.57 -48.91 -18.03
CA GLN F 287 -26.16 -48.04 -19.04
C GLN F 287 -26.81 -46.83 -18.39
N THR F 288 -27.57 -47.04 -17.30
CA THR F 288 -28.25 -45.93 -16.67
C THR F 288 -27.29 -44.82 -16.29
N LEU F 289 -26.05 -45.17 -15.94
CA LEU F 289 -25.03 -44.16 -15.66
C LEU F 289 -24.33 -43.64 -16.90
N LEU F 290 -23.91 -44.53 -17.80
CA LEU F 290 -23.16 -44.12 -18.98
C LEU F 290 -23.95 -43.11 -19.80
N GLU F 291 -25.21 -43.44 -20.12
CA GLU F 291 -26.01 -42.55 -20.94
C GLU F 291 -26.51 -41.35 -20.17
N ASN F 292 -26.80 -41.50 -18.88
CA ASN F 292 -27.30 -40.38 -18.09
C ASN F 292 -26.25 -39.29 -17.96
N LEU F 293 -24.98 -39.66 -17.74
CA LEU F 293 -23.97 -38.66 -17.46
C LEU F 293 -23.61 -37.83 -18.69
N PHE F 294 -23.57 -38.42 -19.88
CA PHE F 294 -23.07 -37.70 -21.05
C PHE F 294 -24.15 -37.48 -22.10
N PHE F 295 -24.77 -38.56 -22.59
CA PHE F 295 -25.61 -38.48 -23.78
C PHE F 295 -27.02 -38.03 -23.48
N LYS F 296 -27.43 -37.98 -22.21
CA LYS F 296 -28.73 -37.42 -21.87
C LYS F 296 -28.67 -35.90 -21.93
N GLU F 297 -29.84 -35.27 -22.08
CA GLU F 297 -29.93 -33.85 -22.30
C GLU F 297 -30.53 -33.13 -21.08
N LYS F 298 -30.25 -33.66 -19.89
CA LYS F 298 -30.70 -33.02 -18.66
C LYS F 298 -29.53 -32.76 -17.72
N ARG F 299 -28.58 -33.70 -17.65
CA ARG F 299 -27.42 -33.57 -16.78
C ARG F 299 -26.17 -33.12 -17.51
N TYR F 300 -26.14 -33.20 -18.83
CA TYR F 300 -24.98 -32.80 -19.62
C TYR F 300 -25.44 -31.82 -20.69
N ASP F 301 -24.81 -30.66 -20.74
CA ASP F 301 -25.13 -29.63 -21.73
C ASP F 301 -23.85 -28.97 -22.20
N LEU F 302 -23.77 -28.70 -23.50
CA LEU F 302 -22.66 -27.93 -24.07
C LEU F 302 -23.05 -26.52 -24.43
N ALA F 303 -24.35 -26.21 -24.45
CA ALA F 303 -24.84 -24.91 -24.90
C ALA F 303 -24.61 -24.78 -26.41
N ARG F 304 -24.82 -23.60 -26.95
CA ARG F 304 -24.55 -23.39 -28.37
C ARG F 304 -23.09 -23.05 -28.64
N VAL F 305 -22.46 -22.29 -27.73
CA VAL F 305 -21.05 -21.96 -27.90
C VAL F 305 -20.19 -23.22 -27.80
N GLY F 306 -20.51 -24.11 -26.86
CA GLY F 306 -19.74 -25.32 -26.72
C GLY F 306 -19.83 -26.22 -27.94
N ARG F 307 -21.04 -26.44 -28.44
CA ARG F 307 -21.21 -27.26 -29.63
C ARG F 307 -20.51 -26.62 -30.82
N TYR F 308 -20.65 -25.30 -30.96
CA TYR F 308 -20.00 -24.60 -32.06
C TYR F 308 -18.49 -24.78 -31.99
N LYS F 309 -17.90 -24.62 -30.80
CA LYS F 309 -16.46 -24.76 -30.66
C LYS F 309 -16.00 -26.18 -30.93
N VAL F 310 -16.74 -27.17 -30.45
CA VAL F 310 -16.36 -28.57 -30.69
C VAL F 310 -16.39 -28.87 -32.18
N ASN F 311 -17.48 -28.48 -32.85
CA ASN F 311 -17.58 -28.73 -34.29
C ASN F 311 -16.48 -28.02 -35.05
N LYS F 312 -16.17 -26.78 -34.68
CA LYS F 312 -15.11 -26.04 -35.35
C LYS F 312 -13.76 -26.71 -35.15
N LYS F 313 -13.50 -27.19 -33.93
CA LYS F 313 -12.17 -27.76 -33.65
C LYS F 313 -11.97 -29.09 -34.35
N LEU F 314 -12.96 -29.98 -34.27
CA LEU F 314 -12.80 -31.31 -34.84
C LEU F 314 -13.20 -31.39 -36.30
N GLY F 315 -13.66 -30.29 -36.89
CA GLY F 315 -14.08 -30.30 -38.28
C GLY F 315 -15.24 -31.24 -38.53
N LEU F 316 -16.15 -31.37 -37.56
CA LEU F 316 -17.31 -32.23 -37.69
C LEU F 316 -18.32 -31.56 -38.62
N HIS F 317 -19.56 -32.06 -38.62
CA HIS F 317 -20.62 -31.50 -39.47
C HIS F 317 -20.65 -29.98 -39.38
N VAL F 318 -20.47 -29.31 -40.51
CA VAL F 318 -20.40 -27.86 -40.58
C VAL F 318 -21.61 -27.27 -41.29
N GLY F 319 -22.04 -27.89 -42.40
CA GLY F 319 -23.12 -27.32 -43.18
C GLY F 319 -24.40 -27.18 -42.38
N GLU F 320 -24.72 -28.20 -41.58
CA GLU F 320 -25.92 -28.14 -40.77
C GLU F 320 -25.73 -27.15 -39.62
N PRO F 321 -26.80 -26.48 -39.20
CA PRO F 321 -26.71 -25.59 -38.04
C PRO F 321 -26.93 -26.36 -36.73
N ILE F 322 -26.87 -25.61 -35.63
CA ILE F 322 -27.08 -26.21 -34.32
C ILE F 322 -28.50 -26.78 -34.25
N THR F 323 -28.61 -28.02 -33.79
CA THR F 323 -29.91 -28.66 -33.61
C THR F 323 -30.00 -29.25 -32.20
N SER F 324 -28.87 -29.67 -31.65
CA SER F 324 -28.84 -30.22 -30.30
C SER F 324 -27.45 -29.97 -29.72
N SER F 325 -27.38 -29.93 -28.37
CA SER F 325 -26.13 -29.77 -27.66
C SER F 325 -26.02 -30.86 -26.60
N THR F 326 -25.45 -32.00 -27.00
CA THR F 326 -25.18 -33.12 -26.13
C THR F 326 -24.16 -34.01 -26.81
N LEU F 327 -23.21 -34.55 -26.03
CA LEU F 327 -22.14 -35.33 -26.62
C LEU F 327 -22.68 -36.50 -27.41
N THR F 328 -22.04 -36.77 -28.54
CA THR F 328 -22.34 -37.93 -29.37
C THR F 328 -21.08 -38.76 -29.58
N GLU F 329 -21.26 -40.06 -29.77
CA GLU F 329 -20.11 -40.96 -29.86
C GLU F 329 -19.13 -40.52 -30.94
N GLU F 330 -19.64 -39.93 -32.02
CA GLU F 330 -18.75 -39.47 -33.09
C GLU F 330 -17.77 -38.43 -32.56
N ASP F 331 -18.24 -37.50 -31.73
CA ASP F 331 -17.36 -36.49 -31.16
C ASP F 331 -16.26 -37.11 -30.31
N VAL F 332 -16.62 -38.10 -29.48
CA VAL F 332 -15.64 -38.71 -28.60
C VAL F 332 -14.60 -39.48 -29.41
N VAL F 333 -15.03 -40.25 -30.40
CA VAL F 333 -14.07 -41.02 -31.18
C VAL F 333 -13.19 -40.09 -32.01
N ALA F 334 -13.75 -39.00 -32.52
CA ALA F 334 -12.95 -38.01 -33.22
C ALA F 334 -11.92 -37.38 -32.29
N THR F 335 -12.32 -37.12 -31.04
CA THR F 335 -11.38 -36.57 -30.06
C THR F 335 -10.24 -37.54 -29.80
N ILE F 336 -10.54 -38.82 -29.66
CA ILE F 336 -9.50 -39.81 -29.42
C ILE F 336 -8.55 -39.88 -30.62
N GLU F 337 -9.11 -39.88 -31.83
CA GLU F 337 -8.26 -39.89 -33.02
C GLU F 337 -7.38 -38.65 -33.07
N TYR F 338 -7.96 -37.49 -32.75
CA TYR F 338 -7.20 -36.25 -32.73
C TYR F 338 -6.03 -36.35 -31.75
N LEU F 339 -6.30 -36.88 -30.55
CA LEU F 339 -5.24 -36.99 -29.55
C LEU F 339 -4.13 -37.91 -30.02
N VAL F 340 -4.49 -39.08 -30.54
CA VAL F 340 -3.45 -40.03 -30.94
C VAL F 340 -2.63 -39.47 -32.10
N ARG F 341 -3.29 -38.84 -33.08
CA ARG F 341 -2.55 -38.28 -34.21
C ARG F 341 -1.67 -37.13 -33.76
N LEU F 342 -2.14 -36.31 -32.81
CA LEU F 342 -1.31 -35.25 -32.27
C LEU F 342 -0.08 -35.83 -31.60
N HIS F 343 -0.24 -36.89 -30.82
CA HIS F 343 0.92 -37.50 -30.17
C HIS F 343 1.89 -38.08 -31.19
N GLU F 344 1.37 -38.68 -32.26
CA GLU F 344 2.23 -39.28 -33.27
C GLU F 344 3.15 -38.24 -33.91
N GLY F 345 2.59 -37.11 -34.32
CA GLY F 345 3.39 -36.05 -34.93
C GLY F 345 2.77 -35.46 -36.17
N GLN F 346 1.56 -35.90 -36.53
CA GLN F 346 0.90 -35.39 -37.70
C GLN F 346 0.48 -33.92 -37.49
N THR F 347 0.29 -33.21 -38.61
CA THR F 347 -0.06 -31.81 -38.56
C THR F 347 -1.40 -31.48 -39.23
N THR F 348 -2.14 -32.49 -39.70
CA THR F 348 -3.45 -32.26 -40.28
C THR F 348 -4.25 -33.54 -40.18
N MET F 349 -5.56 -33.39 -40.00
CA MET F 349 -6.44 -34.53 -39.77
C MET F 349 -7.74 -34.33 -40.54
N THR F 350 -8.34 -35.43 -40.94
CA THR F 350 -9.69 -35.43 -41.50
C THR F 350 -10.50 -36.54 -40.85
N VAL F 351 -11.71 -36.23 -40.44
CA VAL F 351 -12.62 -37.19 -39.84
C VAL F 351 -13.73 -37.48 -40.85
N PRO F 352 -14.13 -38.75 -41.03
CA PRO F 352 -15.13 -39.06 -42.06
C PRO F 352 -16.38 -38.18 -41.97
N GLY F 353 -16.81 -37.64 -43.11
CA GLY F 353 -17.95 -36.75 -43.12
C GLY F 353 -17.66 -35.36 -42.61
N GLY F 354 -16.39 -34.93 -42.62
CA GLY F 354 -16.03 -33.63 -42.14
C GLY F 354 -14.82 -33.08 -42.87
N VAL F 355 -14.63 -31.77 -42.74
CA VAL F 355 -13.49 -31.11 -43.39
C VAL F 355 -12.23 -31.35 -42.56
N GLU F 356 -11.08 -31.30 -43.22
CA GLU F 356 -9.82 -31.47 -42.52
C GLU F 356 -9.54 -30.25 -41.65
N VAL F 357 -8.93 -30.50 -40.49
CA VAL F 357 -8.58 -29.44 -39.55
C VAL F 357 -7.16 -29.65 -39.05
N PRO F 358 -6.38 -28.58 -38.85
CA PRO F 358 -5.01 -28.77 -38.37
C PRO F 358 -4.98 -29.39 -36.99
N VAL F 359 -3.90 -30.12 -36.70
CA VAL F 359 -3.71 -30.76 -35.41
C VAL F 359 -2.72 -29.93 -34.62
N GLU F 360 -3.17 -29.36 -33.51
CA GLU F 360 -2.33 -28.51 -32.68
C GLU F 360 -2.90 -28.47 -31.27
N THR F 361 -2.08 -27.98 -30.34
CA THR F 361 -2.52 -27.75 -28.98
C THR F 361 -3.29 -26.44 -28.89
N ASP F 362 -3.92 -26.22 -27.74
CA ASP F 362 -4.77 -25.05 -27.51
C ASP F 362 -4.24 -24.23 -26.34
N ASP F 363 -4.39 -22.91 -26.43
CA ASP F 363 -4.02 -21.99 -25.38
C ASP F 363 -5.29 -21.43 -24.73
N ILE F 364 -5.34 -21.46 -23.41
CA ILE F 364 -6.57 -21.10 -22.69
C ILE F 364 -6.57 -19.61 -22.37
N ASP F 365 -5.48 -18.91 -22.72
CA ASP F 365 -5.43 -17.46 -22.60
C ASP F 365 -5.76 -16.75 -23.90
N HIS F 366 -5.88 -17.46 -25.00
CA HIS F 366 -6.27 -16.85 -26.26
C HIS F 366 -7.67 -16.25 -26.12
N PHE F 367 -7.88 -15.12 -26.78
CA PHE F 367 -9.18 -14.48 -26.74
C PHE F 367 -10.19 -15.11 -27.69
N GLY F 368 -9.79 -16.17 -28.39
CA GLY F 368 -10.74 -16.99 -29.13
C GLY F 368 -11.25 -18.10 -28.25
N ASN F 369 -10.72 -18.20 -27.03
CA ASN F 369 -11.15 -19.19 -26.06
C ASN F 369 -11.71 -18.59 -24.78
N ARG F 370 -11.45 -17.33 -24.49
CA ARG F 370 -12.04 -16.63 -23.35
C ARG F 370 -13.26 -15.88 -23.85
N ARG F 371 -14.43 -16.34 -23.47
CA ARG F 371 -15.67 -15.68 -23.86
C ARG F 371 -16.13 -14.75 -22.75
N LEU F 372 -17.15 -13.95 -23.06
CA LEU F 372 -17.64 -12.90 -22.18
C LEU F 372 -19.09 -13.19 -21.83
N ARG F 373 -19.37 -13.36 -20.54
CA ARG F 373 -20.73 -13.43 -20.03
C ARG F 373 -21.17 -12.01 -19.67
N THR F 374 -22.16 -11.50 -20.40
CA THR F 374 -22.59 -10.12 -20.25
C THR F 374 -23.73 -10.03 -19.24
N VAL F 375 -24.33 -8.84 -19.09
CA VAL F 375 -25.38 -8.64 -18.09
C VAL F 375 -26.62 -9.46 -18.37
N GLY F 376 -26.84 -9.89 -19.61
CA GLY F 376 -28.03 -10.67 -19.92
C GLY F 376 -27.82 -12.14 -19.68
N GLU F 377 -26.66 -12.66 -20.08
CA GLU F 377 -26.34 -14.07 -19.90
C GLU F 377 -26.07 -14.42 -18.45
N LEU F 378 -25.76 -13.44 -17.60
CA LEU F 378 -25.63 -13.67 -16.17
C LEU F 378 -26.97 -13.72 -15.46
N ILE F 379 -27.92 -12.88 -15.87
CA ILE F 379 -29.27 -12.97 -15.35
C ILE F 379 -29.96 -14.23 -15.83
N GLN F 380 -29.62 -14.68 -17.04
CA GLN F 380 -30.25 -15.88 -17.58
C GLN F 380 -29.96 -17.10 -16.72
N ASN F 381 -28.72 -17.23 -16.22
CA ASN F 381 -28.40 -18.39 -15.38
C ASN F 381 -29.20 -18.40 -14.08
N GLN F 382 -29.35 -17.25 -13.43
CA GLN F 382 -30.16 -17.18 -12.22
C GLN F 382 -31.63 -17.46 -12.49
N ILE F 383 -32.18 -16.95 -13.59
CA ILE F 383 -33.54 -17.32 -13.93
C ILE F 383 -33.63 -18.81 -14.21
N ARG F 384 -32.58 -19.40 -14.79
CA ARG F 384 -32.58 -20.82 -15.06
C ARG F 384 -32.64 -21.64 -13.79
N VAL F 385 -31.84 -21.28 -12.78
CA VAL F 385 -31.87 -22.05 -11.53
C VAL F 385 -33.20 -21.84 -10.81
N GLY F 386 -33.74 -20.61 -10.87
CA GLY F 386 -35.06 -20.39 -10.30
C GLY F 386 -36.13 -21.24 -10.95
N MET F 387 -36.11 -21.31 -12.29
CA MET F 387 -37.07 -22.16 -12.98
C MET F 387 -36.83 -23.64 -12.69
N SER F 388 -35.58 -24.03 -12.46
CA SER F 388 -35.30 -25.41 -12.08
C SER F 388 -35.95 -25.75 -10.75
N ARG F 389 -35.82 -24.86 -9.77
CA ARG F 389 -36.48 -25.11 -8.48
C ARG F 389 -38.00 -25.10 -8.63
N MET F 390 -38.53 -24.20 -9.45
CA MET F 390 -39.96 -24.18 -9.70
C MET F 390 -40.41 -25.50 -10.33
N GLU F 391 -39.63 -26.03 -11.27
CA GLU F 391 -39.98 -27.29 -11.92
C GLU F 391 -39.95 -28.43 -10.91
N ARG F 392 -38.95 -28.44 -10.02
CA ARG F 392 -38.89 -29.48 -9.00
C ARG F 392 -40.14 -29.43 -8.12
N VAL F 393 -40.53 -28.23 -7.68
CA VAL F 393 -41.73 -28.11 -6.87
C VAL F 393 -42.96 -28.54 -7.66
N VAL F 394 -43.01 -28.19 -8.94
CA VAL F 394 -44.17 -28.55 -9.77
C VAL F 394 -44.30 -30.06 -9.88
N ARG F 395 -43.20 -30.76 -10.13
CA ARG F 395 -43.29 -32.21 -10.31
C ARG F 395 -43.37 -32.96 -8.99
N GLU F 396 -43.06 -32.33 -7.86
CA GLU F 396 -43.37 -32.93 -6.57
C GLU F 396 -44.83 -32.72 -6.19
N ARG F 397 -45.42 -31.57 -6.55
CA ARG F 397 -46.83 -31.31 -6.27
C ARG F 397 -47.76 -31.95 -7.29
N MET F 398 -47.25 -32.39 -8.43
CA MET F 398 -48.10 -33.01 -9.44
C MET F 398 -48.82 -34.22 -8.88
N THR F 399 -48.08 -35.14 -8.26
CA THR F 399 -48.68 -36.39 -7.80
C THR F 399 -49.62 -36.16 -6.62
N THR F 400 -49.19 -35.38 -5.63
CA THR F 400 -49.97 -35.23 -4.41
C THR F 400 -51.32 -34.60 -4.71
N GLN F 401 -51.36 -33.57 -5.56
CA GLN F 401 -52.63 -32.97 -5.94
C GLN F 401 -53.43 -33.95 -6.80
N ASP F 402 -54.72 -34.03 -6.53
CA ASP F 402 -55.59 -34.95 -7.24
C ASP F 402 -55.72 -34.55 -8.71
N VAL F 403 -55.81 -35.57 -9.56
CA VAL F 403 -56.00 -35.36 -10.99
C VAL F 403 -57.40 -34.81 -11.24
N GLU F 404 -57.64 -34.34 -12.45
CA GLU F 404 -58.92 -33.73 -12.85
C GLU F 404 -59.33 -32.62 -11.87
N ALA F 405 -58.39 -32.17 -11.05
CA ALA F 405 -58.56 -31.00 -10.19
C ALA F 405 -57.36 -30.07 -10.28
N ILE F 406 -56.59 -30.18 -11.35
CA ILE F 406 -55.34 -29.49 -11.51
C ILE F 406 -55.51 -28.36 -12.52
N THR F 407 -55.09 -27.17 -12.14
CA THR F 407 -55.07 -26.00 -13.02
C THR F 407 -53.69 -25.36 -12.89
N PRO F 408 -53.23 -24.66 -13.94
CA PRO F 408 -51.83 -24.20 -13.92
C PRO F 408 -51.51 -23.31 -12.72
N GLN F 409 -52.47 -22.51 -12.28
CA GLN F 409 -52.23 -21.64 -11.14
C GLN F 409 -51.82 -22.42 -9.92
N THR F 410 -52.36 -23.62 -9.73
CA THR F 410 -52.13 -24.37 -8.51
C THR F 410 -50.66 -24.80 -8.38
N LEU F 411 -50.06 -25.26 -9.49
CA LEU F 411 -48.76 -25.92 -9.43
C LEU F 411 -47.58 -24.95 -9.47
N ILE F 412 -47.79 -23.69 -9.85
CA ILE F 412 -46.70 -22.76 -10.06
C ILE F 412 -46.33 -22.12 -8.74
N ASN F 413 -45.14 -22.47 -8.23
CA ASN F 413 -44.59 -21.85 -7.03
C ASN F 413 -43.57 -20.80 -7.46
N ILE F 414 -43.93 -19.52 -7.33
CA ILE F 414 -43.11 -18.45 -7.87
C ILE F 414 -42.00 -18.01 -6.91
N ARG F 415 -42.10 -18.33 -5.64
CA ARG F 415 -41.14 -17.81 -4.67
C ARG F 415 -39.69 -18.12 -5.02
N PRO F 416 -39.31 -19.32 -5.46
CA PRO F 416 -37.89 -19.54 -5.80
C PRO F 416 -37.37 -18.60 -6.88
N VAL F 417 -38.17 -18.30 -7.90
CA VAL F 417 -37.69 -17.45 -8.99
C VAL F 417 -37.43 -16.03 -8.50
N VAL F 418 -38.39 -15.46 -7.76
CA VAL F 418 -38.20 -14.11 -7.24
C VAL F 418 -37.08 -14.09 -6.23
N ALA F 419 -36.92 -15.15 -5.44
CA ALA F 419 -35.81 -15.21 -4.50
C ALA F 419 -34.47 -15.19 -5.23
N ALA F 420 -34.35 -15.95 -6.32
CA ALA F 420 -33.11 -15.94 -7.09
C ALA F 420 -32.86 -14.57 -7.70
N ILE F 421 -33.89 -13.95 -8.29
CA ILE F 421 -33.71 -12.65 -8.91
C ILE F 421 -33.36 -11.59 -7.88
N LYS F 422 -33.90 -11.69 -6.67
CA LYS F 422 -33.61 -10.74 -5.61
C LYS F 422 -32.24 -10.95 -4.98
N GLU F 423 -31.78 -12.19 -4.84
CA GLU F 423 -30.46 -12.45 -4.29
C GLU F 423 -29.36 -12.25 -5.32
N PHE F 424 -29.69 -12.18 -6.61
CA PHE F 424 -28.66 -11.82 -7.57
C PHE F 424 -28.23 -10.37 -7.40
N PHE F 425 -29.16 -9.43 -7.48
CA PHE F 425 -28.77 -8.04 -7.35
C PHE F 425 -28.73 -7.58 -5.89
N GLY F 426 -28.19 -8.39 -4.98
CA GLY F 426 -27.78 -7.87 -3.69
C GLY F 426 -26.55 -8.49 -3.07
N THR F 427 -26.17 -9.68 -3.52
CA THR F 427 -25.15 -10.47 -2.85
C THR F 427 -24.22 -11.12 -3.87
N SER F 428 -23.81 -10.37 -4.88
CA SER F 428 -22.95 -10.92 -5.92
C SER F 428 -21.75 -10.00 -6.11
N GLN F 429 -20.63 -10.61 -6.48
CA GLN F 429 -19.41 -9.88 -6.80
C GLN F 429 -19.44 -9.27 -8.19
N LEU F 430 -20.42 -9.65 -9.01
CA LEU F 430 -20.59 -9.08 -10.34
C LEU F 430 -21.67 -8.02 -10.41
N SER F 431 -22.40 -7.78 -9.32
CA SER F 431 -23.36 -6.69 -9.22
C SER F 431 -22.87 -5.75 -8.14
N GLN F 432 -22.37 -4.59 -8.53
CA GLN F 432 -21.67 -3.69 -7.62
C GLN F 432 -22.30 -2.31 -7.66
N PHE F 433 -22.16 -1.59 -6.55
CA PHE F 433 -22.61 -0.21 -6.52
C PHE F 433 -21.91 0.59 -7.60
N MET F 434 -22.68 1.33 -8.38
CA MET F 434 -22.09 2.16 -9.42
C MET F 434 -21.10 3.14 -8.80
N ASP F 435 -19.92 3.21 -9.40
CA ASP F 435 -18.88 4.13 -8.95
C ASP F 435 -19.15 5.51 -9.53
N GLN F 436 -19.68 6.40 -8.70
CA GLN F 436 -20.15 7.71 -9.13
C GLN F 436 -19.27 8.81 -8.57
N ASN F 437 -17.95 8.60 -8.56
CA ASN F 437 -17.05 9.69 -8.18
C ASN F 437 -17.16 10.85 -9.16
N ASN F 438 -17.24 10.54 -10.45
CA ASN F 438 -17.47 11.53 -11.50
C ASN F 438 -17.91 10.78 -12.74
N PRO F 439 -18.38 11.48 -13.78
CA PRO F 439 -18.93 10.77 -14.94
C PRO F 439 -18.01 9.72 -15.52
N LEU F 440 -16.71 10.01 -15.58
CA LEU F 440 -15.78 9.04 -16.13
C LEU F 440 -15.70 7.78 -15.29
N SER F 441 -15.82 7.90 -13.96
CA SER F 441 -15.79 6.73 -13.11
C SER F 441 -16.91 5.77 -13.48
N GLY F 442 -18.14 6.27 -13.58
CA GLY F 442 -19.26 5.40 -13.95
C GLY F 442 -19.12 4.85 -15.36
N LEU F 443 -18.75 5.70 -16.31
CA LEU F 443 -18.62 5.24 -17.69
C LEU F 443 -17.60 4.12 -17.79
N THR F 444 -16.47 4.26 -17.10
CA THR F 444 -15.47 3.20 -17.10
C THR F 444 -15.95 1.98 -16.32
N HIS F 445 -16.76 2.16 -15.30
CA HIS F 445 -17.28 1.02 -14.55
C HIS F 445 -18.16 0.14 -15.42
N LYS F 446 -18.98 0.76 -16.27
CA LYS F 446 -19.90 -0.03 -17.09
C LYS F 446 -19.20 -0.82 -18.19
N ARG F 447 -17.98 -0.44 -18.59
CA ARG F 447 -17.24 -1.10 -19.66
C ARG F 447 -16.10 -1.95 -19.11
N ARG F 448 -16.32 -2.63 -17.99
CA ARG F 448 -15.27 -3.36 -17.30
C ARG F 448 -15.46 -4.86 -17.51
N LEU F 449 -14.35 -5.56 -17.71
CA LEU F 449 -14.33 -7.02 -17.84
C LEU F 449 -13.52 -7.56 -16.67
N SER F 450 -14.17 -8.27 -15.76
CA SER F 450 -13.52 -8.84 -14.59
C SER F 450 -13.35 -10.33 -14.79
N ALA F 451 -12.13 -10.81 -14.64
CA ALA F 451 -11.84 -12.24 -14.75
C ALA F 451 -12.17 -13.01 -13.48
N LEU F 452 -12.47 -12.32 -12.39
CA LEU F 452 -12.73 -12.95 -11.10
C LEU F 452 -14.20 -12.79 -10.74
N GLY F 453 -14.78 -13.84 -10.17
CA GLY F 453 -16.18 -13.85 -9.80
C GLY F 453 -16.67 -15.28 -9.66
N PRO F 454 -17.98 -15.45 -9.47
CA PRO F 454 -18.53 -16.81 -9.43
C PRO F 454 -18.34 -17.54 -10.75
N GLY F 455 -17.54 -18.60 -10.73
CA GLY F 455 -17.18 -19.29 -11.95
C GLY F 455 -15.85 -18.86 -12.53
N GLY F 456 -15.10 -18.01 -11.83
CA GLY F 456 -13.83 -17.53 -12.33
C GLY F 456 -12.74 -17.68 -11.28
N LEU F 457 -11.53 -17.31 -11.69
CA LEU F 457 -10.37 -17.48 -10.82
C LEU F 457 -10.48 -16.54 -9.61
N SER F 458 -9.50 -16.67 -8.71
CA SER F 458 -9.47 -15.92 -7.46
C SER F 458 -8.27 -15.01 -7.42
N ARG F 459 -8.37 -13.94 -6.63
CA ARG F 459 -7.33 -12.92 -6.58
C ARG F 459 -6.06 -13.41 -5.91
N GLU F 460 -6.16 -14.36 -4.98
CA GLU F 460 -5.01 -14.88 -4.25
C GLU F 460 -4.59 -16.25 -4.75
N ARG F 461 -5.06 -16.66 -5.92
CA ARG F 461 -4.79 -17.99 -6.43
C ARG F 461 -4.30 -17.97 -7.88
N ALA F 462 -4.40 -16.83 -8.55
CA ALA F 462 -4.04 -16.70 -9.96
C ALA F 462 -2.55 -16.45 -10.09
N GLY F 463 -1.92 -17.13 -11.05
CA GLY F 463 -0.51 -16.98 -11.31
C GLY F 463 -0.21 -15.84 -12.27
N LEU F 464 1.06 -15.76 -12.65
CA LEU F 464 1.53 -14.71 -13.53
C LEU F 464 1.26 -14.98 -15.01
N GLU F 465 0.83 -16.19 -15.36
CA GLU F 465 0.54 -16.50 -16.75
C GLU F 465 -0.84 -16.02 -17.19
N VAL F 466 -1.72 -15.67 -16.24
CA VAL F 466 -3.05 -15.16 -16.57
C VAL F 466 -3.15 -13.66 -16.38
N ARG F 467 -2.17 -13.03 -15.74
CA ARG F 467 -2.13 -11.60 -15.57
C ARG F 467 -1.41 -10.90 -16.72
N ASP F 468 -0.80 -11.64 -17.64
CA ASP F 468 -0.05 -11.03 -18.72
C ASP F 468 -0.98 -10.53 -19.81
N VAL F 469 -0.40 -9.79 -20.75
CA VAL F 469 -1.14 -9.21 -21.87
C VAL F 469 -0.88 -10.05 -23.11
N HIS F 470 -1.86 -10.88 -23.48
CA HIS F 470 -1.71 -11.74 -24.64
C HIS F 470 -1.73 -10.91 -25.93
N PRO F 471 -0.99 -11.34 -26.96
CA PRO F 471 -1.04 -10.60 -28.23
C PRO F 471 -2.37 -10.70 -28.97
N SER F 472 -3.36 -11.38 -28.41
CA SER F 472 -4.71 -11.39 -28.98
C SER F 472 -5.62 -10.32 -28.38
N HIS F 473 -5.10 -9.50 -27.47
CA HIS F 473 -5.87 -8.42 -26.89
C HIS F 473 -5.90 -7.17 -27.76
N TYR F 474 -5.14 -7.13 -28.84
CA TYR F 474 -5.02 -5.90 -29.62
C TYR F 474 -6.37 -5.51 -30.19
N GLY F 475 -6.94 -4.43 -29.66
CA GLY F 475 -8.20 -3.91 -30.12
C GLY F 475 -9.40 -4.44 -29.37
N ARG F 476 -9.22 -5.41 -28.48
CA ARG F 476 -10.32 -6.03 -27.74
C ARG F 476 -10.28 -5.76 -26.26
N MET F 477 -9.11 -5.50 -25.68
CA MET F 477 -9.00 -5.12 -24.28
C MET F 477 -7.77 -4.25 -24.10
N CYS F 478 -7.92 -3.11 -23.45
CA CYS F 478 -6.83 -2.16 -23.32
C CYS F 478 -5.69 -2.77 -22.52
N PRO F 479 -4.43 -2.67 -22.97
CA PRO F 479 -3.32 -3.21 -22.19
C PRO F 479 -2.82 -2.30 -21.09
N ILE F 480 -3.19 -1.01 -21.10
CA ILE F 480 -2.71 -0.05 -20.13
C ILE F 480 -3.59 -0.07 -18.90
N GLU F 481 -4.87 0.25 -19.07
CA GLU F 481 -5.78 0.44 -17.96
C GLU F 481 -5.99 -0.87 -17.21
N THR F 482 -5.67 -0.87 -15.93
CA THR F 482 -5.84 -2.04 -15.06
C THR F 482 -5.46 -1.63 -13.64
N PRO F 483 -6.01 -2.32 -12.63
CA PRO F 483 -5.68 -1.94 -11.25
C PRO F 483 -4.20 -2.11 -10.96
N GLU F 484 -3.70 -1.29 -10.04
CA GLU F 484 -2.30 -1.32 -9.65
C GLU F 484 -2.02 -2.29 -8.52
N GLY F 485 -3.01 -2.59 -7.69
CA GLY F 485 -2.80 -3.42 -6.51
C GLY F 485 -2.69 -4.89 -6.87
N PRO F 486 -3.19 -5.76 -5.99
CA PRO F 486 -3.13 -7.20 -6.27
C PRO F 486 -4.13 -7.69 -7.31
N ASN F 487 -4.97 -6.81 -7.86
CA ASN F 487 -5.90 -7.16 -8.92
C ASN F 487 -5.30 -6.97 -10.30
N ILE F 488 -4.03 -6.58 -10.40
CA ILE F 488 -3.44 -6.23 -11.67
C ILE F 488 -3.54 -7.42 -12.62
N GLY F 489 -4.15 -7.19 -13.78
CA GLY F 489 -4.27 -8.19 -14.81
C GLY F 489 -5.57 -8.97 -14.77
N LEU F 490 -6.27 -8.97 -13.64
CA LEU F 490 -7.53 -9.69 -13.52
C LEU F 490 -8.74 -8.86 -13.89
N ILE F 491 -8.59 -7.53 -13.94
CA ILE F 491 -9.67 -6.63 -14.31
C ILE F 491 -9.17 -5.73 -15.43
N GLY F 492 -9.95 -5.62 -16.50
CA GLY F 492 -9.56 -4.80 -17.63
C GLY F 492 -10.73 -4.03 -18.18
N SER F 493 -10.52 -3.25 -19.25
CA SER F 493 -11.58 -2.45 -19.82
C SER F 493 -11.68 -2.70 -21.31
N LEU F 494 -12.91 -2.80 -21.81
CA LEU F 494 -13.17 -3.01 -23.22
C LEU F 494 -12.66 -1.84 -24.03
N SER F 495 -12.11 -2.13 -25.20
CA SER F 495 -11.57 -1.07 -26.05
C SER F 495 -12.71 -0.28 -26.70
N VAL F 496 -12.34 0.79 -27.39
CA VAL F 496 -13.33 1.76 -27.85
C VAL F 496 -14.22 1.16 -28.93
N TYR F 497 -13.61 0.51 -29.93
CA TYR F 497 -14.36 0.04 -31.10
C TYR F 497 -14.87 -1.38 -30.96
N ALA F 498 -14.53 -2.08 -29.88
CA ALA F 498 -14.86 -3.48 -29.74
C ALA F 498 -16.36 -3.67 -29.52
N ARG F 499 -16.86 -4.81 -29.99
CA ARG F 499 -18.22 -5.25 -29.73
C ARG F 499 -18.19 -6.72 -29.35
N VAL F 500 -19.34 -7.24 -28.94
CA VAL F 500 -19.47 -8.64 -28.54
C VAL F 500 -20.47 -9.32 -29.48
N ASN F 501 -20.07 -10.43 -30.07
CA ASN F 501 -20.92 -11.19 -30.98
C ASN F 501 -21.84 -12.09 -30.18
N PRO F 502 -22.77 -12.78 -30.83
CA PRO F 502 -23.77 -13.57 -30.08
C PRO F 502 -23.17 -14.61 -29.15
N PHE F 503 -22.04 -15.21 -29.51
CA PHE F 503 -21.44 -16.24 -28.67
C PHE F 503 -20.62 -15.70 -27.52
N GLY F 504 -20.50 -14.38 -27.40
CA GLY F 504 -19.74 -13.77 -26.33
C GLY F 504 -18.29 -13.48 -26.65
N PHE F 505 -17.87 -13.64 -27.89
CA PHE F 505 -16.51 -13.38 -28.30
C PHE F 505 -16.38 -11.95 -28.82
N ILE F 506 -15.40 -11.23 -28.30
CA ILE F 506 -15.21 -9.83 -28.65
C ILE F 506 -14.68 -9.73 -30.08
N GLU F 507 -15.14 -8.72 -30.81
CA GLU F 507 -14.76 -8.51 -32.19
C GLU F 507 -14.16 -7.12 -32.34
N THR F 508 -13.46 -6.90 -33.44
CA THR F 508 -12.94 -5.58 -33.78
C THR F 508 -13.16 -5.31 -35.27
N PRO F 509 -13.35 -4.06 -35.65
CA PRO F 509 -13.51 -3.74 -37.08
C PRO F 509 -12.16 -3.56 -37.76
N TYR F 510 -12.05 -4.12 -38.96
CA TYR F 510 -10.88 -3.95 -39.80
C TYR F 510 -11.31 -3.51 -41.19
N ARG F 511 -10.50 -2.65 -41.79
CA ARG F 511 -10.74 -2.11 -43.11
C ARG F 511 -9.99 -2.97 -44.11
N LYS F 512 -10.71 -3.65 -44.99
CA LYS F 512 -10.10 -4.68 -45.84
C LYS F 512 -9.48 -4.05 -47.08
N VAL F 513 -8.27 -4.50 -47.41
CA VAL F 513 -7.53 -4.02 -48.57
C VAL F 513 -7.62 -5.07 -49.66
N VAL F 514 -7.99 -4.65 -50.87
CA VAL F 514 -8.15 -5.55 -52.00
C VAL F 514 -7.10 -5.19 -53.05
N ASP F 515 -6.20 -6.13 -53.33
CA ASP F 515 -5.18 -5.95 -54.36
C ASP F 515 -4.36 -4.69 -54.10
N GLY F 516 -4.07 -4.42 -52.83
CA GLY F 516 -3.32 -3.24 -52.48
C GLY F 516 -4.13 -1.96 -52.44
N VAL F 517 -5.43 -2.04 -52.64
CA VAL F 517 -6.33 -0.88 -52.62
C VAL F 517 -7.08 -0.92 -51.29
N VAL F 518 -6.85 0.07 -50.45
CA VAL F 518 -7.47 0.12 -49.12
C VAL F 518 -8.93 0.55 -49.29
N SER F 519 -9.84 -0.42 -49.24
CA SER F 519 -11.26 -0.13 -49.42
C SER F 519 -11.81 0.50 -48.14
N ASP F 520 -13.10 0.76 -48.11
CA ASP F 520 -13.80 1.22 -46.91
C ASP F 520 -14.79 0.19 -46.41
N GLU F 521 -14.60 -1.08 -46.79
CA GLU F 521 -15.46 -2.16 -46.34
C GLU F 521 -15.01 -2.63 -44.97
N ILE F 522 -15.72 -2.20 -43.94
CA ILE F 522 -15.40 -2.57 -42.57
C ILE F 522 -15.97 -3.96 -42.29
N VAL F 523 -15.12 -4.86 -41.82
CA VAL F 523 -15.52 -6.21 -41.47
C VAL F 523 -15.10 -6.48 -40.02
N TYR F 524 -16.01 -7.03 -39.24
CA TYR F 524 -15.74 -7.33 -37.84
C TYR F 524 -15.16 -8.73 -37.73
N LEU F 525 -13.98 -8.84 -37.13
CA LEU F 525 -13.27 -10.10 -37.00
C LEU F 525 -13.06 -10.42 -35.52
N THR F 526 -13.05 -11.71 -35.20
CA THR F 526 -12.67 -12.17 -33.88
C THR F 526 -11.22 -12.63 -33.88
N ALA F 527 -10.79 -13.21 -32.76
CA ALA F 527 -9.37 -13.50 -32.58
C ALA F 527 -8.84 -14.48 -33.63
N ASP F 528 -9.62 -15.51 -33.97
CA ASP F 528 -9.13 -16.54 -34.88
C ASP F 528 -9.01 -16.00 -36.31
N GLU F 529 -10.02 -15.28 -36.78
CA GLU F 529 -9.94 -14.71 -38.12
C GLU F 529 -8.76 -13.76 -38.23
N GLU F 530 -8.58 -12.90 -37.23
CA GLU F 530 -7.40 -12.03 -37.21
C GLU F 530 -6.13 -12.86 -37.21
N ASP F 531 -6.13 -14.01 -36.54
CA ASP F 531 -4.96 -14.87 -36.52
C ASP F 531 -4.62 -15.39 -37.90
N ARG F 532 -5.62 -15.77 -38.68
CA ARG F 532 -5.36 -16.35 -39.99
C ARG F 532 -4.75 -15.32 -40.95
N HIS F 533 -5.23 -14.08 -40.93
CA HIS F 533 -4.88 -13.10 -41.93
C HIS F 533 -3.67 -12.28 -41.50
N VAL F 534 -3.31 -11.29 -42.33
CA VAL F 534 -2.23 -10.35 -42.07
C VAL F 534 -2.81 -8.96 -41.97
N VAL F 535 -2.51 -8.26 -40.88
CA VAL F 535 -3.13 -6.99 -40.56
C VAL F 535 -2.05 -5.92 -40.49
N ALA F 536 -2.27 -4.80 -41.20
CA ALA F 536 -1.32 -3.71 -41.23
C ALA F 536 -1.67 -2.70 -40.13
N GLN F 537 -1.04 -1.52 -40.17
CA GLN F 537 -1.24 -0.49 -39.18
C GLN F 537 -2.10 0.64 -39.75
N ALA F 538 -2.82 1.33 -38.87
CA ALA F 538 -3.64 2.45 -39.29
C ALA F 538 -2.79 3.62 -39.74
N ASN F 539 -1.76 3.95 -38.98
CA ASN F 539 -0.87 5.07 -39.32
C ASN F 539 0.17 4.63 -40.34
N SER F 540 -0.31 4.40 -41.55
CA SER F 540 0.52 4.01 -42.68
C SER F 540 0.35 5.00 -43.83
N PRO F 541 1.34 5.11 -44.71
CA PRO F 541 1.28 6.16 -45.77
C PRO F 541 0.30 5.85 -46.89
N ILE F 542 -0.98 6.17 -46.65
CA ILE F 542 -1.96 6.11 -47.72
C ILE F 542 -1.78 7.30 -48.64
N ASP F 543 -1.86 7.06 -49.95
CA ASP F 543 -1.49 8.03 -50.97
C ASP F 543 -2.69 8.66 -51.64
N ALA F 544 -3.77 8.90 -50.90
CA ALA F 544 -5.00 9.54 -51.39
C ALA F 544 -5.74 8.69 -52.41
N ASP F 545 -5.26 7.49 -52.72
CA ASP F 545 -6.01 6.56 -53.57
C ASP F 545 -6.01 5.16 -52.97
N GLY F 546 -5.81 5.03 -51.66
CA GLY F 546 -5.80 3.74 -51.01
C GLY F 546 -4.64 2.86 -51.45
N ARG F 547 -3.44 3.42 -51.54
CA ARG F 547 -2.27 2.64 -51.92
C ARG F 547 -1.07 3.11 -51.11
N PHE F 548 -0.38 2.15 -50.50
CA PHE F 548 0.73 2.49 -49.61
C PHE F 548 1.88 3.10 -50.40
N VAL F 549 2.58 4.05 -49.78
CA VAL F 549 3.66 4.75 -50.46
C VAL F 549 4.81 3.79 -50.78
N GLU F 550 5.24 3.03 -49.80
CA GLU F 550 6.32 2.06 -49.95
C GLU F 550 5.81 0.65 -49.75
N PRO F 551 6.48 -0.36 -50.34
CA PRO F 551 5.97 -1.73 -50.25
C PRO F 551 6.10 -2.36 -48.87
N ARG F 552 7.07 -1.95 -48.07
CA ARG F 552 7.35 -2.59 -46.79
C ARG F 552 6.62 -1.84 -45.68
N VAL F 553 5.71 -2.53 -45.00
CA VAL F 553 4.91 -1.96 -43.93
C VAL F 553 4.82 -2.96 -42.79
N LEU F 554 4.92 -2.47 -41.57
CA LEU F 554 4.80 -3.32 -40.41
C LEU F 554 3.43 -3.98 -40.37
N VAL F 555 3.41 -5.29 -40.11
CA VAL F 555 2.18 -6.06 -40.04
C VAL F 555 2.26 -7.01 -38.84
N ARG F 556 1.12 -7.65 -38.54
CA ARG F 556 1.03 -8.63 -37.46
C ARG F 556 0.71 -9.99 -38.06
N ARG F 557 1.55 -10.97 -37.77
CA ARG F 557 1.42 -12.30 -38.37
C ARG F 557 0.56 -13.19 -37.45
N LYS F 558 0.55 -14.48 -37.74
CA LYS F 558 -0.41 -15.38 -37.09
C LYS F 558 -0.33 -15.27 -35.58
N ALA F 559 0.85 -15.56 -35.01
CA ALA F 559 1.02 -15.65 -33.56
C ALA F 559 1.28 -14.30 -32.92
N GLY F 560 0.90 -13.21 -33.58
CA GLY F 560 1.22 -11.90 -33.07
C GLY F 560 2.61 -11.42 -33.38
N GLU F 561 3.36 -12.14 -34.21
CA GLU F 561 4.68 -11.67 -34.62
C GLU F 561 4.56 -10.42 -35.47
N VAL F 562 5.53 -9.52 -35.33
CA VAL F 562 5.58 -8.27 -36.08
C VAL F 562 6.69 -8.38 -37.12
N GLU F 563 6.38 -8.03 -38.37
CA GLU F 563 7.34 -8.18 -39.45
C GLU F 563 7.10 -7.07 -40.48
N TYR F 564 7.98 -7.02 -41.48
CA TYR F 564 7.84 -6.15 -42.65
C TYR F 564 7.43 -7.02 -43.82
N VAL F 565 6.25 -6.76 -44.37
CA VAL F 565 5.74 -7.52 -45.51
C VAL F 565 5.58 -6.59 -46.69
N PRO F 566 5.98 -6.99 -47.90
CA PRO F 566 5.70 -6.15 -49.07
C PRO F 566 4.21 -5.88 -49.20
N SER F 567 3.87 -4.65 -49.61
CA SER F 567 2.48 -4.20 -49.60
C SER F 567 1.69 -4.86 -50.73
N SER F 568 1.67 -6.18 -50.69
CA SER F 568 0.83 -6.99 -51.58
C SER F 568 0.15 -8.14 -50.88
N GLU F 569 0.67 -8.62 -49.74
CA GLU F 569 0.05 -9.71 -49.01
C GLU F 569 -0.88 -9.22 -47.90
N VAL F 570 -0.91 -7.92 -47.63
CA VAL F 570 -1.75 -7.40 -46.56
C VAL F 570 -3.21 -7.68 -46.89
N ASP F 571 -3.96 -8.16 -45.90
CA ASP F 571 -5.38 -8.46 -46.04
C ASP F 571 -6.27 -7.42 -45.39
N TYR F 572 -5.79 -6.74 -44.35
CA TYR F 572 -6.62 -5.82 -43.58
C TYR F 572 -5.75 -4.73 -42.97
N MET F 573 -6.40 -3.67 -42.50
CA MET F 573 -5.75 -2.59 -41.78
C MET F 573 -6.65 -2.16 -40.64
N ASP F 574 -6.05 -1.56 -39.61
CA ASP F 574 -6.83 -1.04 -38.51
C ASP F 574 -7.65 0.16 -38.97
N VAL F 575 -8.87 0.28 -38.44
CA VAL F 575 -9.70 1.41 -38.82
C VAL F 575 -9.05 2.73 -38.39
N SER F 576 -8.25 2.70 -37.34
CA SER F 576 -7.57 3.92 -36.90
C SER F 576 -6.54 3.59 -35.83
N PRO F 577 -5.63 4.51 -35.52
CA PRO F 577 -4.94 4.44 -34.23
C PRO F 577 -5.96 4.65 -33.14
N ARG F 578 -5.59 4.61 -31.87
CA ARG F 578 -6.57 4.80 -30.80
C ARG F 578 -7.63 3.70 -30.81
N GLN F 579 -7.34 2.58 -31.47
CA GLN F 579 -8.22 1.43 -31.49
C GLN F 579 -7.91 0.44 -30.38
N MET F 580 -6.66 0.39 -29.92
CA MET F 580 -6.23 -0.51 -28.88
C MET F 580 -6.44 0.06 -27.47
N VAL F 581 -6.82 1.32 -27.35
CA VAL F 581 -6.92 1.98 -26.06
C VAL F 581 -8.38 2.16 -25.70
N SER F 582 -8.66 2.25 -24.40
CA SER F 582 -10.00 2.38 -23.87
C SER F 582 -10.39 3.86 -23.79
N VAL F 583 -11.53 4.13 -23.14
CA VAL F 583 -12.01 5.50 -23.04
C VAL F 583 -11.11 6.32 -22.11
N ALA F 584 -10.76 5.78 -20.96
CA ALA F 584 -9.93 6.53 -20.01
C ALA F 584 -8.55 6.81 -20.57
N THR F 585 -7.94 5.83 -21.24
CA THR F 585 -6.60 6.01 -21.80
C THR F 585 -6.59 6.80 -23.09
N ALA F 586 -7.75 7.05 -23.68
CA ALA F 586 -7.83 7.85 -24.88
C ALA F 586 -7.88 9.34 -24.59
N MET F 587 -7.89 9.73 -23.32
CA MET F 587 -7.95 11.12 -22.91
C MET F 587 -6.64 11.63 -22.32
N ILE F 588 -5.53 10.93 -22.57
CA ILE F 588 -4.21 11.37 -22.14
C ILE F 588 -3.48 11.91 -23.36
N PRO F 589 -3.28 13.23 -23.48
CA PRO F 589 -2.54 13.74 -24.64
C PRO F 589 -1.09 13.31 -24.58
N PHE F 590 -0.49 13.13 -25.75
CA PHE F 590 0.91 12.69 -25.86
C PHE F 590 1.12 11.39 -25.08
N LEU F 591 0.33 10.38 -25.42
CA LEU F 591 0.46 9.09 -24.74
C LEU F 591 1.66 8.32 -25.24
N GLU F 592 2.02 8.47 -26.51
CA GLU F 592 3.14 7.73 -27.07
C GLU F 592 4.48 8.20 -26.53
N HIS F 593 4.52 9.30 -25.77
CA HIS F 593 5.75 9.77 -25.15
C HIS F 593 5.84 9.39 -23.67
N ASP F 594 4.88 8.62 -23.15
CA ASP F 594 4.89 8.17 -21.76
C ASP F 594 5.12 6.68 -21.70
N ASP F 595 5.83 6.24 -20.67
CA ASP F 595 6.01 4.82 -20.43
C ASP F 595 4.70 4.20 -19.96
N ALA F 596 4.59 2.88 -20.13
CA ALA F 596 3.34 2.20 -19.77
C ALA F 596 3.06 2.28 -18.28
N ASN F 597 4.09 2.23 -17.44
CA ASN F 597 3.87 2.27 -15.99
C ASN F 597 3.20 3.57 -15.59
N ARG F 598 3.64 4.69 -16.15
CA ARG F 598 3.07 5.98 -15.81
C ARG F 598 1.73 6.22 -16.51
N ALA F 599 1.58 5.74 -17.74
CA ALA F 599 0.29 5.86 -18.40
C ALA F 599 -0.80 5.10 -17.66
N LEU F 600 -0.46 3.92 -17.13
CA LEU F 600 -1.44 3.17 -16.35
C LEU F 600 -1.92 3.97 -15.14
N MET F 601 -0.97 4.56 -14.40
CA MET F 601 -1.34 5.37 -13.24
C MET F 601 -2.16 6.58 -13.66
N GLY F 602 -1.75 7.27 -14.73
CA GLY F 602 -2.48 8.43 -15.18
C GLY F 602 -3.90 8.10 -15.58
N ALA F 603 -4.11 6.92 -16.18
CA ALA F 603 -5.46 6.52 -16.55
C ALA F 603 -6.28 6.13 -15.33
N ASN F 604 -5.65 5.48 -14.35
CA ASN F 604 -6.39 5.06 -13.16
C ASN F 604 -6.71 6.23 -12.24
N MET F 605 -5.97 7.33 -12.35
CA MET F 605 -6.17 8.48 -11.48
C MET F 605 -7.09 9.54 -12.07
N GLN F 606 -7.52 9.37 -13.32
CA GLN F 606 -8.53 10.27 -13.87
C GLN F 606 -9.92 9.96 -13.38
N ARG F 607 -10.13 8.79 -12.81
CA ARG F 607 -11.43 8.40 -12.28
C ARG F 607 -11.50 8.54 -10.77
N GLN F 608 -10.54 9.23 -10.15
CA GLN F 608 -10.60 9.61 -8.75
C GLN F 608 -10.79 11.11 -8.56
N ALA F 609 -10.64 11.90 -9.61
CA ALA F 609 -10.79 13.34 -9.49
C ALA F 609 -12.18 13.70 -8.98
N VAL F 610 -12.24 14.66 -8.08
CA VAL F 610 -13.52 15.09 -7.49
C VAL F 610 -14.11 16.20 -8.34
N PRO F 611 -15.43 16.26 -8.51
CA PRO F 611 -16.02 17.41 -9.22
C PRO F 611 -15.89 18.69 -8.40
N LEU F 612 -15.45 19.75 -9.07
CA LEU F 612 -15.24 21.05 -8.44
C LEU F 612 -16.48 21.92 -8.65
N VAL F 613 -16.52 23.03 -7.90
CA VAL F 613 -17.68 23.92 -7.97
C VAL F 613 -17.84 24.49 -9.37
N ARG F 614 -16.75 24.97 -9.95
CA ARG F 614 -16.75 25.52 -11.30
C ARG F 614 -15.77 24.74 -12.16
N SER F 615 -16.20 24.37 -13.36
CA SER F 615 -15.45 23.47 -14.23
C SER F 615 -14.83 24.24 -15.38
N GLU F 616 -13.72 23.69 -15.91
CA GLU F 616 -12.96 24.33 -16.98
C GLU F 616 -12.39 23.24 -17.87
N ALA F 617 -12.73 23.28 -19.16
CA ALA F 617 -12.23 22.28 -20.09
C ALA F 617 -10.76 22.54 -20.41
N PRO F 618 -9.99 21.48 -20.69
CA PRO F 618 -8.55 21.64 -20.91
C PRO F 618 -8.26 22.46 -22.16
N LEU F 619 -7.14 23.18 -22.12
CA LEU F 619 -6.67 23.88 -23.31
C LEU F 619 -6.15 22.89 -24.34
N VAL F 620 -5.53 21.81 -23.90
CA VAL F 620 -4.99 20.78 -24.77
C VAL F 620 -5.64 19.47 -24.37
N GLY F 621 -6.50 18.93 -25.24
CA GLY F 621 -7.17 17.68 -25.02
C GLY F 621 -6.86 16.65 -26.07
N THR F 622 -7.80 15.75 -26.30
CA THR F 622 -7.66 14.74 -27.34
C THR F 622 -8.93 14.51 -28.14
N GLY F 623 -9.97 15.31 -27.94
CA GLY F 623 -11.19 15.17 -28.70
C GLY F 623 -12.11 14.06 -28.24
N MET F 624 -11.66 13.24 -27.28
CA MET F 624 -12.49 12.20 -26.71
C MET F 624 -13.38 12.71 -25.58
N GLU F 625 -13.13 13.93 -25.08
CA GLU F 625 -13.89 14.42 -23.95
C GLU F 625 -15.37 14.57 -24.28
N LEU F 626 -15.69 15.10 -25.45
CA LEU F 626 -17.08 15.36 -25.80
C LEU F 626 -17.88 14.06 -25.86
N ARG F 627 -17.34 13.07 -26.56
CA ARG F 627 -18.06 11.81 -26.73
C ARG F 627 -18.24 11.11 -25.39
N ALA F 628 -17.19 11.09 -24.56
CA ALA F 628 -17.29 10.46 -23.25
C ALA F 628 -18.31 11.17 -22.37
N ALA F 629 -18.33 12.50 -22.40
CA ALA F 629 -19.32 13.24 -21.62
C ALA F 629 -20.74 12.94 -22.08
N ILE F 630 -20.96 12.90 -23.40
CA ILE F 630 -22.31 12.67 -23.90
C ILE F 630 -22.77 11.25 -23.63
N ASP F 631 -21.89 10.26 -23.81
CA ASP F 631 -22.29 8.87 -23.61
C ASP F 631 -22.27 8.45 -22.15
N ALA F 632 -21.65 9.24 -21.26
CA ALA F 632 -21.72 8.93 -19.83
C ALA F 632 -23.14 9.09 -19.31
N GLY F 633 -23.88 10.06 -19.84
CA GLY F 633 -25.24 10.29 -19.44
C GLY F 633 -25.44 11.29 -18.33
N ASP F 634 -24.41 12.05 -17.97
CA ASP F 634 -24.50 13.04 -16.91
C ASP F 634 -24.90 14.42 -17.41
N VAL F 635 -25.18 14.56 -18.70
CA VAL F 635 -25.67 15.81 -19.26
C VAL F 635 -27.11 15.61 -19.72
N VAL F 636 -27.80 16.71 -19.95
CA VAL F 636 -29.16 16.70 -20.48
C VAL F 636 -29.09 17.04 -21.95
N VAL F 637 -29.64 16.18 -22.79
CA VAL F 637 -29.56 16.30 -24.24
C VAL F 637 -30.96 16.60 -24.77
N ALA F 638 -31.08 17.62 -25.61
CA ALA F 638 -32.37 17.95 -26.19
C ALA F 638 -32.90 16.76 -26.97
N GLU F 639 -33.99 16.17 -26.47
CA GLU F 639 -34.53 14.97 -27.10
C GLU F 639 -35.06 15.26 -28.49
N GLU F 640 -35.75 16.39 -28.66
CA GLU F 640 -36.27 16.80 -29.97
C GLU F 640 -35.98 18.28 -30.19
N SER F 641 -35.73 18.64 -31.43
CA SER F 641 -35.37 20.01 -31.76
C SER F 641 -36.53 20.96 -31.47
N GLY F 642 -36.20 22.18 -31.09
CA GLY F 642 -37.20 23.17 -30.77
C GLY F 642 -36.57 24.48 -30.38
N VAL F 643 -37.37 25.34 -29.76
CA VAL F 643 -36.93 26.65 -29.30
C VAL F 643 -37.18 26.74 -27.81
N ILE F 644 -36.23 27.32 -27.09
CA ILE F 644 -36.32 27.41 -25.63
C ILE F 644 -37.37 28.44 -25.24
N GLU F 645 -38.24 28.08 -24.30
CA GLU F 645 -39.26 28.98 -23.77
C GLU F 645 -38.85 29.62 -22.45
N GLU F 646 -38.56 28.79 -21.44
CA GLU F 646 -38.17 29.28 -20.13
C GLU F 646 -36.89 28.57 -19.69
N VAL F 647 -35.99 29.32 -19.06
CA VAL F 647 -34.78 28.77 -18.48
C VAL F 647 -34.66 29.27 -17.05
N SER F 648 -34.34 28.34 -16.15
CA SER F 648 -34.13 28.66 -14.74
C SER F 648 -33.20 27.61 -14.18
N ALA F 649 -32.67 27.88 -12.99
CA ALA F 649 -31.76 26.93 -12.36
C ALA F 649 -32.43 25.59 -12.08
N ASP F 650 -33.76 25.53 -12.10
CA ASP F 650 -34.50 24.32 -11.78
C ASP F 650 -34.98 23.56 -13.00
N TYR F 651 -35.33 24.22 -14.09
CA TYR F 651 -35.96 23.54 -15.21
C TYR F 651 -35.67 24.29 -16.50
N ILE F 652 -35.87 23.59 -17.61
CA ILE F 652 -35.80 24.15 -18.96
C ILE F 652 -37.05 23.72 -19.71
N THR F 653 -37.74 24.67 -20.34
CA THR F 653 -38.93 24.38 -21.13
C THR F 653 -38.61 24.57 -22.59
N VAL F 654 -38.85 23.54 -23.40
CA VAL F 654 -38.56 23.54 -24.82
C VAL F 654 -39.87 23.41 -25.58
N MET F 655 -40.09 24.31 -26.54
CA MET F 655 -41.30 24.33 -27.36
C MET F 655 -40.97 23.66 -28.69
N HIS F 656 -41.43 22.43 -28.86
CA HIS F 656 -41.16 21.70 -30.10
C HIS F 656 -41.88 22.36 -31.27
N ASP F 657 -41.42 22.03 -32.47
CA ASP F 657 -41.96 22.67 -33.67
C ASP F 657 -43.45 22.41 -33.85
N ASN F 658 -43.98 21.34 -33.27
CA ASN F 658 -45.38 20.97 -33.45
C ASN F 658 -46.05 20.94 -32.08
N GLY F 659 -46.41 22.11 -31.58
CA GLY F 659 -47.29 22.21 -30.43
C GLY F 659 -46.68 21.78 -29.11
N THR F 660 -46.19 20.54 -29.07
CA THR F 660 -45.82 19.92 -27.80
C THR F 660 -44.73 20.72 -27.10
N ARG F 661 -44.77 20.69 -25.77
CA ARG F 661 -43.76 21.33 -24.93
C ARG F 661 -43.21 20.29 -23.96
N ARG F 662 -41.90 20.37 -23.71
CA ARG F 662 -41.23 19.42 -22.84
C ARG F 662 -40.41 20.15 -21.80
N THR F 663 -40.56 19.74 -20.54
CA THR F 663 -39.87 20.36 -19.42
C THR F 663 -38.84 19.39 -18.87
N TYR F 664 -37.57 19.81 -18.87
CA TYR F 664 -36.48 19.03 -18.30
C TYR F 664 -36.18 19.59 -16.91
N ARG F 665 -36.21 18.72 -15.91
CA ARG F 665 -35.86 19.07 -14.55
C ARG F 665 -34.37 18.83 -14.31
N MET F 666 -33.82 19.54 -13.32
CA MET F 666 -32.40 19.51 -13.04
C MET F 666 -32.13 18.88 -11.67
N ARG F 667 -31.00 18.21 -11.56
CA ARG F 667 -30.54 17.65 -10.29
C ARG F 667 -29.64 18.69 -9.62
N LYS F 668 -30.15 19.32 -8.56
CA LYS F 668 -29.43 20.37 -7.87
C LYS F 668 -28.90 19.81 -6.55
N PHE F 669 -27.58 19.85 -6.39
CA PHE F 669 -26.90 19.46 -5.16
C PHE F 669 -27.40 18.10 -4.68
N ALA F 670 -27.27 17.11 -5.55
CA ALA F 670 -27.66 15.74 -5.26
C ALA F 670 -26.42 14.92 -4.93
N ARG F 671 -26.52 14.09 -3.90
CA ARG F 671 -25.40 13.26 -3.47
C ARG F 671 -25.26 12.06 -4.39
N SER F 672 -24.01 11.66 -4.65
CA SER F 672 -23.71 10.48 -5.43
C SER F 672 -23.29 9.34 -4.50
N ASN F 673 -23.04 8.17 -5.09
CA ASN F 673 -22.73 7.01 -4.28
C ASN F 673 -21.49 7.19 -3.42
N HIS F 674 -20.58 8.08 -3.81
CA HIS F 674 -19.33 8.29 -3.09
C HIS F 674 -19.28 9.64 -2.38
N GLY F 675 -20.42 10.29 -2.20
CA GLY F 675 -20.50 11.46 -1.35
C GLY F 675 -20.08 12.76 -1.98
N THR F 676 -20.11 12.87 -3.30
CA THR F 676 -19.77 14.09 -4.00
C THR F 676 -21.05 14.80 -4.43
N CYS F 677 -20.88 15.91 -5.13
CA CYS F 677 -22.01 16.69 -5.63
C CYS F 677 -22.35 16.28 -7.05
N ALA F 678 -23.62 16.46 -7.42
CA ALA F 678 -24.15 16.07 -8.72
C ALA F 678 -24.97 17.19 -9.33
N ASN F 679 -24.42 18.40 -9.32
CA ASN F 679 -25.11 19.57 -9.82
C ASN F 679 -25.42 19.44 -11.31
N GLN F 680 -26.41 20.21 -11.76
CA GLN F 680 -26.68 20.38 -13.18
C GLN F 680 -27.15 21.82 -13.39
N CYS F 681 -26.66 22.45 -14.45
CA CYS F 681 -26.98 23.84 -14.72
C CYS F 681 -27.21 24.06 -16.21
N PRO F 682 -28.25 24.80 -16.59
CA PRO F 682 -28.51 25.01 -18.01
C PRO F 682 -27.44 25.86 -18.67
N ILE F 683 -27.23 25.64 -19.96
CA ILE F 683 -26.27 26.41 -20.74
C ILE F 683 -26.94 26.98 -21.98
N VAL F 684 -28.25 27.22 -21.91
CA VAL F 684 -29.00 27.78 -23.01
C VAL F 684 -29.80 28.97 -22.51
N ASP F 685 -30.11 29.89 -23.42
CA ASP F 685 -30.84 31.10 -23.12
C ASP F 685 -32.31 30.92 -23.49
N ALA F 686 -33.12 31.93 -23.15
CA ALA F 686 -34.56 31.84 -23.36
C ALA F 686 -34.96 31.98 -24.82
N GLY F 687 -34.03 32.34 -25.71
CA GLY F 687 -34.37 32.54 -27.10
C GLY F 687 -33.67 31.60 -28.05
N ASP F 688 -32.65 30.90 -27.56
CA ASP F 688 -31.84 30.04 -28.41
C ASP F 688 -32.68 28.91 -28.99
N ARG F 689 -32.29 28.45 -30.18
CA ARG F 689 -32.92 27.31 -30.83
C ARG F 689 -32.02 26.09 -30.68
N VAL F 690 -32.56 25.02 -30.12
CA VAL F 690 -31.79 23.81 -29.88
C VAL F 690 -32.14 22.79 -30.96
N GLU F 691 -31.26 21.81 -31.12
CA GLU F 691 -31.41 20.77 -32.13
C GLU F 691 -31.29 19.41 -31.47
N ALA F 692 -31.96 18.42 -32.04
CA ALA F 692 -31.98 17.10 -31.47
C ALA F 692 -30.57 16.57 -31.27
N GLY F 693 -30.29 16.07 -30.08
CA GLY F 693 -28.97 15.60 -29.73
C GLY F 693 -28.03 16.64 -29.17
N GLN F 694 -28.47 17.89 -29.05
CA GLN F 694 -27.63 18.97 -28.55
C GLN F 694 -27.60 18.96 -27.03
N VAL F 695 -26.46 19.33 -26.46
CA VAL F 695 -26.34 19.41 -25.01
C VAL F 695 -27.07 20.65 -24.52
N ILE F 696 -27.92 20.47 -23.52
CA ILE F 696 -28.79 21.53 -23.03
C ILE F 696 -28.52 21.87 -21.57
N ALA F 697 -27.72 21.08 -20.87
CA ALA F 697 -27.38 21.35 -19.48
C ALA F 697 -26.12 20.58 -19.12
N ASP F 698 -25.20 21.26 -18.44
CA ASP F 698 -23.95 20.63 -18.03
C ASP F 698 -24.21 19.63 -16.92
N GLY F 699 -23.13 19.02 -16.44
CA GLY F 699 -23.20 18.05 -15.37
C GLY F 699 -22.11 18.29 -14.34
N PRO F 700 -21.79 17.26 -13.56
CA PRO F 700 -20.78 17.43 -12.51
C PRO F 700 -19.44 17.92 -13.01
N CYS F 701 -18.84 17.21 -13.96
CA CYS F 701 -17.49 17.51 -14.40
C CYS F 701 -17.43 17.85 -15.88
N THR F 702 -18.38 18.65 -16.37
CA THR F 702 -18.42 19.03 -17.78
C THR F 702 -18.38 20.55 -17.90
N ASP F 703 -17.80 21.01 -19.01
CA ASP F 703 -17.70 22.44 -19.33
C ASP F 703 -18.19 22.63 -20.75
N ASP F 704 -19.48 22.90 -20.91
CA ASP F 704 -20.11 23.09 -22.21
C ASP F 704 -20.23 21.76 -22.97
N GLY F 705 -20.35 20.65 -22.24
CA GLY F 705 -20.50 19.35 -22.83
C GLY F 705 -19.25 18.50 -22.85
N GLU F 706 -18.08 19.09 -22.59
CA GLU F 706 -16.82 18.35 -22.61
C GLU F 706 -16.37 18.06 -21.19
N MET F 707 -15.82 16.86 -20.99
CA MET F 707 -15.33 16.48 -19.67
C MET F 707 -14.27 17.47 -19.20
N ALA F 708 -14.39 17.90 -17.95
CA ALA F 708 -13.46 18.84 -17.34
C ALA F 708 -13.24 18.38 -15.90
N LEU F 709 -12.18 17.60 -15.69
CA LEU F 709 -11.92 17.01 -14.39
C LEU F 709 -11.06 17.88 -13.49
N GLY F 710 -10.36 18.86 -14.05
CA GLY F 710 -9.44 19.68 -13.29
C GLY F 710 -9.32 21.10 -13.81
N LYS F 711 -8.18 21.75 -13.58
CA LYS F 711 -7.99 23.13 -13.98
C LYS F 711 -6.64 23.29 -14.65
N ASN F 712 -6.53 24.33 -15.49
CA ASN F 712 -5.29 24.71 -16.13
C ASN F 712 -4.55 25.69 -15.22
N LEU F 713 -3.33 25.32 -14.83
CA LEU F 713 -2.53 26.11 -13.90
C LEU F 713 -1.19 26.45 -14.54
N LEU F 714 -0.70 27.65 -14.23
CA LEU F 714 0.61 28.07 -14.71
C LEU F 714 1.70 27.44 -13.84
N VAL F 715 2.57 26.66 -14.46
CA VAL F 715 3.49 25.79 -13.75
C VAL F 715 4.92 26.09 -14.17
N ALA F 716 5.82 26.02 -13.19
CA ALA F 716 7.26 26.08 -13.39
C ALA F 716 7.86 24.75 -12.98
N ILE F 717 9.01 24.41 -13.57
CA ILE F 717 9.58 23.07 -13.46
C ILE F 717 10.91 23.14 -12.73
N MET F 718 11.02 24.02 -11.77
CA MET F 718 12.26 24.18 -11.02
C MET F 718 12.15 23.54 -9.65
N PRO F 719 13.28 23.13 -9.06
CA PRO F 719 13.28 22.79 -7.63
C PRO F 719 13.39 24.05 -6.80
N TRP F 720 12.60 24.13 -5.72
CA TRP F 720 12.42 25.37 -4.97
C TRP F 720 12.57 25.11 -3.48
N GLU F 721 13.76 25.39 -2.95
CA GLU F 721 14.03 25.42 -1.50
C GLU F 721 13.75 24.08 -0.83
N GLY F 722 13.52 23.02 -1.60
CA GLY F 722 13.29 21.72 -1.01
C GLY F 722 11.87 21.46 -0.53
N HIS F 723 10.94 22.37 -0.80
CA HIS F 723 9.56 22.14 -0.43
C HIS F 723 8.86 21.21 -1.41
N ASN F 724 9.23 21.25 -2.68
CA ASN F 724 8.78 20.26 -3.65
C ASN F 724 9.84 19.15 -3.79
N TYR F 725 10.13 18.53 -2.66
CA TYR F 725 11.16 17.51 -2.55
C TYR F 725 10.50 16.13 -2.44
N GLU F 726 10.94 15.20 -3.28
CA GLU F 726 10.50 13.81 -3.20
C GLU F 726 8.99 13.69 -3.45
N ASP F 727 8.55 14.20 -4.60
CA ASP F 727 7.19 14.09 -5.11
C ASP F 727 6.20 15.07 -4.48
N ALA F 728 6.64 16.00 -3.64
CA ALA F 728 5.73 16.98 -3.09
C ALA F 728 5.47 18.09 -4.10
N ILE F 729 4.54 18.97 -3.76
CA ILE F 729 4.09 20.04 -4.65
C ILE F 729 4.00 21.33 -3.86
N ILE F 730 4.13 22.45 -4.58
CA ILE F 730 3.95 23.78 -4.01
C ILE F 730 2.85 24.48 -4.80
N LEU F 731 1.90 25.06 -4.09
CA LEU F 731 0.80 25.80 -4.70
C LEU F 731 0.86 27.26 -4.29
N SER F 732 0.24 28.10 -5.11
CA SER F 732 0.05 29.50 -4.75
C SER F 732 -1.14 29.63 -3.81
N ASN F 733 -1.18 30.74 -3.07
CA ASN F 733 -2.34 31.01 -2.23
C ASN F 733 -3.52 31.52 -3.03
N ARG F 734 -3.29 32.03 -4.25
CA ARG F 734 -4.39 32.45 -5.10
C ARG F 734 -5.41 31.34 -5.26
N LEU F 735 -4.94 30.10 -5.47
CA LEU F 735 -5.84 28.98 -5.69
C LEU F 735 -6.76 28.73 -4.49
N VAL F 736 -6.44 29.27 -3.32
CA VAL F 736 -7.33 29.20 -2.16
C VAL F 736 -8.21 30.44 -2.09
N GLU F 737 -7.66 31.61 -2.40
CA GLU F 737 -8.45 32.84 -2.32
C GLU F 737 -9.57 32.84 -3.35
N GLU F 738 -9.30 32.34 -4.55
CA GLU F 738 -10.25 32.39 -5.65
C GLU F 738 -11.08 31.11 -5.78
N ASP F 739 -10.95 30.18 -4.83
CA ASP F 739 -11.73 28.94 -4.83
C ASP F 739 -11.60 28.21 -6.17
N VAL F 740 -10.36 28.13 -6.64
CA VAL F 740 -10.10 27.43 -7.90
C VAL F 740 -10.32 25.93 -7.74
N LEU F 741 -9.84 25.36 -6.64
CA LEU F 741 -9.91 23.92 -6.39
C LEU F 741 -10.78 23.61 -5.17
N THR F 742 -11.90 24.30 -5.05
CA THR F 742 -12.86 24.05 -3.98
C THR F 742 -13.91 23.05 -4.47
N SER F 743 -14.38 22.20 -3.55
CA SER F 743 -15.34 21.16 -3.88
C SER F 743 -16.41 21.09 -2.80
N ILE F 744 -17.53 20.44 -3.13
CA ILE F 744 -18.65 20.27 -2.23
C ILE F 744 -18.87 18.80 -2.00
N HIS F 745 -19.01 18.40 -0.72
CA HIS F 745 -19.23 17.02 -0.34
C HIS F 745 -20.50 16.94 0.47
N ILE F 746 -21.26 15.85 0.32
CA ILE F 746 -22.55 15.68 0.98
C ILE F 746 -22.55 14.34 1.68
N GLU F 747 -23.03 14.33 2.92
CA GLU F 747 -23.13 13.14 3.75
C GLU F 747 -24.58 12.88 4.10
N GLU F 748 -24.94 11.61 4.20
CA GLU F 748 -26.33 11.19 4.41
C GLU F 748 -26.42 10.40 5.71
N HIS F 749 -27.42 10.71 6.53
CA HIS F 749 -27.67 10.02 7.78
C HIS F 749 -29.12 9.54 7.81
N GLU F 750 -29.34 8.35 8.34
CA GLU F 750 -30.67 7.74 8.35
C GLU F 750 -31.01 7.21 9.74
N ILE F 751 -32.31 7.21 10.04
CA ILE F 751 -32.84 6.58 11.23
C ILE F 751 -34.30 6.24 10.97
N ASP F 752 -34.78 5.16 11.60
CA ASP F 752 -36.11 4.66 11.34
C ASP F 752 -36.78 4.27 12.66
N ALA F 753 -38.12 4.27 12.64
CA ALA F 753 -38.92 3.85 13.77
C ALA F 753 -39.51 2.48 13.49
N ARG F 754 -39.32 1.56 14.43
CA ARG F 754 -39.69 0.16 14.24
C ARG F 754 -40.56 -0.30 15.41
N ASP F 755 -41.52 -1.18 15.11
CA ASP F 755 -42.48 -1.63 16.10
C ASP F 755 -41.81 -2.28 17.29
N THR F 756 -41.14 -3.41 17.09
CA THR F 756 -40.59 -4.20 18.18
C THR F 756 -41.71 -4.88 18.95
N LYS F 757 -41.39 -5.96 19.67
CA LYS F 757 -42.42 -6.66 20.44
C LYS F 757 -43.00 -5.76 21.51
N LEU F 758 -42.15 -4.99 22.18
CA LEU F 758 -42.64 -4.04 23.17
C LEU F 758 -43.51 -2.98 22.52
N GLY F 759 -43.12 -2.49 21.35
CA GLY F 759 -43.96 -1.67 20.52
C GLY F 759 -43.68 -0.18 20.68
N ALA F 760 -44.18 0.59 19.72
CA ALA F 760 -44.25 2.05 19.82
C ALA F 760 -42.87 2.69 19.94
N GLU F 761 -42.10 2.61 18.87
CA GLU F 761 -40.95 3.49 18.72
C GLU F 761 -41.39 4.85 18.20
N GLU F 762 -40.89 5.91 18.82
CA GLU F 762 -41.39 7.26 18.58
C GLU F 762 -40.25 8.21 18.24
N ILE F 763 -40.55 9.19 17.39
CA ILE F 763 -39.63 10.25 17.04
C ILE F 763 -40.22 11.55 17.58
N THR F 764 -39.57 12.15 18.56
CA THR F 764 -40.18 13.27 19.28
C THR F 764 -39.09 14.10 19.93
N ARG F 765 -39.48 15.31 20.36
CA ARG F 765 -38.58 16.17 21.11
C ARG F 765 -38.41 15.71 22.56
N ASP F 766 -39.42 15.04 23.12
CA ASP F 766 -39.37 14.63 24.51
C ASP F 766 -38.39 13.49 24.71
N ILE F 767 -37.18 13.80 25.10
CA ILE F 767 -36.10 12.83 25.29
C ILE F 767 -35.68 12.86 26.75
N PRO F 768 -35.61 11.72 27.43
CA PRO F 768 -35.21 11.74 28.85
C PRO F 768 -33.75 12.14 29.01
N ASN F 769 -33.46 12.76 30.15
CA ASN F 769 -32.09 13.09 30.56
C ASN F 769 -31.41 14.08 29.63
N ILE F 770 -32.19 14.86 28.87
CA ILE F 770 -31.67 15.83 27.92
C ILE F 770 -32.18 17.21 28.32
N SER F 771 -31.27 18.18 28.36
CA SER F 771 -31.63 19.54 28.74
C SER F 771 -32.27 20.26 27.56
N ASP F 772 -32.48 21.57 27.69
CA ASP F 772 -33.10 22.35 26.63
C ASP F 772 -32.09 23.00 25.71
N GLU F 773 -30.90 23.36 26.22
CA GLU F 773 -29.89 23.96 25.38
C GLU F 773 -29.46 23.03 24.25
N VAL F 774 -29.63 21.73 24.44
CA VAL F 774 -29.30 20.75 23.41
C VAL F 774 -30.54 20.37 22.60
N LEU F 775 -31.67 21.06 22.82
CA LEU F 775 -32.88 20.86 22.03
C LEU F 775 -33.35 22.19 21.43
N ALA F 776 -32.40 23.04 21.03
CA ALA F 776 -32.73 24.34 20.48
C ALA F 776 -32.92 24.28 18.97
N ASP F 777 -32.10 23.50 18.25
CA ASP F 777 -32.22 23.40 16.81
C ASP F 777 -33.39 22.51 16.39
N LEU F 778 -33.70 21.47 17.15
CA LEU F 778 -34.76 20.55 16.76
C LEU F 778 -36.09 21.30 16.64
N ASP F 779 -36.84 20.99 15.59
CA ASP F 779 -38.11 21.65 15.33
C ASP F 779 -39.21 20.95 16.12
N GLU F 780 -40.47 21.29 15.83
CA GLU F 780 -41.57 20.92 16.70
C GLU F 780 -41.77 19.40 16.79
N ARG F 781 -41.21 18.61 15.87
CA ARG F 781 -41.44 17.17 15.87
C ARG F 781 -40.13 16.41 15.68
N GLY F 782 -39.10 16.79 16.43
CA GLY F 782 -37.84 16.08 16.32
C GLY F 782 -36.86 16.74 15.38
N ILE F 783 -36.88 16.30 14.12
CA ILE F 783 -35.80 16.52 13.16
C ILE F 783 -35.29 17.96 13.19
N VAL F 784 -33.98 18.13 13.00
CA VAL F 784 -33.35 19.45 13.04
C VAL F 784 -33.92 20.33 11.92
N ARG F 785 -33.71 21.64 12.07
CA ARG F 785 -34.15 22.60 11.08
C ARG F 785 -33.15 22.69 9.93
N ILE F 786 -33.68 23.01 8.74
CA ILE F 786 -32.82 23.16 7.57
C ILE F 786 -32.03 24.45 7.67
N GLY F 787 -30.78 24.40 7.24
CA GLY F 787 -29.89 25.55 7.31
C GLY F 787 -29.14 25.68 8.62
N ALA F 788 -29.39 24.81 9.57
CA ALA F 788 -28.71 24.87 10.87
C ALA F 788 -27.40 24.10 10.80
N GLU F 789 -26.30 24.79 11.14
CA GLU F 789 -24.99 24.16 11.14
C GLU F 789 -24.85 23.26 12.36
N VAL F 790 -24.20 22.11 12.16
CA VAL F 790 -24.09 21.09 13.19
C VAL F 790 -22.62 20.79 13.44
N ARG F 791 -22.35 20.26 14.63
CA ARG F 791 -21.01 19.84 15.04
C ARG F 791 -21.08 18.40 15.55
N ASP F 792 -19.93 17.75 15.61
CA ASP F 792 -19.88 16.36 16.04
C ASP F 792 -20.52 16.22 17.42
N GLY F 793 -21.40 15.23 17.56
CA GLY F 793 -22.08 14.96 18.80
C GLY F 793 -23.50 15.49 18.89
N ASP F 794 -23.86 16.43 18.03
CA ASP F 794 -25.22 16.99 18.06
C ASP F 794 -26.25 15.93 17.73
N ILE F 795 -27.52 16.27 17.97
CA ILE F 795 -28.64 15.40 17.66
C ILE F 795 -29.29 15.87 16.37
N LEU F 796 -29.52 14.94 15.44
CA LEU F 796 -30.21 15.23 14.20
C LEU F 796 -31.68 14.84 14.22
N VAL F 797 -32.01 13.66 14.75
CA VAL F 797 -33.38 13.19 14.88
C VAL F 797 -33.56 12.63 16.27
N GLY F 798 -34.51 13.18 17.02
CA GLY F 798 -34.79 12.69 18.36
C GLY F 798 -35.68 11.47 18.30
N LYS F 799 -35.30 10.42 19.02
CA LYS F 799 -36.00 9.15 18.93
C LYS F 799 -35.84 8.39 20.23
N VAL F 800 -36.92 7.74 20.68
CA VAL F 800 -36.94 7.01 21.93
C VAL F 800 -37.65 5.67 21.72
N THR F 801 -37.13 4.63 22.35
CA THR F 801 -37.63 3.27 22.25
C THR F 801 -37.96 2.73 23.64
N PRO F 802 -38.89 1.78 23.75
CA PRO F 802 -39.27 1.30 25.08
C PRO F 802 -38.08 0.76 25.84
N LYS F 803 -38.02 1.09 27.13
CA LYS F 803 -36.92 0.65 27.98
C LYS F 803 -36.98 -0.84 28.27
N GLY F 804 -38.08 -1.51 27.92
CA GLY F 804 -38.19 -2.92 28.24
C GLY F 804 -38.21 -3.15 29.74
N GLU F 805 -37.66 -4.28 30.15
CA GLU F 805 -37.57 -4.64 31.57
C GLU F 805 -38.93 -4.52 32.24
N THR F 806 -39.97 -5.01 31.55
CA THR F 806 -41.31 -5.02 32.11
C THR F 806 -41.28 -5.82 33.42
N GLU F 807 -41.44 -5.13 34.55
CA GLU F 807 -41.30 -5.76 35.86
C GLU F 807 -42.57 -5.55 36.66
N LEU F 808 -43.08 -6.62 37.25
CA LEU F 808 -44.37 -6.60 37.95
C LEU F 808 -44.13 -6.28 39.42
N THR F 809 -43.58 -5.09 39.66
CA THR F 809 -43.37 -4.64 41.03
C THR F 809 -44.73 -4.41 41.69
N PRO F 810 -44.98 -4.94 42.89
CA PRO F 810 -46.32 -4.87 43.47
C PRO F 810 -46.92 -3.47 43.48
N GLU F 811 -46.24 -2.52 44.14
CA GLU F 811 -46.80 -1.18 44.27
C GLU F 811 -46.91 -0.51 42.92
N GLU F 812 -45.88 -0.63 42.07
CA GLU F 812 -45.93 0.01 40.76
C GLU F 812 -46.91 -0.67 39.83
N ARG F 813 -46.88 -2.00 39.77
CA ARG F 813 -47.74 -2.72 38.84
C ARG F 813 -49.21 -2.50 39.17
N LEU F 814 -49.57 -2.55 40.44
CA LEU F 814 -50.96 -2.34 40.82
C LEU F 814 -51.43 -0.92 40.48
N LEU F 815 -50.50 0.04 40.45
CA LEU F 815 -50.87 1.40 40.06
C LEU F 815 -51.15 1.48 38.57
N ARG F 816 -50.33 0.83 37.75
CA ARG F 816 -50.55 0.87 36.31
C ARG F 816 -51.86 0.20 35.93
N ALA F 817 -52.18 -0.92 36.57
CA ALA F 817 -53.33 -1.72 36.17
C ALA F 817 -54.64 -0.98 36.39
N ILE F 818 -54.91 -0.59 37.63
CA ILE F 818 -56.22 -0.05 38.01
C ILE F 818 -56.15 1.45 38.25
N PHE F 819 -55.15 1.92 39.00
CA PHE F 819 -55.05 3.36 39.27
C PHE F 819 -54.83 4.14 37.98
N GLY F 820 -53.99 3.64 37.09
CA GLY F 820 -53.76 4.26 35.81
C GLY F 820 -52.37 4.82 35.58
N GLU F 821 -51.40 4.45 36.40
CA GLU F 821 -50.04 4.95 36.21
C GLU F 821 -49.49 4.47 34.87
N LYS F 822 -48.87 5.40 34.13
CA LYS F 822 -48.28 5.06 32.84
C LYS F 822 -46.92 4.40 33.03
N ALA F 823 -46.47 3.72 31.97
CA ALA F 823 -45.16 3.07 32.00
C ALA F 823 -44.04 4.10 31.92
N ARG F 824 -44.03 4.90 30.85
CA ARG F 824 -43.00 5.92 30.66
C ARG F 824 -41.60 5.29 30.71
N GLU F 825 -41.48 4.10 30.14
CA GLU F 825 -40.19 3.43 30.02
C GLU F 825 -39.63 3.76 28.65
N VAL F 826 -38.63 4.63 28.61
CA VAL F 826 -38.08 5.15 27.37
C VAL F 826 -36.57 5.05 27.42
N ARG F 827 -35.94 4.91 26.25
CA ARG F 827 -34.49 4.84 26.14
C ARG F 827 -34.12 5.55 24.84
N ASP F 828 -33.58 6.75 24.95
CA ASP F 828 -33.38 7.61 23.78
C ASP F 828 -32.26 7.05 22.92
N THR F 829 -32.63 6.36 21.84
CA THR F 829 -31.67 5.92 20.83
C THR F 829 -31.68 6.92 19.67
N SER F 830 -31.27 8.15 19.98
CA SER F 830 -31.32 9.25 19.04
C SER F 830 -30.29 9.07 17.93
N LEU F 831 -30.47 9.85 16.87
CA LEU F 831 -29.49 9.93 15.78
C LEU F 831 -28.54 11.09 16.06
N LYS F 832 -27.26 10.80 16.16
CA LYS F 832 -26.24 11.80 16.44
C LYS F 832 -25.26 11.87 15.28
N VAL F 833 -24.81 13.09 14.98
CA VAL F 833 -23.82 13.24 13.91
C VAL F 833 -22.49 12.67 14.38
N PRO F 834 -21.87 11.73 13.65
CA PRO F 834 -20.72 11.00 14.20
C PRO F 834 -19.48 11.86 14.35
N HIS F 835 -18.39 11.25 14.79
CA HIS F 835 -17.17 11.98 15.07
C HIS F 835 -16.55 12.53 13.79
N GLY F 836 -16.01 13.74 13.89
CA GLY F 836 -15.34 14.36 12.76
C GLY F 836 -16.24 14.72 11.60
N GLU F 837 -17.40 15.31 11.86
CA GLU F 837 -18.30 15.75 10.80
C GLU F 837 -19.00 17.03 11.22
N SER F 838 -19.45 17.80 10.23
CA SER F 838 -20.12 19.07 10.44
C SER F 838 -20.68 19.53 9.10
N GLY F 839 -21.26 20.72 9.08
CA GLY F 839 -21.76 21.32 7.85
C GLY F 839 -23.24 21.62 7.93
N LYS F 840 -23.68 22.47 7.01
CA LYS F 840 -25.07 22.88 6.96
C LYS F 840 -25.96 21.67 6.65
N VAL F 841 -27.19 21.73 7.16
CA VAL F 841 -28.23 20.75 6.83
C VAL F 841 -29.00 21.31 5.65
N ILE F 842 -28.95 20.63 4.52
CA ILE F 842 -29.49 21.15 3.28
C ILE F 842 -30.79 20.45 2.92
N GLY F 843 -30.98 19.23 3.41
CA GLY F 843 -32.15 18.46 3.02
C GLY F 843 -32.60 17.52 4.10
N ILE F 844 -33.92 17.45 4.28
CA ILE F 844 -34.56 16.54 5.21
C ILE F 844 -35.67 15.83 4.47
N ARG F 845 -35.60 14.51 4.37
CA ARG F 845 -36.61 13.70 3.69
C ARG F 845 -37.19 12.74 4.72
N VAL F 846 -38.46 12.94 5.07
CA VAL F 846 -39.12 12.17 6.12
C VAL F 846 -40.27 11.40 5.48
N PHE F 847 -40.27 10.09 5.68
CA PHE F 847 -41.37 9.22 5.29
C PHE F 847 -42.28 8.97 6.48
N SER F 848 -43.31 8.16 6.25
CA SER F 848 -44.25 7.86 7.32
C SER F 848 -45.21 6.77 6.85
N ARG F 849 -45.66 5.97 7.82
CA ARG F 849 -46.70 4.98 7.52
C ARG F 849 -48.07 5.63 7.38
N GLU F 850 -48.25 6.81 7.97
CA GLU F 850 -49.54 7.48 7.90
C GLU F 850 -49.94 7.78 6.46
N ASP F 851 -49.00 8.26 5.64
CA ASP F 851 -49.27 8.63 4.27
C ASP F 851 -49.11 7.46 3.30
N GLU F 852 -49.32 6.24 3.78
CA GLU F 852 -49.27 5.02 2.97
C GLU F 852 -48.06 5.02 2.03
N ASP F 853 -46.90 5.36 2.59
CA ASP F 853 -45.64 5.20 1.87
C ASP F 853 -45.14 3.76 2.03
N GLU F 854 -44.45 3.28 1.01
CA GLU F 854 -43.98 1.90 1.01
C GLU F 854 -42.64 1.82 1.75
N LEU F 855 -42.64 1.13 2.87
CA LEU F 855 -41.47 0.95 3.72
C LEU F 855 -41.25 -0.54 3.99
N PRO F 856 -40.04 -0.93 4.39
CA PRO F 856 -39.83 -2.32 4.79
C PRO F 856 -40.73 -2.71 5.95
N ALA F 857 -41.11 -3.99 5.98
CA ALA F 857 -42.07 -4.45 6.97
C ALA F 857 -41.60 -4.16 8.38
N GLY F 858 -42.53 -3.70 9.22
CA GLY F 858 -42.25 -3.40 10.61
C GLY F 858 -41.69 -2.01 10.87
N VAL F 859 -41.57 -1.17 9.85
CA VAL F 859 -41.04 0.18 9.99
C VAL F 859 -42.20 1.16 9.87
N ASN F 860 -42.31 2.07 10.84
CA ASN F 860 -43.38 3.05 10.87
C ASN F 860 -42.98 4.39 10.30
N GLU F 861 -41.69 4.73 10.37
CA GLU F 861 -41.21 6.02 9.89
C GLU F 861 -39.76 5.88 9.47
N LEU F 862 -39.32 6.80 8.61
CA LEU F 862 -37.96 6.77 8.07
C LEU F 862 -37.55 8.20 7.77
N VAL F 863 -36.48 8.67 8.42
CA VAL F 863 -36.02 10.04 8.30
C VAL F 863 -34.60 10.02 7.76
N ARG F 864 -34.30 10.95 6.85
CA ARG F 864 -33.00 11.03 6.19
C ARG F 864 -32.55 12.48 6.15
N VAL F 865 -31.33 12.73 6.61
CA VAL F 865 -30.80 14.08 6.77
C VAL F 865 -29.51 14.19 5.97
N TYR F 866 -29.37 15.28 5.20
CA TYR F 866 -28.20 15.52 4.37
C TYR F 866 -27.42 16.70 4.94
N VAL F 867 -26.12 16.53 5.08
CA VAL F 867 -25.21 17.55 5.62
C VAL F 867 -24.14 17.83 4.58
N ALA F 868 -23.97 19.10 4.23
CA ALA F 868 -23.09 19.49 3.14
C ALA F 868 -21.92 20.31 3.66
N GLN F 869 -20.73 20.06 3.12
CA GLN F 869 -19.52 20.77 3.46
C GLN F 869 -18.85 21.28 2.19
N LYS F 870 -18.17 22.42 2.30
CA LYS F 870 -17.43 23.00 1.19
C LYS F 870 -15.96 23.01 1.56
N ARG F 871 -15.18 22.16 0.92
CA ARG F 871 -13.77 21.95 1.26
C ARG F 871 -12.88 22.67 0.26
N LYS F 872 -11.89 23.39 0.78
CA LYS F 872 -10.86 24.00 -0.04
C LYS F 872 -9.63 23.11 -0.08
N ILE F 873 -8.65 23.49 -0.89
CA ILE F 873 -7.40 22.76 -1.01
C ILE F 873 -6.49 23.16 0.13
N SER F 874 -5.79 22.18 0.72
CA SER F 874 -4.95 22.43 1.87
C SER F 874 -3.77 21.48 1.85
N ASP F 875 -2.78 21.78 2.68
CA ASP F 875 -1.57 20.96 2.74
C ASP F 875 -1.92 19.51 2.99
N GLY F 876 -1.32 18.61 2.21
CA GLY F 876 -1.57 17.20 2.32
C GLY F 876 -2.62 16.67 1.37
N ASP F 877 -3.44 17.53 0.78
CA ASP F 877 -4.38 17.09 -0.24
C ASP F 877 -3.60 16.62 -1.46
N LYS F 878 -4.13 15.58 -2.10
CA LYS F 878 -3.43 14.89 -3.18
C LYS F 878 -3.87 15.47 -4.53
N LEU F 879 -2.89 15.92 -5.30
CA LEU F 879 -3.11 16.44 -6.64
C LEU F 879 -2.54 15.47 -7.67
N ALA F 880 -2.83 15.73 -8.94
CA ALA F 880 -2.35 14.83 -9.98
C ALA F 880 -2.62 15.44 -11.34
N GLY F 881 -1.77 15.08 -12.31
CA GLY F 881 -2.02 15.37 -13.70
C GLY F 881 -2.53 14.15 -14.44
N ARG F 882 -2.51 14.24 -15.76
CA ARG F 882 -2.99 13.18 -16.63
C ARG F 882 -1.88 12.21 -17.03
N HIS F 883 -0.66 12.40 -16.54
CA HIS F 883 0.48 11.59 -16.94
C HIS F 883 1.08 10.83 -15.77
N GLY F 884 0.30 10.59 -14.73
CA GLY F 884 0.79 9.86 -13.58
C GLY F 884 1.74 10.64 -12.69
N ASN F 885 1.68 11.96 -12.74
CA ASN F 885 2.52 12.80 -11.89
C ASN F 885 1.72 13.26 -10.69
N LYS F 886 1.54 12.35 -9.74
CA LYS F 886 0.80 12.63 -8.51
C LYS F 886 1.73 13.24 -7.47
N GLY F 887 1.17 13.52 -6.29
CA GLY F 887 1.94 14.05 -5.19
C GLY F 887 1.15 14.97 -4.30
N VAL F 888 1.35 14.87 -3.00
CA VAL F 888 0.60 15.68 -2.05
C VAL F 888 1.14 17.11 -2.06
N ILE F 889 0.34 18.03 -1.54
CA ILE F 889 0.70 19.45 -1.54
C ILE F 889 1.63 19.72 -0.36
N GLY F 890 2.89 20.01 -0.65
CA GLY F 890 3.86 20.27 0.38
C GLY F 890 3.68 21.58 1.11
N LYS F 891 3.42 22.65 0.36
CA LYS F 891 3.26 23.97 0.95
C LYS F 891 2.33 24.80 0.08
N ILE F 892 1.77 25.84 0.69
CA ILE F 892 0.92 26.82 0.00
C ILE F 892 1.48 28.19 0.33
N LEU F 893 2.26 28.75 -0.57
CA LEU F 893 2.94 30.01 -0.34
C LEU F 893 2.00 31.19 -0.61
N PRO F 894 2.22 32.32 0.05
CA PRO F 894 1.48 33.53 -0.31
C PRO F 894 1.85 34.01 -1.70
N VAL F 895 0.96 34.79 -2.29
CA VAL F 895 1.12 35.20 -3.69
C VAL F 895 2.40 35.99 -3.91
N GLU F 896 2.88 36.74 -2.91
CA GLU F 896 3.99 37.66 -3.16
C GLU F 896 5.31 36.93 -3.31
N ASP F 897 5.54 35.88 -2.52
CA ASP F 897 6.82 35.16 -2.55
C ASP F 897 6.68 33.89 -3.39
N MET F 898 6.39 34.10 -4.66
CA MET F 898 6.39 33.04 -5.67
C MET F 898 7.12 33.54 -6.90
N PRO F 899 7.83 32.66 -7.60
CA PRO F 899 8.53 33.12 -8.81
C PRO F 899 7.53 33.72 -9.80
N PHE F 900 7.82 34.93 -10.25
CA PHE F 900 6.92 35.64 -11.13
C PHE F 900 7.63 36.05 -12.42
N LEU F 901 6.89 36.06 -13.51
CA LEU F 901 7.43 36.38 -14.81
C LEU F 901 7.83 37.85 -14.86
N ALA F 902 8.38 38.26 -16.01
CA ALA F 902 8.86 39.62 -16.16
C ALA F 902 7.73 40.65 -16.04
N ASP F 903 6.50 40.28 -16.34
CA ASP F 903 5.37 41.20 -16.27
C ASP F 903 4.68 41.17 -14.91
N GLY F 904 5.19 40.42 -13.95
CA GLY F 904 4.64 40.40 -12.62
C GLY F 904 3.61 39.31 -12.36
N THR F 905 3.52 38.31 -13.22
CA THR F 905 2.54 37.24 -13.05
C THR F 905 3.13 36.13 -12.19
N PRO F 906 2.61 35.86 -11.01
CA PRO F 906 3.10 34.71 -10.24
C PRO F 906 2.68 33.40 -10.86
N VAL F 907 3.48 32.37 -10.62
CA VAL F 907 3.14 31.03 -11.08
C VAL F 907 2.20 30.39 -10.07
N ASP F 908 1.36 29.47 -10.54
CA ASP F 908 0.35 28.86 -9.70
C ASP F 908 0.85 27.61 -8.99
N ILE F 909 1.71 26.83 -9.63
CA ILE F 909 2.21 25.58 -9.06
C ILE F 909 3.65 25.40 -9.49
N ILE F 910 4.43 24.73 -8.65
CA ILE F 910 5.83 24.45 -8.92
C ILE F 910 6.03 22.93 -8.82
N LEU F 911 6.64 22.35 -9.84
CA LEU F 911 6.91 20.92 -9.88
C LEU F 911 8.41 20.68 -9.93
N ASN F 912 8.84 19.57 -9.34
CA ASN F 912 10.26 19.29 -9.20
C ASN F 912 10.82 18.67 -10.47
N THR F 913 12.07 19.03 -10.78
CA THR F 913 12.70 18.57 -12.01
C THR F 913 13.13 17.11 -11.93
N HIS F 914 13.54 16.64 -10.76
CA HIS F 914 14.17 15.33 -10.65
C HIS F 914 13.21 14.18 -10.90
N GLY F 915 11.91 14.42 -10.86
CA GLY F 915 10.96 13.33 -11.05
C GLY F 915 10.62 13.07 -12.50
N VAL F 916 10.88 14.02 -13.38
CA VAL F 916 10.45 13.92 -14.77
C VAL F 916 11.34 12.95 -15.56
N PRO F 917 12.65 13.18 -15.63
CA PRO F 917 13.46 12.34 -16.53
C PRO F 917 13.58 10.88 -16.08
N ARG F 918 13.49 10.62 -14.79
CA ARG F 918 13.68 9.27 -14.27
C ARG F 918 12.46 8.37 -14.49
N ARG F 919 11.26 8.91 -14.41
CA ARG F 919 10.04 8.12 -14.54
C ARG F 919 9.58 7.94 -15.98
N MET F 920 10.18 8.65 -16.93
CA MET F 920 9.92 8.43 -18.35
C MET F 920 8.48 8.80 -18.72
N ASN F 921 8.05 9.97 -18.25
CA ASN F 921 6.76 10.53 -18.61
C ASN F 921 6.95 11.94 -19.17
N ILE F 922 7.89 12.08 -20.09
CA ILE F 922 8.25 13.37 -20.66
C ILE F 922 7.04 14.01 -21.33
N GLY F 923 6.00 13.22 -21.58
CA GLY F 923 4.83 13.76 -22.23
C GLY F 923 4.30 15.00 -21.54
N GLN F 924 4.30 15.02 -20.20
CA GLN F 924 3.81 16.19 -19.49
C GLN F 924 4.52 17.45 -19.95
N ILE F 925 5.85 17.40 -20.08
CA ILE F 925 6.58 18.58 -20.54
C ILE F 925 6.02 19.04 -21.87
N LEU F 926 5.85 18.12 -22.82
CA LEU F 926 5.28 18.52 -24.10
C LEU F 926 3.94 19.21 -23.89
N GLU F 927 3.05 18.60 -23.09
CA GLU F 927 1.78 19.26 -22.81
C GLU F 927 2.02 20.66 -22.30
N THR F 928 2.89 20.81 -21.30
CA THR F 928 3.23 22.13 -20.78
C THR F 928 3.53 23.08 -21.92
N HIS F 929 4.48 22.70 -22.80
CA HIS F 929 4.82 23.58 -23.90
C HIS F 929 3.59 23.95 -24.69
N LEU F 930 2.84 22.95 -25.15
CA LEU F 930 1.67 23.24 -25.97
C LEU F 930 0.67 24.07 -25.20
N GLY F 931 0.54 23.83 -23.89
CA GLY F 931 -0.36 24.64 -23.11
C GLY F 931 -0.08 26.12 -23.29
N TRP F 932 1.20 26.50 -23.21
CA TRP F 932 1.53 27.91 -23.36
C TRP F 932 1.11 28.40 -24.74
N CYS F 933 1.38 27.62 -25.78
CA CYS F 933 1.00 28.06 -27.13
C CYS F 933 -0.51 28.14 -27.27
N ALA F 934 -1.24 27.35 -26.49
CA ALA F 934 -2.70 27.46 -26.51
C ALA F 934 -3.16 28.66 -25.72
N HIS F 935 -2.39 29.06 -24.71
CA HIS F 935 -2.81 30.16 -23.84
C HIS F 935 -2.57 31.51 -24.51
N SER F 936 -1.33 31.78 -24.91
CA SER F 936 -1.01 33.06 -25.51
C SER F 936 -1.55 33.19 -26.94
N GLY F 937 -1.66 32.09 -27.66
CA GLY F 937 -2.07 32.13 -29.05
C GLY F 937 -0.88 32.37 -29.94
N TRP F 938 -0.96 32.00 -31.21
CA TRP F 938 0.16 32.11 -32.12
C TRP F 938 -0.34 32.57 -33.49
N LYS F 939 0.61 32.85 -34.39
CA LYS F 939 0.29 33.15 -35.77
C LYS F 939 1.51 32.82 -36.62
N VAL F 940 1.43 31.74 -37.40
CA VAL F 940 2.51 31.37 -38.30
C VAL F 940 2.51 32.36 -39.46
N ASP F 941 3.69 32.93 -39.74
CA ASP F 941 3.80 33.97 -40.76
C ASP F 941 4.06 33.32 -42.11
N ALA F 942 2.99 33.11 -42.88
CA ALA F 942 3.09 32.65 -44.26
C ALA F 942 3.16 33.82 -45.23
N ALA F 943 4.09 34.73 -44.97
CA ALA F 943 4.27 35.90 -45.83
C ALA F 943 4.68 35.49 -47.24
N LYS F 944 5.72 34.67 -47.35
CA LYS F 944 6.26 34.21 -48.63
C LYS F 944 6.49 32.71 -48.51
N GLY F 945 5.39 31.95 -48.66
CA GLY F 945 5.43 30.51 -48.54
C GLY F 945 5.35 30.02 -47.11
N VAL F 946 4.54 29.00 -46.86
CA VAL F 946 4.43 28.45 -45.51
C VAL F 946 5.75 27.80 -45.13
N PRO F 947 6.21 27.91 -43.88
CA PRO F 947 7.48 27.28 -43.50
C PRO F 947 7.43 25.77 -43.69
N ASP F 948 8.61 25.17 -43.80
CA ASP F 948 8.67 23.73 -44.05
C ASP F 948 8.01 22.93 -42.94
N TRP F 949 8.27 23.29 -41.68
CA TRP F 949 7.71 22.54 -40.57
C TRP F 949 6.20 22.57 -40.54
N ALA F 950 5.57 23.62 -41.08
CA ALA F 950 4.12 23.75 -41.13
C ALA F 950 3.57 23.29 -42.47
N ALA F 951 4.34 22.51 -43.21
CA ALA F 951 3.89 21.99 -44.49
C ALA F 951 2.69 21.07 -44.35
N ARG F 952 2.70 20.19 -43.35
CA ARG F 952 1.60 19.24 -43.12
C ARG F 952 0.73 19.64 -41.95
N LEU F 953 0.91 20.82 -41.39
CA LEU F 953 0.05 21.29 -40.32
C LEU F 953 -1.29 21.71 -40.92
N PRO F 954 -2.40 21.11 -40.49
CA PRO F 954 -3.69 21.45 -41.12
C PRO F 954 -3.97 22.93 -41.07
N ASP F 955 -4.40 23.52 -42.18
CA ASP F 955 -4.83 24.90 -42.16
C ASP F 955 -5.91 25.07 -41.10
N GLU F 956 -6.11 26.32 -40.65
CA GLU F 956 -6.92 26.65 -39.49
C GLU F 956 -6.11 26.46 -38.21
N LEU F 957 -4.87 25.98 -38.33
CA LEU F 957 -3.92 25.98 -37.23
C LEU F 957 -2.76 26.93 -37.48
N LEU F 958 -2.75 27.64 -38.61
CA LEU F 958 -1.70 28.60 -38.87
C LEU F 958 -1.84 29.86 -38.03
N GLU F 959 -2.96 30.02 -37.32
CA GLU F 959 -3.12 31.12 -36.38
C GLU F 959 -4.26 30.80 -35.43
N ALA F 960 -4.04 31.07 -34.15
CA ALA F 960 -5.03 30.81 -33.12
C ALA F 960 -5.07 31.99 -32.15
N GLN F 961 -6.26 32.28 -31.65
CA GLN F 961 -6.48 33.36 -30.71
C GLN F 961 -6.10 32.93 -29.30
N PRO F 962 -5.84 33.88 -28.41
CA PRO F 962 -5.47 33.51 -27.04
C PRO F 962 -6.58 32.71 -26.36
N ASN F 963 -6.16 31.81 -25.46
CA ASN F 963 -7.07 30.88 -24.80
C ASN F 963 -7.80 30.01 -25.82
N ALA F 964 -7.07 29.59 -26.84
CA ALA F 964 -7.57 28.63 -27.82
C ALA F 964 -7.57 27.24 -27.23
N ILE F 965 -8.48 26.40 -27.71
CA ILE F 965 -8.55 25.00 -27.30
C ILE F 965 -8.19 24.12 -28.49
N VAL F 966 -7.19 23.27 -28.30
CA VAL F 966 -6.70 22.39 -29.37
C VAL F 966 -6.85 20.95 -28.91
N SER F 967 -6.55 20.00 -29.79
CA SER F 967 -6.66 18.60 -29.45
C SER F 967 -5.60 17.80 -30.20
N THR F 968 -4.94 16.89 -29.48
CA THR F 968 -3.93 16.00 -30.05
C THR F 968 -4.36 14.57 -29.83
N PRO F 969 -5.01 13.91 -30.80
CA PRO F 969 -5.44 12.53 -30.60
C PRO F 969 -4.34 11.65 -30.05
N VAL F 970 -4.71 10.52 -29.45
CA VAL F 970 -3.78 9.82 -28.57
C VAL F 970 -2.54 9.37 -29.34
N PHE F 971 -2.71 8.76 -30.51
CA PHE F 971 -1.57 8.28 -31.28
C PHE F 971 -1.41 8.97 -32.64
N ASP F 972 -2.04 10.13 -32.84
CA ASP F 972 -1.85 10.93 -34.05
C ASP F 972 -2.00 12.40 -33.65
N GLY F 973 -0.88 13.06 -33.40
CA GLY F 973 -0.95 14.39 -32.85
C GLY F 973 0.11 15.35 -33.31
N ALA F 974 0.50 16.26 -32.43
CA ALA F 974 1.49 17.28 -32.73
C ALA F 974 2.89 16.70 -32.66
N GLN F 975 3.67 16.93 -33.71
CA GLN F 975 5.04 16.46 -33.73
C GLN F 975 5.95 17.43 -32.98
N GLU F 976 7.18 16.98 -32.71
CA GLU F 976 8.13 17.83 -32.01
C GLU F 976 8.51 19.04 -32.87
N ALA F 977 8.65 18.85 -34.18
CA ALA F 977 8.96 19.97 -35.06
C ALA F 977 7.86 21.01 -35.03
N GLU F 978 6.60 20.56 -35.03
CA GLU F 978 5.48 21.50 -35.00
C GLU F 978 5.44 22.25 -33.67
N LEU F 979 5.71 21.57 -32.56
CA LEU F 979 5.76 22.26 -31.27
C LEU F 979 6.87 23.29 -31.25
N GLN F 980 8.05 22.94 -31.76
CA GLN F 980 9.15 23.89 -31.81
C GLN F 980 8.77 25.10 -32.65
N GLY F 981 8.19 24.87 -33.82
CA GLY F 981 7.77 25.98 -34.65
C GLY F 981 6.76 26.88 -33.97
N LEU F 982 5.74 26.28 -33.35
CA LEU F 982 4.72 27.08 -32.69
C LEU F 982 5.31 27.88 -31.54
N LEU F 983 6.26 27.30 -30.80
CA LEU F 983 6.93 28.05 -29.75
C LEU F 983 7.70 29.23 -30.32
N SER F 984 8.31 29.05 -31.50
CA SER F 984 9.09 30.13 -32.07
C SER F 984 8.23 31.34 -32.45
N CYS F 985 6.95 31.12 -32.75
CA CYS F 985 6.05 32.21 -33.14
C CYS F 985 4.83 32.19 -32.22
N THR F 986 4.75 33.18 -31.34
CA THR F 986 3.65 33.27 -30.39
C THR F 986 3.43 34.74 -30.05
N LEU F 987 2.17 35.08 -29.73
CA LEU F 987 1.78 36.48 -29.64
C LEU F 987 2.29 37.11 -28.34
N PRO F 988 2.51 38.43 -28.33
CA PRO F 988 2.80 39.13 -27.08
C PRO F 988 1.57 39.26 -26.21
N ASN F 989 1.79 39.61 -24.94
CA ASN F 989 0.69 39.59 -23.97
C ASN F 989 -0.16 40.86 -24.03
N ARG F 990 0.41 41.99 -23.63
CA ARG F 990 -0.23 43.30 -23.76
C ARG F 990 0.65 44.28 -24.52
N ASP F 991 1.92 44.35 -24.17
CA ASP F 991 2.89 45.15 -24.89
C ASP F 991 3.80 44.24 -25.69
N GLY F 992 4.72 44.84 -26.44
CA GLY F 992 5.59 44.06 -27.30
C GLY F 992 6.61 43.26 -26.54
N ASP F 993 6.15 42.41 -25.62
CA ASP F 993 7.02 41.56 -24.81
C ASP F 993 6.62 40.11 -25.06
N VAL F 994 7.60 39.29 -25.40
CA VAL F 994 7.44 37.84 -25.49
C VAL F 994 8.12 37.24 -24.27
N LEU F 995 7.32 36.65 -23.38
CA LEU F 995 7.85 36.21 -22.08
C LEU F 995 8.59 34.88 -22.16
N VAL F 996 8.21 34.01 -23.09
CA VAL F 996 8.79 32.67 -23.20
C VAL F 996 9.51 32.58 -24.53
N ASP F 997 10.80 32.22 -24.49
CA ASP F 997 11.63 32.23 -25.67
C ASP F 997 11.38 30.97 -26.50
N ALA F 998 12.19 30.77 -27.54
CA ALA F 998 11.97 29.67 -28.47
C ALA F 998 12.19 28.31 -27.80
N ASP F 999 13.04 28.26 -26.77
CA ASP F 999 13.29 27.00 -26.10
C ASP F 999 12.14 26.59 -25.18
N GLY F 1000 11.19 27.48 -24.93
CA GLY F 1000 10.10 27.19 -24.04
C GLY F 1000 10.33 27.62 -22.60
N LYS F 1001 11.43 28.32 -22.31
CA LYS F 1001 11.82 28.68 -20.96
C LYS F 1001 11.79 30.19 -20.81
N ALA F 1002 11.46 30.63 -19.59
CA ALA F 1002 11.30 32.05 -19.29
C ALA F 1002 12.13 32.43 -18.07
N MET F 1003 12.55 33.68 -18.04
CA MET F 1003 13.31 34.22 -16.92
C MET F 1003 12.36 34.59 -15.79
N LEU F 1004 12.55 33.95 -14.64
CA LEU F 1004 11.71 34.19 -13.47
C LEU F 1004 12.45 35.05 -12.46
N PHE F 1005 11.69 35.77 -11.65
CA PHE F 1005 12.24 36.55 -10.56
C PHE F 1005 11.98 35.84 -9.24
N ASP F 1006 12.97 35.85 -8.35
CA ASP F 1006 12.81 35.24 -7.04
C ASP F 1006 11.90 36.14 -6.21
N GLY F 1007 10.65 35.73 -6.05
CA GLY F 1007 9.70 36.55 -5.33
C GLY F 1007 10.01 36.73 -3.86
N ARG F 1008 10.93 35.94 -3.32
CA ARG F 1008 11.23 35.97 -1.89
C ARG F 1008 12.44 36.83 -1.55
N SER F 1009 13.44 36.87 -2.42
CA SER F 1009 14.62 37.70 -2.22
C SER F 1009 14.73 38.83 -3.23
N GLY F 1010 14.02 38.74 -4.35
CA GLY F 1010 13.92 39.81 -5.33
C GLY F 1010 14.86 39.66 -6.50
N GLU F 1011 15.98 38.96 -6.30
CA GLU F 1011 16.94 38.79 -7.37
C GLU F 1011 16.39 37.84 -8.43
N PRO F 1012 16.69 38.08 -9.71
CA PRO F 1012 16.29 37.12 -10.75
C PRO F 1012 17.04 35.82 -10.60
N PHE F 1013 16.39 34.73 -11.01
CA PHE F 1013 17.06 33.45 -11.00
C PHE F 1013 18.13 33.41 -12.09
N PRO F 1014 19.29 32.80 -11.83
CA PRO F 1014 20.40 32.92 -12.78
C PRO F 1014 20.10 32.35 -14.15
N TYR F 1015 19.28 31.31 -14.25
CA TYR F 1015 19.03 30.64 -15.51
C TYR F 1015 17.54 30.65 -15.83
N PRO F 1016 17.18 30.56 -17.11
CA PRO F 1016 15.76 30.48 -17.47
C PRO F 1016 15.14 29.17 -17.00
N VAL F 1017 13.84 29.24 -16.71
CA VAL F 1017 13.08 28.11 -16.17
C VAL F 1017 11.99 27.76 -17.17
N THR F 1018 11.52 26.51 -17.11
CA THR F 1018 10.48 26.03 -18.01
C THR F 1018 9.12 26.37 -17.43
N VAL F 1019 8.39 27.26 -18.09
CA VAL F 1019 7.05 27.65 -17.65
C VAL F 1019 6.05 27.22 -18.70
N GLY F 1020 4.83 26.96 -18.24
CA GLY F 1020 3.76 26.61 -19.15
C GLY F 1020 2.46 26.46 -18.41
N TYR F 1021 1.49 25.84 -19.09
CA TYR F 1021 0.17 25.59 -18.52
C TYR F 1021 -0.09 24.09 -18.51
N MET F 1022 -0.41 23.55 -17.34
CA MET F 1022 -0.67 22.13 -17.18
C MET F 1022 -2.02 21.92 -16.54
N TYR F 1023 -2.69 20.84 -16.95
CA TYR F 1023 -4.05 20.53 -16.51
C TYR F 1023 -3.97 19.55 -15.35
N ILE F 1024 -4.19 20.03 -14.13
CA ILE F 1024 -4.06 19.20 -12.94
C ILE F 1024 -5.44 19.01 -12.31
N MET F 1025 -5.61 17.83 -11.71
CA MET F 1025 -6.86 17.41 -11.10
C MET F 1025 -6.68 17.30 -9.60
N LYS F 1026 -7.80 17.25 -8.88
CA LYS F 1026 -7.81 17.11 -7.43
C LYS F 1026 -8.36 15.75 -7.07
N LEU F 1027 -7.50 14.86 -6.60
CA LEU F 1027 -7.90 13.50 -6.25
C LEU F 1027 -8.69 13.47 -4.95
N HIS F 1028 -9.41 12.38 -4.74
CA HIS F 1028 -10.30 12.21 -3.60
C HIS F 1028 -9.61 11.54 -2.42
N HIS F 1029 -8.48 12.10 -2.02
CA HIS F 1029 -7.65 11.59 -0.93
C HIS F 1029 -7.32 12.70 0.05
N LEU F 1030 -8.34 13.45 0.45
CA LEU F 1030 -8.16 14.66 1.21
C LEU F 1030 -7.72 14.36 2.64
N VAL F 1031 -7.00 15.31 3.24
CA VAL F 1031 -6.47 15.10 4.59
C VAL F 1031 -7.59 15.09 5.62
N ASP F 1032 -8.65 15.84 5.37
CA ASP F 1032 -9.72 15.96 6.35
C ASP F 1032 -10.30 14.60 6.74
N ASP F 1033 -10.21 13.62 5.85
CA ASP F 1033 -10.66 12.26 6.14
C ASP F 1033 -9.57 11.37 6.69
N LYS F 1034 -8.31 11.82 6.68
CA LYS F 1034 -7.18 10.99 7.05
C LYS F 1034 -6.69 11.20 8.47
N ILE F 1035 -6.76 12.42 8.98
CA ILE F 1035 -6.20 12.75 10.29
C ILE F 1035 -7.09 12.18 11.37
N HIS F 1036 -6.45 11.69 12.44
CA HIS F 1036 -7.17 11.10 13.56
C HIS F 1036 -6.23 11.03 14.75
N ALA F 1037 -6.78 11.23 15.95
CA ALA F 1037 -6.00 11.14 17.17
C ALA F 1037 -6.90 10.65 18.30
N ARG F 1038 -6.27 10.09 19.33
CA ARG F 1038 -7.01 9.52 20.45
C ARG F 1038 -6.14 9.54 21.70
N SER F 1039 -6.74 9.90 22.83
CA SER F 1039 -6.11 9.72 24.13
C SER F 1039 -6.79 8.59 24.90
N THR F 1040 -8.10 8.66 25.04
CA THR F 1040 -8.89 7.56 25.57
C THR F 1040 -10.26 7.58 24.92
N GLY F 1041 -10.93 6.43 24.91
CA GLY F 1041 -12.22 6.32 24.28
C GLY F 1041 -12.85 4.96 24.45
N PRO F 1042 -13.68 4.56 23.49
CA PRO F 1042 -14.35 3.25 23.60
C PRO F 1042 -13.36 2.09 23.59
N TYR F 1043 -13.77 1.01 24.24
CA TYR F 1043 -13.01 -0.23 24.28
C TYR F 1043 -13.90 -1.38 23.84
N SER F 1044 -13.29 -2.40 23.24
CA SER F 1044 -14.04 -3.55 22.76
C SER F 1044 -14.66 -4.28 23.95
N MET F 1045 -15.51 -5.27 23.67
CA MET F 1045 -16.28 -5.95 24.69
C MET F 1045 -15.64 -7.27 25.11
N ILE F 1046 -15.41 -8.18 24.17
CA ILE F 1046 -14.84 -9.48 24.51
C ILE F 1046 -13.44 -9.30 25.06
N THR F 1047 -12.60 -8.58 24.33
CA THR F 1047 -11.29 -8.15 24.79
C THR F 1047 -11.32 -6.65 24.96
N GLN F 1048 -10.68 -6.16 26.01
CA GLN F 1048 -10.85 -4.77 26.42
C GLN F 1048 -9.88 -3.83 25.71
N GLN F 1049 -9.41 -4.20 24.53
CA GLN F 1049 -8.56 -3.33 23.74
C GLN F 1049 -9.39 -2.25 23.06
N PRO F 1050 -8.80 -1.10 22.76
CA PRO F 1050 -9.57 -0.01 22.14
C PRO F 1050 -10.14 -0.42 20.80
N LEU F 1051 -11.12 0.34 20.35
CA LEU F 1051 -11.81 0.07 19.09
C LEU F 1051 -10.91 0.46 17.93
N GLY F 1052 -11.46 0.44 16.72
CA GLY F 1052 -10.72 0.84 15.55
C GLY F 1052 -11.58 1.67 14.62
N GLY F 1053 -10.94 2.62 13.98
CA GLY F 1053 -11.60 3.46 12.99
C GLY F 1053 -11.84 4.86 13.51
N LYS F 1054 -11.99 5.80 12.58
CA LYS F 1054 -12.19 7.20 12.96
C LYS F 1054 -13.60 7.45 13.44
N ALA F 1055 -14.58 6.69 12.93
CA ALA F 1055 -15.98 6.96 13.26
C ALA F 1055 -16.25 6.81 14.74
N GLN F 1056 -15.75 5.73 15.37
CA GLN F 1056 -15.92 5.56 16.81
C GLN F 1056 -14.85 6.34 17.56
N PHE F 1057 -13.59 5.96 17.37
CA PHE F 1057 -12.43 6.66 17.90
C PHE F 1057 -11.22 5.77 17.65
N GLY F 1058 -11.09 4.70 18.42
CA GLY F 1058 -10.14 3.65 18.10
C GLY F 1058 -8.70 4.08 18.16
N GLY F 1059 -7.81 3.12 18.34
CA GLY F 1059 -6.40 3.41 18.42
C GLY F 1059 -5.66 2.86 17.23
N GLN F 1060 -4.48 3.39 16.95
CA GLN F 1060 -3.67 2.85 15.87
C GLN F 1060 -3.04 1.53 16.30
N ARG F 1061 -3.12 0.54 15.43
CA ARG F 1061 -2.62 -0.79 15.74
C ARG F 1061 -1.12 -0.74 15.97
N PHE F 1062 -0.65 -1.43 17.01
CA PHE F 1062 0.76 -1.66 17.22
C PHE F 1062 1.01 -3.14 16.90
N GLY F 1063 1.26 -3.41 15.62
CA GLY F 1063 1.22 -4.76 15.11
C GLY F 1063 2.35 -5.63 15.61
N GLU F 1064 2.52 -6.77 14.93
CA GLU F 1064 3.58 -7.70 15.22
C GLU F 1064 4.92 -7.25 14.67
N MET F 1065 4.93 -6.57 13.53
CA MET F 1065 6.17 -6.09 12.93
C MET F 1065 6.76 -4.90 13.67
N GLU F 1066 5.92 -4.08 14.29
CA GLU F 1066 6.42 -2.97 15.10
C GLU F 1066 6.98 -3.43 16.43
N CYS F 1067 6.61 -4.61 16.92
CA CYS F 1067 7.17 -5.14 18.14
C CYS F 1067 8.59 -5.64 17.96
N TRP F 1068 8.92 -6.16 16.78
CA TRP F 1068 10.30 -6.59 16.52
C TRP F 1068 11.26 -5.41 16.52
N ALA F 1069 10.82 -4.25 16.01
CA ALA F 1069 11.68 -3.08 16.02
C ALA F 1069 12.00 -2.63 17.44
N MET F 1070 11.00 -2.65 18.32
CA MET F 1070 11.23 -2.28 19.71
C MET F 1070 12.15 -3.27 20.40
N GLN F 1071 11.98 -4.57 20.13
CA GLN F 1071 12.88 -5.57 20.68
C GLN F 1071 14.30 -5.36 20.15
N ALA F 1072 14.43 -5.05 18.87
CA ALA F 1072 15.74 -4.81 18.29
C ALA F 1072 16.42 -3.61 18.95
N TYR F 1073 15.67 -2.54 19.20
CA TYR F 1073 16.22 -1.40 19.92
C TYR F 1073 16.64 -1.77 21.33
N GLY F 1074 16.04 -2.82 21.90
CA GLY F 1074 16.25 -3.16 23.29
C GLY F 1074 15.34 -2.44 24.26
N ALA F 1075 14.35 -1.71 23.77
CA ALA F 1075 13.43 -0.95 24.61
C ALA F 1075 12.38 -1.90 25.17
N ALA F 1076 12.58 -2.34 26.41
CA ALA F 1076 11.64 -3.27 27.04
C ALA F 1076 10.49 -2.55 27.73
N TYR F 1077 10.77 -1.45 28.43
CA TYR F 1077 9.71 -0.75 29.15
C TYR F 1077 8.70 -0.12 28.21
N THR F 1078 9.15 0.43 27.09
CA THR F 1078 8.22 1.01 26.13
C THR F 1078 7.26 -0.04 25.60
N LEU F 1079 7.79 -1.22 25.25
CA LEU F 1079 6.94 -2.30 24.76
C LEU F 1079 5.98 -2.78 25.84
N GLN F 1080 6.46 -2.90 27.07
CA GLN F 1080 5.58 -3.34 28.15
C GLN F 1080 4.43 -2.37 28.37
N GLU F 1081 4.73 -1.07 28.43
CA GLU F 1081 3.66 -0.10 28.63
C GLU F 1081 2.71 -0.08 27.43
N LEU F 1082 3.25 -0.21 26.23
CA LEU F 1082 2.40 -0.22 25.05
C LEU F 1082 1.43 -1.39 25.05
N LEU F 1083 1.89 -2.56 25.48
CA LEU F 1083 1.07 -3.76 25.39
C LEU F 1083 0.26 -4.05 26.65
N THR F 1084 0.50 -3.35 27.76
CA THR F 1084 -0.22 -3.64 28.99
C THR F 1084 -1.12 -2.48 29.45
N ILE F 1085 -0.57 -1.29 29.71
CA ILE F 1085 -1.34 -0.22 30.32
C ILE F 1085 -1.91 0.73 29.28
N LYS F 1086 -1.64 0.51 28.00
CA LYS F 1086 -2.26 1.29 26.95
C LYS F 1086 -3.32 0.54 26.18
N SER F 1087 -3.35 -0.78 26.25
CA SER F 1087 -4.31 -1.55 25.46
C SER F 1087 -5.34 -2.27 26.31
N ASP F 1088 -4.93 -3.17 27.22
CA ASP F 1088 -5.94 -3.98 27.90
C ASP F 1088 -5.63 -4.34 29.36
N ASP F 1089 -4.93 -3.50 30.12
CA ASP F 1089 -4.79 -3.72 31.56
C ASP F 1089 -5.90 -2.92 32.24
N THR F 1090 -6.99 -3.61 32.59
CA THR F 1090 -8.23 -2.92 32.90
C THR F 1090 -8.08 -1.95 34.07
N VAL F 1091 -7.22 -2.28 35.03
CA VAL F 1091 -6.99 -1.38 36.16
C VAL F 1091 -5.83 -0.44 35.89
N GLY F 1092 -4.83 -0.88 35.12
CA GLY F 1092 -3.70 -0.03 34.83
C GLY F 1092 -4.10 1.22 34.08
N ARG F 1093 -5.09 1.12 33.20
CA ARG F 1093 -5.52 2.28 32.44
C ARG F 1093 -6.02 3.39 33.36
N VAL F 1094 -6.96 3.06 34.24
CA VAL F 1094 -7.52 4.07 35.13
C VAL F 1094 -6.45 4.57 36.10
N LYS F 1095 -5.60 3.68 36.58
CA LYS F 1095 -4.57 4.13 37.52
C LYS F 1095 -3.58 5.07 36.86
N VAL F 1096 -3.20 4.80 35.61
CA VAL F 1096 -2.26 5.69 34.94
C VAL F 1096 -2.92 7.02 34.62
N TYR F 1097 -4.20 7.02 34.26
CA TYR F 1097 -4.89 8.28 34.03
C TYR F 1097 -4.90 9.12 35.30
N GLU F 1098 -5.24 8.50 36.43
CA GLU F 1098 -5.25 9.23 37.69
C GLU F 1098 -3.86 9.74 38.05
N ALA F 1099 -2.84 8.91 37.85
CA ALA F 1099 -1.48 9.31 38.17
C ALA F 1099 -1.03 10.49 37.32
N ILE F 1100 -1.41 10.50 36.05
CA ILE F 1100 -1.04 11.61 35.18
C ILE F 1100 -1.74 12.88 35.61
N VAL F 1101 -3.05 12.82 35.84
CA VAL F 1101 -3.77 14.04 36.20
C VAL F 1101 -3.34 14.55 37.56
N LYS F 1102 -2.89 13.67 38.46
CA LYS F 1102 -2.45 14.07 39.78
C LYS F 1102 -0.95 14.31 39.88
N GLY F 1103 -0.21 14.13 38.79
CA GLY F 1103 1.22 14.40 38.79
C GLY F 1103 2.07 13.36 39.49
N GLU F 1104 1.51 12.20 39.82
CA GLU F 1104 2.26 11.17 40.53
C GLU F 1104 3.13 10.39 39.55
N ASN F 1105 3.70 9.29 40.00
CA ASN F 1105 4.46 8.39 39.15
C ASN F 1105 3.52 7.38 38.52
N ILE F 1106 3.80 7.01 37.27
CA ILE F 1106 2.97 6.01 36.60
C ILE F 1106 3.14 4.67 37.29
N PRO F 1107 2.07 3.95 37.64
CA PRO F 1107 2.23 2.69 38.37
C PRO F 1107 2.74 1.57 37.48
N GLU F 1108 2.85 0.36 38.03
CA GLU F 1108 3.38 -0.75 37.24
C GLU F 1108 2.24 -1.48 36.53
N PRO F 1109 2.49 -2.06 35.36
CA PRO F 1109 1.43 -2.80 34.66
C PRO F 1109 1.09 -4.10 35.39
N GLY F 1110 -0.05 -4.65 35.03
CA GLY F 1110 -0.54 -5.92 35.54
C GLY F 1110 -0.49 -7.00 34.49
N ILE F 1111 -1.63 -7.63 34.25
CA ILE F 1111 -1.77 -8.72 33.29
C ILE F 1111 -2.78 -8.29 32.23
N PRO F 1112 -2.48 -8.43 30.95
CA PRO F 1112 -3.48 -8.09 29.92
C PRO F 1112 -4.67 -9.03 29.98
N GLU F 1113 -5.82 -8.51 29.58
CA GLU F 1113 -7.07 -9.28 29.64
C GLU F 1113 -7.14 -10.34 28.55
N SER F 1114 -6.52 -10.08 27.40
CA SER F 1114 -6.59 -11.02 26.30
C SER F 1114 -5.93 -12.35 26.65
N PHE F 1115 -4.92 -12.33 27.52
CA PHE F 1115 -4.31 -13.58 27.95
C PHE F 1115 -5.30 -14.44 28.73
N LYS F 1116 -6.08 -13.82 29.62
CA LYS F 1116 -7.09 -14.56 30.36
C LYS F 1116 -8.18 -15.05 29.44
N VAL F 1117 -8.57 -14.24 28.45
CA VAL F 1117 -9.51 -14.70 27.44
C VAL F 1117 -8.96 -15.93 26.73
N LEU F 1118 -7.66 -15.92 26.40
CA LEU F 1118 -7.05 -17.07 25.75
C LEU F 1118 -7.10 -18.30 26.64
N LEU F 1119 -6.80 -18.13 27.93
CA LEU F 1119 -6.85 -19.28 28.84
C LEU F 1119 -8.25 -19.87 28.90
N LYS F 1120 -9.27 -19.02 28.97
CA LYS F 1120 -10.64 -19.54 28.97
C LYS F 1120 -10.98 -20.23 27.66
N GLU F 1121 -10.53 -19.69 26.53
CA GLU F 1121 -10.80 -20.33 25.24
C GLU F 1121 -10.13 -21.68 25.15
N LEU F 1122 -8.91 -21.80 25.69
CA LEU F 1122 -8.23 -23.10 25.70
C LEU F 1122 -8.94 -24.09 26.62
N GLN F 1123 -9.39 -23.62 27.78
CA GLN F 1123 -10.14 -24.51 28.67
C GLN F 1123 -11.45 -24.95 28.04
N SER F 1124 -12.04 -24.12 27.20
CA SER F 1124 -13.30 -24.48 26.55
C SER F 1124 -13.10 -25.56 25.49
N LEU F 1125 -11.85 -25.85 25.14
CA LEU F 1125 -11.52 -26.94 24.22
C LEU F 1125 -11.16 -28.23 24.94
N CYS F 1126 -11.41 -28.31 26.24
CA CYS F 1126 -11.10 -29.49 27.04
C CYS F 1126 -9.58 -29.68 27.16
N LEU F 1127 -8.87 -28.56 27.28
CA LEU F 1127 -7.45 -28.55 27.58
C LEU F 1127 -7.25 -27.95 28.96
N ASN F 1128 -6.52 -28.66 29.82
CA ASN F 1128 -6.35 -28.25 31.21
C ASN F 1128 -5.13 -27.36 31.32
N VAL F 1129 -5.30 -26.11 30.89
CA VAL F 1129 -4.24 -25.11 30.98
C VAL F 1129 -4.23 -24.53 32.38
N GLU F 1130 -3.09 -24.64 33.07
CA GLU F 1130 -2.95 -24.11 34.41
C GLU F 1130 -1.60 -23.41 34.51
N VAL F 1131 -1.55 -22.37 35.33
CA VAL F 1131 -0.35 -21.56 35.51
C VAL F 1131 0.21 -21.87 36.89
N LEU F 1132 1.46 -22.32 36.93
CA LEU F 1132 2.12 -22.75 38.14
C LEU F 1132 2.92 -21.60 38.75
N SER F 1133 3.62 -21.91 39.84
CA SER F 1133 4.41 -20.91 40.55
C SER F 1133 5.72 -21.51 41.05
N GLY G 1 -1.46 -23.84 40.40
CA GLY G 1 -0.90 -22.66 41.11
C GLY G 1 -1.85 -21.48 41.12
N ALA G 2 -1.36 -20.32 40.72
CA ALA G 2 -2.19 -19.12 40.68
C ALA G 2 -3.42 -19.35 39.82
N MET G 3 -4.56 -18.86 40.29
CA MET G 3 -5.83 -19.10 39.61
C MET G 3 -6.16 -17.96 38.65
N LEU G 4 -6.29 -16.74 39.17
CA LEU G 4 -6.61 -15.61 38.30
C LEU G 4 -5.35 -14.85 37.90
N ASP G 5 -4.25 -15.05 38.63
CA ASP G 5 -2.94 -14.54 38.27
C ASP G 5 -2.71 -13.13 38.83
N VAL G 6 -1.72 -12.98 39.70
CA VAL G 6 -1.26 -11.67 40.15
C VAL G 6 0.11 -11.31 39.58
N ASN G 7 0.53 -11.93 38.49
CA ASN G 7 1.77 -11.62 37.79
C ASN G 7 3.00 -11.92 38.62
N PHE G 8 3.05 -13.12 39.19
CA PHE G 8 4.31 -13.79 39.45
C PHE G 8 4.16 -15.23 39.01
N PHE G 9 5.00 -15.60 38.05
CA PHE G 9 4.64 -16.58 37.03
C PHE G 9 5.82 -17.51 36.74
N ASP G 10 5.67 -18.78 37.07
CA ASP G 10 6.78 -19.71 36.92
C ASP G 10 6.67 -20.62 35.71
N GLU G 11 5.48 -21.08 35.35
CA GLU G 11 5.32 -22.01 34.23
C GLU G 11 3.88 -21.92 33.74
N LEU G 12 3.64 -22.53 32.58
CA LEU G 12 2.31 -22.59 31.98
C LEU G 12 2.14 -24.01 31.44
N ARG G 13 1.66 -24.90 32.29
CA ARG G 13 1.56 -26.32 31.97
C ARG G 13 0.24 -26.59 31.26
N ILE G 14 0.29 -27.43 30.23
CA ILE G 14 -0.89 -27.80 29.46
C ILE G 14 -1.03 -29.32 29.51
N GLY G 15 -2.27 -29.79 29.43
CA GLY G 15 -2.52 -31.22 29.45
C GLY G 15 -3.97 -31.50 29.10
N LEU G 16 -4.26 -32.79 28.93
CA LEU G 16 -5.62 -33.22 28.68
C LEU G 16 -6.48 -33.04 29.91
N ALA G 17 -7.76 -32.72 29.70
CA ALA G 17 -8.70 -32.48 30.78
C ALA G 17 -9.70 -33.63 30.86
N THR G 18 -9.76 -34.26 32.03
CA THR G 18 -10.68 -35.36 32.27
C THR G 18 -12.05 -34.83 32.67
N ALA G 19 -13.06 -35.70 32.59
CA ALA G 19 -14.41 -35.28 32.93
C ALA G 19 -14.48 -34.75 34.36
N GLU G 20 -13.69 -35.31 35.26
CA GLU G 20 -13.68 -34.80 36.63
C GLU G 20 -13.23 -33.35 36.69
N ASP G 21 -12.18 -33.00 35.92
CA ASP G 21 -11.74 -31.61 35.87
C ASP G 21 -12.80 -30.70 35.24
N ILE G 22 -13.48 -31.20 34.20
CA ILE G 22 -14.52 -30.41 33.56
C ILE G 22 -15.64 -30.11 34.55
N ARG G 23 -16.05 -31.10 35.34
CA ARG G 23 -17.07 -30.87 36.35
C ARG G 23 -16.55 -30.10 37.56
N GLN G 24 -15.24 -30.06 37.76
CA GLN G 24 -14.66 -29.21 38.81
C GLN G 24 -14.67 -27.74 38.42
N TRP G 25 -14.35 -27.42 37.17
CA TRP G 25 -14.41 -26.03 36.72
C TRP G 25 -15.82 -25.49 36.82
N SER G 26 -16.80 -26.28 36.41
CA SER G 26 -18.16 -25.79 36.22
C SER G 26 -18.76 -25.30 37.53
N TYR G 27 -19.51 -24.20 37.45
CA TYR G 27 -20.34 -23.73 38.54
C TYR G 27 -21.78 -24.22 38.45
N GLY G 28 -22.14 -24.91 37.37
CA GLY G 28 -23.49 -25.39 37.20
C GLY G 28 -23.61 -26.12 35.89
N GLU G 29 -24.84 -26.54 35.59
CA GLU G 29 -25.14 -27.31 34.38
C GLU G 29 -26.10 -26.52 33.51
N VAL G 30 -25.84 -26.50 32.22
CA VAL G 30 -26.75 -25.89 31.24
C VAL G 30 -27.60 -27.00 30.65
N LYS G 31 -28.92 -26.88 30.78
CA LYS G 31 -29.83 -27.93 30.35
C LYS G 31 -31.06 -27.38 29.64
N LYS G 32 -30.93 -26.23 28.96
CA LYS G 32 -32.05 -25.67 28.23
C LYS G 32 -31.53 -24.72 27.15
N PRO G 33 -31.96 -24.87 25.89
CA PRO G 33 -31.45 -24.04 24.80
C PRO G 33 -32.11 -22.66 24.71
N GLU G 34 -32.15 -21.97 25.85
CA GLU G 34 -32.77 -20.65 25.94
C GLU G 34 -31.70 -19.62 26.32
N THR G 35 -31.78 -18.46 25.70
CA THR G 35 -30.74 -17.45 25.84
C THR G 35 -31.23 -16.22 26.60
N ILE G 36 -32.29 -15.59 26.11
CA ILE G 36 -32.82 -14.36 26.70
C ILE G 36 -34.32 -14.30 26.43
N ASN G 37 -35.08 -13.81 27.41
CA ASN G 37 -36.50 -13.61 27.20
C ASN G 37 -36.73 -12.23 26.58
N TYR G 38 -37.34 -12.22 25.39
CA TYR G 38 -37.50 -11.01 24.60
C TYR G 38 -38.73 -10.21 24.99
N ARG G 39 -39.29 -10.47 26.17
CA ARG G 39 -40.39 -9.66 26.70
C ARG G 39 -40.01 -8.86 27.94
N THR G 40 -38.99 -9.26 28.68
CA THR G 40 -38.44 -8.43 29.75
C THR G 40 -36.94 -8.23 29.63
N LEU G 41 -36.28 -8.78 28.61
CA LEU G 41 -34.84 -8.59 28.40
C LEU G 41 -34.04 -9.05 29.60
N LYS G 42 -34.35 -10.23 30.13
CA LYS G 42 -33.61 -10.82 31.22
C LYS G 42 -33.26 -12.28 30.89
N PRO G 43 -32.08 -12.76 31.28
CA PRO G 43 -31.70 -14.13 30.90
C PRO G 43 -32.65 -15.16 31.47
N GLU G 44 -32.83 -16.25 30.72
CA GLU G 44 -33.66 -17.36 31.16
C GLU G 44 -32.92 -18.18 32.21
N LYS G 45 -33.65 -19.07 32.86
CA LYS G 45 -33.10 -19.93 33.91
C LYS G 45 -32.63 -21.24 33.31
N ASP G 46 -31.46 -21.71 33.76
CA ASP G 46 -30.86 -22.95 33.25
C ASP G 46 -30.60 -22.88 31.76
N GLY G 47 -30.50 -21.67 31.21
CA GLY G 47 -30.17 -21.46 29.82
C GLY G 47 -28.70 -21.12 29.63
N LEU G 48 -28.36 -20.72 28.41
CA LEU G 48 -26.98 -20.38 28.09
C LEU G 48 -26.51 -19.10 28.78
N PHE G 49 -27.43 -18.33 29.36
CA PHE G 49 -27.08 -17.10 30.07
C PHE G 49 -27.65 -17.06 31.47
N CYS G 50 -27.91 -18.22 32.08
CA CYS G 50 -28.53 -18.26 33.38
C CYS G 50 -27.72 -17.47 34.40
N GLU G 51 -28.41 -16.66 35.20
CA GLU G 51 -27.72 -15.84 36.19
C GLU G 51 -27.24 -16.65 37.37
N LYS G 52 -27.95 -17.74 37.71
CA LYS G 52 -27.51 -18.58 38.82
C LYS G 52 -26.18 -19.27 38.50
N ILE G 53 -26.01 -19.70 37.25
CA ILE G 53 -24.80 -20.43 36.87
C ILE G 53 -23.63 -19.46 36.68
N PHE G 54 -23.83 -18.44 35.85
CA PHE G 54 -22.74 -17.58 35.42
C PHE G 54 -22.59 -16.31 36.23
N GLY G 55 -23.63 -15.87 36.93
CA GLY G 55 -23.53 -14.72 37.81
C GLY G 55 -24.51 -13.62 37.48
N PRO G 56 -24.55 -12.59 38.33
CA PRO G 56 -25.49 -11.49 38.11
C PRO G 56 -25.16 -10.69 36.86
N THR G 57 -26.18 -10.19 36.18
CA THR G 57 -25.98 -9.32 35.04
C THR G 57 -25.79 -7.86 35.41
N ARG G 58 -26.02 -7.50 36.68
CA ARG G 58 -25.84 -6.14 37.15
C ARG G 58 -25.09 -6.15 38.47
N ASP G 59 -24.40 -5.05 38.76
CA ASP G 59 -23.61 -4.98 39.98
C ASP G 59 -24.49 -5.09 41.22
N TRP G 60 -24.17 -6.06 42.07
CA TRP G 60 -24.84 -6.22 43.36
C TRP G 60 -26.36 -6.25 43.21
N GLU G 61 -26.85 -7.19 42.42
CA GLU G 61 -28.28 -7.41 42.29
C GLU G 61 -28.54 -8.87 42.01
N CYS G 62 -29.70 -9.36 42.44
CA CYS G 62 -30.11 -10.73 42.22
C CYS G 62 -31.20 -10.77 41.16
N TYR G 63 -31.63 -11.99 40.81
CA TYR G 63 -32.67 -12.15 39.80
C TYR G 63 -34.02 -11.68 40.31
N CYS G 64 -34.39 -12.10 41.53
CA CYS G 64 -35.67 -11.73 42.12
C CYS G 64 -35.68 -10.31 42.67
N GLY G 65 -34.52 -9.67 42.79
CA GLY G 65 -34.47 -8.30 43.24
C GLY G 65 -34.61 -8.10 44.73
N LYS G 66 -34.59 -9.18 45.52
CA LYS G 66 -34.72 -9.03 46.97
C LYS G 66 -33.51 -8.32 47.56
N TYR G 67 -32.36 -8.36 46.87
CA TYR G 67 -31.15 -7.68 47.31
C TYR G 67 -30.67 -6.77 46.20
N LYS G 68 -30.35 -5.52 46.54
CA LYS G 68 -29.83 -4.57 45.56
C LYS G 68 -28.72 -3.69 46.08
N ARG G 69 -28.23 -3.89 47.30
CA ARG G 69 -27.28 -2.99 47.93
C ARG G 69 -25.91 -3.66 48.10
N VAL G 70 -24.89 -2.83 48.27
CA VAL G 70 -23.53 -3.32 48.43
C VAL G 70 -23.37 -4.06 49.75
N ARG G 71 -24.15 -3.70 50.77
CA ARG G 71 -24.03 -4.32 52.07
C ARG G 71 -24.19 -5.83 51.98
N PHE G 72 -25.02 -6.30 51.05
CA PHE G 72 -25.16 -7.73 50.82
C PHE G 72 -24.05 -8.22 49.90
N LYS G 73 -23.25 -9.16 50.37
CA LYS G 73 -22.12 -9.67 49.61
C LYS G 73 -21.86 -11.12 50.00
N GLY G 74 -21.54 -11.94 49.01
CA GLY G 74 -21.19 -13.32 49.27
C GLY G 74 -22.31 -14.17 49.82
N ILE G 75 -23.56 -13.74 49.63
CA ILE G 75 -24.70 -14.50 50.11
C ILE G 75 -25.59 -14.85 48.92
N ILE G 76 -25.97 -16.12 48.86
CA ILE G 76 -26.77 -16.64 47.75
C ILE G 76 -28.24 -16.47 48.13
N CYS G 77 -28.99 -15.78 47.28
CA CYS G 77 -30.41 -15.59 47.52
C CYS G 77 -31.10 -16.95 47.58
N GLU G 78 -31.92 -17.14 48.62
CA GLU G 78 -32.59 -18.42 48.83
C GLU G 78 -33.75 -18.64 47.87
N ARG G 79 -34.24 -17.59 47.21
CA ARG G 79 -35.38 -17.71 46.30
C ARG G 79 -34.93 -17.91 44.86
N CYS G 80 -34.10 -16.99 44.35
CA CYS G 80 -33.62 -17.08 42.98
C CYS G 80 -32.32 -17.86 42.85
N GLY G 81 -31.52 -17.92 43.91
CA GLY G 81 -30.27 -18.66 43.89
C GLY G 81 -29.09 -17.91 43.31
N VAL G 82 -29.27 -16.69 42.84
CA VAL G 82 -28.18 -15.91 42.26
C VAL G 82 -27.31 -15.36 43.39
N GLU G 83 -25.99 -15.49 43.23
CA GLU G 83 -25.06 -14.99 44.23
C GLU G 83 -24.80 -13.52 44.01
N VAL G 84 -24.93 -12.73 45.07
CA VAL G 84 -24.80 -11.28 44.97
C VAL G 84 -23.32 -10.93 44.92
N THR G 85 -22.88 -10.38 43.80
CA THR G 85 -21.48 -10.01 43.60
C THR G 85 -21.40 -9.06 42.41
N ARG G 86 -20.19 -8.73 42.00
CA ARG G 86 -19.98 -7.85 40.85
C ARG G 86 -20.26 -8.61 39.56
N ALA G 87 -20.60 -7.86 38.51
CA ALA G 87 -20.97 -8.47 37.24
C ALA G 87 -19.78 -9.02 36.47
N LYS G 88 -18.56 -8.57 36.76
CA LYS G 88 -17.40 -9.05 36.02
C LYS G 88 -17.22 -10.55 36.14
N VAL G 89 -17.81 -11.17 37.17
CA VAL G 89 -17.70 -12.62 37.31
C VAL G 89 -18.33 -13.34 36.13
N ARG G 90 -19.17 -12.68 35.34
CA ARG G 90 -19.70 -13.31 34.15
C ARG G 90 -18.64 -13.58 33.10
N ARG G 91 -17.45 -13.00 33.24
CA ARG G 91 -16.32 -13.29 32.36
C ARG G 91 -15.47 -14.45 32.83
N GLU G 92 -15.75 -15.02 34.01
CA GLU G 92 -14.87 -15.99 34.64
C GLU G 92 -15.51 -17.33 34.95
N ARG G 93 -16.83 -17.40 35.03
CA ARG G 93 -17.52 -18.62 35.43
C ARG G 93 -17.93 -19.44 34.20
N MET G 94 -17.64 -20.73 34.25
CA MET G 94 -17.92 -21.64 33.15
C MET G 94 -19.07 -22.58 33.52
N GLY G 95 -19.74 -23.11 32.51
CA GLY G 95 -20.73 -24.15 32.69
C GLY G 95 -20.28 -25.47 32.13
N HIS G 96 -21.17 -26.46 32.20
CA HIS G 96 -20.89 -27.72 31.55
C HIS G 96 -22.19 -28.39 31.15
N ILE G 97 -22.09 -29.23 30.11
CA ILE G 97 -23.20 -29.99 29.57
C ILE G 97 -22.91 -31.46 29.81
N GLU G 98 -23.85 -32.15 30.44
CA GLU G 98 -23.70 -33.56 30.79
C GLU G 98 -24.28 -34.39 29.65
N LEU G 99 -23.41 -34.91 28.80
CA LEU G 99 -23.86 -35.66 27.64
C LEU G 99 -24.52 -36.97 28.07
N ALA G 100 -25.58 -37.34 27.36
CA ALA G 100 -26.27 -38.61 27.63
C ALA G 100 -25.51 -39.81 27.09
N ALA G 101 -24.64 -39.62 26.12
CA ALA G 101 -23.80 -40.69 25.59
C ALA G 101 -22.39 -40.17 25.43
N PRO G 102 -21.38 -41.03 25.57
CA PRO G 102 -20.00 -40.58 25.38
C PRO G 102 -19.78 -40.08 23.96
N VAL G 103 -18.84 -39.16 23.83
CA VAL G 103 -18.46 -38.59 22.53
C VAL G 103 -16.95 -38.42 22.50
N THR G 104 -16.35 -38.69 21.35
CA THR G 104 -14.90 -38.55 21.19
C THR G 104 -14.53 -37.12 20.86
N HIS G 105 -13.26 -36.79 21.08
CA HIS G 105 -12.74 -35.48 20.77
C HIS G 105 -12.13 -35.52 19.37
N ILE G 106 -12.58 -34.60 18.50
CA ILE G 106 -12.19 -34.66 17.11
C ILE G 106 -10.70 -34.40 16.90
N TRP G 107 -10.09 -33.54 17.72
CA TRP G 107 -8.67 -33.25 17.54
C TRP G 107 -7.85 -34.52 17.53
N TYR G 108 -8.19 -35.47 18.40
CA TYR G 108 -7.41 -36.69 18.57
C TYR G 108 -7.86 -37.82 17.67
N PHE G 109 -8.87 -37.60 16.84
CA PHE G 109 -9.34 -38.62 15.90
C PHE G 109 -9.10 -38.19 14.46
N LYS G 110 -9.61 -37.03 14.04
CA LYS G 110 -9.54 -36.65 12.63
C LYS G 110 -8.14 -36.16 12.26
N GLY G 111 -7.49 -35.42 13.14
CA GLY G 111 -6.21 -34.84 12.83
C GLY G 111 -5.17 -35.86 12.42
N VAL G 112 -4.44 -35.59 11.34
CA VAL G 112 -3.41 -36.48 10.82
C VAL G 112 -2.10 -36.17 11.53
N PRO G 113 -1.41 -37.16 12.11
CA PRO G 113 -1.74 -38.58 12.17
C PRO G 113 -2.85 -38.85 13.19
N SER G 114 -3.78 -39.75 12.90
CA SER G 114 -4.85 -40.04 13.84
C SER G 114 -4.25 -40.63 15.12
N ARG G 115 -4.30 -39.86 16.21
CA ARG G 115 -3.62 -40.28 17.43
C ARG G 115 -4.46 -41.24 18.25
N LEU G 116 -5.76 -41.38 17.94
CA LEU G 116 -6.51 -42.50 18.47
C LEU G 116 -6.16 -43.80 17.76
N GLY G 117 -5.87 -43.73 16.46
CA GLY G 117 -5.47 -44.91 15.73
C GLY G 117 -4.13 -45.47 16.14
N TYR G 118 -3.11 -44.63 16.33
CA TYR G 118 -1.81 -45.08 16.80
C TYR G 118 -1.88 -45.71 18.19
N LEU G 119 -2.66 -45.11 19.10
CA LEU G 119 -2.80 -45.67 20.44
C LEU G 119 -3.46 -47.04 20.40
N LEU G 120 -4.47 -47.21 19.55
CA LEU G 120 -5.20 -48.46 19.44
C LEU G 120 -4.78 -49.31 18.26
N ASP G 121 -3.95 -48.79 17.35
CA ASP G 121 -3.51 -49.52 16.16
C ASP G 121 -4.69 -49.85 15.25
N LEU G 122 -5.46 -48.80 14.93
CA LEU G 122 -6.61 -48.90 14.04
C LEU G 122 -6.46 -47.91 12.91
N ALA G 123 -6.78 -48.34 11.70
CA ALA G 123 -6.70 -47.44 10.56
C ALA G 123 -7.80 -46.39 10.66
N PRO G 124 -7.58 -45.20 10.10
CA PRO G 124 -8.61 -44.14 10.18
C PRO G 124 -9.96 -44.55 9.64
N LYS G 125 -9.99 -45.34 8.56
CA LYS G 125 -11.27 -45.69 7.95
C LYS G 125 -12.13 -46.51 8.90
N ASP G 126 -11.57 -47.59 9.45
CA ASP G 126 -12.33 -48.42 10.38
C ASP G 126 -12.73 -47.64 11.62
N LEU G 127 -11.82 -46.82 12.15
CA LEU G 127 -12.14 -46.02 13.33
C LEU G 127 -13.30 -45.08 13.05
N GLU G 128 -13.30 -44.44 11.88
CA GLU G 128 -14.42 -43.57 11.52
C GLU G 128 -15.71 -44.36 11.38
N LYS G 129 -15.61 -45.59 10.87
CA LYS G 129 -16.80 -46.45 10.80
C LYS G 129 -17.34 -46.72 12.19
N ILE G 130 -16.46 -46.98 13.16
CA ILE G 130 -16.92 -47.37 14.50
C ILE G 130 -17.62 -46.20 15.19
N ILE G 131 -17.01 -45.02 15.19
CA ILE G 131 -17.50 -43.93 16.03
C ILE G 131 -18.74 -43.25 15.46
N TYR G 132 -19.02 -43.42 14.18
CA TYR G 132 -20.21 -42.85 13.56
C TYR G 132 -21.30 -43.89 13.33
N PHE G 133 -21.25 -45.01 14.05
CA PHE G 133 -22.29 -46.03 14.01
C PHE G 133 -22.50 -46.55 12.59
N ALA G 134 -21.44 -47.14 12.03
CA ALA G 134 -21.51 -47.81 10.72
C ALA G 134 -20.90 -49.20 10.76
N ALA G 135 -20.49 -49.69 11.93
CA ALA G 135 -19.91 -51.02 12.06
C ALA G 135 -19.72 -51.38 13.53
N TYR G 136 -19.70 -52.66 13.85
CA TYR G 136 -19.48 -53.11 15.21
C TYR G 136 -18.01 -53.45 15.43
N VAL G 137 -17.61 -53.46 16.71
CA VAL G 137 -16.24 -53.75 17.10
C VAL G 137 -16.27 -54.69 18.30
N ILE G 138 -15.40 -55.69 18.28
CA ILE G 138 -15.32 -56.68 19.35
C ILE G 138 -14.43 -56.11 20.45
N THR G 139 -15.04 -55.69 21.57
CA THR G 139 -14.30 -55.06 22.64
C THR G 139 -13.69 -56.05 23.62
N SER G 140 -14.06 -57.33 23.52
CA SER G 140 -13.51 -58.33 24.43
C SER G 140 -13.88 -59.72 23.93
N VAL G 141 -13.05 -60.70 24.28
CA VAL G 141 -13.30 -62.10 23.96
C VAL G 141 -12.54 -62.95 24.98
N ASP G 142 -13.21 -63.97 25.50
CA ASP G 142 -12.69 -64.78 26.60
C ASP G 142 -12.11 -66.07 26.03
N GLU G 143 -10.80 -66.26 26.22
CA GLU G 143 -10.14 -67.43 25.64
C GLU G 143 -10.28 -68.66 26.53
N GLU G 144 -10.41 -68.48 27.85
CA GLU G 144 -10.56 -69.61 28.75
C GLU G 144 -11.85 -70.37 28.44
N MET G 145 -12.96 -69.65 28.30
CA MET G 145 -14.21 -70.30 27.93
C MET G 145 -14.22 -70.67 26.45
N ARG G 146 -13.45 -69.95 25.64
CA ARG G 146 -13.43 -70.16 24.20
C ARG G 146 -13.31 -71.63 23.85
N HIS G 147 -12.17 -72.25 24.18
CA HIS G 147 -11.89 -73.61 23.70
C HIS G 147 -12.72 -74.64 24.45
N ASN G 148 -12.86 -74.44 25.77
CA ASN G 148 -13.63 -75.37 26.59
C ASN G 148 -15.02 -75.57 26.01
N GLU G 149 -15.68 -74.47 25.65
CA GLU G 149 -16.97 -74.59 24.99
C GLU G 149 -16.84 -74.77 23.49
N LEU G 150 -15.65 -74.58 22.93
CA LEU G 150 -15.42 -74.85 21.52
C LEU G 150 -15.59 -76.31 21.18
N SER G 151 -15.10 -77.21 22.03
CA SER G 151 -15.33 -78.63 21.79
C SER G 151 -16.82 -78.95 21.72
N THR G 152 -17.58 -78.52 22.74
CA THR G 152 -19.01 -78.79 22.77
C THR G 152 -19.72 -78.12 21.61
N LEU G 153 -19.32 -76.91 21.25
CA LEU G 153 -19.97 -76.21 20.16
C LEU G 153 -19.59 -76.81 18.81
N GLU G 154 -18.44 -77.46 18.72
CA GLU G 154 -18.11 -78.26 17.55
C GLU G 154 -19.08 -79.43 17.42
N ALA G 155 -19.37 -80.10 18.55
CA ALA G 155 -20.40 -81.13 18.53
C ALA G 155 -21.75 -80.56 18.10
N GLU G 156 -22.12 -79.41 18.66
CA GLU G 156 -23.41 -78.79 18.32
C GLU G 156 -23.45 -78.41 16.85
N MET G 157 -22.33 -77.91 16.30
CA MET G 157 -22.29 -77.56 14.89
C MET G 157 -22.41 -78.78 14.01
N ALA G 158 -21.80 -79.89 14.41
CA ALA G 158 -22.01 -81.13 13.68
C ALA G 158 -23.49 -81.51 13.66
N VAL G 159 -24.15 -81.39 14.83
CA VAL G 159 -25.58 -81.68 14.89
C VAL G 159 -26.35 -80.75 13.96
N GLU G 160 -26.01 -79.46 13.97
CA GLU G 160 -26.73 -78.50 13.15
C GLU G 160 -26.55 -78.78 11.66
N ARG G 161 -25.32 -79.11 11.25
CA ARG G 161 -25.06 -79.43 9.86
C ARG G 161 -25.72 -80.72 9.41
N LYS G 162 -25.81 -81.72 10.28
CA LYS G 162 -26.48 -82.98 9.94
C LYS G 162 -27.99 -82.86 9.88
N ALA G 163 -28.61 -82.13 10.81
CA ALA G 163 -30.07 -82.03 10.83
C ALA G 163 -30.58 -81.30 9.60
N VAL G 164 -29.97 -80.15 9.28
CA VAL G 164 -30.40 -79.38 8.12
C VAL G 164 -30.17 -80.17 6.84
N GLU G 165 -29.03 -80.88 6.77
CA GLU G 165 -28.75 -81.70 5.60
C GLU G 165 -29.78 -82.81 5.44
N ASP G 166 -30.18 -83.43 6.54
CA ASP G 166 -31.21 -84.47 6.48
C ASP G 166 -32.55 -83.90 6.01
N GLN G 167 -32.92 -82.71 6.52
CA GLN G 167 -34.17 -82.09 6.08
C GLN G 167 -34.12 -81.79 4.59
N ARG G 168 -32.99 -81.27 4.10
CA ARG G 168 -32.85 -81.01 2.68
C ARG G 168 -32.88 -82.29 1.86
N ASP G 169 -32.32 -83.37 2.40
CA ASP G 169 -32.39 -84.67 1.73
C ASP G 169 -33.84 -85.14 1.63
N GLY G 170 -34.62 -84.95 2.69
CA GLY G 170 -36.03 -85.29 2.61
C GLY G 170 -36.77 -84.45 1.59
N GLU G 171 -36.45 -83.16 1.51
CA GLU G 171 -37.03 -82.32 0.48
C GLU G 171 -36.67 -82.82 -0.91
N LEU G 172 -35.42 -83.23 -1.11
CA LEU G 172 -35.01 -83.76 -2.41
C LEU G 172 -35.74 -85.07 -2.71
N GLU G 173 -36.00 -85.89 -1.69
CA GLU G 173 -36.78 -87.11 -1.89
C GLU G 173 -38.20 -86.78 -2.32
N ALA G 174 -38.80 -85.74 -1.71
CA ALA G 174 -40.11 -85.30 -2.15
C ALA G 174 -40.08 -84.84 -3.60
N ARG G 175 -39.03 -84.10 -3.97
CA ARG G 175 -38.87 -83.68 -5.37
C ARG G 175 -38.75 -84.89 -6.28
N ALA G 176 -38.05 -85.93 -5.83
CA ALA G 176 -37.93 -87.15 -6.61
C ALA G 176 -39.27 -87.83 -6.79
N GLN G 177 -40.10 -87.82 -5.74
CA GLN G 177 -41.45 -88.36 -5.87
C GLN G 177 -42.26 -87.56 -6.88
N LYS G 178 -42.10 -86.23 -6.87
CA LYS G 178 -42.75 -85.40 -7.88
C LYS G 178 -42.28 -85.76 -9.28
N LEU G 179 -40.97 -86.00 -9.43
CA LEU G 179 -40.43 -86.40 -10.73
C LEU G 179 -41.01 -87.75 -11.17
N GLU G 180 -41.16 -88.69 -10.23
CA GLU G 180 -41.77 -89.96 -10.57
C GLU G 180 -43.21 -89.78 -11.02
N ALA G 181 -43.95 -88.91 -10.34
CA ALA G 181 -45.32 -88.62 -10.76
C ALA G 181 -45.34 -88.02 -12.16
N ASP G 182 -44.39 -87.12 -12.44
CA ASP G 182 -44.30 -86.53 -13.77
C ASP G 182 -44.02 -87.60 -14.82
N LEU G 183 -43.11 -88.53 -14.52
CA LEU G 183 -42.82 -89.62 -15.45
C LEU G 183 -44.06 -90.48 -15.69
N ALA G 184 -44.82 -90.76 -14.63
CA ALA G 184 -46.04 -91.53 -14.79
C ALA G 184 -47.03 -90.78 -15.69
N GLU G 185 -47.16 -89.47 -15.49
CA GLU G 185 -48.03 -88.67 -16.34
C GLU G 185 -47.59 -88.73 -17.79
N LEU G 186 -46.28 -88.62 -18.03
CA LEU G 186 -45.76 -88.69 -19.40
C LEU G 186 -46.11 -90.02 -20.05
N GLU G 187 -45.83 -91.12 -19.35
CA GLU G 187 -45.96 -92.44 -19.96
C GLU G 187 -47.41 -92.95 -19.94
N ALA G 188 -48.31 -92.26 -19.23
CA ALA G 188 -49.70 -92.72 -19.17
C ALA G 188 -50.44 -92.43 -20.46
N GLU G 189 -50.52 -91.15 -20.85
CA GLU G 189 -51.22 -90.73 -22.03
C GLU G 189 -50.23 -90.46 -23.16
N GLY G 190 -50.73 -89.95 -24.29
CA GLY G 190 -49.88 -89.66 -25.42
C GLY G 190 -49.33 -88.24 -25.40
N ALA G 191 -48.09 -88.10 -24.95
CA ALA G 191 -47.41 -86.81 -24.95
C ALA G 191 -46.01 -87.02 -25.48
N LYS G 192 -45.64 -86.27 -26.52
CA LYS G 192 -44.38 -86.47 -27.22
C LYS G 192 -43.28 -85.60 -26.60
N ALA G 193 -42.15 -85.52 -27.28
CA ALA G 193 -40.92 -84.93 -26.75
C ALA G 193 -41.10 -83.61 -26.02
N ASP G 194 -42.03 -82.78 -26.49
CA ASP G 194 -42.20 -81.45 -25.90
C ASP G 194 -42.46 -81.55 -24.40
N ALA G 195 -43.54 -82.27 -24.02
CA ALA G 195 -43.89 -82.37 -22.61
C ALA G 195 -42.80 -83.08 -21.81
N ARG G 196 -42.23 -84.15 -22.38
CA ARG G 196 -41.18 -84.89 -21.68
C ARG G 196 -40.04 -83.95 -21.32
N ARG G 197 -39.52 -83.22 -22.32
CA ARG G 197 -38.39 -82.33 -22.08
C ARG G 197 -38.77 -81.22 -21.11
N LYS G 198 -39.97 -80.65 -21.25
CA LYS G 198 -40.38 -79.58 -20.35
C LYS G 198 -40.36 -80.06 -18.90
N VAL G 199 -41.01 -81.19 -18.63
CA VAL G 199 -41.12 -81.65 -17.25
C VAL G 199 -39.75 -82.07 -16.72
N ARG G 200 -38.92 -82.69 -17.56
CA ARG G 200 -37.60 -83.12 -17.09
C ARG G 200 -36.72 -81.91 -16.79
N ASP G 201 -36.79 -80.87 -17.61
CA ASP G 201 -36.05 -79.64 -17.33
C ASP G 201 -36.53 -79.01 -16.03
N GLY G 202 -37.84 -78.96 -15.82
CA GLY G 202 -38.35 -78.43 -14.56
C GLY G 202 -37.84 -79.21 -13.37
N GLY G 203 -37.90 -80.54 -13.46
CA GLY G 203 -37.46 -81.37 -12.34
C GLY G 203 -35.99 -81.20 -12.04
N GLU G 204 -35.15 -81.26 -13.08
CA GLU G 204 -33.71 -81.12 -12.86
C GLU G 204 -33.38 -79.72 -12.33
N ARG G 205 -34.06 -78.69 -12.83
CA ARG G 205 -33.84 -77.34 -12.31
C ARG G 205 -34.19 -77.26 -10.83
N GLU G 206 -35.32 -77.86 -10.43
CA GLU G 206 -35.70 -77.85 -9.02
C GLU G 206 -34.69 -78.60 -8.15
N MET G 207 -34.24 -79.77 -8.61
CA MET G 207 -33.25 -80.52 -7.85
C MET G 207 -31.96 -79.73 -7.70
N ARG G 208 -31.50 -79.11 -8.79
CA ARG G 208 -30.28 -78.32 -8.73
C ARG G 208 -30.44 -77.13 -7.79
N GLN G 209 -31.62 -76.50 -7.80
CA GLN G 209 -31.85 -75.37 -6.91
C GLN G 209 -31.81 -75.83 -5.45
N ILE G 210 -32.38 -77.00 -5.15
CA ILE G 210 -32.33 -77.52 -3.79
C ILE G 210 -30.88 -77.78 -3.38
N ARG G 211 -30.11 -78.40 -4.27
CA ARG G 211 -28.69 -78.65 -3.97
C ARG G 211 -27.95 -77.35 -3.74
N ASP G 212 -28.21 -76.33 -4.56
CA ASP G 212 -27.54 -75.04 -4.41
C ASP G 212 -27.92 -74.38 -3.09
N ARG G 213 -29.19 -74.46 -2.70
CA ARG G 213 -29.59 -73.92 -1.40
C ARG G 213 -28.85 -74.61 -0.28
N ALA G 214 -28.76 -75.95 -0.34
CA ALA G 214 -28.04 -76.69 0.68
C ALA G 214 -26.58 -76.23 0.75
N GLN G 215 -25.94 -76.11 -0.41
CA GLN G 215 -24.52 -75.74 -0.43
C GLN G 215 -24.32 -74.33 0.11
N ARG G 216 -25.19 -73.40 -0.27
CA ARG G 216 -25.05 -72.02 0.20
C ARG G 216 -25.25 -71.93 1.70
N GLU G 217 -26.27 -72.60 2.23
CA GLU G 217 -26.48 -72.59 3.67
C GLU G 217 -25.30 -73.21 4.41
N LEU G 218 -24.78 -74.34 3.92
CA LEU G 218 -23.64 -74.96 4.57
C LEU G 218 -22.43 -74.05 4.53
N ASP G 219 -22.20 -73.38 3.40
CA ASP G 219 -21.08 -72.45 3.27
C ASP G 219 -21.20 -71.31 4.27
N ARG G 220 -22.39 -70.71 4.35
CA ARG G 220 -22.59 -69.61 5.28
C ARG G 220 -22.38 -70.05 6.73
N LEU G 221 -22.93 -71.21 7.09
CA LEU G 221 -22.77 -71.70 8.45
C LEU G 221 -21.31 -72.00 8.77
N GLU G 222 -20.60 -72.59 7.82
CA GLU G 222 -19.17 -72.85 8.03
C GLU G 222 -18.39 -71.56 8.19
N ASP G 223 -18.71 -70.54 7.39
CA ASP G 223 -18.03 -69.25 7.53
C ASP G 223 -18.29 -68.66 8.92
N ILE G 224 -19.54 -68.74 9.39
CA ILE G 224 -19.86 -68.23 10.72
C ILE G 224 -19.05 -68.99 11.77
N TRP G 225 -18.99 -70.31 11.66
CA TRP G 225 -18.24 -71.10 12.62
C TRP G 225 -16.76 -70.73 12.62
N SER G 226 -16.18 -70.58 11.42
CA SER G 226 -14.79 -70.19 11.32
C SER G 226 -14.55 -68.84 11.98
N THR G 227 -15.38 -67.86 11.64
CA THR G 227 -15.25 -66.53 12.22
C THR G 227 -15.27 -66.63 13.73
N PHE G 228 -16.23 -67.36 14.28
CA PHE G 228 -16.32 -67.48 15.73
C PHE G 228 -15.08 -68.13 16.33
N THR G 229 -14.58 -69.20 15.70
CA THR G 229 -13.49 -69.95 16.33
C THR G 229 -12.15 -69.23 16.24
N LYS G 230 -11.93 -68.40 15.22
CA LYS G 230 -10.68 -67.65 15.15
C LYS G 230 -10.91 -66.15 15.02
N LEU G 231 -11.76 -65.61 15.89
CA LEU G 231 -12.02 -64.18 15.96
C LEU G 231 -11.40 -63.62 17.24
N ALA G 232 -10.98 -62.36 17.16
CA ALA G 232 -10.27 -61.71 18.25
C ALA G 232 -10.75 -60.28 18.40
N PRO G 233 -10.31 -59.53 19.41
CA PRO G 233 -10.84 -58.17 19.62
C PRO G 233 -10.22 -57.18 18.65
N LYS G 234 -10.68 -55.94 18.77
CA LYS G 234 -10.30 -54.85 17.86
C LYS G 234 -10.61 -55.19 16.40
N GLN G 235 -11.60 -56.05 16.18
CA GLN G 235 -11.98 -56.49 14.85
C GLN G 235 -13.38 -55.98 14.51
N LEU G 236 -13.51 -55.39 13.33
CA LEU G 236 -14.78 -54.83 12.89
C LEU G 236 -15.68 -55.92 12.32
N ILE G 237 -16.97 -55.84 12.67
CA ILE G 237 -17.94 -56.81 12.18
C ILE G 237 -18.98 -56.10 11.33
N VAL G 238 -18.73 -56.03 10.03
CA VAL G 238 -19.66 -55.49 9.04
C VAL G 238 -20.73 -56.55 8.78
N ASP G 239 -21.75 -56.20 8.00
CA ASP G 239 -22.85 -57.12 7.75
C ASP G 239 -23.59 -57.43 9.04
N GLU G 240 -24.27 -56.41 9.57
CA GLU G 240 -24.98 -56.51 10.85
C GLU G 240 -25.60 -57.88 11.09
N ASN G 241 -26.20 -58.47 10.05
CA ASN G 241 -26.78 -59.80 10.22
C ASN G 241 -25.76 -60.79 10.77
N LEU G 242 -24.51 -60.70 10.33
CA LEU G 242 -23.49 -61.62 10.84
C LEU G 242 -23.31 -61.45 12.35
N TYR G 243 -23.19 -60.20 12.81
CA TYR G 243 -23.04 -59.96 14.24
C TYR G 243 -24.27 -60.41 15.01
N ARG G 244 -25.46 -60.18 14.45
CA ARG G 244 -26.68 -60.60 15.12
C ARG G 244 -26.72 -62.11 15.29
N GLU G 245 -26.37 -62.85 14.23
CA GLU G 245 -26.32 -64.30 14.33
C GLU G 245 -25.27 -64.74 15.35
N LEU G 246 -24.11 -64.08 15.36
CA LEU G 246 -23.06 -64.47 16.30
C LEU G 246 -23.50 -64.26 17.74
N VAL G 247 -24.13 -63.13 18.03
CA VAL G 247 -24.54 -62.86 19.41
C VAL G 247 -25.70 -63.75 19.80
N ASP G 248 -26.65 -63.99 18.88
CA ASP G 248 -27.77 -64.87 19.20
C ASP G 248 -27.29 -66.29 19.47
N ARG G 249 -26.35 -66.78 18.67
CA ARG G 249 -25.87 -68.15 18.82
C ARG G 249 -24.91 -68.26 19.99
N TYR G 250 -23.84 -67.47 19.97
CA TYR G 250 -22.85 -67.45 21.05
C TYR G 250 -22.92 -66.07 21.70
N GLY G 251 -23.85 -65.92 22.65
CA GLY G 251 -23.95 -64.67 23.36
C GLY G 251 -22.83 -64.46 24.36
N GLU G 252 -22.24 -65.54 24.84
CA GLU G 252 -21.10 -65.47 25.75
C GLU G 252 -19.81 -65.44 24.94
N TYR G 253 -18.68 -65.55 25.63
CA TYR G 253 -17.33 -65.66 25.09
C TYR G 253 -16.82 -64.34 24.53
N PHE G 254 -17.64 -63.30 24.41
CA PHE G 254 -17.17 -62.07 23.80
C PHE G 254 -18.21 -60.98 24.01
N THR G 255 -17.78 -59.73 23.85
CA THR G 255 -18.65 -58.57 23.92
C THR G 255 -18.40 -57.70 22.70
N GLY G 256 -19.47 -57.27 22.06
CA GLY G 256 -19.38 -56.40 20.90
C GLY G 256 -20.12 -55.11 21.15
N ALA G 257 -19.56 -54.01 20.62
CA ALA G 257 -20.14 -52.70 20.85
C ALA G 257 -20.02 -51.82 19.61
N MET G 258 -20.51 -50.58 19.71
CA MET G 258 -20.47 -49.63 18.62
C MET G 258 -20.56 -48.22 19.19
N GLY G 259 -19.97 -47.27 18.48
CA GLY G 259 -19.95 -45.89 18.94
C GLY G 259 -18.78 -45.60 19.85
N ALA G 260 -18.75 -44.36 20.35
CA ALA G 260 -17.64 -43.91 21.17
C ALA G 260 -17.55 -44.70 22.48
N GLU G 261 -18.66 -45.29 22.91
CA GLU G 261 -18.60 -46.14 24.11
C GLU G 261 -17.69 -47.33 23.89
N SER G 262 -17.71 -47.91 22.69
CA SER G 262 -16.82 -49.03 22.40
C SER G 262 -15.36 -48.61 22.49
N ILE G 263 -15.03 -47.41 22.00
CA ILE G 263 -13.65 -46.93 22.08
C ILE G 263 -13.27 -46.67 23.53
N GLN G 264 -14.19 -46.13 24.32
CA GLN G 264 -13.92 -45.95 25.74
C GLN G 264 -13.61 -47.29 26.39
N LYS G 265 -14.39 -48.32 26.06
CA LYS G 265 -14.13 -49.65 26.61
C LYS G 265 -12.78 -50.19 26.14
N LEU G 266 -12.44 -49.99 24.87
CA LEU G 266 -11.15 -50.45 24.37
C LEU G 266 -10.01 -49.79 25.10
N ILE G 267 -10.10 -48.48 25.33
CA ILE G 267 -9.05 -47.79 26.08
C ILE G 267 -9.00 -48.29 27.51
N GLU G 268 -10.16 -48.62 28.08
CA GLU G 268 -10.16 -49.16 29.45
C GLU G 268 -9.39 -50.46 29.53
N ASN G 269 -9.59 -51.36 28.57
CA ASN G 269 -8.91 -52.65 28.55
C ASN G 269 -7.67 -52.55 27.66
N PHE G 270 -6.73 -51.74 28.10
CA PHE G 270 -5.55 -51.44 27.30
C PHE G 270 -4.41 -51.04 28.24
N ASP G 271 -3.47 -51.94 28.44
CA ASP G 271 -2.31 -51.67 29.29
C ASP G 271 -1.19 -51.07 28.45
N ILE G 272 -0.57 -50.00 28.96
CA ILE G 272 0.36 -49.21 28.18
C ILE G 272 1.81 -49.68 28.30
N ASP G 273 2.07 -50.73 29.07
CA ASP G 273 3.43 -51.23 29.23
C ASP G 273 3.76 -52.34 28.25
N ALA G 274 2.85 -53.31 28.08
CA ALA G 274 3.07 -54.37 27.11
C ALA G 274 3.16 -53.81 25.70
N GLU G 275 2.32 -52.83 25.37
CA GLU G 275 2.36 -52.21 24.06
C GLU G 275 3.71 -51.55 23.81
N ALA G 276 4.21 -50.80 24.80
CA ALA G 276 5.50 -50.15 24.64
C ALA G 276 6.62 -51.17 24.49
N GLU G 277 6.60 -52.24 25.28
CA GLU G 277 7.62 -53.26 25.16
C GLU G 277 7.61 -53.90 23.78
N SER G 278 6.41 -54.22 23.29
CA SER G 278 6.32 -54.83 21.95
C SER G 278 6.83 -53.88 20.88
N LEU G 279 6.46 -52.60 20.97
CA LEU G 279 6.92 -51.64 19.97
C LEU G 279 8.44 -51.50 20.01
N ARG G 280 9.03 -51.46 21.20
CA ARG G 280 10.48 -51.35 21.30
C ARG G 280 11.16 -52.59 20.73
N ASP G 281 10.60 -53.78 21.01
CA ASP G 281 11.17 -54.99 20.44
C ASP G 281 11.12 -54.95 18.91
N VAL G 282 9.97 -54.54 18.36
CA VAL G 282 9.84 -54.47 16.90
C VAL G 282 10.84 -53.47 16.33
N ILE G 283 11.04 -52.34 17.01
CA ILE G 283 12.01 -51.36 16.55
C ILE G 283 13.41 -51.97 16.53
N ARG G 284 13.77 -52.67 17.61
CA ARG G 284 15.11 -53.23 17.68
C ARG G 284 15.32 -54.36 16.66
N ASN G 285 14.25 -55.04 16.25
CA ASN G 285 14.36 -56.20 15.38
C ASN G 285 13.74 -55.99 14.00
N GLY G 286 12.47 -55.61 13.94
CA GLY G 286 11.70 -55.62 12.71
C GLY G 286 12.40 -55.14 11.46
N LYS G 287 12.82 -53.88 11.44
CA LYS G 287 13.37 -53.25 10.25
C LYS G 287 12.31 -53.11 9.16
N GLY G 288 12.52 -52.20 8.21
CA GLY G 288 11.58 -52.00 7.13
C GLY G 288 10.37 -51.18 7.52
N GLN G 289 9.30 -51.38 6.75
CA GLN G 289 8.06 -50.65 7.02
C GLN G 289 7.54 -50.94 8.42
N LYS G 290 7.71 -52.16 8.90
CA LYS G 290 7.27 -52.47 10.26
C LYS G 290 8.03 -51.62 11.28
N LYS G 291 9.34 -51.48 11.11
CA LYS G 291 10.09 -50.62 12.03
C LYS G 291 9.65 -49.16 11.89
N LEU G 292 9.42 -48.70 10.66
CA LEU G 292 9.01 -47.32 10.48
C LEU G 292 7.66 -47.03 11.13
N ARG G 293 6.73 -47.97 11.07
CA ARG G 293 5.43 -47.79 11.70
C ARG G 293 5.51 -47.92 13.22
N ALA G 294 6.36 -48.83 13.71
CA ALA G 294 6.57 -48.95 15.15
C ALA G 294 7.16 -47.68 15.72
N LEU G 295 8.09 -47.06 14.99
CA LEU G 295 8.65 -45.79 15.45
C LEU G 295 7.58 -44.72 15.56
N LYS G 296 6.69 -44.64 14.57
CA LYS G 296 5.61 -43.65 14.63
C LYS G 296 4.69 -43.92 15.82
N ARG G 297 4.31 -45.17 16.04
CA ARG G 297 3.41 -45.48 17.15
C ARG G 297 4.07 -45.21 18.49
N LEU G 298 5.34 -45.58 18.63
CA LEU G 298 6.01 -45.44 19.91
C LEU G 298 6.01 -44.00 20.41
N LYS G 299 5.95 -43.02 19.51
CA LYS G 299 5.88 -41.63 19.94
C LYS G 299 4.69 -41.43 20.88
N VAL G 300 3.47 -41.68 20.39
CA VAL G 300 2.29 -41.45 21.20
C VAL G 300 2.23 -42.43 22.36
N VAL G 301 2.67 -43.67 22.14
CA VAL G 301 2.60 -44.65 23.24
C VAL G 301 3.48 -44.22 24.40
N ALA G 302 4.72 -43.81 24.11
CA ALA G 302 5.60 -43.34 25.16
C ALA G 302 5.10 -42.04 25.76
N ALA G 303 4.46 -41.19 24.95
CA ALA G 303 3.89 -39.96 25.50
C ALA G 303 2.84 -40.27 26.56
N PHE G 304 1.97 -41.25 26.29
CA PHE G 304 0.96 -41.63 27.27
C PHE G 304 1.52 -42.50 28.39
N GLN G 305 2.69 -43.09 28.20
CA GLN G 305 3.28 -43.91 29.26
C GLN G 305 4.04 -43.08 30.28
N GLN G 306 4.91 -42.17 29.81
CA GLN G 306 5.83 -41.49 30.71
C GLN G 306 5.09 -40.66 31.75
N SER G 307 4.04 -39.95 31.34
CA SER G 307 3.32 -39.06 32.23
C SER G 307 2.24 -39.81 33.00
N GLY G 308 1.77 -39.18 34.08
CA GLY G 308 0.71 -39.75 34.89
C GLY G 308 -0.68 -39.60 34.30
N ASN G 309 -0.82 -38.84 33.23
CA ASN G 309 -2.10 -38.67 32.58
C ASN G 309 -2.52 -39.97 31.87
N SER G 310 -3.83 -40.16 31.75
CA SER G 310 -4.37 -41.34 31.08
C SER G 310 -4.96 -40.96 29.74
N PRO G 311 -5.01 -41.90 28.78
CA PRO G 311 -5.61 -41.61 27.48
C PRO G 311 -7.12 -41.40 27.52
N MET G 312 -7.78 -41.78 28.60
CA MET G 312 -9.24 -41.65 28.69
C MET G 312 -9.73 -40.23 28.42
N GLY G 313 -8.85 -39.23 28.50
CA GLY G 313 -9.27 -37.87 28.22
C GLY G 313 -9.65 -37.63 26.77
N MET G 314 -9.37 -38.57 25.88
CA MET G 314 -9.75 -38.41 24.48
C MET G 314 -11.26 -38.54 24.30
N VAL G 315 -11.92 -39.38 25.09
CA VAL G 315 -13.36 -39.59 24.99
C VAL G 315 -14.04 -38.74 26.05
N LEU G 316 -14.94 -37.87 25.62
CA LEU G 316 -15.57 -36.89 26.50
C LEU G 316 -16.82 -37.45 27.13
N ASP G 317 -17.10 -37.01 28.36
CA ASP G 317 -18.36 -37.26 29.04
C ASP G 317 -19.11 -35.99 29.39
N ALA G 318 -18.42 -34.87 29.52
CA ALA G 318 -19.04 -33.57 29.74
C ALA G 318 -18.35 -32.56 28.84
N VAL G 319 -19.10 -31.55 28.42
CA VAL G 319 -18.62 -30.53 27.50
C VAL G 319 -18.62 -29.18 28.22
N PRO G 320 -17.47 -28.53 28.39
CA PRO G 320 -17.47 -27.22 29.05
C PRO G 320 -18.09 -26.13 28.20
N VAL G 321 -18.58 -25.09 28.87
CA VAL G 321 -19.31 -23.99 28.24
C VAL G 321 -18.66 -22.69 28.67
N ILE G 322 -18.19 -21.92 27.69
CA ILE G 322 -17.41 -20.70 27.88
C ILE G 322 -18.27 -19.64 28.58
N PRO G 323 -17.70 -18.75 29.38
CA PRO G 323 -18.53 -17.76 30.07
C PRO G 323 -19.29 -16.91 29.11
N PRO G 324 -20.48 -16.41 29.49
CA PRO G 324 -21.31 -15.67 28.53
C PRO G 324 -20.64 -14.44 27.96
N GLU G 325 -19.84 -13.74 28.77
CA GLU G 325 -19.26 -12.48 28.32
C GLU G 325 -18.28 -12.67 27.17
N LEU G 326 -17.78 -13.88 26.95
CA LEU G 326 -16.89 -14.17 25.84
C LEU G 326 -17.63 -14.64 24.58
N ARG G 327 -18.94 -14.85 24.67
CA ARG G 327 -19.79 -15.13 23.51
C ARG G 327 -21.06 -14.30 23.65
N PRO G 328 -20.93 -12.97 23.66
CA PRO G 328 -22.07 -12.12 24.02
C PRO G 328 -23.05 -11.92 22.88
N MET G 329 -24.30 -11.67 23.26
CA MET G 329 -25.33 -11.22 22.33
C MET G 329 -25.74 -9.82 22.76
N VAL G 330 -25.75 -8.89 21.81
CA VAL G 330 -25.93 -7.48 22.11
C VAL G 330 -27.18 -6.96 21.39
N GLN G 331 -27.75 -5.90 21.95
CA GLN G 331 -29.01 -5.33 21.47
C GLN G 331 -28.72 -4.30 20.38
N LEU G 332 -29.20 -4.57 19.17
CA LEU G 332 -29.24 -3.56 18.13
C LEU G 332 -30.62 -2.94 18.09
N ASP G 333 -30.66 -1.61 17.98
CA ASP G 333 -31.94 -0.89 18.04
C ASP G 333 -32.94 -1.50 17.07
N GLY G 334 -34.22 -1.35 17.42
CA GLY G 334 -35.28 -2.00 16.69
C GLY G 334 -35.65 -3.37 17.21
N GLY G 335 -35.29 -3.69 18.45
CA GLY G 335 -35.56 -5.01 18.97
C GLY G 335 -34.80 -6.11 18.26
N ARG G 336 -33.54 -5.89 17.93
CA ARG G 336 -32.73 -6.89 17.24
C ARG G 336 -31.60 -7.33 18.16
N PHE G 337 -31.08 -8.53 17.92
CA PHE G 337 -29.97 -9.07 18.70
C PHE G 337 -28.90 -9.64 17.78
N ALA G 338 -27.64 -9.48 18.20
CA ALA G 338 -26.49 -9.95 17.44
C ALA G 338 -25.80 -11.06 18.22
N THR G 339 -25.97 -12.30 17.77
CA THR G 339 -25.39 -13.45 18.46
C THR G 339 -23.89 -13.54 18.17
N SER G 340 -23.22 -14.40 18.93
CA SER G 340 -21.77 -14.57 18.86
C SER G 340 -21.34 -15.77 18.03
N ASP G 341 -22.27 -16.50 17.44
CA ASP G 341 -22.02 -17.65 16.57
C ASP G 341 -21.62 -18.90 17.33
N LEU G 342 -21.30 -18.80 18.62
CA LEU G 342 -21.10 -19.98 19.46
C LEU G 342 -22.37 -20.37 20.18
N ASN G 343 -23.29 -19.44 20.40
CA ASN G 343 -24.58 -19.78 20.96
C ASN G 343 -25.32 -20.75 20.05
N ASP G 344 -25.21 -20.57 18.74
CA ASP G 344 -25.87 -21.48 17.80
C ASP G 344 -25.35 -22.90 17.97
N LEU G 345 -24.03 -23.06 18.05
CA LEU G 345 -23.46 -24.40 18.17
C LEU G 345 -23.79 -25.03 19.52
N TYR G 346 -23.76 -24.23 20.59
CA TYR G 346 -24.15 -24.76 21.89
C TYR G 346 -25.62 -25.17 21.91
N ARG G 347 -26.50 -24.39 21.27
CA ARG G 347 -27.91 -24.77 21.22
C ARG G 347 -28.10 -26.03 20.39
N ARG G 348 -27.36 -26.17 19.29
CA ARG G 348 -27.41 -27.41 18.52
C ARG G 348 -26.95 -28.61 19.32
N VAL G 349 -25.93 -28.46 20.15
CA VAL G 349 -25.51 -29.55 21.02
C VAL G 349 -26.58 -29.88 22.06
N ILE G 350 -27.14 -28.86 22.70
CA ILE G 350 -28.07 -29.09 23.81
C ILE G 350 -29.37 -29.70 23.30
N ASN G 351 -29.86 -29.23 22.14
CA ASN G 351 -31.10 -29.79 21.60
C ASN G 351 -30.96 -31.29 21.38
N ARG G 352 -29.88 -31.70 20.71
CA ARG G 352 -29.67 -33.12 20.47
C ARG G 352 -29.47 -33.90 21.76
N ASN G 353 -28.75 -33.32 22.72
CA ASN G 353 -28.55 -34.03 23.98
C ASN G 353 -29.87 -34.26 24.69
N ASN G 354 -30.72 -33.22 24.78
CA ASN G 354 -32.01 -33.38 25.43
C ASN G 354 -32.89 -34.36 24.68
N ARG G 355 -32.89 -34.28 23.35
CA ARG G 355 -33.68 -35.21 22.56
C ARG G 355 -33.25 -36.65 22.79
N LEU G 356 -31.95 -36.91 22.81
CA LEU G 356 -31.43 -38.25 23.07
C LEU G 356 -31.79 -38.73 24.47
N LYS G 357 -31.66 -37.85 25.47
CA LYS G 357 -32.01 -38.23 26.83
C LYS G 357 -33.48 -38.60 26.93
N ARG G 358 -34.35 -37.82 26.30
CA ARG G 358 -35.78 -38.14 26.29
C ARG G 358 -36.05 -39.46 25.57
N LEU G 359 -35.42 -39.69 24.42
CA LEU G 359 -35.62 -40.93 23.68
C LEU G 359 -35.09 -42.15 24.42
N ILE G 360 -34.07 -41.99 25.25
CA ILE G 360 -33.55 -43.11 26.05
C ILE G 360 -34.46 -43.37 27.25
N ASP G 361 -34.85 -42.32 27.97
CA ASP G 361 -35.71 -42.52 29.14
C ASP G 361 -37.08 -43.05 28.72
N LEU G 362 -37.61 -42.57 27.60
CA LEU G 362 -38.92 -43.02 27.12
C LEU G 362 -38.87 -44.44 26.58
N GLY G 363 -37.69 -44.96 26.25
CA GLY G 363 -37.59 -46.27 25.64
C GLY G 363 -37.88 -46.20 24.15
N ALA G 364 -37.07 -46.89 23.35
CA ALA G 364 -37.19 -46.83 21.90
C ALA G 364 -36.27 -47.91 21.31
N PRO G 365 -36.47 -48.25 20.03
CA PRO G 365 -35.59 -49.24 19.40
C PRO G 365 -34.16 -48.74 19.30
N GLU G 366 -33.22 -49.69 19.28
CA GLU G 366 -31.80 -49.35 19.30
C GLU G 366 -31.39 -48.51 18.09
N ILE G 367 -32.06 -48.69 16.95
CA ILE G 367 -31.65 -48.00 15.73
C ILE G 367 -31.81 -46.49 15.88
N ILE G 368 -32.96 -46.06 16.39
CA ILE G 368 -33.19 -44.62 16.54
C ILE G 368 -32.24 -44.03 17.57
N VAL G 369 -31.97 -44.76 18.65
CA VAL G 369 -31.03 -44.29 19.66
C VAL G 369 -29.64 -44.13 19.04
N ASN G 370 -29.22 -45.10 18.23
CA ASN G 370 -27.92 -44.99 17.56
C ASN G 370 -27.88 -43.79 16.64
N ASN G 371 -28.96 -43.55 15.89
CA ASN G 371 -28.99 -42.39 15.00
C ASN G 371 -28.85 -41.09 15.78
N GLU G 372 -29.57 -40.99 16.91
CA GLU G 372 -29.47 -39.79 17.73
C GLU G 372 -28.07 -39.62 18.30
N LYS G 373 -27.46 -40.71 18.75
CA LYS G 373 -26.09 -40.63 19.26
C LYS G 373 -25.13 -40.17 18.18
N ARG G 374 -25.30 -40.68 16.95
CA ARG G 374 -24.46 -40.25 15.85
C ARG G 374 -24.62 -38.75 15.60
N MET G 375 -25.86 -38.26 15.60
CA MET G 375 -26.07 -36.83 15.35
C MET G 375 -25.47 -35.99 16.47
N LEU G 376 -25.55 -36.48 17.72
CA LEU G 376 -24.90 -35.78 18.82
C LEU G 376 -23.39 -35.73 18.63
N GLN G 377 -22.80 -36.84 18.20
CA GLN G 377 -21.37 -36.87 17.90
C GLN G 377 -21.03 -35.82 16.86
N GLU G 378 -21.81 -35.76 15.78
CA GLU G 378 -21.55 -34.77 14.74
C GLU G 378 -21.71 -33.35 15.26
N SER G 379 -22.70 -33.11 16.12
CA SER G 379 -22.89 -31.77 16.67
C SER G 379 -21.71 -31.35 17.53
N VAL G 380 -21.19 -32.25 18.36
CA VAL G 380 -20.02 -31.90 19.17
C VAL G 380 -18.81 -31.65 18.27
N ASP G 381 -18.64 -32.47 17.23
CA ASP G 381 -17.53 -32.26 16.31
C ASP G 381 -17.64 -30.89 15.65
N ALA G 382 -18.85 -30.51 15.23
CA ALA G 382 -19.04 -29.19 14.63
C ALA G 382 -18.78 -28.09 15.65
N LEU G 383 -19.05 -28.35 16.92
CA LEU G 383 -18.75 -27.36 17.95
C LEU G 383 -17.25 -27.13 18.07
N PHE G 384 -16.46 -28.21 18.20
CA PHE G 384 -15.04 -28.03 18.45
C PHE G 384 -14.28 -27.59 17.19
N ASP G 385 -14.60 -28.17 16.04
CA ASP G 385 -13.88 -27.83 14.81
C ASP G 385 -14.85 -28.01 13.64
N ASN G 386 -15.36 -26.89 13.13
CA ASN G 386 -16.43 -26.91 12.15
C ASN G 386 -15.83 -27.04 10.74
N GLY G 387 -16.26 -28.08 10.02
CA GLY G 387 -15.82 -28.30 8.66
C GLY G 387 -14.72 -29.32 8.50
N ARG G 388 -14.10 -29.76 9.59
CA ARG G 388 -13.03 -30.75 9.47
C ARG G 388 -13.51 -32.04 8.86
N ARG G 389 -14.73 -32.48 9.21
CA ARG G 389 -15.32 -33.69 8.63
C ARG G 389 -16.70 -33.32 8.11
N GLY G 390 -16.94 -33.64 6.84
CA GLY G 390 -18.25 -33.43 6.25
C GLY G 390 -18.53 -31.99 5.88
N ARG G 391 -19.80 -31.68 5.66
CA ARG G 391 -20.21 -30.35 5.20
C ARG G 391 -20.24 -29.38 6.39
N PRO G 392 -19.58 -28.23 6.31
CA PRO G 392 -19.62 -27.29 7.43
C PRO G 392 -21.05 -26.86 7.74
N VAL G 393 -21.34 -26.73 9.03
CA VAL G 393 -22.63 -26.21 9.46
C VAL G 393 -22.70 -24.74 9.11
N THR G 394 -23.75 -24.34 8.40
CA THR G 394 -23.90 -22.98 7.90
C THR G 394 -25.07 -22.29 8.58
N GLY G 395 -24.90 -20.99 8.85
CA GLY G 395 -25.96 -20.18 9.40
C GLY G 395 -26.68 -19.42 8.30
N PRO G 396 -27.23 -18.25 8.62
CA PRO G 396 -27.90 -17.47 7.58
C PRO G 396 -26.94 -17.07 6.47
N GLY G 397 -27.43 -17.13 5.24
CA GLY G 397 -26.62 -16.77 4.09
C GLY G 397 -25.70 -17.86 3.59
N ASN G 398 -25.85 -19.09 4.05
CA ASN G 398 -25.02 -20.21 3.60
C ASN G 398 -23.54 -19.91 3.82
N ARG G 399 -23.21 -19.50 5.04
CA ARG G 399 -21.84 -19.20 5.43
C ARG G 399 -21.47 -20.06 6.62
N PRO G 400 -20.30 -20.72 6.60
CA PRO G 400 -19.94 -21.61 7.71
C PRO G 400 -19.80 -20.85 9.01
N LEU G 401 -20.16 -21.51 10.11
CA LEU G 401 -20.05 -20.92 11.43
C LEU G 401 -18.62 -21.02 11.95
N LYS G 402 -18.31 -20.16 12.91
CA LYS G 402 -16.99 -20.16 13.54
C LYS G 402 -17.02 -21.05 14.78
N SER G 403 -16.20 -22.10 14.77
CA SER G 403 -16.12 -23.02 15.90
C SER G 403 -15.09 -22.50 16.90
N LEU G 404 -14.85 -23.27 17.97
CA LEU G 404 -13.87 -22.87 18.96
C LEU G 404 -12.45 -22.85 18.41
N SER G 405 -12.10 -23.81 17.56
CA SER G 405 -10.76 -23.83 16.98
C SER G 405 -10.50 -22.60 16.12
N ASP G 406 -11.50 -22.16 15.35
CA ASP G 406 -11.31 -21.04 14.44
C ASP G 406 -11.02 -19.74 15.18
N LEU G 407 -11.24 -19.69 16.50
CA LEU G 407 -10.88 -18.52 17.28
C LEU G 407 -9.38 -18.41 17.52
N LEU G 408 -8.61 -19.48 17.29
CA LEU G 408 -7.18 -19.49 17.57
C LEU G 408 -6.30 -19.66 16.35
N LYS G 409 -6.84 -20.13 15.22
CA LYS G 409 -6.06 -20.41 14.03
C LYS G 409 -6.09 -19.22 13.09
N GLY G 410 -4.96 -18.97 12.42
CA GLY G 410 -4.91 -18.06 11.29
C GLY G 410 -4.43 -16.68 11.68
N LYS G 411 -4.36 -15.83 10.64
CA LYS G 411 -3.90 -14.45 10.83
C LYS G 411 -4.87 -13.66 11.71
N GLN G 412 -6.15 -13.99 11.69
CA GLN G 412 -7.16 -13.31 12.48
C GLN G 412 -7.45 -14.03 13.81
N GLY G 413 -6.67 -15.05 14.15
CA GLY G 413 -6.84 -15.74 15.41
C GLY G 413 -6.37 -14.90 16.59
N ARG G 414 -6.63 -15.42 17.80
CA ARG G 414 -6.26 -14.71 19.02
C ARG G 414 -4.77 -14.42 19.03
N PHE G 415 -3.95 -15.48 19.01
CA PHE G 415 -2.51 -15.34 19.14
C PHE G 415 -1.95 -14.19 18.32
N ARG G 416 -2.03 -14.28 16.99
CA ARG G 416 -1.41 -13.29 16.10
C ARG G 416 -2.08 -11.92 16.15
N GLN G 417 -3.41 -11.87 16.21
CA GLN G 417 -4.11 -10.61 16.08
C GLN G 417 -4.27 -9.85 17.40
N ASN G 418 -4.55 -10.56 18.49
CA ASN G 418 -4.89 -9.90 19.74
C ASN G 418 -3.76 -9.94 20.77
N LEU G 419 -2.92 -10.97 20.73
CA LEU G 419 -1.89 -11.13 21.75
C LEU G 419 -0.52 -10.60 21.34
N LEU G 420 -0.13 -10.76 20.08
CA LEU G 420 1.15 -10.23 19.61
C LEU G 420 1.04 -8.79 19.12
N GLY G 421 -0.12 -8.40 18.60
CA GLY G 421 -0.36 -7.02 18.22
C GLY G 421 -1.64 -6.51 18.82
N LYS G 422 -1.73 -5.20 19.05
CA LYS G 422 -2.88 -4.62 19.72
C LYS G 422 -3.11 -3.20 19.24
N ARG G 423 -4.32 -2.70 19.47
CA ARG G 423 -4.61 -1.28 19.33
C ARG G 423 -4.35 -0.60 20.67
N VAL G 424 -3.80 0.61 20.62
CA VAL G 424 -3.31 1.28 21.81
C VAL G 424 -3.86 2.69 21.88
N ASP G 425 -3.90 3.23 23.10
CA ASP G 425 -4.33 4.59 23.34
C ASP G 425 -3.21 5.57 23.01
N TYR G 426 -3.52 6.86 23.11
CA TYR G 426 -2.55 7.92 22.88
C TYR G 426 -1.83 7.74 21.54
N SER G 427 -2.62 7.52 20.49
CA SER G 427 -2.09 7.27 19.16
C SER G 427 -2.89 8.04 18.13
N GLY G 428 -2.20 8.48 17.08
CA GLY G 428 -2.85 9.15 15.97
C GLY G 428 -2.20 8.74 14.68
N ARG G 429 -2.76 9.22 13.58
CA ARG G 429 -2.14 9.00 12.27
C ARG G 429 -2.52 10.14 11.36
N SER G 430 -1.71 10.37 10.35
CA SER G 430 -2.01 11.42 9.37
C SER G 430 -1.02 11.33 8.22
N VAL G 431 -1.25 12.16 7.20
CA VAL G 431 -0.42 12.20 6.00
C VAL G 431 0.84 12.99 6.31
N ILE G 432 1.95 12.61 5.69
CA ILE G 432 3.23 13.26 5.94
C ILE G 432 3.59 14.17 4.77
N VAL G 433 4.21 15.30 5.09
CA VAL G 433 4.73 16.24 4.12
C VAL G 433 6.18 16.56 4.50
N VAL G 434 6.80 17.42 3.72
CA VAL G 434 8.24 17.67 3.83
C VAL G 434 8.47 18.87 4.75
N GLY G 435 9.46 18.72 5.62
CA GLY G 435 9.72 19.66 6.69
C GLY G 435 11.10 20.31 6.62
N PRO G 436 11.50 20.80 5.45
CA PRO G 436 12.89 21.22 5.24
C PRO G 436 13.43 22.17 6.30
N GLN G 437 12.56 22.87 7.03
CA GLN G 437 13.02 23.82 8.03
C GLN G 437 13.30 23.18 9.39
N LEU G 438 13.03 21.89 9.55
CA LEU G 438 13.20 21.23 10.84
C LEU G 438 14.64 20.82 11.06
N LYS G 439 14.98 20.55 12.31
CA LYS G 439 16.26 19.94 12.67
C LYS G 439 16.08 18.42 12.70
N LEU G 440 17.20 17.70 12.65
CA LEU G 440 17.13 16.26 12.46
C LEU G 440 16.39 15.55 13.57
N HIS G 441 16.23 16.19 14.73
CA HIS G 441 15.60 15.58 15.89
C HIS G 441 14.19 16.10 16.14
N GLN G 442 13.61 16.85 15.19
CA GLN G 442 12.31 17.48 15.38
C GLN G 442 11.32 16.96 14.36
N CYS G 443 10.04 16.97 14.75
CA CYS G 443 8.95 16.67 13.84
C CYS G 443 7.81 17.65 14.10
N GLY G 444 7.16 18.06 13.02
CA GLY G 444 6.05 18.98 13.10
C GLY G 444 4.74 18.22 13.27
N LEU G 445 3.98 18.61 14.28
CA LEU G 445 2.74 17.98 14.62
C LEU G 445 1.59 18.98 14.50
N PRO G 446 0.48 18.63 13.86
CA PRO G 446 -0.66 19.55 13.86
C PRO G 446 -1.16 19.77 15.28
N LYS G 447 -1.53 21.00 15.59
CA LYS G 447 -1.81 21.34 16.98
C LYS G 447 -3.12 20.75 17.48
N LEU G 448 -4.06 20.44 16.59
CA LEU G 448 -5.28 19.78 17.04
C LEU G 448 -5.04 18.31 17.38
N MET G 449 -4.06 17.68 16.74
CA MET G 449 -3.65 16.33 17.13
C MET G 449 -2.86 16.36 18.43
N ALA G 450 -1.93 17.31 18.56
CA ALA G 450 -1.13 17.40 19.77
C ALA G 450 -2.00 17.70 20.98
N LEU G 451 -2.99 18.58 20.82
CA LEU G 451 -3.88 18.87 21.94
C LEU G 451 -4.66 17.65 22.37
N GLU G 452 -4.81 16.67 21.48
CA GLU G 452 -5.56 15.46 21.83
C GLU G 452 -4.67 14.41 22.48
N LEU G 453 -3.47 14.20 21.94
CA LEU G 453 -2.57 13.22 22.56
C LEU G 453 -2.17 13.66 23.96
N PHE G 454 -1.90 14.96 24.15
CA PHE G 454 -1.40 15.50 25.40
C PHE G 454 -2.51 16.03 26.29
N LYS G 455 -3.72 15.48 26.17
CA LYS G 455 -4.85 16.04 26.91
C LYS G 455 -4.65 16.00 28.41
N PRO G 456 -4.32 14.86 29.03
CA PRO G 456 -4.15 14.86 30.49
C PRO G 456 -3.02 15.74 30.97
N PHE G 457 -1.92 15.80 30.23
CA PHE G 457 -0.81 16.66 30.63
C PHE G 457 -1.19 18.13 30.59
N VAL G 458 -1.98 18.53 29.60
CA VAL G 458 -2.44 19.91 29.54
C VAL G 458 -3.43 20.20 30.65
N MET G 459 -4.30 19.23 30.97
CA MET G 459 -5.26 19.45 32.05
C MET G 459 -4.55 19.63 33.39
N LYS G 460 -3.53 18.83 33.65
CA LYS G 460 -2.80 18.95 34.90
C LYS G 460 -2.16 20.33 35.02
N ARG G 461 -1.53 20.81 33.94
CA ARG G 461 -0.90 22.13 33.99
C ARG G 461 -1.92 23.25 34.12
N LEU G 462 -3.07 23.12 33.44
CA LEU G 462 -4.11 24.13 33.60
C LEU G 462 -4.56 24.23 35.04
N VAL G 463 -4.75 23.08 35.70
CA VAL G 463 -5.11 23.10 37.11
C VAL G 463 -3.99 23.67 37.94
N ASP G 464 -2.75 23.40 37.56
CA ASP G 464 -1.60 23.87 38.35
C ASP G 464 -1.45 25.39 38.26
N LEU G 465 -1.72 25.98 37.09
CA LEU G 465 -1.49 27.40 36.88
C LEU G 465 -2.69 28.26 37.26
N ASN G 466 -3.70 27.66 37.90
CA ASN G 466 -4.87 28.40 38.36
C ASN G 466 -5.71 28.93 37.20
N HIS G 467 -5.51 28.37 36.01
CA HIS G 467 -6.42 28.64 34.90
C HIS G 467 -7.74 27.89 35.03
N ALA G 468 -7.81 26.91 35.95
CA ALA G 468 -9.04 26.20 36.22
C ALA G 468 -9.04 25.80 37.69
N GLN G 469 -10.23 25.51 38.21
CA GLN G 469 -10.41 25.15 39.61
C GLN G 469 -10.30 23.65 39.84
N ASN G 470 -11.10 22.86 39.13
CA ASN G 470 -11.10 21.41 39.25
C ASN G 470 -10.82 20.79 37.88
N ILE G 471 -10.40 19.53 37.88
CA ILE G 471 -10.01 18.84 36.66
C ILE G 471 -11.15 18.89 35.65
N LYS G 472 -12.39 18.93 36.14
CA LYS G 472 -13.52 19.02 35.22
C LYS G 472 -13.51 20.34 34.46
N SER G 473 -13.17 21.44 35.13
CA SER G 473 -13.09 22.72 34.45
C SER G 473 -12.02 22.71 33.37
N ALA G 474 -10.85 22.14 33.67
CA ALA G 474 -9.79 22.04 32.67
C ALA G 474 -10.20 21.14 31.53
N LYS G 475 -10.87 20.03 31.83
CA LYS G 475 -11.34 19.13 30.79
C LYS G 475 -12.36 19.77 29.87
N ARG G 476 -13.24 20.62 30.40
CA ARG G 476 -14.17 21.39 29.57
C ARG G 476 -13.46 22.47 28.76
N MET G 477 -12.47 23.14 29.36
CA MET G 477 -11.72 24.16 28.63
C MET G 477 -11.03 23.54 27.43
N VAL G 478 -10.37 22.39 27.63
CA VAL G 478 -9.63 21.75 26.55
C VAL G 478 -10.59 21.36 25.43
N GLU G 479 -11.74 20.79 25.78
CA GLU G 479 -12.70 20.38 24.76
C GLU G 479 -13.29 21.58 24.04
N ARG G 480 -13.36 22.73 24.71
CA ARG G 480 -13.83 23.96 24.08
C ARG G 480 -12.72 24.75 23.42
N GLN G 481 -11.46 24.34 23.59
CA GLN G 481 -10.31 24.97 22.95
C GLN G 481 -10.27 26.47 23.25
N ARG G 482 -10.14 26.79 24.53
CA ARG G 482 -10.04 28.18 24.94
C ARG G 482 -8.67 28.73 24.57
N PRO G 483 -8.49 30.06 24.55
CA PRO G 483 -7.23 30.62 24.06
C PRO G 483 -6.01 30.17 24.84
N GLN G 484 -6.11 30.02 26.16
CA GLN G 484 -4.93 29.80 26.98
C GLN G 484 -4.38 28.38 26.88
N VAL G 485 -5.19 27.41 26.45
CA VAL G 485 -4.67 26.03 26.38
C VAL G 485 -3.44 25.99 25.51
N TRP G 486 -3.44 26.71 24.39
CA TRP G 486 -2.27 26.73 23.52
C TRP G 486 -1.04 27.19 24.28
N ASP G 487 -1.16 28.27 25.05
CA ASP G 487 -0.01 28.76 25.79
C ASP G 487 0.53 27.68 26.72
N VAL G 488 -0.36 26.83 27.24
CA VAL G 488 0.08 25.72 28.08
C VAL G 488 0.57 24.57 27.22
N LEU G 489 -0.08 24.33 26.08
CA LEU G 489 0.26 23.16 25.27
C LEU G 489 1.71 23.19 24.85
N GLU G 490 2.18 24.32 24.30
CA GLU G 490 3.56 24.40 23.86
C GLU G 490 4.53 24.22 25.02
N GLU G 491 4.08 24.47 26.25
CA GLU G 491 4.93 24.26 27.41
C GLU G 491 5.04 22.78 27.75
N VAL G 492 3.98 22.01 27.49
CA VAL G 492 3.96 20.61 27.86
C VAL G 492 4.81 19.78 26.91
N ILE G 493 4.68 20.01 25.60
CA ILE G 493 5.34 19.16 24.61
C ILE G 493 6.84 19.41 24.52
N ALA G 494 7.38 20.33 25.32
CA ALA G 494 8.80 20.65 25.22
C ALA G 494 9.63 19.49 25.77
N GLU G 495 10.50 18.94 24.93
CA GLU G 495 11.40 17.86 25.33
C GLU G 495 10.64 16.61 25.74
N HIS G 496 9.48 16.39 25.12
CA HIS G 496 8.73 15.16 25.33
C HIS G 496 8.72 14.38 24.03
N PRO G 497 9.52 13.31 23.90
CA PRO G 497 9.62 12.63 22.61
C PRO G 497 8.33 11.95 22.20
N VAL G 498 8.19 11.75 20.89
CA VAL G 498 7.04 11.09 20.31
C VAL G 498 7.54 10.12 19.24
N LEU G 499 7.00 8.91 19.22
CA LEU G 499 7.45 7.87 18.31
C LEU G 499 6.65 7.93 17.01
N LEU G 500 7.36 8.10 15.89
CA LEU G 500 6.75 8.07 14.57
C LEU G 500 7.08 6.74 13.90
N ASN G 501 6.07 6.16 13.25
CA ASN G 501 6.17 4.84 12.66
C ASN G 501 5.41 4.78 11.35
N ARG G 502 5.99 4.11 10.36
CA ARG G 502 5.38 3.92 9.05
C ARG G 502 5.40 2.45 8.69
N ALA G 503 4.22 1.90 8.35
CA ALA G 503 4.13 0.50 8.00
C ALA G 503 4.29 0.30 6.50
N PRO G 504 4.89 -0.81 6.06
CA PRO G 504 5.42 -1.95 6.84
C PRO G 504 6.71 -1.60 7.54
N THR G 505 6.93 -2.09 8.76
CA THR G 505 8.16 -1.83 9.50
C THR G 505 9.15 -2.93 9.17
N LEU G 506 9.83 -2.77 8.04
CA LEU G 506 10.73 -3.82 7.58
C LEU G 506 11.94 -3.97 8.49
N HIS G 507 12.48 -2.87 8.99
CA HIS G 507 13.70 -2.91 9.78
C HIS G 507 13.56 -2.01 11.01
N ARG G 508 14.67 -1.89 11.75
CA ARG G 508 14.63 -1.24 13.06
C ARG G 508 14.31 0.24 12.93
N LEU G 509 14.84 0.90 11.91
CA LEU G 509 14.72 2.35 11.78
C LEU G 509 13.37 2.77 11.21
N GLY G 510 12.38 1.88 11.19
CA GLY G 510 11.03 2.27 10.84
C GLY G 510 10.26 2.94 11.96
N ILE G 511 10.79 2.88 13.18
CA ILE G 511 10.23 3.59 14.33
C ILE G 511 11.32 4.50 14.87
N GLN G 512 11.00 5.79 15.00
CA GLN G 512 12.00 6.73 15.52
C GLN G 512 11.33 7.79 16.37
N ALA G 513 12.05 8.26 17.39
CA ALA G 513 11.55 9.25 18.32
C ALA G 513 12.00 10.64 17.90
N PHE G 514 11.06 11.57 17.83
CA PHE G 514 11.33 12.95 17.47
C PHE G 514 10.76 13.87 18.54
N GLU G 515 11.34 15.06 18.65
CA GLU G 515 10.79 16.09 19.52
C GLU G 515 9.68 16.80 18.77
N PRO G 516 8.45 16.86 19.29
CA PRO G 516 7.37 17.47 18.52
C PRO G 516 7.40 18.98 18.60
N MET G 517 6.87 19.62 17.56
CA MET G 517 6.66 21.06 17.56
C MET G 517 5.40 21.36 16.78
N LEU G 518 4.55 22.23 17.32
CA LEU G 518 3.26 22.52 16.72
C LEU G 518 3.43 23.21 15.37
N VAL G 519 2.57 22.84 14.42
CA VAL G 519 2.57 23.45 13.09
C VAL G 519 1.13 23.67 12.64
N GLU G 520 0.97 24.54 11.65
CA GLU G 520 -0.33 24.81 11.07
C GLU G 520 -0.63 23.81 9.96
N GLY G 521 -1.83 23.23 9.99
CA GLY G 521 -2.25 22.28 8.99
C GLY G 521 -2.74 21.01 9.63
N LYS G 522 -2.94 19.99 8.79
CA LYS G 522 -3.38 18.68 9.25
C LYS G 522 -2.41 17.57 8.84
N ALA G 523 -1.24 17.91 8.32
CA ALA G 523 -0.25 16.93 7.88
C ALA G 523 0.96 16.99 8.80
N ILE G 524 1.52 15.82 9.09
CA ILE G 524 2.73 15.72 9.89
C ILE G 524 3.92 16.08 9.02
N GLN G 525 4.81 16.94 9.52
CA GLN G 525 5.97 17.38 8.75
C GLN G 525 7.18 16.56 9.15
N LEU G 526 7.80 15.93 8.16
CA LEU G 526 8.89 15.00 8.37
C LEU G 526 10.18 15.56 7.79
N HIS G 527 11.27 15.41 8.53
CA HIS G 527 12.56 15.89 8.07
C HIS G 527 12.96 15.15 6.79
N PRO G 528 13.54 15.85 5.81
CA PRO G 528 13.85 15.18 4.53
C PRO G 528 14.97 14.15 4.61
N LEU G 529 15.80 14.17 5.65
CA LEU G 529 16.95 13.27 5.72
C LEU G 529 16.61 11.90 6.32
N VAL G 530 15.42 11.74 6.89
CA VAL G 530 15.00 10.46 7.44
C VAL G 530 14.15 9.65 6.48
N CYS G 531 13.77 10.23 5.34
CA CYS G 531 12.89 9.53 4.40
C CYS G 531 13.51 8.22 3.92
N GLU G 532 14.83 8.19 3.74
CA GLU G 532 15.46 6.94 3.36
C GLU G 532 15.28 5.87 4.43
N ALA G 533 15.40 6.25 5.70
CA ALA G 533 15.23 5.27 6.78
C ALA G 533 13.82 4.72 6.81
N PHE G 534 12.82 5.61 6.83
CA PHE G 534 11.43 5.16 6.79
C PHE G 534 11.04 4.60 5.44
N ASN G 535 11.81 4.90 4.38
CA ASN G 535 11.44 4.55 3.02
C ASN G 535 10.11 5.23 2.66
N ALA G 536 10.04 6.53 2.92
CA ALA G 536 8.80 7.30 2.78
C ALA G 536 9.01 8.41 1.75
N ASP G 537 8.42 8.23 0.58
CA ASP G 537 8.21 9.34 -0.34
C ASP G 537 6.93 10.06 0.05
N PHE G 538 6.63 11.14 -0.66
CA PHE G 538 5.52 12.02 -0.32
C PHE G 538 4.45 12.01 -1.41
N ASP G 539 4.14 10.83 -1.92
CA ASP G 539 3.09 10.65 -2.92
C ASP G 539 1.75 10.26 -2.30
N GLY G 540 1.63 10.38 -0.98
CA GLY G 540 0.39 10.07 -0.30
C GLY G 540 0.53 9.12 0.86
N ASP G 541 1.76 8.95 1.36
CA ASP G 541 1.99 8.05 2.46
C ASP G 541 1.41 8.63 3.76
N GLN G 542 1.27 7.76 4.76
CA GLN G 542 0.77 8.16 6.07
C GLN G 542 1.64 7.55 7.15
N MET G 543 1.64 8.18 8.32
CA MET G 543 2.42 7.72 9.45
C MET G 543 1.58 7.80 10.71
N ALA G 544 1.95 6.96 11.69
CA ALA G 544 1.29 6.90 12.98
C ALA G 544 2.21 7.43 14.07
N VAL G 545 1.59 8.04 15.08
CA VAL G 545 2.29 8.74 16.14
C VAL G 545 1.85 8.14 17.47
N HIS G 546 2.82 7.71 18.27
CA HIS G 546 2.59 7.14 19.58
C HIS G 546 3.29 7.99 20.63
N LEU G 547 2.73 8.02 21.82
CA LEU G 547 3.19 8.89 22.90
C LEU G 547 3.68 8.06 24.08
N PRO G 548 4.97 8.08 24.42
CA PRO G 548 5.41 7.43 25.66
C PRO G 548 4.96 8.21 26.88
N LEU G 549 4.69 7.47 27.97
CA LEU G 549 4.12 8.05 29.18
C LEU G 549 5.06 8.00 30.37
N SER G 550 5.57 6.81 30.72
CA SER G 550 6.31 6.64 31.96
C SER G 550 7.74 7.17 31.82
N ALA G 551 8.45 7.23 32.95
CA ALA G 551 9.81 7.74 32.95
C ALA G 551 10.75 6.83 32.17
N GLU G 552 10.62 5.51 32.36
CA GLU G 552 11.45 4.59 31.60
C GLU G 552 11.14 4.65 30.11
N ALA G 553 9.85 4.76 29.77
CA ALA G 553 9.47 4.84 28.37
C ALA G 553 9.99 6.12 27.72
N GLN G 554 10.03 7.23 28.47
CA GLN G 554 10.57 8.47 27.94
C GLN G 554 12.08 8.44 27.84
N ALA G 555 12.76 7.79 28.79
CA ALA G 555 14.21 7.72 28.74
C ALA G 555 14.69 6.93 27.53
N GLU G 556 13.99 5.86 27.18
CA GLU G 556 14.38 5.07 26.01
C GLU G 556 14.17 5.80 24.70
N ALA G 557 13.14 6.64 24.60
CA ALA G 557 12.90 7.39 23.38
C ALA G 557 13.85 8.56 23.20
N ARG G 558 14.62 8.92 24.22
CA ARG G 558 15.64 9.95 24.10
C ARG G 558 17.04 9.41 23.93
N ILE G 559 17.30 8.19 24.39
CA ILE G 559 18.64 7.65 24.42
C ILE G 559 18.83 6.48 23.46
N LEU G 560 17.78 5.71 23.18
CA LEU G 560 17.89 4.54 22.31
C LEU G 560 17.33 4.78 20.93
N MET G 561 16.15 5.41 20.82
CA MET G 561 15.44 5.52 19.57
C MET G 561 15.49 6.89 18.94
N LEU G 562 16.20 7.86 19.53
CA LEU G 562 16.18 9.21 19.00
C LEU G 562 16.72 9.22 17.58
N SER G 563 16.15 10.09 16.74
CA SER G 563 16.46 10.07 15.33
C SER G 563 17.89 10.50 15.05
N SER G 564 18.44 11.38 15.89
CA SER G 564 19.80 11.86 15.67
C SER G 564 20.85 10.96 16.31
N ASN G 565 20.45 9.89 16.99
CA ASN G 565 21.41 8.92 17.52
C ASN G 565 21.63 7.75 16.57
N ASN G 566 20.73 7.53 15.62
CA ASN G 566 20.82 6.41 14.68
C ASN G 566 21.05 6.99 13.29
N ILE G 567 22.33 7.21 12.95
CA ILE G 567 22.70 7.71 11.64
C ILE G 567 23.24 6.60 10.73
N LEU G 568 23.78 5.53 11.30
CA LEU G 568 24.38 4.45 10.52
C LEU G 568 23.40 3.29 10.43
N SER G 569 23.37 2.64 9.27
CA SER G 569 22.51 1.49 9.09
C SER G 569 23.05 0.30 9.87
N PRO G 570 22.23 -0.37 10.69
CA PRO G 570 22.74 -1.52 11.43
C PRO G 570 23.09 -2.71 10.56
N ALA G 571 22.63 -2.76 9.31
CA ALA G 571 22.93 -3.90 8.44
C ALA G 571 24.36 -3.88 7.96
N SER G 572 24.87 -2.71 7.55
CA SER G 572 26.21 -2.61 6.97
C SER G 572 27.06 -1.51 7.56
N GLY G 573 26.50 -0.58 8.33
CA GLY G 573 27.28 0.50 8.90
C GLY G 573 27.38 1.74 8.06
N ARG G 574 26.78 1.76 6.87
CA ARG G 574 26.82 2.94 6.03
C ARG G 574 25.85 3.98 6.56
N PRO G 575 26.16 5.27 6.43
CA PRO G 575 25.24 6.30 6.91
C PRO G 575 23.93 6.29 6.12
N LEU G 576 22.84 6.59 6.83
CA LEU G 576 21.53 6.67 6.22
C LEU G 576 20.96 8.10 6.19
N ALA G 577 21.65 9.06 6.80
CA ALA G 577 21.21 10.45 6.84
C ALA G 577 22.03 11.30 5.90
N MET G 578 22.43 10.76 4.76
CA MET G 578 23.20 11.51 3.79
C MET G 578 22.30 12.40 2.96
N PRO G 579 22.85 13.43 2.34
CA PRO G 579 22.09 14.17 1.33
C PRO G 579 21.84 13.31 0.10
N ARG G 580 20.70 13.56 -0.55
CA ARG G 580 20.29 12.76 -1.69
C ARG G 580 19.31 13.56 -2.53
N LEU G 581 19.28 13.23 -3.83
CA LEU G 581 18.42 13.89 -4.80
C LEU G 581 18.76 15.38 -4.91
N ASP G 582 17.86 16.26 -4.46
CA ASP G 582 18.07 17.68 -4.65
C ASP G 582 19.36 18.15 -3.99
N MET G 583 19.64 17.66 -2.79
CA MET G 583 20.82 18.12 -2.06
C MET G 583 22.09 17.74 -2.80
N VAL G 584 22.14 16.55 -3.40
CA VAL G 584 23.32 16.14 -4.13
C VAL G 584 23.54 17.05 -5.32
N THR G 585 22.48 17.39 -6.05
CA THR G 585 22.61 18.29 -7.19
C THR G 585 23.08 19.66 -6.74
N GLY G 586 22.54 20.16 -5.62
CA GLY G 586 22.97 21.46 -5.13
C GLY G 586 24.44 21.49 -4.76
N LEU G 587 24.90 20.48 -4.02
CA LEU G 587 26.29 20.46 -3.60
C LEU G 587 27.23 20.12 -4.74
N TYR G 588 26.73 19.46 -5.79
CA TYR G 588 27.54 19.20 -6.97
C TYR G 588 27.69 20.44 -7.82
N TYR G 589 26.63 21.25 -7.92
CA TYR G 589 26.74 22.52 -8.63
C TYR G 589 27.63 23.48 -7.86
N LEU G 590 27.45 23.58 -6.54
CA LEU G 590 28.23 24.52 -5.75
C LEU G 590 29.72 24.26 -5.90
N THR G 591 30.15 23.01 -5.73
CA THR G 591 31.56 22.66 -5.74
C THR G 591 31.99 22.14 -7.11
N THR G 592 31.92 23.02 -8.11
CA THR G 592 32.35 22.70 -9.47
C THR G 592 33.23 23.83 -10.00
N GLU G 593 34.18 23.48 -10.85
CA GLU G 593 35.13 24.45 -11.40
C GLU G 593 34.87 24.58 -12.90
N VAL G 594 34.44 25.77 -13.30
CA VAL G 594 34.12 26.04 -14.71
C VAL G 594 35.28 26.85 -15.30
N PRO G 595 36.05 26.29 -16.24
CA PRO G 595 37.16 27.04 -16.81
C PRO G 595 36.67 28.31 -17.50
N GLY G 596 37.46 29.37 -17.35
CA GLY G 596 37.17 30.64 -18.00
C GLY G 596 35.86 31.26 -17.58
N ASP G 597 35.54 31.18 -16.29
CA ASP G 597 34.34 31.78 -15.76
C ASP G 597 34.62 33.23 -15.37
N THR G 598 33.64 33.88 -14.75
CA THR G 598 33.77 35.29 -14.39
C THR G 598 34.73 35.45 -13.22
N GLY G 599 35.60 36.46 -13.31
CA GLY G 599 36.50 36.76 -12.22
C GLY G 599 37.50 35.67 -11.90
N GLU G 600 38.00 34.94 -12.90
CA GLU G 600 38.98 33.90 -12.64
C GLU G 600 40.35 34.50 -12.33
N TYR G 601 41.25 33.67 -11.85
CA TYR G 601 42.61 34.09 -11.57
C TYR G 601 43.39 34.23 -12.88
N GLN G 602 44.09 35.35 -13.02
CA GLN G 602 44.85 35.67 -14.22
C GLN G 602 46.29 35.96 -13.84
N PRO G 603 47.28 35.26 -14.40
CA PRO G 603 48.67 35.58 -14.09
C PRO G 603 49.05 36.97 -14.58
N ALA G 604 50.08 37.53 -13.94
CA ALA G 604 50.53 38.87 -14.30
C ALA G 604 50.94 38.93 -15.76
N SER G 605 50.45 39.95 -16.47
CA SER G 605 50.70 40.11 -17.89
C SER G 605 51.89 41.00 -18.20
N GLY G 606 52.54 41.56 -17.18
CA GLY G 606 53.64 42.47 -17.36
C GLY G 606 53.27 43.93 -17.31
N ASP G 607 51.98 44.25 -17.43
CA ASP G 607 51.50 45.62 -17.30
C ASP G 607 50.69 45.86 -16.05
N HIS G 608 49.99 44.85 -15.54
CA HIS G 608 49.22 44.95 -14.31
C HIS G 608 49.50 43.74 -13.42
N PRO G 609 49.28 43.86 -12.10
CA PRO G 609 49.58 42.73 -11.22
C PRO G 609 48.59 41.58 -11.38
N GLU G 610 48.75 40.55 -10.57
CA GLU G 610 47.85 39.40 -10.65
C GLU G 610 46.43 39.83 -10.28
N THR G 611 45.47 39.18 -10.93
CA THR G 611 44.06 39.44 -10.68
C THR G 611 43.39 38.15 -10.21
N GLY G 612 42.41 38.31 -9.34
CA GLY G 612 41.70 37.18 -8.78
C GLY G 612 42.16 36.73 -7.42
N VAL G 613 43.11 37.44 -6.81
CA VAL G 613 43.59 37.12 -5.47
C VAL G 613 42.79 37.93 -4.47
N TYR G 614 42.21 37.26 -3.48
CA TYR G 614 41.37 37.88 -2.48
C TYR G 614 41.97 37.72 -1.10
N SER G 615 41.81 38.75 -0.27
CA SER G 615 42.44 38.78 1.04
C SER G 615 41.68 37.98 2.09
N SER G 616 40.44 37.57 1.81
CA SER G 616 39.66 36.76 2.73
C SER G 616 38.36 36.36 2.04
N PRO G 617 37.75 35.26 2.47
CA PRO G 617 36.48 34.84 1.84
C PRO G 617 35.36 35.85 1.99
N ALA G 618 35.40 36.73 2.99
CA ALA G 618 34.42 37.81 3.09
C ALA G 618 34.50 38.76 1.90
N GLU G 619 35.70 39.13 1.51
CA GLU G 619 35.87 39.96 0.31
C GLU G 619 35.40 39.22 -0.92
N ALA G 620 35.64 37.91 -0.99
CA ALA G 620 35.17 37.14 -2.12
C ALA G 620 33.64 37.13 -2.20
N ILE G 621 32.98 36.99 -1.06
CA ILE G 621 31.51 37.04 -1.06
C ILE G 621 31.02 38.42 -1.48
N MET G 622 31.66 39.48 -0.97
CA MET G 622 31.27 40.83 -1.36
C MET G 622 31.44 41.03 -2.86
N ALA G 623 32.53 40.51 -3.44
CA ALA G 623 32.73 40.61 -4.87
C ALA G 623 31.69 39.82 -5.64
N ALA G 624 31.37 38.61 -5.18
CA ALA G 624 30.38 37.79 -5.87
C ALA G 624 29.00 38.45 -5.86
N ASP G 625 28.63 39.07 -4.74
CA ASP G 625 27.35 39.76 -4.68
C ASP G 625 27.25 40.91 -5.67
N ARG G 626 28.38 41.40 -6.18
CA ARG G 626 28.38 42.49 -7.15
C ARG G 626 28.42 42.00 -8.58
N GLY G 627 28.45 40.68 -8.80
CA GLY G 627 28.51 40.13 -10.13
C GLY G 627 29.89 40.09 -10.74
N VAL G 628 30.92 40.54 -10.03
CA VAL G 628 32.27 40.54 -10.57
C VAL G 628 32.93 39.17 -10.48
N LEU G 629 32.43 38.29 -9.63
CA LEU G 629 33.04 36.98 -9.43
C LEU G 629 31.95 35.91 -9.52
N SER G 630 32.34 34.74 -9.99
CA SER G 630 31.44 33.60 -10.10
C SER G 630 31.79 32.57 -9.05
N VAL G 631 30.76 32.02 -8.41
CA VAL G 631 30.96 31.07 -7.32
C VAL G 631 31.65 29.80 -7.79
N ARG G 632 31.87 29.63 -9.10
CA ARG G 632 32.54 28.47 -9.65
C ARG G 632 33.76 28.85 -10.49
N ALA G 633 34.40 29.97 -10.17
CA ALA G 633 35.58 30.44 -10.89
C ALA G 633 36.80 30.26 -10.02
N LYS G 634 37.87 29.70 -10.59
CA LYS G 634 39.10 29.48 -9.85
C LYS G 634 39.68 30.81 -9.40
N ILE G 635 39.99 30.91 -8.10
CA ILE G 635 40.58 32.10 -7.51
C ILE G 635 41.64 31.67 -6.51
N LYS G 636 42.33 32.65 -5.95
CA LYS G 636 43.26 32.45 -4.85
C LYS G 636 42.80 33.29 -3.66
N VAL G 637 42.62 32.64 -2.52
CA VAL G 637 42.12 33.29 -1.31
C VAL G 637 43.16 33.10 -0.21
N ARG G 638 43.02 33.90 0.84
CA ARG G 638 43.88 33.81 2.02
C ARG G 638 43.00 33.34 3.17
N LEU G 639 43.07 32.05 3.49
CA LEU G 639 42.21 31.44 4.48
C LEU G 639 42.92 31.38 5.82
N THR G 640 42.17 31.67 6.89
CA THR G 640 42.72 31.63 8.24
C THR G 640 41.86 30.84 9.23
N GLN G 641 40.70 30.33 8.82
CA GLN G 641 39.83 29.57 9.70
C GLN G 641 39.51 28.18 9.16
N LEU G 642 40.15 27.77 8.07
CA LEU G 642 39.96 26.44 7.50
C LEU G 642 41.28 25.71 7.51
N ARG G 643 41.29 24.51 8.08
CA ARG G 643 42.54 23.78 8.26
C ARG G 643 43.08 23.33 6.90
N PRO G 644 44.37 23.51 6.63
CA PRO G 644 44.91 23.16 5.32
C PRO G 644 44.95 21.66 5.10
N PRO G 645 45.15 21.21 3.87
CA PRO G 645 45.29 19.78 3.62
C PRO G 645 46.52 19.21 4.31
N VAL G 646 46.72 17.89 4.21
CA VAL G 646 47.82 17.24 4.92
C VAL G 646 49.16 17.73 4.38
N GLU G 647 49.33 17.68 3.06
CA GLU G 647 50.62 18.04 2.48
C GLU G 647 50.95 19.51 2.68
N ILE G 648 49.98 20.40 2.47
CA ILE G 648 50.23 21.82 2.65
C ILE G 648 50.52 22.12 4.12
N GLU G 649 49.75 21.52 5.03
CA GLU G 649 50.01 21.74 6.44
C GLU G 649 51.40 21.27 6.83
N ALA G 650 51.84 20.13 6.31
CA ALA G 650 53.18 19.64 6.62
C ALA G 650 54.25 20.57 6.06
N GLU G 651 54.08 21.03 4.82
CA GLU G 651 55.14 21.76 4.14
C GLU G 651 55.14 23.26 4.40
N LEU G 652 54.12 23.79 5.06
CA LEU G 652 54.09 25.21 5.39
C LEU G 652 54.26 25.49 6.88
N PHE G 653 53.57 24.75 7.74
CA PHE G 653 53.61 25.01 9.17
C PHE G 653 54.54 24.08 9.93
N GLY G 654 54.52 22.78 9.61
CA GLY G 654 55.28 21.82 10.39
C GLY G 654 54.86 21.86 11.85
N HIS G 655 55.83 22.01 12.76
CA HIS G 655 55.55 22.13 14.18
C HIS G 655 54.48 21.14 14.61
N SER G 656 53.25 21.60 14.82
CA SER G 656 52.14 20.74 15.23
C SER G 656 50.93 20.86 14.33
N GLY G 657 50.62 22.06 13.85
CA GLY G 657 49.47 22.24 13.00
C GLY G 657 49.23 23.71 12.72
N TRP G 658 48.07 23.98 12.13
CA TRP G 658 47.73 25.35 11.75
C TRP G 658 47.27 26.18 12.95
N GLN G 659 46.74 25.54 14.00
CA GLN G 659 46.43 26.30 15.21
C GLN G 659 45.53 27.49 14.90
N PRO G 660 44.21 27.28 14.76
CA PRO G 660 43.35 28.26 14.09
C PRO G 660 43.75 29.71 14.28
N GLY G 661 43.79 30.46 13.17
CA GLY G 661 44.27 31.83 13.15
C GLY G 661 45.43 32.03 12.19
N ASP G 662 46.22 30.98 11.97
CA ASP G 662 47.32 31.06 11.01
C ASP G 662 46.78 31.06 9.59
N ALA G 663 47.37 31.88 8.73
CA ALA G 663 46.86 32.11 7.38
C ALA G 663 47.65 31.31 6.36
N TRP G 664 46.96 30.85 5.33
CA TRP G 664 47.57 30.13 4.22
C TRP G 664 46.82 30.46 2.93
N MET G 665 47.53 30.37 1.81
CA MET G 665 47.00 30.78 0.51
C MET G 665 46.46 29.55 -0.20
N ALA G 666 45.17 29.58 -0.53
CA ALA G 666 44.48 28.45 -1.15
C ALA G 666 43.98 28.84 -2.53
N GLU G 667 44.25 27.99 -3.52
CA GLU G 667 43.78 28.21 -4.89
C GLU G 667 42.61 27.27 -5.14
N THR G 668 41.40 27.83 -5.12
CA THR G 668 40.17 27.06 -5.24
C THR G 668 39.07 28.00 -5.68
N THR G 669 37.86 27.46 -5.81
CA THR G 669 36.67 28.25 -6.10
C THR G 669 36.02 28.70 -4.79
N LEU G 670 35.18 29.72 -4.89
CA LEU G 670 34.47 30.21 -3.72
C LEU G 670 33.50 29.16 -3.19
N GLY G 671 32.89 28.41 -4.09
CA GLY G 671 31.93 27.40 -3.66
C GLY G 671 32.54 26.35 -2.76
N ARG G 672 33.80 25.98 -3.01
CA ARG G 672 34.43 24.97 -2.17
C ARG G 672 34.76 25.51 -0.79
N VAL G 673 35.12 26.79 -0.68
CA VAL G 673 35.29 27.39 0.63
C VAL G 673 33.96 27.43 1.37
N MET G 674 32.88 27.78 0.66
CA MET G 674 31.55 27.77 1.28
C MET G 674 31.19 26.37 1.76
N PHE G 675 31.51 25.35 0.96
CA PHE G 675 31.23 23.98 1.36
C PHE G 675 32.03 23.57 2.59
N ASN G 676 33.32 23.92 2.62
CA ASN G 676 34.17 23.53 3.74
C ASN G 676 33.86 24.28 5.01
N GLU G 677 33.25 25.46 4.93
CA GLU G 677 32.84 26.15 6.13
C GLU G 677 31.71 25.41 6.85
N LEU G 678 31.12 24.41 6.21
CA LEU G 678 30.07 23.60 6.84
C LEU G 678 30.64 22.45 7.67
N LEU G 679 31.85 21.98 7.35
CA LEU G 679 32.45 20.85 8.04
C LEU G 679 33.06 21.30 9.36
N PRO G 680 33.37 20.37 10.26
CA PRO G 680 33.93 20.74 11.56
C PRO G 680 35.20 21.57 11.39
N LEU G 681 35.58 22.25 12.47
CA LEU G 681 36.73 23.16 12.39
C LEU G 681 38.03 22.42 12.12
N GLY G 682 38.22 21.25 12.71
CA GLY G 682 39.44 20.51 12.56
C GLY G 682 39.52 19.64 11.33
N TYR G 683 38.45 19.53 10.56
CA TYR G 683 38.47 18.69 9.36
C TYR G 683 39.33 19.36 8.30
N PRO G 684 40.28 18.64 7.69
CA PRO G 684 41.11 19.26 6.67
C PRO G 684 40.28 19.83 5.54
N PHE G 685 40.93 20.61 4.68
CA PHE G 685 40.27 21.26 3.56
C PHE G 685 40.13 20.25 2.43
N VAL G 686 38.89 20.03 1.99
CA VAL G 686 38.59 19.09 0.92
C VAL G 686 38.41 19.88 -0.37
N ASN G 687 39.35 19.72 -1.30
CA ASN G 687 39.30 20.42 -2.58
C ASN G 687 38.99 19.40 -3.69
N LYS G 688 37.69 19.17 -3.90
CA LYS G 688 37.24 18.18 -4.86
C LYS G 688 35.81 18.52 -5.26
N GLN G 689 35.35 17.90 -6.34
CA GLN G 689 33.97 18.04 -6.78
C GLN G 689 33.12 16.98 -6.10
N MET G 690 32.02 17.40 -5.49
CA MET G 690 31.28 16.55 -4.56
C MET G 690 30.25 15.69 -5.30
N HIS G 691 30.78 14.77 -6.08
CA HIS G 691 29.98 13.63 -6.52
C HIS G 691 29.42 12.93 -5.28
N LYS G 692 28.38 12.13 -5.48
CA LYS G 692 27.75 11.48 -4.33
C LYS G 692 28.75 10.59 -3.58
N LYS G 693 29.67 9.96 -4.30
CA LYS G 693 30.68 9.11 -3.66
C LYS G 693 31.54 9.93 -2.69
N VAL G 694 31.93 11.13 -3.10
CA VAL G 694 32.79 11.96 -2.25
C VAL G 694 32.07 12.34 -0.97
N GLN G 695 30.81 12.75 -1.08
CA GLN G 695 30.04 13.10 0.11
C GLN G 695 29.85 11.89 1.02
N ALA G 696 29.60 10.72 0.44
CA ALA G 696 29.47 9.51 1.24
C ALA G 696 30.77 9.22 1.99
N ALA G 697 31.90 9.34 1.32
CA ALA G 697 33.19 9.11 1.98
C ALA G 697 33.41 10.10 3.11
N ILE G 698 33.10 11.37 2.88
CA ILE G 698 33.31 12.38 3.91
C ILE G 698 32.44 12.09 5.13
N ILE G 699 31.18 11.73 4.91
CA ILE G 699 30.32 11.46 6.05
C ILE G 699 30.74 10.20 6.77
N ASN G 700 31.23 9.18 6.04
CA ASN G 700 31.78 8.01 6.70
C ASN G 700 32.95 8.38 7.59
N ASP G 701 33.86 9.22 7.09
CA ASP G 701 35.01 9.62 7.87
C ASP G 701 34.59 10.39 9.12
N LEU G 702 33.65 11.32 8.97
CA LEU G 702 33.15 12.08 10.12
C LEU G 702 32.53 11.14 11.15
N ALA G 703 31.75 10.17 10.70
CA ALA G 703 31.15 9.22 11.63
C ALA G 703 32.21 8.42 12.37
N GLU G 704 33.26 8.00 11.67
CA GLU G 704 34.31 7.22 12.32
C GLU G 704 35.06 8.04 13.36
N ARG G 705 35.39 9.29 13.05
CA ARG G 705 36.37 10.04 13.83
C ARG G 705 35.75 11.07 14.78
N TYR G 706 34.45 11.34 14.70
CA TYR G 706 33.84 12.39 15.48
C TYR G 706 32.60 11.86 16.18
N PRO G 707 32.15 12.51 17.27
CA PRO G 707 30.95 12.06 17.96
C PRO G 707 29.69 12.23 17.12
N MET G 708 28.56 11.72 17.61
CA MET G 708 27.34 11.70 16.82
C MET G 708 26.76 13.09 16.65
N ILE G 709 26.87 13.94 17.67
CA ILE G 709 26.27 15.27 17.60
C ILE G 709 26.89 16.08 16.48
N VAL G 710 28.22 16.00 16.34
CA VAL G 710 28.91 16.73 15.28
C VAL G 710 28.42 16.27 13.91
N VAL G 711 28.28 14.95 13.74
CA VAL G 711 27.83 14.44 12.46
C VAL G 711 26.41 14.89 12.15
N ALA G 712 25.53 14.89 13.16
CA ALA G 712 24.16 15.32 12.94
C ALA G 712 24.11 16.78 12.52
N GLN G 713 24.85 17.64 13.23
CA GLN G 713 24.86 19.05 12.86
C GLN G 713 25.44 19.25 11.46
N THR G 714 26.48 18.51 11.12
CA THR G 714 27.08 18.65 9.80
C THR G 714 26.10 18.25 8.70
N VAL G 715 25.38 17.15 8.89
CA VAL G 715 24.42 16.74 7.86
C VAL G 715 23.29 17.75 7.75
N ASP G 716 22.86 18.35 8.85
CA ASP G 716 21.85 19.39 8.76
C ASP G 716 22.34 20.59 7.95
N LYS G 717 23.56 21.03 8.22
CA LYS G 717 24.11 22.16 7.46
C LYS G 717 24.26 21.82 5.98
N LEU G 718 24.69 20.60 5.67
CA LEU G 718 24.78 20.19 4.28
C LEU G 718 23.41 20.18 3.62
N LYS G 719 22.38 19.72 4.34
CA LYS G 719 21.02 19.78 3.80
C LYS G 719 20.65 21.20 3.44
N ASP G 720 20.87 22.14 4.36
CA ASP G 720 20.49 23.52 4.10
C ASP G 720 21.20 24.06 2.87
N ALA G 721 22.52 23.84 2.79
CA ALA G 721 23.27 24.37 1.65
C ALA G 721 22.83 23.73 0.34
N GLY G 722 22.60 22.42 0.33
CA GLY G 722 22.18 21.75 -0.88
C GLY G 722 20.83 22.24 -1.37
N PHE G 723 19.89 22.44 -0.44
CA PHE G 723 18.57 22.94 -0.84
C PHE G 723 18.65 24.39 -1.31
N TYR G 724 19.53 25.19 -0.72
CA TYR G 724 19.67 26.57 -1.19
C TYR G 724 20.25 26.62 -2.60
N TRP G 725 21.30 25.82 -2.86
CA TRP G 725 21.98 25.90 -4.14
C TRP G 725 21.36 25.04 -5.24
N ALA G 726 20.42 24.16 -4.91
CA ALA G 726 19.74 23.41 -5.94
C ALA G 726 18.80 24.30 -6.74
N THR G 727 18.17 25.28 -6.09
CA THR G 727 17.28 26.20 -6.80
C THR G 727 18.04 27.04 -7.81
N ARG G 728 19.30 27.34 -7.53
CA ARG G 728 20.11 28.20 -8.39
C ARG G 728 20.87 27.43 -9.47
N SER G 729 20.84 26.10 -9.44
CA SER G 729 21.63 25.31 -10.38
C SER G 729 21.07 25.31 -11.79
N GLY G 730 19.82 25.73 -11.98
CA GLY G 730 19.23 25.75 -13.31
C GLY G 730 19.06 24.40 -13.96
N VAL G 731 18.53 23.43 -13.22
CA VAL G 731 18.23 22.10 -13.76
C VAL G 731 16.74 22.06 -14.05
N THR G 732 16.38 22.18 -15.33
CA THR G 732 15.00 22.09 -15.78
C THR G 732 14.95 21.16 -16.98
N VAL G 733 13.76 20.66 -17.28
CA VAL G 733 13.54 19.74 -18.38
C VAL G 733 12.67 20.44 -19.40
N SER G 734 13.19 20.58 -20.62
CA SER G 734 12.42 21.04 -21.76
C SER G 734 12.83 20.19 -22.96
N MET G 735 11.93 20.07 -23.93
CA MET G 735 12.24 19.22 -25.08
C MET G 735 13.39 19.76 -25.91
N ALA G 736 13.80 21.01 -25.69
CA ALA G 736 15.02 21.51 -26.30
C ALA G 736 16.26 21.00 -25.60
N ASP G 737 16.17 20.66 -24.31
CA ASP G 737 17.29 20.08 -23.58
C ASP G 737 17.46 18.59 -23.83
N VAL G 738 16.45 17.91 -24.38
CA VAL G 738 16.55 16.49 -24.70
C VAL G 738 17.11 16.41 -26.12
N LEU G 739 18.43 16.45 -26.22
CA LEU G 739 19.09 16.38 -27.51
C LEU G 739 18.98 14.98 -28.10
N VAL G 740 18.98 14.91 -29.42
CA VAL G 740 18.93 13.63 -30.13
C VAL G 740 20.26 13.41 -30.83
N PRO G 741 20.73 12.17 -30.98
CA PRO G 741 22.01 11.93 -31.64
C PRO G 741 21.96 12.42 -33.08
N PRO G 742 23.06 12.98 -33.59
CA PRO G 742 23.01 13.59 -34.93
C PRO G 742 22.89 12.59 -36.06
N ARG G 743 23.39 11.37 -35.87
CA ARG G 743 23.51 10.38 -36.94
C ARG G 743 22.89 9.05 -36.52
N LYS G 744 21.69 9.09 -35.94
CA LYS G 744 21.03 7.84 -35.58
C LYS G 744 20.55 7.10 -36.82
N LYS G 745 20.07 7.84 -37.82
CA LYS G 745 19.56 7.21 -39.03
C LYS G 745 20.63 6.42 -39.74
N GLU G 746 21.84 6.96 -39.81
CA GLU G 746 22.93 6.26 -40.48
C GLU G 746 23.23 4.92 -39.80
N ILE G 747 23.31 4.94 -38.47
CA ILE G 747 23.61 3.72 -37.73
C ILE G 747 22.49 2.70 -37.91
N LEU G 748 21.25 3.16 -37.80
CA LEU G 748 20.12 2.24 -37.92
C LEU G 748 20.07 1.63 -39.33
N ASP G 749 20.35 2.41 -40.36
CA ASP G 749 20.39 1.86 -41.72
C ASP G 749 21.54 0.86 -41.86
N HIS G 750 22.70 1.18 -41.31
CA HIS G 750 23.84 0.28 -41.43
C HIS G 750 23.52 -1.07 -40.82
N TYR G 751 22.87 -1.09 -39.65
CA TYR G 751 22.52 -2.37 -39.05
C TYR G 751 21.27 -2.99 -39.65
N GLU G 752 20.39 -2.20 -40.26
CA GLU G 752 19.26 -2.76 -40.98
C GLU G 752 19.75 -3.56 -42.18
N GLU G 753 20.86 -3.13 -42.80
CA GLU G 753 21.43 -3.93 -43.87
C GLU G 753 21.83 -5.32 -43.38
N ARG G 754 22.50 -5.39 -42.22
CA ARG G 754 22.90 -6.68 -41.66
C ARG G 754 21.68 -7.52 -41.33
N ALA G 755 20.65 -6.91 -40.74
CA ALA G 755 19.44 -7.64 -40.42
C ALA G 755 18.79 -8.20 -41.67
N ASP G 756 18.76 -7.40 -42.74
CA ASP G 756 18.21 -7.88 -44.01
C ASP G 756 19.00 -9.06 -44.55
N LYS G 757 20.34 -8.99 -44.47
CA LYS G 757 21.14 -10.10 -44.96
C LYS G 757 20.87 -11.37 -44.16
N VAL G 758 20.75 -11.26 -42.83
CA VAL G 758 20.45 -12.42 -42.02
C VAL G 758 19.08 -12.99 -42.37
N GLU G 759 18.08 -12.12 -42.55
CA GLU G 759 16.76 -12.59 -42.92
C GLU G 759 16.79 -13.31 -44.27
N LYS G 760 17.56 -12.77 -45.22
CA LYS G 760 17.67 -13.39 -46.53
C LYS G 760 18.34 -14.76 -46.43
N GLN G 761 19.38 -14.88 -45.60
CA GLN G 761 20.00 -16.17 -45.39
C GLN G 761 19.00 -17.17 -44.84
N PHE G 762 18.19 -16.75 -43.87
CA PHE G 762 17.15 -17.64 -43.35
C PHE G 762 16.17 -18.04 -44.44
N GLN G 763 15.77 -17.08 -45.27
CA GLN G 763 14.77 -17.37 -46.30
C GLN G 763 15.25 -18.41 -47.29
N ARG G 764 16.56 -18.58 -47.45
CA ARG G 764 17.13 -19.60 -48.33
C ARG G 764 17.39 -20.91 -47.62
N GLY G 765 17.01 -21.02 -46.35
CA GLY G 765 17.20 -22.26 -45.61
C GLY G 765 18.57 -22.45 -45.02
N ALA G 766 19.45 -21.45 -45.14
CA ALA G 766 20.81 -21.59 -44.63
C ALA G 766 20.85 -21.77 -43.11
N LEU G 767 19.84 -21.28 -42.39
CA LEU G 767 19.80 -21.42 -40.95
C LEU G 767 18.35 -21.51 -40.49
N ASN G 768 18.16 -22.16 -39.35
CA ASN G 768 16.82 -22.44 -38.83
C ASN G 768 16.28 -21.20 -38.12
N HIS G 769 15.15 -21.36 -37.43
CA HIS G 769 14.49 -20.22 -36.78
C HIS G 769 15.33 -19.68 -35.62
N ASP G 770 15.80 -20.58 -34.75
CA ASP G 770 16.54 -20.12 -33.58
C ASP G 770 17.82 -19.39 -33.97
N GLU G 771 18.53 -19.90 -34.97
CA GLU G 771 19.75 -19.23 -35.41
C GLU G 771 19.44 -17.84 -35.94
N ARG G 772 18.37 -17.72 -36.72
CA ARG G 772 17.97 -16.40 -37.21
C ARG G 772 17.68 -15.45 -36.06
N ASN G 773 16.92 -15.91 -35.07
CA ASN G 773 16.58 -15.04 -33.95
C ASN G 773 17.83 -14.61 -33.19
N GLU G 774 18.75 -15.55 -32.95
CA GLU G 774 19.97 -15.19 -32.22
C GLU G 774 20.80 -14.18 -33.00
N ALA G 775 20.93 -14.38 -34.31
CA ALA G 775 21.70 -13.44 -35.12
C ALA G 775 21.07 -12.04 -35.07
N LEU G 776 19.76 -11.98 -35.20
CA LEU G 776 19.09 -10.68 -35.17
C LEU G 776 19.26 -10.00 -33.81
N VAL G 777 19.14 -10.77 -32.73
CA VAL G 777 19.29 -10.19 -31.40
C VAL G 777 20.70 -9.63 -31.22
N GLU G 778 21.71 -10.36 -31.68
CA GLU G 778 23.07 -9.85 -31.56
C GLU G 778 23.25 -8.56 -32.37
N ILE G 779 22.73 -8.54 -33.60
CA ILE G 779 22.84 -7.35 -34.43
C ILE G 779 22.22 -6.15 -33.71
N TRP G 780 21.04 -6.35 -33.13
CA TRP G 780 20.34 -5.22 -32.54
C TRP G 780 20.94 -4.79 -31.21
N LYS G 781 21.53 -5.72 -30.45
CA LYS G 781 22.29 -5.30 -29.28
C LYS G 781 23.48 -4.44 -29.67
N GLU G 782 24.19 -4.83 -30.73
CA GLU G 782 25.29 -3.99 -31.21
C GLU G 782 24.80 -2.61 -31.63
N ALA G 783 23.68 -2.56 -32.34
CA ALA G 783 23.14 -1.27 -32.77
C ALA G 783 22.77 -0.40 -31.57
N THR G 784 22.14 -1.00 -30.55
CA THR G 784 21.78 -0.24 -29.37
C THR G 784 23.01 0.31 -28.67
N ASP G 785 24.06 -0.50 -28.54
CA ASP G 785 25.28 -0.01 -27.90
C ASP G 785 25.90 1.14 -28.69
N GLU G 786 25.92 1.01 -30.02
CA GLU G 786 26.51 2.08 -30.82
C GLU G 786 25.72 3.38 -30.70
N VAL G 787 24.38 3.29 -30.71
CA VAL G 787 23.57 4.50 -30.55
C VAL G 787 23.78 5.11 -29.17
N GLY G 788 23.87 4.27 -28.14
CA GLY G 788 24.14 4.80 -26.82
C GLY G 788 25.47 5.52 -26.73
N GLN G 789 26.50 4.97 -27.37
CA GLN G 789 27.80 5.62 -27.38
C GLN G 789 27.74 6.96 -28.11
N ALA G 790 27.04 7.00 -29.25
CA ALA G 790 26.91 8.27 -29.97
C ALA G 790 26.19 9.31 -29.13
N LEU G 791 25.10 8.91 -28.46
CA LEU G 791 24.39 9.84 -27.60
C LEU G 791 25.28 10.34 -26.48
N ARG G 792 26.04 9.45 -25.85
CA ARG G 792 26.92 9.85 -24.76
C ARG G 792 27.95 10.86 -25.24
N GLU G 793 28.50 10.65 -26.44
CA GLU G 793 29.48 11.57 -26.99
C GLU G 793 28.86 12.90 -27.41
N HIS G 794 27.59 12.93 -27.76
CA HIS G 794 26.97 14.16 -28.24
C HIS G 794 26.64 15.16 -27.14
N TYR G 795 26.21 14.69 -25.97
CA TYR G 795 25.70 15.59 -24.95
C TYR G 795 26.81 16.45 -24.36
N PRO G 796 26.54 17.73 -24.07
CA PRO G 796 27.51 18.53 -23.31
C PRO G 796 27.56 18.14 -21.85
N ASP G 797 28.50 18.71 -21.11
CA ASP G 797 28.66 18.39 -19.70
C ASP G 797 27.81 19.26 -18.77
N ASP G 798 27.15 20.29 -19.30
CA ASP G 798 26.31 21.17 -18.50
C ASP G 798 24.83 20.96 -18.76
N ASN G 799 24.46 19.92 -19.50
CA ASN G 799 23.06 19.66 -19.75
C ASN G 799 22.38 19.22 -18.45
N PRO G 800 21.14 19.67 -18.19
CA PRO G 800 20.48 19.26 -16.95
C PRO G 800 20.34 17.76 -16.79
N ILE G 801 20.08 17.02 -17.85
CA ILE G 801 19.80 15.59 -17.72
C ILE G 801 21.07 14.83 -17.35
N ILE G 802 22.14 15.04 -18.13
CA ILE G 802 23.38 14.34 -17.82
C ILE G 802 24.00 14.90 -16.55
N THR G 803 23.64 16.12 -16.17
CA THR G 803 24.10 16.66 -14.88
C THR G 803 23.44 15.92 -13.73
N ILE G 804 22.13 15.70 -13.82
CA ILE G 804 21.43 14.95 -12.78
C ILE G 804 21.93 13.53 -12.72
N VAL G 805 22.22 12.93 -13.88
CA VAL G 805 22.68 11.54 -13.89
C VAL G 805 24.09 11.43 -13.34
N ASP G 806 24.99 12.34 -13.76
CA ASP G 806 26.40 12.22 -13.43
C ASP G 806 26.71 12.61 -11.98
N SER G 807 25.93 13.50 -11.38
CA SER G 807 26.20 13.89 -10.00
C SER G 807 25.78 12.83 -9.01
N GLY G 808 25.30 11.68 -9.48
CA GLY G 808 24.83 10.64 -8.59
C GLY G 808 23.49 10.93 -7.94
N ALA G 809 22.83 12.02 -8.32
CA ALA G 809 21.58 12.38 -7.67
C ALA G 809 20.54 11.29 -7.84
N THR G 810 20.31 10.86 -9.08
CA THR G 810 19.29 9.85 -9.34
C THR G 810 19.36 9.43 -10.80
N GLY G 811 19.01 8.18 -11.06
CA GLY G 811 18.91 7.70 -12.42
C GLY G 811 20.22 7.14 -12.95
N ASN G 812 20.12 6.48 -14.10
CA ASN G 812 21.26 5.93 -14.81
C ASN G 812 21.20 6.35 -16.27
N PHE G 813 22.21 5.97 -17.05
CA PHE G 813 22.26 6.38 -18.45
C PHE G 813 21.41 5.51 -19.36
N THR G 814 20.97 4.34 -18.90
CA THR G 814 20.07 3.53 -19.71
C THR G 814 18.75 4.25 -19.92
N GLN G 815 18.22 4.88 -18.87
CA GLN G 815 17.00 5.66 -19.01
C GLN G 815 17.19 6.86 -19.93
N THR G 816 18.36 7.52 -19.85
CA THR G 816 18.63 8.61 -20.77
C THR G 816 18.68 8.14 -22.22
N ARG G 817 19.30 6.97 -22.45
CA ARG G 817 19.32 6.42 -23.81
C ARG G 817 17.91 6.10 -24.29
N THR G 818 17.08 5.52 -23.42
CA THR G 818 15.71 5.22 -23.79
C THR G 818 14.93 6.48 -24.12
N LEU G 819 15.11 7.53 -23.32
CA LEU G 819 14.40 8.79 -23.52
C LEU G 819 14.84 9.53 -24.77
N ALA G 820 16.14 9.55 -25.06
CA ALA G 820 16.66 10.37 -26.15
C ALA G 820 17.01 9.56 -27.40
N GLY G 821 17.85 8.55 -27.28
CA GLY G 821 18.38 7.90 -28.46
C GLY G 821 17.55 6.79 -29.05
N MET G 822 17.30 5.73 -28.27
CA MET G 822 16.64 4.55 -28.82
C MET G 822 16.31 3.61 -27.68
N LYS G 823 15.16 2.96 -27.75
CA LYS G 823 14.78 2.00 -26.72
C LYS G 823 15.51 0.67 -26.91
N GLY G 824 15.26 0.00 -28.03
CA GLY G 824 15.95 -1.24 -28.34
C GLY G 824 15.06 -2.46 -28.23
N LEU G 825 15.67 -3.60 -27.91
CA LEU G 825 14.93 -4.86 -27.86
C LEU G 825 13.98 -4.89 -26.67
N VAL G 826 12.86 -5.58 -26.85
CA VAL G 826 11.87 -5.78 -25.80
C VAL G 826 11.55 -7.27 -25.71
N THR G 827 10.98 -7.66 -24.57
CA THR G 827 10.79 -9.06 -24.24
C THR G 827 9.37 -9.51 -24.56
N ASN G 828 9.21 -10.82 -24.68
CA ASN G 828 7.92 -11.46 -24.90
C ASN G 828 7.23 -11.72 -23.58
N PRO G 829 5.97 -12.18 -23.61
CA PRO G 829 5.36 -12.67 -22.38
C PRO G 829 6.12 -13.83 -21.76
N LYS G 830 6.76 -14.66 -22.59
CA LYS G 830 7.59 -15.73 -22.06
C LYS G 830 8.87 -15.21 -21.45
N GLY G 831 9.51 -14.23 -22.10
CA GLY G 831 10.76 -13.67 -21.63
C GLY G 831 11.83 -13.50 -22.71
N GLU G 832 11.69 -14.15 -23.86
CA GLU G 832 12.67 -14.00 -24.92
C GLU G 832 12.51 -12.68 -25.63
N PHE G 833 13.61 -12.15 -26.15
CA PHE G 833 13.58 -10.86 -26.83
C PHE G 833 12.75 -10.94 -28.10
N ILE G 834 12.00 -9.87 -28.38
CA ILE G 834 11.37 -9.68 -29.68
C ILE G 834 12.46 -9.22 -30.64
N PRO G 835 12.66 -9.86 -31.80
CA PRO G 835 13.79 -9.48 -32.66
C PRO G 835 13.52 -8.25 -33.53
N ARG G 836 12.50 -7.46 -33.20
CA ARG G 836 12.01 -6.49 -34.18
C ARG G 836 13.07 -5.45 -34.53
N PRO G 837 13.53 -4.58 -33.61
CA PRO G 837 13.12 -4.25 -32.25
C PRO G 837 12.36 -2.93 -32.19
N VAL G 838 12.08 -2.42 -30.99
CA VAL G 838 11.59 -1.05 -30.87
C VAL G 838 12.71 -0.10 -31.26
N LYS G 839 12.41 0.83 -32.17
CA LYS G 839 13.44 1.66 -32.79
C LYS G 839 13.23 3.15 -32.58
N SER G 840 12.24 3.55 -31.77
CA SER G 840 11.98 4.96 -31.53
C SER G 840 12.13 5.28 -30.05
N SER G 841 12.64 6.47 -29.77
CA SER G 841 12.78 6.96 -28.40
C SER G 841 11.50 7.64 -27.96
N PHE G 842 11.33 7.77 -26.65
CA PHE G 842 10.12 8.40 -26.12
C PHE G 842 10.06 9.89 -26.40
N ARG G 843 11.15 10.49 -26.90
CA ARG G 843 11.05 11.87 -27.37
C ARG G 843 10.31 11.93 -28.69
N GLU G 844 10.63 11.04 -29.63
CA GLU G 844 9.94 11.02 -30.92
C GLU G 844 8.53 10.46 -30.78
N GLY G 845 8.33 9.51 -29.88
CA GLY G 845 7.04 8.88 -29.72
C GLY G 845 6.94 7.56 -30.44
N LEU G 846 6.62 6.51 -29.70
CA LEU G 846 6.49 5.18 -30.27
C LEU G 846 5.23 5.08 -31.10
N THR G 847 5.25 4.14 -32.05
CA THR G 847 4.05 3.84 -32.82
C THR G 847 3.14 2.93 -32.02
N VAL G 848 2.08 2.44 -32.66
CA VAL G 848 1.08 1.64 -31.94
C VAL G 848 1.66 0.27 -31.58
N LEU G 849 2.30 -0.39 -32.55
CA LEU G 849 2.83 -1.73 -32.30
C LEU G 849 3.94 -1.71 -31.26
N GLU G 850 4.82 -0.71 -31.32
CA GLU G 850 5.91 -0.65 -30.35
C GLU G 850 5.38 -0.47 -28.94
N TYR G 851 4.40 0.41 -28.76
CA TYR G 851 3.78 0.58 -27.46
C TYR G 851 3.13 -0.71 -26.99
N PHE G 852 2.45 -1.40 -27.90
CA PHE G 852 1.78 -2.64 -27.51
C PHE G 852 2.79 -3.69 -27.05
N ILE G 853 3.93 -3.79 -27.73
CA ILE G 853 4.90 -4.82 -27.38
C ILE G 853 5.72 -4.41 -26.16
N ASN G 854 5.68 -3.12 -25.82
CA ASN G 854 6.27 -2.66 -24.56
C ASN G 854 5.39 -2.97 -23.33
N THR G 855 4.07 -2.93 -23.52
CA THR G 855 3.18 -3.21 -22.40
C THR G 855 3.44 -4.57 -21.78
N HIS G 856 3.90 -5.54 -22.57
CA HIS G 856 4.23 -6.86 -22.04
C HIS G 856 5.17 -6.77 -20.85
N GLY G 857 6.37 -6.24 -21.08
CA GLY G 857 7.34 -6.10 -20.01
C GLY G 857 6.82 -5.22 -18.89
N ALA G 858 6.11 -4.15 -19.23
CA ALA G 858 5.59 -3.28 -18.17
C ALA G 858 4.76 -4.07 -17.16
N ARG G 859 3.76 -4.82 -17.67
CA ARG G 859 2.88 -5.54 -16.75
C ARG G 859 3.61 -6.66 -16.04
N LYS G 860 4.55 -7.32 -16.72
CA LYS G 860 5.35 -8.35 -16.06
C LYS G 860 6.04 -7.77 -14.84
N GLY G 861 6.67 -6.61 -15.00
CA GLY G 861 7.36 -5.98 -13.89
C GLY G 861 6.42 -5.65 -12.74
N LEU G 862 5.24 -5.10 -13.05
CA LEU G 862 4.32 -4.73 -11.96
C LEU G 862 3.88 -5.96 -11.16
N ALA G 863 3.48 -7.03 -11.86
CA ALA G 863 3.03 -8.23 -11.15
C ALA G 863 4.16 -8.83 -10.31
N ASP G 864 5.37 -8.84 -10.87
CA ASP G 864 6.52 -9.32 -10.11
C ASP G 864 6.70 -8.52 -8.83
N THR G 865 6.56 -7.19 -8.92
CA THR G 865 6.73 -6.36 -7.73
C THR G 865 5.74 -6.75 -6.63
N ALA G 866 4.47 -6.93 -7.01
CA ALA G 866 3.48 -7.28 -5.98
C ALA G 866 3.82 -8.61 -5.30
N LEU G 867 4.04 -9.66 -6.11
CA LEU G 867 4.35 -10.95 -5.52
C LEU G 867 5.60 -10.86 -4.65
N ARG G 868 6.57 -10.06 -5.07
CA ARG G 868 7.82 -9.95 -4.35
C ARG G 868 7.63 -9.34 -2.97
N THR G 869 6.83 -8.27 -2.88
CA THR G 869 6.61 -7.67 -1.57
C THR G 869 5.95 -8.67 -0.62
N ALA G 870 4.96 -9.41 -1.12
CA ALA G 870 4.31 -10.40 -0.26
C ALA G 870 5.31 -11.44 0.25
N ASP G 871 6.10 -12.01 -0.67
CA ASP G 871 7.04 -13.05 -0.28
C ASP G 871 8.10 -12.54 0.69
N SER G 872 8.58 -11.30 0.48
CA SER G 872 9.58 -10.75 1.39
C SER G 872 9.01 -10.62 2.80
N GLY G 873 7.77 -10.15 2.92
CA GLY G 873 7.17 -10.08 4.24
C GLY G 873 7.13 -11.43 4.92
N TYR G 874 6.68 -12.46 4.20
CA TYR G 874 6.59 -13.78 4.81
C TYR G 874 7.96 -14.29 5.26
N LEU G 875 8.97 -14.12 4.40
CA LEU G 875 10.31 -14.60 4.70
C LEU G 875 10.86 -13.92 5.95
N THR G 876 10.68 -12.60 6.04
CA THR G 876 11.16 -11.90 7.23
C THR G 876 10.46 -12.42 8.47
N ARG G 877 9.16 -12.70 8.37
CA ARG G 877 8.44 -13.23 9.54
C ARG G 877 9.04 -14.54 10.01
N ARG G 878 9.33 -15.45 9.08
CA ARG G 878 9.94 -16.73 9.49
C ARG G 878 11.34 -16.54 10.07
N LEU G 879 12.15 -15.68 9.44
CA LEU G 879 13.51 -15.47 9.91
C LEU G 879 13.57 -14.87 11.31
N VAL G 880 12.69 -13.93 11.62
CA VAL G 880 12.68 -13.36 12.98
C VAL G 880 12.28 -14.39 14.02
N ASP G 881 11.50 -15.40 13.65
CA ASP G 881 11.05 -16.42 14.59
C ASP G 881 12.07 -17.50 14.82
N VAL G 882 12.78 -17.95 13.77
CA VAL G 882 13.80 -18.98 13.98
C VAL G 882 14.86 -18.49 14.96
N SER G 883 15.33 -17.27 14.77
CA SER G 883 16.45 -16.73 15.53
C SER G 883 15.98 -15.53 16.35
N GLN G 884 15.49 -15.79 17.55
CA GLN G 884 15.18 -14.72 18.49
C GLN G 884 15.71 -15.08 19.87
N ASP G 885 16.29 -16.27 20.01
CA ASP G 885 16.95 -16.68 21.24
C ASP G 885 18.45 -16.44 21.20
N VAL G 886 18.97 -15.82 20.14
CA VAL G 886 20.37 -15.44 20.05
C VAL G 886 20.48 -14.04 20.64
N ILE G 887 21.00 -13.95 21.86
CA ILE G 887 21.16 -12.69 22.57
C ILE G 887 22.55 -12.68 23.18
N VAL G 888 23.24 -11.55 23.09
CA VAL G 888 24.55 -11.43 23.71
C VAL G 888 24.38 -11.50 25.22
N ARG G 889 25.01 -12.50 25.85
CA ARG G 889 24.85 -12.74 27.27
C ARG G 889 26.14 -12.67 28.07
N GLU G 890 27.30 -12.60 27.41
CA GLU G 890 28.57 -12.52 28.12
C GLU G 890 29.48 -11.48 27.47
N HIS G 891 30.71 -11.38 27.95
CA HIS G 891 31.71 -10.53 27.33
C HIS G 891 32.82 -11.30 26.64
N ASP G 892 33.14 -12.50 27.13
CA ASP G 892 34.16 -13.32 26.50
C ASP G 892 33.97 -14.76 26.94
N CYS G 893 33.74 -15.65 25.99
CA CYS G 893 33.76 -17.07 26.27
C CYS G 893 35.16 -17.64 26.33
N GLN G 894 36.16 -16.87 25.91
CA GLN G 894 37.57 -17.27 26.01
C GLN G 894 37.80 -18.61 25.32
N THR G 895 37.18 -18.78 24.15
CA THR G 895 37.42 -19.94 23.32
C THR G 895 38.55 -19.65 22.33
N GLU G 896 39.00 -20.70 21.66
CA GLU G 896 40.09 -20.59 20.69
C GLU G 896 39.66 -20.92 19.27
N ARG G 897 38.48 -21.48 19.08
CA ARG G 897 38.02 -21.81 17.74
C ARG G 897 37.70 -20.54 16.96
N GLY G 898 37.67 -20.67 15.64
CA GLY G 898 37.42 -19.52 14.79
C GLY G 898 37.25 -19.95 13.35
N ILE G 899 37.14 -18.96 12.49
CA ILE G 899 36.99 -19.17 11.06
C ILE G 899 38.07 -18.38 10.32
N VAL G 900 38.60 -18.97 9.25
CA VAL G 900 39.61 -18.30 8.44
C VAL G 900 38.90 -17.44 7.41
N VAL G 901 39.55 -16.33 7.05
CA VAL G 901 39.00 -15.40 6.07
C VAL G 901 39.98 -15.28 4.91
N GLU G 902 39.44 -15.21 3.69
CA GLU G 902 40.29 -15.26 2.49
C GLU G 902 41.30 -14.12 2.48
N LEU G 903 40.83 -12.88 2.65
CA LEU G 903 41.69 -11.73 2.93
C LEU G 903 42.79 -11.58 1.87
N ALA G 904 42.37 -11.21 0.66
CA ALA G 904 43.28 -10.74 -0.38
C ALA G 904 44.28 -11.82 -0.79
N GLU G 905 43.74 -12.89 -1.38
CA GLU G 905 44.55 -13.95 -1.95
C GLU G 905 45.68 -13.39 -2.83
N ARG G 906 46.78 -14.14 -2.93
CA ARG G 906 47.95 -13.70 -3.66
C ARG G 906 47.70 -13.70 -5.16
N ALA G 907 48.41 -12.80 -5.86
CA ALA G 907 48.34 -12.72 -7.31
C ALA G 907 49.27 -13.74 -7.96
N PRO G 908 48.98 -14.16 -9.20
CA PRO G 908 49.81 -15.23 -9.81
C PRO G 908 51.27 -14.86 -9.94
N ASP G 909 51.59 -13.78 -10.68
CA ASP G 909 52.97 -13.37 -10.85
C ASP G 909 53.59 -12.90 -9.54
N GLY G 910 52.79 -12.63 -8.52
CA GLY G 910 53.27 -12.17 -7.23
C GLY G 910 52.84 -10.75 -6.94
N THR G 911 51.76 -10.61 -6.18
CA THR G 911 51.24 -9.32 -5.75
C THR G 911 50.01 -9.55 -4.89
N LEU G 912 49.70 -8.62 -3.99
CA LEU G 912 48.54 -8.74 -3.11
C LEU G 912 47.42 -7.88 -3.67
N ILE G 913 46.49 -8.52 -4.37
CA ILE G 913 45.27 -7.86 -4.85
C ILE G 913 44.20 -8.08 -3.79
N ARG G 914 43.64 -6.98 -3.29
CA ARG G 914 42.68 -7.07 -2.20
C ARG G 914 41.41 -7.77 -2.64
N ASP G 915 40.84 -8.57 -1.74
CA ASP G 915 39.58 -9.23 -2.03
C ASP G 915 38.49 -8.17 -2.18
N PRO G 916 37.73 -8.18 -3.27
CA PRO G 916 36.72 -7.12 -3.44
C PRO G 916 35.70 -7.07 -2.32
N TYR G 917 35.24 -8.23 -1.85
CA TYR G 917 34.20 -8.29 -0.83
C TYR G 917 34.82 -8.55 0.54
N ILE G 918 35.62 -7.57 0.98
CA ILE G 918 36.30 -7.66 2.26
C ILE G 918 35.64 -6.82 3.34
N GLU G 919 34.89 -5.78 2.98
CA GLU G 919 34.21 -4.98 3.98
C GLU G 919 33.06 -5.73 4.62
N THR G 920 32.57 -6.80 3.99
CA THR G 920 31.44 -7.56 4.51
C THR G 920 31.83 -8.91 5.07
N SER G 921 33.12 -9.24 5.11
CA SER G 921 33.55 -10.54 5.63
C SER G 921 34.67 -10.47 6.64
N ALA G 922 35.51 -9.45 6.62
CA ALA G 922 36.65 -9.35 7.54
C ALA G 922 36.58 -8.16 8.48
N TYR G 923 36.00 -7.04 8.05
CA TYR G 923 35.84 -5.91 8.94
C TYR G 923 34.87 -6.25 10.07
N ALA G 924 35.08 -5.62 11.21
CA ALA G 924 34.22 -5.83 12.38
C ALA G 924 34.33 -7.26 12.88
N ARG G 925 35.57 -7.73 13.09
CA ARG G 925 35.83 -9.05 13.63
C ARG G 925 36.93 -8.96 14.66
N THR G 926 36.99 -9.94 15.54
CA THR G 926 38.04 -10.04 16.55
C THR G 926 38.92 -11.24 16.26
N LEU G 927 40.22 -11.01 16.19
CA LEU G 927 41.16 -12.08 15.87
C LEU G 927 41.16 -13.15 16.96
N GLY G 928 41.22 -14.40 16.53
CA GLY G 928 41.31 -15.52 17.45
C GLY G 928 42.74 -16.01 17.62
N THR G 929 43.62 -15.62 16.71
CA THR G 929 45.04 -15.92 16.80
C THR G 929 45.84 -14.65 16.47
N ASP G 930 47.16 -14.80 16.47
CA ASP G 930 48.06 -13.69 16.17
C ASP G 930 48.57 -13.80 14.74
N ALA G 931 48.80 -12.63 14.13
CA ALA G 931 49.25 -12.54 12.75
C ALA G 931 50.77 -12.40 12.73
N VAL G 932 51.45 -13.38 12.16
CA VAL G 932 52.91 -13.40 12.06
C VAL G 932 53.28 -13.69 10.61
N ASP G 933 54.28 -12.97 10.10
CA ASP G 933 54.69 -13.06 8.71
C ASP G 933 56.20 -13.19 8.62
N GLU G 934 56.67 -14.10 7.77
CA GLU G 934 58.09 -14.27 7.48
C GLU G 934 58.92 -14.24 8.76
N ALA G 935 58.47 -14.98 9.77
CA ALA G 935 59.10 -15.09 11.08
C ALA G 935 59.08 -13.77 11.85
N GLY G 936 58.46 -12.72 11.30
CA GLY G 936 58.44 -11.45 11.97
C GLY G 936 57.57 -11.44 13.21
N ASN G 937 57.75 -10.43 14.03
CA ASN G 937 56.96 -10.27 15.24
C ASN G 937 55.47 -10.20 14.89
N VAL G 938 54.64 -10.48 15.89
CA VAL G 938 53.19 -10.50 15.68
C VAL G 938 52.74 -9.13 15.16
N ILE G 939 52.18 -9.12 13.95
CA ILE G 939 51.73 -7.87 13.36
C ILE G 939 50.52 -7.33 14.11
N VAL G 940 49.54 -8.18 14.38
CA VAL G 940 48.31 -7.80 15.06
C VAL G 940 48.06 -8.80 16.17
N GLU G 941 47.75 -8.30 17.36
CA GLU G 941 47.59 -9.15 18.52
C GLU G 941 46.19 -9.77 18.56
N ARG G 942 46.06 -10.81 19.38
CA ARG G 942 44.78 -11.47 19.57
C ARG G 942 43.79 -10.50 20.22
N GLY G 943 42.55 -10.53 19.73
CA GLY G 943 41.51 -9.67 20.27
C GLY G 943 41.63 -8.23 19.81
N GLN G 944 41.49 -7.99 18.51
CA GLN G 944 41.58 -6.65 17.93
C GLN G 944 40.39 -6.40 17.03
N ASP G 945 39.94 -5.14 17.01
CA ASP G 945 38.72 -4.81 16.27
C ASP G 945 38.87 -5.13 14.79
N LEU G 946 40.09 -5.13 14.27
CA LEU G 946 40.34 -5.46 12.87
C LEU G 946 39.58 -4.51 11.94
N GLY G 947 39.93 -3.24 12.03
CA GLY G 947 39.38 -2.21 11.18
C GLY G 947 40.24 -1.95 9.96
N ASP G 948 40.06 -0.77 9.37
CA ASP G 948 40.83 -0.41 8.19
C ASP G 948 42.32 -0.38 8.46
N PRO G 949 42.81 0.32 9.50
CA PRO G 949 44.26 0.35 9.71
C PRO G 949 44.88 -1.02 9.89
N GLU G 950 44.21 -1.91 10.63
CA GLU G 950 44.78 -3.23 10.88
C GLU G 950 44.81 -4.06 9.61
N ILE G 951 43.76 -3.98 8.80
CA ILE G 951 43.76 -4.71 7.54
C ILE G 951 44.85 -4.19 6.61
N ASP G 952 45.02 -2.86 6.58
CA ASP G 952 46.10 -2.29 5.76
C ASP G 952 47.46 -2.78 6.24
N ALA G 953 47.67 -2.80 7.56
CA ALA G 953 48.95 -3.28 8.08
C ALA G 953 49.17 -4.74 7.74
N LEU G 954 48.13 -5.57 7.86
CA LEU G 954 48.26 -6.99 7.53
C LEU G 954 48.59 -7.18 6.06
N LEU G 955 47.93 -6.44 5.17
CA LEU G 955 48.23 -6.54 3.75
C LEU G 955 49.66 -6.11 3.47
N ALA G 956 50.11 -5.01 4.07
CA ALA G 956 51.48 -4.56 3.86
C ALA G 956 52.49 -5.59 4.35
N ALA G 957 52.24 -6.17 5.53
CA ALA G 957 53.16 -7.17 6.06
C ALA G 957 53.26 -8.39 5.16
N GLY G 958 52.21 -8.70 4.40
CA GLY G 958 52.26 -9.78 3.44
C GLY G 958 51.69 -11.09 3.96
N ILE G 959 50.49 -11.05 4.52
CA ILE G 959 49.77 -12.26 4.92
C ILE G 959 48.45 -12.29 4.17
N THR G 960 47.97 -13.51 3.92
CA THR G 960 46.76 -13.71 3.13
C THR G 960 45.58 -14.28 3.92
N GLN G 961 45.82 -15.08 4.94
CA GLN G 961 44.73 -15.69 5.71
C GLN G 961 44.89 -15.34 7.18
N VAL G 962 43.77 -15.05 7.84
CA VAL G 962 43.74 -14.82 9.27
C VAL G 962 42.53 -15.52 9.86
N LYS G 963 42.65 -15.94 11.11
CA LYS G 963 41.60 -16.65 11.82
C LYS G 963 40.91 -15.69 12.78
N VAL G 964 39.60 -15.53 12.65
CA VAL G 964 38.83 -14.56 13.39
C VAL G 964 37.71 -15.27 14.14
N ARG G 965 37.26 -14.64 15.22
CA ARG G 965 36.17 -15.20 16.02
C ARG G 965 34.84 -15.00 15.30
N SER G 966 33.95 -15.97 15.49
CA SER G 966 32.63 -15.90 14.86
C SER G 966 31.61 -16.61 15.74
N VAL G 967 30.34 -16.24 15.54
CA VAL G 967 29.27 -16.84 16.31
C VAL G 967 29.11 -18.32 16.01
N LEU G 968 29.53 -18.77 14.83
CA LEU G 968 29.41 -20.17 14.48
C LEU G 968 30.22 -21.07 15.41
N THR G 969 31.20 -20.51 16.12
CA THR G 969 32.07 -21.28 17.00
C THR G 969 32.02 -20.80 18.44
N CYS G 970 30.95 -20.10 18.83
CA CYS G 970 30.84 -19.62 20.19
C CYS G 970 30.65 -20.79 21.16
N ALA G 971 31.25 -20.67 22.35
CA ALA G 971 31.21 -21.72 23.35
C ALA G 971 30.19 -21.46 24.45
N THR G 972 29.42 -20.38 24.37
CA THR G 972 28.44 -20.10 25.41
C THR G 972 27.23 -21.02 25.29
N SER G 973 26.66 -21.37 26.44
CA SER G 973 25.55 -22.32 26.46
C SER G 973 24.31 -21.73 25.80
N THR G 974 23.93 -20.52 26.17
CA THR G 974 22.75 -19.86 25.65
C THR G 974 23.13 -18.48 25.15
N GLY G 975 22.94 -18.23 23.86
CA GLY G 975 23.32 -16.97 23.28
C GLY G 975 24.81 -16.91 22.96
N VAL G 976 25.21 -15.79 22.37
CA VAL G 976 26.60 -15.57 21.98
C VAL G 976 27.28 -14.63 22.98
N CYS G 977 28.61 -14.59 22.94
CA CYS G 977 29.38 -13.63 23.72
C CYS G 977 29.58 -12.36 22.91
N ALA G 978 30.15 -11.34 23.54
CA ALA G 978 30.28 -10.05 22.87
C ALA G 978 31.54 -9.99 22.02
N THR G 979 32.58 -10.73 22.38
CA THR G 979 33.80 -10.73 21.57
C THR G 979 33.62 -11.55 20.30
N CYS G 980 32.90 -12.67 20.37
CA CYS G 980 32.70 -13.49 19.19
C CYS G 980 31.91 -12.75 18.13
N TYR G 981 30.81 -12.09 18.54
CA TYR G 981 30.01 -11.35 17.58
C TYR G 981 30.82 -10.21 16.96
N GLY G 982 31.46 -9.41 17.80
CA GLY G 982 32.34 -8.36 17.33
C GLY G 982 31.70 -6.98 17.39
N ARG G 983 32.21 -6.10 16.54
CA ARG G 983 31.75 -4.73 16.50
C ARG G 983 30.28 -4.66 16.09
N SER G 984 29.55 -3.74 16.70
CA SER G 984 28.17 -3.47 16.31
C SER G 984 28.17 -2.50 15.13
N MET G 985 27.56 -2.91 14.01
CA MET G 985 27.64 -2.13 12.80
C MET G 985 26.98 -0.76 12.95
N ALA G 986 26.05 -0.61 13.89
CA ALA G 986 25.35 0.65 14.07
C ALA G 986 26.09 1.58 15.03
N THR G 987 26.46 1.06 16.20
CA THR G 987 27.15 1.90 17.19
C THR G 987 28.59 2.16 16.79
N GLY G 988 29.22 1.21 16.12
CA GLY G 988 30.62 1.34 15.73
C GLY G 988 31.61 0.85 16.76
N LYS G 989 31.14 0.39 17.91
CA LYS G 989 31.98 -0.15 18.97
C LYS G 989 31.58 -1.60 19.24
N LEU G 990 32.18 -2.19 20.26
CA LEU G 990 31.84 -3.56 20.62
C LEU G 990 30.39 -3.64 21.07
N VAL G 991 29.74 -4.76 20.75
CA VAL G 991 28.32 -4.89 21.04
C VAL G 991 28.10 -4.94 22.55
N ASP G 992 26.87 -4.63 22.96
CA ASP G 992 26.52 -4.60 24.37
C ASP G 992 26.19 -6.01 24.88
N ILE G 993 25.85 -6.12 26.15
CA ILE G 993 25.61 -7.39 26.81
C ILE G 993 24.11 -7.64 26.97
N GLY G 994 23.28 -7.00 26.15
CA GLY G 994 21.87 -7.30 26.12
C GLY G 994 21.31 -7.24 24.72
N GLU G 995 22.18 -6.99 23.74
CA GLU G 995 21.73 -6.80 22.37
C GLU G 995 21.03 -8.05 21.86
N ALA G 996 19.89 -7.85 21.19
CA ALA G 996 19.17 -8.94 20.54
C ALA G 996 19.69 -9.02 19.11
N VAL G 997 20.76 -9.80 18.92
CA VAL G 997 21.38 -9.91 17.61
C VAL G 997 20.53 -10.73 16.65
N GLY G 998 19.71 -11.64 17.15
CA GLY G 998 18.90 -12.46 16.27
C GLY G 998 17.89 -11.66 15.47
N ILE G 999 17.16 -10.77 16.14
CA ILE G 999 16.15 -9.98 15.44
C ILE G 999 16.81 -8.99 14.49
N VAL G 1000 17.93 -8.40 14.90
CA VAL G 1000 18.64 -7.49 14.02
C VAL G 1000 19.12 -8.21 12.77
N ALA G 1001 19.64 -9.43 12.94
CA ALA G 1001 20.08 -10.22 11.78
C ALA G 1001 18.90 -10.55 10.88
N ALA G 1002 17.77 -10.96 11.45
CA ALA G 1002 16.62 -11.31 10.64
C ALA G 1002 16.11 -10.11 9.85
N GLN G 1003 16.02 -8.96 10.49
CA GLN G 1003 15.57 -7.75 9.81
C GLN G 1003 16.57 -7.29 8.76
N SER G 1004 17.87 -7.42 9.03
CA SER G 1004 18.86 -7.02 8.04
C SER G 1004 18.80 -7.91 6.81
N ILE G 1005 18.57 -9.21 6.99
CA ILE G 1005 18.46 -10.10 5.85
C ILE G 1005 17.18 -9.86 5.09
N GLY G 1006 16.06 -9.69 5.78
CA GLY G 1006 14.77 -9.62 5.12
C GLY G 1006 14.34 -8.26 4.64
N GLU G 1007 14.90 -7.18 5.15
CA GLU G 1007 14.51 -5.85 4.72
C GLU G 1007 14.87 -5.65 3.24
N PRO G 1008 16.10 -5.98 2.82
CA PRO G 1008 16.44 -5.86 1.39
C PRO G 1008 15.86 -6.99 0.54
N GLY G 1009 14.57 -7.22 0.69
CA GLY G 1009 13.85 -8.11 -0.21
C GLY G 1009 13.34 -7.25 -1.34
N THR G 1010 12.02 -7.06 -1.42
CA THR G 1010 11.42 -6.01 -2.25
C THR G 1010 12.29 -5.59 -3.43
N GLN G 1011 13.46 -5.03 -3.14
CA GLN G 1011 14.43 -4.68 -4.17
C GLN G 1011 15.34 -5.85 -4.51
N LEU G 1012 14.74 -7.02 -4.78
CA LEU G 1012 15.50 -8.22 -5.13
C LEU G 1012 14.76 -8.87 -6.29
N THR G 1013 15.13 -8.45 -7.51
CA THR G 1013 14.41 -8.90 -8.69
C THR G 1013 14.48 -10.41 -8.82
N MET G 1014 13.36 -11.03 -9.13
CA MET G 1014 13.29 -12.48 -9.29
C MET G 1014 14.03 -12.92 -10.55
N ASP G 1025 16.35 -23.63 -15.31
CA ASP G 1025 15.37 -23.78 -14.25
C ASP G 1025 15.93 -23.35 -12.90
N ILE G 1026 17.20 -22.95 -12.89
CA ILE G 1026 17.89 -22.61 -11.66
C ILE G 1026 17.35 -21.29 -11.14
N THR G 1027 16.84 -21.29 -9.91
CA THR G 1027 16.37 -20.07 -9.28
C THR G 1027 17.54 -19.16 -8.94
N GLY G 1028 17.31 -17.85 -9.06
CA GLY G 1028 18.37 -16.89 -8.85
C GLY G 1028 17.94 -15.59 -8.20
N GLY G 1029 16.80 -15.59 -7.52
CA GLY G 1029 16.27 -14.38 -6.90
C GLY G 1029 15.81 -14.66 -5.49
N LEU G 1030 14.70 -14.04 -5.11
CA LEU G 1030 14.13 -14.29 -3.79
C LEU G 1030 13.78 -15.76 -3.58
N PRO G 1031 13.21 -16.48 -4.56
CA PRO G 1031 13.02 -17.92 -4.36
C PRO G 1031 14.29 -18.66 -4.03
N ARG G 1032 15.42 -18.22 -4.58
CA ARG G 1032 16.69 -18.87 -4.25
C ARG G 1032 17.00 -18.73 -2.77
N VAL G 1033 16.82 -17.54 -2.21
CA VAL G 1033 17.06 -17.34 -0.79
C VAL G 1033 16.07 -18.18 0.03
N GLN G 1034 14.80 -18.19 -0.38
CA GLN G 1034 13.80 -18.96 0.36
C GLN G 1034 14.16 -20.43 0.40
N GLU G 1035 14.63 -20.99 -0.71
CA GLU G 1035 15.00 -22.40 -0.71
C GLU G 1035 16.35 -22.64 -0.06
N LEU G 1036 17.20 -21.62 0.04
CA LEU G 1036 18.45 -21.78 0.77
C LEU G 1036 18.20 -21.89 2.27
N PHE G 1037 17.40 -20.97 2.81
CA PHE G 1037 17.17 -20.99 4.26
C PHE G 1037 16.28 -22.16 4.68
N GLU G 1038 15.33 -22.54 3.84
CA GLU G 1038 14.47 -23.69 4.13
C GLU G 1038 15.20 -25.01 3.98
N ALA G 1039 16.44 -25.01 3.46
CA ALA G 1039 17.24 -26.21 3.35
C ALA G 1039 16.52 -27.28 2.51
N ARG G 1040 15.79 -26.84 1.50
CA ARG G 1040 15.15 -27.75 0.57
C ARG G 1040 16.17 -28.19 -0.48
N VAL G 1041 15.90 -29.35 -1.07
CA VAL G 1041 16.75 -29.81 -2.18
C VAL G 1041 16.59 -28.85 -3.35
N PRO G 1042 17.67 -28.36 -3.95
CA PRO G 1042 17.53 -27.32 -4.98
C PRO G 1042 16.73 -27.80 -6.18
N ARG G 1043 16.26 -26.83 -6.96
CA ARG G 1043 15.48 -27.14 -8.15
C ARG G 1043 16.31 -27.96 -9.14
N GLY G 1044 17.41 -27.38 -9.62
CA GLY G 1044 18.32 -28.08 -10.51
C GLY G 1044 19.48 -28.70 -9.78
N LYS G 1045 19.21 -29.70 -8.94
CA LYS G 1045 20.25 -30.28 -8.11
C LYS G 1045 21.41 -30.76 -8.97
N ALA G 1046 22.63 -30.44 -8.54
CA ALA G 1046 23.84 -30.84 -9.22
C ALA G 1046 24.61 -31.82 -8.35
N PRO G 1047 24.79 -33.08 -8.76
CA PRO G 1047 25.49 -34.03 -7.91
C PRO G 1047 26.93 -33.61 -7.65
N ILE G 1048 27.43 -33.93 -6.46
CA ILE G 1048 28.79 -33.62 -6.07
C ILE G 1048 29.56 -34.93 -5.89
N ALA G 1049 30.86 -34.87 -6.11
CA ALA G 1049 31.71 -36.03 -5.93
C ALA G 1049 31.76 -36.42 -4.45
N ASP G 1050 31.94 -37.71 -4.21
CA ASP G 1050 32.03 -38.25 -2.85
C ASP G 1050 33.43 -38.69 -2.47
N VAL G 1051 34.35 -38.78 -3.44
CA VAL G 1051 35.72 -39.21 -3.17
C VAL G 1051 36.59 -38.74 -4.32
N THR G 1052 37.88 -38.53 -4.01
CA THR G 1052 38.81 -38.06 -5.02
C THR G 1052 39.18 -39.19 -5.98
N GLY G 1053 39.71 -38.79 -7.13
CA GLY G 1053 40.12 -39.71 -8.17
C GLY G 1053 39.69 -39.22 -9.53
N ARG G 1054 39.95 -40.06 -10.54
CA ARG G 1054 39.55 -39.74 -11.90
C ARG G 1054 38.12 -40.20 -12.15
N VAL G 1055 37.48 -39.58 -13.13
CA VAL G 1055 36.06 -39.77 -13.40
C VAL G 1055 35.90 -40.33 -14.81
N ARG G 1056 35.11 -41.39 -14.92
CA ARG G 1056 34.77 -41.98 -16.22
C ARG G 1056 33.36 -41.55 -16.59
N LEU G 1057 33.23 -40.91 -17.75
CA LEU G 1057 31.97 -40.37 -18.21
C LEU G 1057 31.54 -41.10 -19.49
N GLU G 1058 30.34 -41.65 -19.47
CA GLU G 1058 29.74 -42.30 -20.63
C GLU G 1058 28.59 -41.40 -21.10
N ASP G 1059 28.68 -40.95 -22.36
CA ASP G 1059 27.67 -40.08 -22.95
C ASP G 1059 26.56 -40.96 -23.55
N GLY G 1060 25.72 -41.49 -22.66
CA GLY G 1060 24.60 -42.31 -23.08
C GLY G 1060 23.61 -41.53 -23.90
N GLU G 1061 22.47 -42.14 -24.21
CA GLU G 1061 21.43 -41.51 -25.01
C GLU G 1061 20.33 -41.01 -24.09
N ARG G 1062 20.00 -39.73 -24.20
CA ARG G 1062 18.98 -39.03 -23.42
C ARG G 1062 19.44 -38.77 -22.00
N PHE G 1063 20.63 -39.22 -21.61
CA PHE G 1063 21.14 -39.00 -20.27
C PHE G 1063 22.61 -39.40 -20.21
N TYR G 1064 23.40 -38.63 -19.46
CA TYR G 1064 24.80 -38.97 -19.27
C TYR G 1064 24.92 -40.09 -18.24
N LYS G 1065 26.17 -40.42 -17.89
CA LYS G 1065 26.43 -41.38 -16.82
C LYS G 1065 27.84 -41.14 -16.31
N ILE G 1066 27.97 -40.81 -15.03
CA ILE G 1066 29.26 -40.46 -14.44
C ILE G 1066 29.62 -41.50 -13.40
N THR G 1067 30.89 -41.87 -13.34
CA THR G 1067 31.39 -42.77 -12.31
C THR G 1067 32.70 -42.24 -11.78
N ILE G 1068 32.88 -42.31 -10.47
CA ILE G 1068 34.08 -41.79 -9.81
C ILE G 1068 34.96 -42.96 -9.43
N VAL G 1069 36.22 -42.91 -9.89
CA VAL G 1069 37.19 -43.97 -9.61
C VAL G 1069 37.85 -43.63 -8.27
N PRO G 1070 37.64 -44.44 -7.22
CA PRO G 1070 38.23 -44.12 -5.91
C PRO G 1070 39.72 -44.44 -5.88
N ASP G 1071 40.52 -43.47 -5.46
CA ASP G 1071 41.94 -43.71 -5.30
C ASP G 1071 42.19 -44.80 -4.26
N ASP G 1072 41.40 -44.81 -3.19
CA ASP G 1072 41.50 -45.89 -2.21
C ASP G 1072 41.14 -47.23 -2.83
N GLY G 1073 40.14 -47.25 -3.71
CA GLY G 1073 39.73 -48.44 -4.40
C GLY G 1073 38.63 -49.24 -3.73
N GLY G 1074 37.97 -48.68 -2.72
CA GLY G 1074 36.95 -49.40 -2.00
C GLY G 1074 35.69 -49.63 -2.82
N GLU G 1075 34.97 -48.56 -3.15
CA GLU G 1075 33.73 -48.64 -3.90
C GLU G 1075 33.64 -47.49 -4.88
N GLU G 1076 33.00 -47.76 -6.02
CA GLU G 1076 32.81 -46.76 -7.06
C GLU G 1076 31.43 -46.12 -6.93
N VAL G 1077 31.40 -44.79 -6.95
CA VAL G 1077 30.17 -44.03 -6.86
C VAL G 1077 29.71 -43.69 -8.27
N VAL G 1078 28.47 -44.05 -8.59
CA VAL G 1078 27.93 -43.90 -9.95
C VAL G 1078 26.69 -43.02 -9.87
N TYR G 1079 26.69 -41.94 -10.66
CA TYR G 1079 25.52 -41.10 -10.84
C TYR G 1079 24.99 -41.35 -12.26
N ASP G 1080 23.82 -41.95 -12.36
CA ASP G 1080 23.34 -42.47 -13.64
C ASP G 1080 22.46 -41.48 -14.40
N LYS G 1081 21.35 -41.06 -13.79
CA LYS G 1081 20.34 -40.30 -14.52
C LYS G 1081 20.92 -39.04 -15.14
N ILE G 1082 21.32 -38.06 -14.31
CA ILE G 1082 21.97 -36.84 -14.77
C ILE G 1082 21.49 -36.46 -16.16
N SER G 1083 20.22 -36.05 -16.27
CA SER G 1083 19.65 -35.73 -17.57
C SER G 1083 20.58 -34.83 -18.36
N LYS G 1084 20.56 -34.99 -19.69
CA LYS G 1084 21.50 -34.28 -20.56
C LYS G 1084 21.18 -32.79 -20.69
N ARG G 1085 20.05 -32.32 -20.14
CA ARG G 1085 19.69 -30.92 -20.29
C ARG G 1085 20.74 -30.01 -19.67
N GLN G 1086 21.26 -30.37 -18.50
CA GLN G 1086 22.25 -29.54 -17.83
C GLN G 1086 23.63 -29.72 -18.44
N ARG G 1087 24.48 -28.71 -18.25
CA ARG G 1087 25.83 -28.73 -18.79
C ARG G 1087 26.78 -29.51 -17.88
N LEU G 1088 28.08 -29.43 -18.15
CA LEU G 1088 29.09 -30.00 -17.28
C LEU G 1088 29.93 -28.87 -16.69
N ARG G 1089 30.21 -28.97 -15.40
CA ARG G 1089 30.88 -27.90 -14.68
C ARG G 1089 32.28 -27.69 -15.22
N VAL G 1090 32.72 -26.43 -15.22
CA VAL G 1090 34.06 -26.04 -15.63
C VAL G 1090 34.72 -25.34 -14.45
N PHE G 1091 35.93 -25.78 -14.10
CA PHE G 1091 36.66 -25.25 -12.97
C PHE G 1091 38.10 -24.93 -13.39
N LYS G 1092 38.69 -23.95 -12.73
CA LYS G 1092 40.03 -23.46 -13.08
C LYS G 1092 40.00 -22.76 -14.43
N ARG G 1099 38.43 -25.31 -17.94
CA ARG G 1099 38.23 -26.43 -18.85
C ARG G 1099 37.02 -27.25 -18.44
N VAL G 1100 36.16 -27.58 -19.42
CA VAL G 1100 35.00 -28.41 -19.14
C VAL G 1100 35.47 -29.78 -18.65
N LEU G 1101 34.65 -30.41 -17.81
CA LEU G 1101 34.97 -31.71 -17.27
C LEU G 1101 35.40 -32.67 -18.38
N SER G 1102 36.65 -33.11 -18.30
CA SER G 1102 37.23 -34.02 -19.29
C SER G 1102 37.36 -35.41 -18.68
N ASP G 1103 37.06 -36.42 -19.48
CA ASP G 1103 37.11 -37.79 -18.99
C ASP G 1103 38.49 -38.10 -18.44
N GLY G 1104 38.52 -38.75 -17.29
CA GLY G 1104 39.77 -39.06 -16.61
C GLY G 1104 40.32 -37.94 -15.76
N ASP G 1105 39.67 -36.78 -15.75
CA ASP G 1105 40.15 -35.66 -14.94
C ASP G 1105 40.00 -35.99 -13.45
N HIS G 1106 40.93 -35.48 -12.66
CA HIS G 1106 40.89 -35.67 -11.22
C HIS G 1106 39.90 -34.71 -10.58
N VAL G 1107 39.18 -35.20 -9.56
CA VAL G 1107 38.15 -34.42 -8.89
C VAL G 1107 38.45 -34.39 -7.39
N GLU G 1108 37.90 -33.38 -6.73
CA GLU G 1108 38.08 -33.21 -5.30
C GLU G 1108 36.96 -33.91 -4.54
N VAL G 1109 37.08 -33.94 -3.21
CA VAL G 1109 36.08 -34.61 -2.38
C VAL G 1109 34.73 -33.92 -2.49
N GLY G 1110 34.73 -32.59 -2.61
CA GLY G 1110 33.50 -31.84 -2.69
C GLY G 1110 33.31 -31.11 -4.00
N GLN G 1111 33.96 -31.61 -5.05
CA GLN G 1111 33.83 -30.98 -6.36
C GLN G 1111 32.42 -31.16 -6.90
N GLN G 1112 31.91 -30.12 -7.55
CA GLN G 1112 30.59 -30.17 -8.19
C GLN G 1112 30.76 -30.60 -9.63
N LEU G 1113 30.08 -31.69 -10.02
CA LEU G 1113 30.28 -32.26 -11.35
C LEU G 1113 29.48 -31.49 -12.40
N MET G 1114 28.16 -31.49 -12.26
CA MET G 1114 27.30 -30.78 -13.22
C MET G 1114 27.24 -29.30 -12.88
N GLU G 1115 26.62 -28.53 -13.77
CA GLU G 1115 26.40 -27.12 -13.56
C GLU G 1115 25.00 -26.95 -12.97
N GLY G 1116 24.92 -26.34 -11.78
CA GLY G 1116 23.66 -26.20 -11.09
C GLY G 1116 23.88 -25.86 -9.63
N SER G 1117 22.94 -26.28 -8.78
CA SER G 1117 22.99 -26.00 -7.35
C SER G 1117 23.19 -27.29 -6.58
N ALA G 1118 24.20 -27.34 -5.73
CA ALA G 1118 24.41 -28.48 -4.85
C ALA G 1118 23.48 -28.40 -3.65
N ASP G 1119 22.88 -29.52 -3.29
CA ASP G 1119 21.94 -29.50 -2.17
C ASP G 1119 22.71 -29.44 -0.86
N PRO G 1120 22.27 -28.63 0.12
CA PRO G 1120 23.04 -28.50 1.35
C PRO G 1120 23.19 -29.79 2.14
N HIS G 1121 22.26 -30.73 2.00
CA HIS G 1121 22.30 -31.93 2.84
C HIS G 1121 23.47 -32.83 2.47
N GLU G 1122 23.70 -33.05 1.17
CA GLU G 1122 24.81 -33.91 0.76
C GLU G 1122 26.15 -33.32 1.17
N VAL G 1123 26.34 -32.01 0.96
CA VAL G 1123 27.60 -31.39 1.32
C VAL G 1123 27.85 -31.48 2.81
N LEU G 1124 26.80 -31.36 3.62
CA LEU G 1124 26.96 -31.55 5.06
C LEU G 1124 27.41 -32.97 5.38
N ARG G 1125 26.83 -33.96 4.70
CA ARG G 1125 27.17 -35.35 4.98
C ARG G 1125 28.60 -35.68 4.54
N VAL G 1126 29.07 -35.07 3.46
CA VAL G 1126 30.36 -35.41 2.87
C VAL G 1126 31.50 -34.63 3.52
N GLN G 1127 31.35 -33.31 3.64
CA GLN G 1127 32.46 -32.42 3.98
C GLN G 1127 32.41 -31.90 5.41
N GLY G 1128 31.34 -32.13 6.15
CA GLY G 1128 31.26 -31.71 7.53
C GLY G 1128 30.56 -30.39 7.72
N PRO G 1129 30.45 -29.94 8.98
CA PRO G 1129 29.65 -28.73 9.24
C PRO G 1129 30.29 -27.45 8.74
N ARG G 1130 31.62 -27.31 8.84
CA ARG G 1130 32.24 -26.06 8.43
C ARG G 1130 32.03 -25.81 6.95
N GLU G 1131 32.13 -26.84 6.13
CA GLU G 1131 32.01 -26.65 4.69
C GLU G 1131 30.57 -26.29 4.31
N VAL G 1132 29.59 -26.91 4.95
CA VAL G 1132 28.20 -26.53 4.67
C VAL G 1132 27.93 -25.11 5.14
N GLN G 1133 28.54 -24.69 6.26
CA GLN G 1133 28.40 -23.31 6.70
C GLN G 1133 28.96 -22.34 5.65
N ILE G 1134 30.16 -22.63 5.16
CA ILE G 1134 30.77 -21.79 4.12
C ILE G 1134 29.88 -21.75 2.89
N HIS G 1135 29.40 -22.92 2.46
CA HIS G 1135 28.55 -22.99 1.27
C HIS G 1135 27.29 -22.16 1.44
N LEU G 1136 26.61 -22.29 2.58
CA LEU G 1136 25.38 -21.55 2.80
C LEU G 1136 25.63 -20.06 2.81
N VAL G 1137 26.65 -19.62 3.55
CA VAL G 1137 26.89 -18.18 3.65
C VAL G 1137 27.24 -17.60 2.29
N ARG G 1138 28.12 -18.29 1.54
CA ARG G 1138 28.49 -17.80 0.22
C ARG G 1138 27.30 -17.77 -0.73
N GLU G 1139 26.47 -18.83 -0.72
CA GLU G 1139 25.33 -18.88 -1.62
C GLU G 1139 24.34 -17.77 -1.32
N VAL G 1140 24.10 -17.51 -0.03
CA VAL G 1140 23.15 -16.45 0.33
C VAL G 1140 23.73 -15.08 -0.03
N GLN G 1141 25.03 -14.88 0.18
CA GLN G 1141 25.62 -13.59 -0.13
C GLN G 1141 25.67 -13.34 -1.63
N GLU G 1142 25.76 -14.39 -2.44
CA GLU G 1142 25.84 -14.20 -3.89
C GLU G 1142 24.59 -13.49 -4.41
N VAL G 1143 23.41 -13.89 -3.94
CA VAL G 1143 22.17 -13.30 -4.43
C VAL G 1143 22.14 -11.81 -4.13
N TYR G 1144 22.53 -11.43 -2.92
CA TYR G 1144 22.50 -10.03 -2.53
C TYR G 1144 23.56 -9.22 -3.27
N ARG G 1145 24.77 -9.79 -3.41
CA ARG G 1145 25.84 -9.07 -4.10
C ARG G 1145 25.46 -8.80 -5.55
N ALA G 1146 24.87 -9.80 -6.22
CA ALA G 1146 24.50 -9.61 -7.62
C ALA G 1146 23.60 -8.39 -7.79
N GLN G 1147 22.65 -8.21 -6.88
CA GLN G 1147 21.72 -7.08 -6.95
C GLN G 1147 22.31 -5.79 -6.41
N GLY G 1148 23.42 -5.84 -5.70
CA GLY G 1148 24.06 -4.63 -5.22
C GLY G 1148 23.63 -4.21 -3.84
N VAL G 1149 23.51 -5.17 -2.93
CA VAL G 1149 23.10 -4.93 -1.54
C VAL G 1149 24.21 -5.41 -0.63
N SER G 1150 24.54 -4.61 0.37
CA SER G 1150 25.63 -4.91 1.30
C SER G 1150 25.05 -5.37 2.62
N ILE G 1151 25.31 -6.63 2.97
CA ILE G 1151 24.95 -7.20 4.26
C ILE G 1151 26.19 -7.87 4.83
N HIS G 1152 26.57 -7.49 6.03
CA HIS G 1152 27.72 -8.13 6.66
C HIS G 1152 27.43 -9.59 6.91
N ASP G 1153 28.48 -10.41 6.91
CA ASP G 1153 28.31 -11.85 6.96
C ASP G 1153 27.88 -12.36 8.33
N LYS G 1154 27.98 -11.53 9.38
CA LYS G 1154 27.68 -12.03 10.72
C LYS G 1154 26.18 -12.28 10.91
N HIS G 1155 25.32 -11.55 10.19
CA HIS G 1155 23.89 -11.82 10.26
C HIS G 1155 23.56 -13.19 9.68
N ILE G 1156 24.09 -13.48 8.49
CA ILE G 1156 23.90 -14.79 7.89
C ILE G 1156 24.52 -15.86 8.78
N GLU G 1157 25.64 -15.54 9.44
CA GLU G 1157 26.24 -16.50 10.35
C GLU G 1157 25.32 -16.80 11.52
N VAL G 1158 24.63 -15.80 12.05
CA VAL G 1158 23.67 -16.04 13.11
C VAL G 1158 22.57 -17.00 12.65
N ILE G 1159 22.02 -16.73 11.46
CA ILE G 1159 20.93 -17.57 10.97
C ILE G 1159 21.43 -19.00 10.76
N VAL G 1160 22.59 -19.16 10.13
CA VAL G 1160 23.12 -20.49 9.86
C VAL G 1160 23.42 -21.22 11.16
N ARG G 1161 23.99 -20.51 12.14
CA ARG G 1161 24.17 -21.08 13.47
C ARG G 1161 22.86 -21.66 13.98
N GLN G 1162 21.78 -20.89 13.86
CA GLN G 1162 20.49 -21.40 14.32
C GLN G 1162 19.99 -22.58 13.50
N MET G 1163 20.47 -22.75 12.27
CA MET G 1163 20.03 -23.88 11.45
C MET G 1163 20.73 -25.18 11.81
N LEU G 1164 21.78 -25.14 12.62
CA LEU G 1164 22.66 -26.29 12.87
C LEU G 1164 22.80 -26.61 14.34
N ARG G 1165 21.69 -26.65 15.08
CA ARG G 1165 21.76 -26.87 16.52
C ARG G 1165 21.55 -28.33 16.89
N ARG G 1166 20.72 -29.06 16.16
CA ARG G 1166 20.27 -30.38 16.56
C ARG G 1166 21.09 -31.47 15.88
N VAL G 1167 20.97 -32.68 16.41
CA VAL G 1167 21.58 -33.87 15.83
C VAL G 1167 20.53 -34.98 15.83
N THR G 1168 20.70 -35.90 14.88
CA THR G 1168 19.79 -37.02 14.72
C THR G 1168 20.41 -38.29 15.28
N ILE G 1169 19.61 -39.03 16.04
CA ILE G 1169 20.07 -40.23 16.74
C ILE G 1169 19.94 -41.40 15.77
N ILE G 1170 21.00 -42.20 15.69
CA ILE G 1170 21.03 -43.39 14.82
C ILE G 1170 21.06 -44.67 15.64
N ASP G 1171 21.77 -44.66 16.77
CA ASP G 1171 21.82 -45.80 17.67
C ASP G 1171 21.39 -45.33 19.05
N SER G 1172 20.18 -45.71 19.46
CA SER G 1172 19.66 -45.21 20.74
C SER G 1172 20.51 -45.69 21.90
N GLY G 1173 21.18 -46.82 21.75
CA GLY G 1173 21.99 -47.35 22.82
C GLY G 1173 21.16 -47.66 24.05
N SER G 1174 21.50 -47.04 25.18
CA SER G 1174 20.74 -47.17 26.41
C SER G 1174 19.98 -45.92 26.81
N THR G 1175 20.36 -44.75 26.28
CA THR G 1175 19.72 -43.51 26.69
C THR G 1175 18.28 -43.47 26.21
N GLU G 1176 17.51 -42.56 26.81
CA GLU G 1176 16.08 -42.41 26.50
C GLU G 1176 15.88 -41.54 25.26
N PHE G 1177 16.47 -42.00 24.15
CA PHE G 1177 16.35 -41.33 22.87
C PHE G 1177 15.86 -42.34 21.83
N LEU G 1178 14.74 -42.05 21.20
CA LEU G 1178 14.27 -42.91 20.13
C LEU G 1178 15.09 -42.68 18.87
N PRO G 1179 15.42 -43.73 18.12
CA PRO G 1179 16.10 -43.53 16.83
C PRO G 1179 15.27 -42.66 15.91
N GLY G 1180 15.95 -41.83 15.12
CA GLY G 1180 15.30 -40.97 14.17
C GLY G 1180 14.81 -39.65 14.71
N SER G 1181 15.00 -39.38 16.00
CA SER G 1181 14.56 -38.12 16.57
C SER G 1181 15.70 -37.11 16.56
N LEU G 1182 15.33 -35.84 16.35
CA LEU G 1182 16.28 -34.73 16.33
C LEU G 1182 16.28 -34.08 17.70
N ILE G 1183 17.44 -34.06 18.37
CA ILE G 1183 17.54 -33.52 19.71
C ILE G 1183 18.74 -32.58 19.79
N ASP G 1184 18.68 -31.65 20.74
CA ASP G 1184 19.67 -30.59 20.83
C ASP G 1184 21.05 -31.17 21.11
N ARG G 1185 22.07 -30.53 20.53
CA ARG G 1185 23.43 -31.04 20.67
C ARG G 1185 23.92 -30.96 22.12
N ALA G 1186 23.64 -29.85 22.81
CA ALA G 1186 24.08 -29.73 24.19
C ALA G 1186 23.42 -30.79 25.07
N GLU G 1187 22.12 -31.03 24.86
CA GLU G 1187 21.45 -32.10 25.58
C GLU G 1187 22.08 -33.44 25.27
N PHE G 1188 22.43 -33.67 24.00
CA PHE G 1188 23.09 -34.91 23.63
C PHE G 1188 24.39 -35.10 24.40
N GLU G 1189 25.22 -34.06 24.44
CA GLU G 1189 26.50 -34.17 25.13
C GLU G 1189 26.29 -34.39 26.62
N ALA G 1190 25.37 -33.67 27.23
CA ALA G 1190 25.11 -33.85 28.66
C ALA G 1190 24.62 -35.26 28.95
N GLU G 1191 23.72 -35.77 28.13
CA GLU G 1191 23.20 -37.12 28.34
C GLU G 1191 24.29 -38.16 28.20
N ASN G 1192 25.15 -38.02 27.18
CA ASN G 1192 26.24 -38.99 27.02
C ASN G 1192 27.22 -38.90 28.19
N ARG G 1193 27.49 -37.69 28.67
CA ARG G 1193 28.37 -37.53 29.83
C ARG G 1193 27.77 -38.20 31.06
N ARG G 1194 26.46 -38.09 31.24
CA ARG G 1194 25.82 -38.78 32.34
C ARG G 1194 25.87 -40.30 32.16
N VAL G 1195 25.68 -40.78 30.94
CA VAL G 1195 25.57 -42.22 30.71
C VAL G 1195 26.91 -42.93 30.70
N VAL G 1196 28.01 -42.22 30.42
CA VAL G 1196 29.31 -42.87 30.50
C VAL G 1196 29.55 -43.40 31.91
N ALA G 1197 29.09 -42.67 32.91
CA ALA G 1197 29.01 -43.21 34.26
C ALA G 1197 27.89 -44.24 34.34
N GLU G 1198 27.99 -45.13 35.32
CA GLU G 1198 27.04 -46.23 35.46
C GLU G 1198 27.09 -47.16 34.26
N GLY G 1199 28.30 -47.42 33.77
CA GLY G 1199 28.52 -48.27 32.62
C GLY G 1199 28.76 -47.46 31.35
N GLY G 1200 29.27 -48.17 30.35
CA GLY G 1200 29.62 -47.54 29.08
C GLY G 1200 28.75 -47.98 27.93
N GLU G 1201 27.94 -47.06 27.41
CA GLU G 1201 27.08 -47.33 26.26
C GLU G 1201 26.66 -46.02 25.61
N PRO G 1202 27.57 -45.31 24.96
CA PRO G 1202 27.22 -44.01 24.38
C PRO G 1202 26.20 -44.16 23.26
N ALA G 1203 25.41 -43.09 23.07
CA ALA G 1203 24.46 -43.03 21.98
C ALA G 1203 25.13 -42.44 20.75
N ALA G 1204 24.70 -42.88 19.57
CA ALA G 1204 25.29 -42.45 18.32
C ALA G 1204 24.43 -41.35 17.69
N GLY G 1205 25.04 -40.21 17.42
CA GLY G 1205 24.34 -39.11 16.80
C GLY G 1205 25.12 -38.61 15.58
N ARG G 1206 24.38 -37.98 14.68
CA ARG G 1206 24.93 -37.47 13.43
C ARG G 1206 24.41 -36.06 13.20
N PRO G 1207 25.25 -35.15 12.70
CA PRO G 1207 24.77 -33.79 12.43
C PRO G 1207 23.62 -33.80 11.42
N VAL G 1208 22.69 -32.87 11.61
CA VAL G 1208 21.54 -32.72 10.72
C VAL G 1208 21.35 -31.23 10.43
N LEU G 1209 20.74 -30.94 9.29
CA LEU G 1209 20.45 -29.58 8.87
C LEU G 1209 18.95 -29.39 8.80
N MET G 1210 18.46 -28.30 9.40
CA MET G 1210 17.04 -28.01 9.46
C MET G 1210 16.75 -26.66 8.83
N GLY G 1211 15.53 -26.52 8.31
CA GLY G 1211 15.08 -25.26 7.76
C GLY G 1211 14.67 -24.29 8.84
N ILE G 1212 14.25 -23.10 8.41
CA ILE G 1212 13.85 -22.07 9.36
C ILE G 1212 12.40 -22.19 9.78
N THR G 1213 11.67 -23.20 9.28
CA THR G 1213 10.35 -23.52 9.79
C THR G 1213 10.36 -24.76 10.69
N LYS G 1214 11.04 -25.82 10.23
CA LYS G 1214 11.18 -27.01 11.07
C LYS G 1214 11.95 -26.68 12.34
N ALA G 1215 13.01 -25.90 12.23
CA ALA G 1215 13.80 -25.53 13.42
C ALA G 1215 13.00 -24.66 14.36
N SER G 1216 12.16 -23.77 13.82
CA SER G 1216 11.39 -22.86 14.66
C SER G 1216 10.21 -23.55 15.33
N LEU G 1217 9.57 -24.52 14.68
CA LEU G 1217 8.46 -25.23 15.29
C LEU G 1217 8.91 -26.28 16.28
N ALA G 1218 10.18 -26.64 16.29
CA ALA G 1218 10.72 -27.60 17.26
C ALA G 1218 11.19 -26.93 18.54
N THR G 1219 10.84 -25.67 18.75
CA THR G 1219 11.28 -24.94 19.93
C THR G 1219 10.80 -25.64 21.19
N ASP G 1220 11.35 -25.20 22.33
CA ASP G 1220 11.10 -25.84 23.61
C ASP G 1220 9.94 -25.22 24.37
N SER G 1221 9.27 -24.20 23.81
CA SER G 1221 8.12 -23.57 24.43
C SER G 1221 6.92 -23.76 23.52
N TRP G 1222 5.88 -24.43 24.02
CA TRP G 1222 4.70 -24.68 23.20
C TRP G 1222 3.91 -23.42 22.89
N LEU G 1223 4.07 -22.37 23.70
CA LEU G 1223 3.32 -21.14 23.45
C LEU G 1223 3.86 -20.42 22.21
N SER G 1224 5.18 -20.29 22.10
CA SER G 1224 5.77 -19.67 20.93
C SER G 1224 5.47 -20.46 19.67
N ALA G 1225 5.62 -21.79 19.73
CA ALA G 1225 5.32 -22.62 18.57
C ALA G 1225 3.86 -22.52 18.18
N ALA G 1226 2.95 -22.50 19.16
CA ALA G 1226 1.54 -22.37 18.86
C ALA G 1226 1.23 -21.03 18.21
N SER G 1227 1.92 -19.97 18.63
CA SER G 1227 1.71 -18.66 18.03
C SER G 1227 2.39 -18.49 16.68
N PHE G 1228 3.34 -19.36 16.33
CA PHE G 1228 4.02 -19.22 15.04
C PHE G 1228 3.19 -19.83 13.91
N GLN G 1229 2.93 -21.12 13.96
CA GLN G 1229 2.19 -21.80 12.91
C GLN G 1229 1.59 -23.07 13.46
N GLU G 1230 0.62 -23.62 12.73
CA GLU G 1230 0.02 -24.91 13.05
C GLU G 1230 -0.40 -24.96 14.51
N THR G 1231 -1.33 -24.07 14.86
CA THR G 1231 -1.76 -23.99 16.25
C THR G 1231 -2.42 -25.30 16.70
N THR G 1232 -3.25 -25.88 15.85
CA THR G 1232 -3.99 -27.07 16.25
C THR G 1232 -3.06 -28.24 16.52
N ARG G 1233 -2.15 -28.54 15.59
CA ARG G 1233 -1.26 -29.68 15.76
C ARG G 1233 -0.34 -29.48 16.95
N VAL G 1234 0.22 -28.29 17.09
CA VAL G 1234 1.11 -28.01 18.22
C VAL G 1234 0.36 -28.18 19.52
N LEU G 1235 -0.85 -27.61 19.61
CA LEU G 1235 -1.61 -27.70 20.85
C LEU G 1235 -1.97 -29.14 21.19
N THR G 1236 -2.39 -29.92 20.20
CA THR G 1236 -2.80 -31.30 20.49
C THR G 1236 -1.60 -32.14 20.92
N ASP G 1237 -0.46 -32.02 20.24
CA ASP G 1237 0.68 -32.83 20.66
C ASP G 1237 1.24 -32.38 21.99
N ALA G 1238 1.18 -31.08 22.28
CA ALA G 1238 1.60 -30.60 23.60
C ALA G 1238 0.68 -31.13 24.69
N ALA G 1239 -0.63 -31.13 24.44
CA ALA G 1239 -1.57 -31.68 25.41
C ALA G 1239 -1.29 -33.15 25.66
N ILE G 1240 -1.04 -33.92 24.61
CA ILE G 1240 -0.74 -35.33 24.80
C ILE G 1240 0.56 -35.50 25.58
N ASN G 1241 1.58 -34.71 25.28
CA ASN G 1241 2.87 -34.84 25.95
C ASN G 1241 2.92 -34.14 27.30
N CYS G 1242 1.89 -33.37 27.65
CA CYS G 1242 1.85 -32.65 28.92
C CYS G 1242 3.08 -31.77 29.09
N ARG G 1243 3.41 -31.02 28.05
CA ARG G 1243 4.56 -30.14 28.07
C ARG G 1243 4.35 -28.97 29.02
N SER G 1244 5.44 -28.52 29.62
CA SER G 1244 5.44 -27.36 30.51
C SER G 1244 6.31 -26.27 29.91
N ASP G 1245 5.82 -25.03 29.95
CA ASP G 1245 6.49 -23.90 29.35
C ASP G 1245 7.13 -23.05 30.44
N LYS G 1246 8.41 -22.74 30.27
CA LYS G 1246 9.18 -22.02 31.28
C LYS G 1246 9.15 -20.51 31.09
N LEU G 1247 8.60 -20.02 29.98
CA LEU G 1247 8.49 -18.58 29.75
C LEU G 1247 9.85 -17.90 29.78
N ASN G 1248 10.74 -18.26 28.86
CA ASN G 1248 12.07 -17.68 28.78
C ASN G 1248 12.35 -16.92 27.49
N GLY G 1249 11.46 -16.97 26.50
CA GLY G 1249 11.68 -16.35 25.23
C GLY G 1249 11.10 -14.94 25.16
N LEU G 1250 11.51 -14.22 24.11
CA LEU G 1250 11.00 -12.88 23.90
C LEU G 1250 9.51 -12.90 23.61
N LYS G 1251 9.06 -13.88 22.82
CA LYS G 1251 7.66 -13.91 22.39
C LYS G 1251 6.73 -14.25 23.55
N GLU G 1252 7.13 -15.22 24.38
CA GLU G 1252 6.28 -15.64 25.48
C GLU G 1252 6.09 -14.53 26.50
N ASN G 1253 7.17 -13.83 26.85
CA ASN G 1253 7.06 -12.72 27.78
C ASN G 1253 6.20 -11.60 27.22
N VAL G 1254 6.28 -11.34 25.92
CA VAL G 1254 5.40 -10.36 25.31
C VAL G 1254 3.95 -10.80 25.40
N ILE G 1255 3.69 -12.09 25.16
CA ILE G 1255 2.31 -12.58 25.23
C ILE G 1255 1.74 -12.43 26.63
N ILE G 1256 2.49 -12.82 27.66
CA ILE G 1256 1.97 -12.82 29.02
C ILE G 1256 2.12 -11.48 29.72
N GLY G 1257 2.71 -10.48 29.07
CA GLY G 1257 2.78 -9.15 29.63
C GLY G 1257 3.85 -8.96 30.67
N LYS G 1258 5.08 -9.36 30.35
CA LYS G 1258 6.24 -9.18 31.21
C LYS G 1258 7.31 -8.41 30.47
N LEU G 1259 8.46 -8.26 31.12
CA LEU G 1259 9.58 -7.49 30.58
C LEU G 1259 10.53 -8.45 29.89
N ILE G 1260 10.76 -8.23 28.59
CA ILE G 1260 11.52 -9.16 27.76
C ILE G 1260 12.93 -9.31 28.31
N PRO G 1261 13.53 -10.51 28.24
CA PRO G 1261 14.88 -10.68 28.78
C PRO G 1261 15.96 -10.22 27.81
N ALA G 1262 15.81 -9.02 27.25
CA ALA G 1262 16.77 -8.49 26.30
C ALA G 1262 16.89 -6.98 26.51
N GLY G 1263 18.06 -6.46 26.18
CA GLY G 1263 18.26 -5.04 26.31
C GLY G 1263 18.09 -4.59 27.75
N THR G 1264 17.19 -3.64 27.97
CA THR G 1264 17.02 -3.02 29.28
C THR G 1264 16.30 -3.91 30.28
N GLY G 1265 15.71 -5.03 29.84
CA GLY G 1265 14.96 -5.89 30.71
C GLY G 1265 15.73 -6.98 31.40
N ILE G 1266 17.05 -7.01 31.27
CA ILE G 1266 17.85 -8.03 31.93
C ILE G 1266 18.25 -7.55 33.32
N ASN G 1267 18.65 -8.50 34.17
CA ASN G 1267 18.89 -8.18 35.58
C ASN G 1267 20.03 -7.20 35.75
N ARG G 1268 21.08 -7.32 34.93
CA ARG G 1268 22.26 -6.48 35.13
C ARG G 1268 21.89 -5.00 35.12
N TYR G 1269 21.05 -4.59 34.18
CA TYR G 1269 20.65 -3.20 34.05
C TYR G 1269 19.37 -2.86 34.77
N ARG G 1270 18.46 -3.82 34.89
CA ARG G 1270 17.14 -3.57 35.48
C ARG G 1270 17.19 -3.42 36.99
N ASN G 1271 18.31 -3.70 37.64
CA ASN G 1271 18.45 -3.63 39.09
C ASN G 1271 19.58 -2.68 39.47
N ILE G 1272 19.68 -1.56 38.77
CA ILE G 1272 20.68 -0.55 39.11
C ILE G 1272 20.18 0.25 40.31
N ALA G 1273 21.10 0.62 41.19
CA ALA G 1273 20.78 1.38 42.41
C ALA G 1273 21.42 2.76 42.30
N VAL G 1274 20.62 3.76 41.97
CA VAL G 1274 21.13 5.13 41.86
C VAL G 1274 21.22 5.74 43.24
N GLN G 1275 22.12 6.70 43.41
CA GLN G 1275 22.38 7.29 44.71
C GLN G 1275 23.18 8.58 44.55
N PRO G 1276 22.76 9.68 45.17
CA PRO G 1276 23.60 10.88 45.18
C PRO G 1276 24.95 10.60 45.84
N THR G 1277 26.00 11.18 45.27
CA THR G 1277 27.34 11.07 45.86
C THR G 1277 27.34 11.79 47.20
N GLU G 1278 28.10 11.28 48.16
CA GLU G 1278 28.16 11.87 49.48
C GLU G 1278 28.51 13.34 49.40
N GLU G 1279 29.42 13.69 48.49
CA GLU G 1279 29.82 15.09 48.35
C GLU G 1279 28.64 15.96 47.96
N ALA G 1280 27.82 15.49 47.03
CA ALA G 1280 26.64 16.25 46.61
C ALA G 1280 25.66 16.40 47.75
N ARG G 1281 25.44 15.34 48.53
CA ARG G 1281 24.58 15.44 49.70
C ARG G 1281 25.09 16.49 50.67
N ALA G 1282 26.41 16.48 50.93
CA ALA G 1282 26.99 17.47 51.84
C ALA G 1282 26.79 18.89 51.31
N ALA G 1283 27.00 19.08 50.00
CA ALA G 1283 26.84 20.41 49.43
C ALA G 1283 25.40 20.90 49.55
N ALA G 1284 24.43 20.03 49.30
CA ALA G 1284 23.02 20.42 49.34
C ALA G 1284 22.48 20.28 50.76
N GLY H 27 37.38 19.34 16.24
CA GLY H 27 36.10 19.79 15.72
C GLY H 27 35.02 19.89 16.78
N GLY H 28 35.05 20.97 17.55
CA GLY H 28 34.07 21.17 18.59
C GLY H 28 32.68 21.38 18.01
N TYR H 29 31.68 21.04 18.81
CA TYR H 29 30.29 21.12 18.39
C TYR H 29 29.68 22.44 18.85
N ASP H 30 28.57 22.80 18.21
CA ASP H 30 27.83 24.01 18.53
C ASP H 30 26.94 23.73 19.74
N THR H 31 26.27 24.77 20.21
CA THR H 31 25.39 24.61 21.38
C THR H 31 24.30 23.61 21.05
N PRO H 32 24.19 22.51 21.81
CA PRO H 32 23.11 21.56 21.53
C PRO H 32 21.74 22.18 21.80
N LEU H 33 20.75 21.72 21.04
CA LEU H 33 19.43 22.34 21.02
C LEU H 33 18.39 21.39 21.60
N GLY H 34 17.73 21.82 22.68
CA GLY H 34 16.57 21.09 23.17
C GLY H 34 16.89 19.68 23.60
N ILE H 35 16.08 18.72 23.11
CA ILE H 35 16.14 17.34 23.58
C ILE H 35 17.49 16.68 23.36
N THR H 36 18.39 17.31 22.60
CA THR H 36 19.71 16.74 22.35
C THR H 36 20.77 17.27 23.30
N ASN H 37 20.38 18.02 24.33
CA ASN H 37 21.29 18.56 25.33
C ASN H 37 21.04 17.89 26.67
N PRO H 38 22.06 17.35 27.35
CA PRO H 38 23.50 17.32 27.02
C PRO H 38 23.86 16.29 25.96
N PRO H 39 25.04 16.41 25.36
CA PRO H 39 25.44 15.46 24.32
C PRO H 39 25.45 14.03 24.85
N ILE H 40 25.03 13.10 24.01
CA ILE H 40 24.88 11.71 24.45
C ILE H 40 26.23 11.05 24.69
N ASP H 41 27.27 11.47 23.95
CA ASP H 41 28.57 10.84 24.12
C ASP H 41 29.15 11.09 25.50
N GLU H 42 29.02 12.33 26.00
CA GLU H 42 29.52 12.63 27.33
C GLU H 42 28.77 11.83 28.39
N LEU H 43 27.46 11.65 28.21
CA LEU H 43 26.71 10.81 29.13
C LEU H 43 27.19 9.37 29.09
N LEU H 44 27.39 8.83 27.88
CA LEU H 44 27.86 7.46 27.75
C LEU H 44 29.25 7.27 28.34
N ASP H 45 30.06 8.32 28.38
CA ASP H 45 31.36 8.21 29.03
C ASP H 45 31.23 7.88 30.51
N ARG H 46 30.12 8.24 31.15
CA ARG H 46 29.91 7.96 32.56
C ARG H 46 29.59 6.51 32.84
N VAL H 47 28.92 5.82 31.91
CA VAL H 47 28.41 4.48 32.16
C VAL H 47 29.06 3.50 31.19
N SER H 48 28.71 2.21 31.32
CA SER H 48 29.28 1.19 30.45
C SER H 48 28.56 1.15 29.11
N SER H 49 27.22 1.11 29.13
CA SER H 49 26.42 1.03 27.92
C SER H 49 25.25 2.01 28.03
N LYS H 50 24.50 2.14 26.93
CA LYS H 50 23.34 3.01 26.94
C LYS H 50 22.17 2.39 27.69
N TYR H 51 22.08 1.05 27.69
CA TYR H 51 21.05 0.39 28.47
C TYR H 51 21.16 0.74 29.95
N ALA H 52 22.39 0.87 30.45
CA ALA H 52 22.58 1.28 31.84
C ALA H 52 22.16 2.73 32.05
N LEU H 53 22.46 3.60 31.08
CA LEU H 53 22.10 5.01 31.21
C LEU H 53 20.58 5.17 31.26
N VAL H 54 19.85 4.38 30.49
CA VAL H 54 18.40 4.48 30.50
C VAL H 54 17.86 4.29 31.91
N ILE H 55 18.28 3.21 32.58
CA ILE H 55 17.77 2.92 33.91
C ILE H 55 18.28 3.93 34.92
N TYR H 56 19.56 4.30 34.81
CA TYR H 56 20.13 5.37 35.63
C TYR H 56 19.20 6.58 35.64
N ALA H 57 18.98 7.15 34.46
CA ALA H 57 18.20 8.39 34.35
C ALA H 57 16.75 8.17 34.79
N ALA H 58 16.15 7.04 34.43
CA ALA H 58 14.76 6.80 34.78
C ALA H 58 14.58 6.72 36.29
N LYS H 59 15.45 5.99 36.98
CA LYS H 59 15.33 5.88 38.43
C LYS H 59 15.58 7.21 39.11
N ARG H 60 16.56 7.98 38.63
CA ARG H 60 16.76 9.30 39.23
C ARG H 60 15.56 10.22 39.00
N ALA H 61 14.94 10.13 37.83
CA ALA H 61 13.76 10.95 37.56
C ALA H 61 12.61 10.56 38.48
N ARG H 62 12.44 9.25 38.71
CA ARG H 62 11.41 8.82 39.65
C ARG H 62 11.69 9.36 41.05
N GLN H 63 12.96 9.35 41.47
CA GLN H 63 13.29 9.90 42.78
C GLN H 63 12.96 11.38 42.86
N ILE H 64 13.28 12.14 41.81
CA ILE H 64 12.99 13.57 41.81
C ILE H 64 11.49 13.80 41.89
N ASN H 65 10.71 13.05 41.12
CA ASN H 65 9.26 13.24 41.13
C ASN H 65 8.68 12.87 42.49
N ASP H 66 9.19 11.81 43.11
CA ASP H 66 8.74 11.46 44.46
C ASP H 66 9.06 12.59 45.44
N TYR H 67 10.25 13.17 45.33
CA TYR H 67 10.60 14.29 46.20
C TYR H 67 9.60 15.44 46.02
N TYR H 68 9.28 15.75 44.77
CA TYR H 68 8.35 16.86 44.52
C TYR H 68 6.98 16.57 45.10
N ASN H 69 6.46 15.36 44.89
CA ASN H 69 5.14 15.03 45.42
C ASN H 69 5.14 15.08 46.94
N GLN H 70 6.19 14.56 47.57
CA GLN H 70 6.30 14.48 49.02
C GLN H 70 6.79 15.78 49.65
N LEU H 71 7.17 16.77 48.85
CA LEU H 71 7.80 17.97 49.39
C LEU H 71 6.92 18.62 50.46
N GLY H 72 5.64 18.82 50.16
CA GLY H 72 4.75 19.45 51.13
C GLY H 72 4.41 18.55 52.30
N GLU H 73 4.52 17.24 52.12
CA GLU H 73 4.16 16.27 53.14
C GLU H 73 5.40 15.93 53.97
N GLY H 74 5.32 14.85 54.75
CA GLY H 74 6.41 14.49 55.62
C GLY H 74 7.69 14.23 54.86
N ILE H 75 8.83 14.49 55.51
CA ILE H 75 10.13 14.33 54.88
C ILE H 75 10.41 12.86 54.66
N LEU H 76 11.18 12.56 53.60
CA LEU H 76 11.60 11.21 53.27
C LEU H 76 13.06 11.25 52.84
N GLU H 77 13.62 10.06 52.63
CA GLU H 77 15.03 9.98 52.25
C GLU H 77 15.31 10.69 50.93
N TYR H 78 14.41 10.56 49.97
CA TYR H 78 14.65 11.10 48.63
C TYR H 78 14.97 12.59 48.69
N VAL H 79 16.02 12.98 47.98
CA VAL H 79 16.51 14.34 47.95
C VAL H 79 16.54 14.82 46.51
N GLY H 80 17.00 16.06 46.32
CA GLY H 80 17.18 16.62 45.01
C GLY H 80 16.14 17.67 44.68
N PRO H 81 16.31 18.35 43.55
CA PRO H 81 17.38 18.20 42.55
C PRO H 81 18.73 18.72 43.05
N LEU H 82 19.83 18.11 42.59
CA LEU H 82 21.15 18.55 42.99
C LEU H 82 21.68 19.68 42.12
N VAL H 83 21.00 19.99 41.02
CA VAL H 83 21.38 21.06 40.10
C VAL H 83 20.19 21.99 39.94
N GLU H 84 20.47 23.28 39.82
CA GLU H 84 19.41 24.28 39.79
C GLU H 84 18.47 23.99 38.63
N PRO H 85 17.19 23.75 38.86
CA PRO H 85 16.26 23.51 37.76
C PRO H 85 15.87 24.80 37.06
N GLY H 86 15.33 24.65 35.85
CA GLY H 86 14.83 25.77 35.09
C GLY H 86 13.47 26.22 35.59
N LEU H 87 12.92 27.21 34.89
CA LEU H 87 11.63 27.76 35.30
C LEU H 87 10.56 26.67 35.26
N GLN H 88 10.53 25.89 34.17
CA GLN H 88 9.74 24.65 34.13
C GLN H 88 10.61 23.62 33.41
N GLU H 89 11.01 22.57 34.12
CA GLU H 89 11.83 21.52 33.56
C GLU H 89 11.33 20.18 34.05
N LYS H 90 11.11 19.26 33.11
CA LYS H 90 10.66 17.92 33.48
C LYS H 90 11.75 17.21 34.27
N PRO H 91 11.38 16.41 35.27
CA PRO H 91 12.40 15.79 36.12
C PRO H 91 13.38 14.95 35.34
N LEU H 92 12.94 14.23 34.32
CA LEU H 92 13.84 13.36 33.57
C LEU H 92 15.02 14.16 33.04
N SER H 93 14.76 15.28 32.37
CA SER H 93 15.86 16.12 31.89
C SER H 93 16.82 16.44 33.02
N ILE H 94 16.29 16.86 34.17
CA ILE H 94 17.15 17.21 35.30
C ILE H 94 18.07 16.04 35.62
N ALA H 95 17.52 14.83 35.66
CA ALA H 95 18.34 13.66 35.96
C ALA H 95 19.57 13.63 35.06
N LEU H 96 19.37 13.77 33.76
CA LEU H 96 20.51 13.72 32.85
C LEU H 96 21.50 14.82 33.17
N ARG H 97 21.01 16.02 33.43
CA ARG H 97 21.89 17.14 33.72
C ARG H 97 22.72 16.88 34.97
N GLU H 98 22.26 15.99 35.85
CA GLU H 98 23.06 15.60 37.00
C GLU H 98 24.07 14.52 36.61
N ILE H 99 23.65 13.55 35.81
CA ILE H 99 24.57 12.49 35.37
C ILE H 99 25.74 13.11 34.64
N HIS H 100 25.50 14.13 33.83
CA HIS H 100 26.60 14.82 33.15
C HIS H 100 27.53 15.48 34.16
N ALA H 101 26.97 16.09 35.21
CA ALA H 101 27.80 16.80 36.18
C ALA H 101 28.56 15.87 37.10
N ASP H 102 28.25 14.57 37.09
CA ASP H 102 28.96 13.59 37.91
C ASP H 102 28.64 13.78 39.39
N LEU H 103 27.36 14.03 39.68
CA LEU H 103 26.89 14.21 41.05
C LEU H 103 26.21 12.98 41.61
N LEU H 104 26.11 11.90 40.84
CA LEU H 104 25.45 10.67 41.27
C LEU H 104 26.43 9.50 41.17
N GLU H 105 25.99 8.35 41.69
CA GLU H 105 26.73 7.11 41.58
C GLU H 105 25.74 5.97 41.47
N HIS H 106 26.16 4.87 40.85
CA HIS H 106 25.30 3.72 40.65
C HIS H 106 26.12 2.44 40.74
N THR H 107 25.43 1.33 41.02
CA THR H 107 26.03 0.01 41.05
C THR H 107 25.11 -0.96 40.33
N GLU H 108 25.63 -1.59 39.28
CA GLU H 108 24.81 -2.51 38.51
C GLU H 108 24.57 -3.80 39.30
N GLY H 109 23.62 -4.60 38.81
CA GLY H 109 23.30 -5.86 39.45
C GLY H 109 24.38 -6.91 39.24
#